data_5F1I
#
_entry.id   5F1I
#
_cell.length_a   84.101
_cell.length_b   94.626
_cell.length_c   124.355
_cell.angle_alpha   84.60
_cell.angle_beta   72.79
_cell.angle_gamma   81.61
#
_symmetry.space_group_name_H-M   'P 1'
#
loop_
_entity.id
_entity.type
_entity.pdbx_description
1 polymer 'MHC class I DLA-88'
2 polymer Beta2M
3 polymer '9-mer peptide'
#
loop_
_entity_poly.entity_id
_entity_poly.type
_entity_poly.pdbx_seq_one_letter_code
_entity_poly.pdbx_strand_id
1 'polypeptide(L)'
;GSHSLRYFYTSVSRPGRGDPRFIAVGYVDDTQFVRFDSDAATGRTEPRAPWVEQEGPEYWDGETRKVKETAQVYRVDLDT
LRGYYNQSEAGSHTIQTMYGCDLGPGGRLLRGYRQDAYDGADYIALNEDLRSWTAADTAAQITRRKWEAAGVAELQWRNY
LETTCVEWLQRYLEMGKETLLRAEPPSTRVTRHPISDHEVTLRCWALGFYPAEITLTWQRDGEDQTQDTEVVDTRPAGDG
TFQKWAAVVVPSGQEQRYTCHVQHEGLVEPVTRRW
;
A,D,G,J,M,P,S,V
2 'polypeptide(L)'
;IQRTPKIQVYSRHPAENGKSNFLNCYVSGFHPSDIEVDLLKNGERIEKVEHSDLSFSKDWSFYLLYYTEFTPTEKDEYAC
RVNHVTLSQPKIVKWDRDM
;
B,E,H,K,N,Q,T,W
3 'polypeptide(L)' KLFSGELTK C,F,I,L,O,R,U,X
#
# COMPACT_ATOMS: atom_id res chain seq x y z
N GLY A 1 16.77 42.87 15.48
CA GLY A 1 15.52 42.22 15.79
C GLY A 1 14.83 42.78 17.03
N SER A 2 13.61 42.32 17.29
CA SER A 2 12.80 42.81 18.42
C SER A 2 13.66 42.58 19.65
N HIS A 3 14.29 43.65 20.13
CA HIS A 3 15.25 43.54 21.25
C HIS A 3 14.63 42.98 22.54
N SER A 4 15.50 42.42 23.39
CA SER A 4 15.08 41.66 24.56
C SER A 4 16.14 41.76 25.62
N LEU A 5 15.71 41.78 26.88
CA LEU A 5 16.60 41.57 28.01
C LEU A 5 16.06 40.34 28.73
N ARG A 6 16.92 39.40 29.11
CA ARG A 6 16.45 38.16 29.71
C ARG A 6 17.42 37.62 30.73
N TYR A 7 16.91 37.04 31.81
CA TYR A 7 17.77 36.38 32.78
C TYR A 7 17.39 34.89 32.96
N PHE A 8 18.38 34.07 33.27
CA PHE A 8 18.19 32.64 33.41
C PHE A 8 18.83 32.15 34.69
N TYR A 9 18.00 31.77 35.66
CA TYR A 9 18.56 31.16 36.86
C TYR A 9 18.45 29.66 36.71
N THR A 10 19.43 28.95 37.26
CA THR A 10 19.39 27.50 37.37
C THR A 10 19.86 27.15 38.76
N SER A 11 18.99 26.48 39.51
CA SER A 11 19.27 26.04 40.87
C SER A 11 19.23 24.51 40.96
N VAL A 12 20.34 23.88 41.41
CA VAL A 12 20.43 22.42 41.47
C VAL A 12 20.96 21.90 42.81
N SER A 13 20.16 21.08 43.51
CA SER A 13 20.54 20.56 44.81
C SER A 13 21.51 19.34 44.79
N ARG A 14 22.65 19.51 45.44
CA ARG A 14 23.69 18.48 45.52
C ARG A 14 23.64 17.83 46.89
N PRO A 15 23.07 16.62 46.96
CA PRO A 15 22.91 15.93 48.23
C PRO A 15 24.00 14.85 48.39
N GLY A 16 24.63 14.80 49.57
CA GLY A 16 24.41 15.76 50.62
C GLY A 16 25.69 16.55 50.65
N ARG A 17 26.30 16.70 49.48
CA ARG A 17 27.56 17.42 49.27
C ARG A 17 27.36 18.92 49.50
N GLY A 18 27.08 19.29 50.74
CA GLY A 18 26.91 20.69 51.10
C GLY A 18 25.84 21.46 50.32
N ASP A 19 26.23 22.66 49.90
CA ASP A 19 25.30 23.71 49.44
C ASP A 19 24.83 23.63 47.96
N PRO A 20 23.59 24.05 47.71
CA PRO A 20 23.01 24.05 46.34
C PRO A 20 23.78 24.91 45.36
N ARG A 21 23.93 24.40 44.15
CA ARG A 21 24.51 25.15 43.06
C ARG A 21 23.51 26.17 42.51
N PHE A 22 24.00 27.35 42.15
CA PHE A 22 23.18 28.38 41.57
C PHE A 22 23.92 29.03 40.43
N ILE A 23 23.22 29.30 39.33
CA ILE A 23 23.79 30.00 38.19
C ILE A 23 22.77 30.94 37.60
N ALA A 24 23.13 32.22 37.55
CA ALA A 24 22.34 33.21 36.83
C ALA A 24 23.18 33.74 35.68
N VAL A 25 22.52 34.08 34.57
CA VAL A 25 23.17 34.69 33.43
C VAL A 25 22.23 35.69 32.75
N GLY A 26 22.82 36.71 32.13
CA GLY A 26 22.03 37.72 31.44
C GLY A 26 22.31 37.74 29.96
N TYR A 27 21.27 38.01 29.18
CA TYR A 27 21.40 38.16 27.75
C TYR A 27 20.67 39.41 27.29
N VAL A 28 21.39 40.28 26.61
CA VAL A 28 20.73 41.26 25.77
C VAL A 28 20.74 40.59 24.39
N ASP A 29 19.53 40.29 23.92
CA ASP A 29 19.36 39.56 22.68
C ASP A 29 20.11 38.24 22.71
N ASP A 30 20.98 38.00 21.74
CA ASP A 30 21.72 36.75 21.66
C ASP A 30 23.16 36.92 22.17
N THR A 31 23.38 37.99 22.94
CA THR A 31 24.68 38.28 23.49
C THR A 31 24.67 38.23 25.02
N GLN A 32 25.49 37.35 25.58
CA GLN A 32 25.61 37.21 27.03
C GLN A 32 26.46 38.34 27.60
N PHE A 33 25.96 39.02 28.64
CA PHE A 33 26.76 40.06 29.28
C PHE A 33 27.15 39.83 30.75
N VAL A 34 26.37 39.05 31.48
CA VAL A 34 26.71 38.79 32.89
C VAL A 34 26.56 37.33 33.24
N ARG A 35 27.17 36.94 34.36
CA ARG A 35 26.99 35.61 34.96
C ARG A 35 27.21 35.66 36.47
N PHE A 36 26.63 34.69 37.17
CA PHE A 36 27.04 34.38 38.55
C PHE A 36 26.98 32.89 38.85
N ASP A 37 28.13 32.33 39.18
CA ASP A 37 28.23 30.93 39.57
C ASP A 37 28.61 30.88 41.04
N SER A 38 27.73 30.33 41.87
CA SER A 38 27.99 30.27 43.30
C SER A 38 29.15 29.35 43.68
N ASP A 39 29.95 28.94 42.70
CA ASP A 39 31.09 28.06 42.96
C ASP A 39 32.40 28.74 42.54
N ALA A 40 32.30 29.86 41.83
CA ALA A 40 33.48 30.62 41.47
C ALA A 40 34.15 31.17 42.72
N ALA A 41 35.48 31.25 42.69
CA ALA A 41 36.23 31.79 43.81
C ALA A 41 35.92 33.27 44.09
N THR A 42 35.35 33.96 43.12
CA THR A 42 35.15 35.40 43.22
C THR A 42 34.02 35.83 44.19
N GLY A 43 32.92 35.07 44.20
CA GLY A 43 31.79 35.41 45.05
C GLY A 43 31.11 36.66 44.51
N ARG A 44 31.26 36.85 43.21
CA ARG A 44 30.87 38.08 42.55
C ARG A 44 30.18 37.81 41.22
N THR A 45 29.18 38.64 40.89
CA THR A 45 28.60 38.69 39.56
C THR A 45 29.61 39.36 38.64
N GLU A 46 29.81 38.77 37.47
CA GLU A 46 30.91 39.16 36.59
C GLU A 46 30.38 39.54 35.18
N PRO A 47 31.13 40.37 34.43
CA PRO A 47 30.83 40.71 33.03
C PRO A 47 31.25 39.61 32.03
N ARG A 48 30.59 39.55 30.87
CA ARG A 48 30.89 38.56 29.83
C ARG A 48 31.03 39.19 28.44
N ALA A 49 30.65 40.46 28.35
CA ALA A 49 30.77 41.26 27.12
C ALA A 49 31.66 42.44 27.46
N PRO A 50 32.40 42.99 26.48
CA PRO A 50 33.29 44.13 26.74
C PRO A 50 32.51 45.41 27.07
N TRP A 51 31.36 45.56 26.44
CA TRP A 51 30.64 46.81 26.46
C TRP A 51 29.93 47.09 27.78
N VAL A 52 30.04 46.17 28.73
CA VAL A 52 29.37 46.36 29.99
C VAL A 52 30.41 46.58 31.08
N GLU A 53 31.68 46.42 30.70
CA GLU A 53 32.78 46.55 31.65
C GLU A 53 33.10 48.00 31.97
N GLN A 54 32.29 48.92 31.44
CA GLN A 54 32.43 50.34 31.75
C GLN A 54 31.59 50.69 32.97
N GLU A 55 30.57 49.89 33.27
CA GLU A 55 29.72 50.20 34.40
C GLU A 55 30.48 50.16 35.73
N GLY A 56 30.13 51.09 36.61
CA GLY A 56 30.89 51.33 37.82
C GLY A 56 30.75 50.22 38.83
N PRO A 57 31.46 50.34 39.97
CA PRO A 57 31.44 49.34 41.03
C PRO A 57 30.06 49.26 41.67
N GLU A 58 29.32 50.38 41.61
CA GLU A 58 27.96 50.45 42.13
C GLU A 58 27.05 49.45 41.43
N TYR A 59 27.26 49.31 40.12
CA TYR A 59 26.58 48.31 39.31
C TYR A 59 26.86 46.93 39.85
N TRP A 60 28.14 46.55 39.82
CA TRP A 60 28.58 45.18 40.14
C TRP A 60 28.33 44.80 41.58
N ASP A 61 28.62 45.71 42.50
CA ASP A 61 28.33 45.50 43.91
C ASP A 61 26.82 45.47 44.13
N GLY A 62 26.12 46.43 43.53
CA GLY A 62 24.67 46.39 43.45
C GLY A 62 24.19 45.05 42.91
N GLU A 63 24.71 44.63 41.77
CA GLU A 63 24.38 43.31 41.20
C GLU A 63 24.82 42.13 42.07
N THR A 64 26.04 42.17 42.59
CA THR A 64 26.49 41.06 43.43
C THR A 64 25.67 40.90 44.70
N ARG A 65 25.28 42.01 45.31
CA ARG A 65 24.52 41.99 46.55
C ARG A 65 23.20 41.28 46.32
N LYS A 66 22.57 41.62 45.19
CA LYS A 66 21.23 41.16 44.85
C LYS A 66 21.16 39.68 44.56
N VAL A 67 22.12 39.17 43.80
CA VAL A 67 22.05 37.82 43.26
C VAL A 67 22.53 36.79 44.27
N LYS A 68 23.10 37.28 45.38
CA LYS A 68 23.41 36.41 46.50
C LYS A 68 22.13 36.14 47.30
N GLU A 69 21.31 37.17 47.41
CA GLU A 69 20.05 37.08 48.14
C GLU A 69 19.01 36.24 47.38
N THR A 70 19.09 36.26 46.05
CA THR A 70 18.26 35.42 45.20
C THR A 70 18.69 33.98 45.35
N ALA A 71 19.99 33.75 45.30
CA ALA A 71 20.53 32.43 45.53
C ALA A 71 20.06 31.78 46.86
N GLN A 72 19.98 32.56 47.93
CA GLN A 72 19.50 32.00 49.20
C GLN A 72 18.04 31.66 49.09
N VAL A 73 17.28 32.56 48.48
CA VAL A 73 15.85 32.33 48.27
C VAL A 73 15.60 31.05 47.48
N TYR A 74 16.41 30.78 46.46
CA TYR A 74 16.22 29.54 45.68
C TYR A 74 16.66 28.29 46.46
N ARG A 75 17.75 28.41 47.21
CA ARG A 75 18.18 27.31 48.08
C ARG A 75 17.05 26.77 48.96
N VAL A 76 16.27 27.66 49.55
CA VAL A 76 15.11 27.27 50.38
C VAL A 76 13.92 26.77 49.53
N ASP A 77 13.83 27.23 48.28
CA ASP A 77 12.78 26.76 47.38
C ASP A 77 12.95 25.27 47.04
N LEU A 78 14.20 24.86 46.89
CA LEU A 78 14.53 23.44 46.70
C LEU A 78 13.94 22.55 47.77
N ASP A 79 14.02 22.98 49.02
CA ASP A 79 13.50 22.15 50.12
C ASP A 79 11.98 22.27 50.36
N THR A 80 11.40 23.38 49.92
CA THR A 80 9.95 23.54 49.89
C THR A 80 9.30 22.69 48.80
N LEU A 81 9.89 22.68 47.60
CA LEU A 81 9.34 21.90 46.50
C LEU A 81 9.54 20.41 46.78
N ARG A 82 10.67 20.09 47.39
CA ARG A 82 10.97 18.73 47.80
C ARG A 82 9.91 18.26 48.81
N GLY A 83 9.46 19.20 49.64
CA GLY A 83 8.40 18.95 50.60
C GLY A 83 7.02 18.80 49.97
N TYR A 84 6.68 19.66 49.00
CA TYR A 84 5.40 19.56 48.29
C TYR A 84 5.28 18.22 47.55
N TYR A 85 6.37 17.73 46.98
CA TYR A 85 6.27 16.48 46.20
C TYR A 85 6.60 15.21 46.96
N ASN A 86 6.84 15.31 48.26
CA ASN A 86 7.14 14.13 49.08
C ASN A 86 8.41 13.43 48.58
N GLN A 87 9.41 14.24 48.24
CA GLN A 87 10.67 13.72 47.74
C GLN A 87 11.71 13.69 48.86
N SER A 88 12.68 12.80 48.76
CA SER A 88 13.67 12.64 49.80
C SER A 88 14.87 13.57 49.61
N GLU A 89 15.64 13.75 50.68
CA GLU A 89 16.85 14.58 50.67
C GLU A 89 17.99 13.87 49.95
N ALA A 90 17.74 12.63 49.53
CA ALA A 90 18.76 11.86 48.82
C ALA A 90 18.85 12.25 47.35
N GLY A 91 17.71 12.61 46.76
CA GLY A 91 17.68 12.98 45.35
C GLY A 91 18.26 14.35 45.04
N SER A 92 18.81 14.48 43.84
CA SER A 92 19.16 15.78 43.28
C SER A 92 17.95 16.33 42.54
N HIS A 93 17.78 17.65 42.54
CA HIS A 93 16.61 18.27 41.95
C HIS A 93 16.99 19.63 41.36
N THR A 94 16.18 20.12 40.42
CA THR A 94 16.48 21.38 39.72
C THR A 94 15.29 22.33 39.72
N ILE A 95 15.60 23.61 39.92
CA ILE A 95 14.62 24.68 39.79
C ILE A 95 15.16 25.61 38.72
N GLN A 96 14.29 26.05 37.82
CA GLN A 96 14.71 26.94 36.75
C GLN A 96 13.79 28.16 36.66
N THR A 97 14.36 29.34 36.46
CA THR A 97 13.56 30.53 36.22
C THR A 97 14.07 31.27 34.99
N MET A 98 13.14 31.78 34.17
CA MET A 98 13.46 32.78 33.17
C MET A 98 12.46 33.97 33.18
N TYR A 99 13.01 35.17 33.23
CA TYR A 99 12.19 36.35 33.11
C TYR A 99 12.91 37.33 32.19
N GLY A 100 12.16 38.29 31.65
CA GLY A 100 12.72 39.29 30.76
C GLY A 100 11.65 40.02 29.96
N CYS A 101 12.10 40.95 29.12
CA CYS A 101 11.22 41.88 28.44
C CYS A 101 11.61 42.16 26.99
N ASP A 102 10.62 42.15 26.09
CA ASP A 102 10.81 42.56 24.70
C ASP A 102 10.49 44.05 24.56
N LEU A 103 11.44 44.80 24.02
CA LEU A 103 11.32 46.24 23.84
C LEU A 103 10.32 46.60 22.74
N GLY A 104 9.43 47.53 23.04
CA GLY A 104 8.56 48.10 22.03
C GLY A 104 9.09 49.47 21.69
N PRO A 105 8.62 50.04 20.58
CA PRO A 105 9.13 51.37 20.20
C PRO A 105 8.56 52.44 21.11
N GLY A 106 9.16 53.63 21.04
CA GLY A 106 8.81 54.70 21.95
C GLY A 106 9.24 54.48 23.38
N GLY A 107 10.17 53.55 23.60
CA GLY A 107 10.59 53.19 24.93
C GLY A 107 9.47 52.57 25.77
N ARG A 108 8.76 51.61 25.19
CA ARG A 108 7.67 50.92 25.87
C ARG A 108 7.98 49.44 26.04
N LEU A 109 7.45 48.84 27.09
CA LEU A 109 7.48 47.40 27.22
C LEU A 109 6.51 46.90 26.16
N LEU A 110 6.87 45.85 25.44
CA LEU A 110 5.95 45.23 24.50
C LEU A 110 5.38 43.95 25.11
N ARG A 111 6.25 43.21 25.79
CA ARG A 111 5.87 41.91 26.33
C ARG A 111 6.75 41.60 27.53
N GLY A 112 6.13 41.14 28.61
CA GLY A 112 6.85 40.75 29.79
C GLY A 112 6.57 39.29 30.02
N TYR A 113 7.56 38.60 30.59
CA TYR A 113 7.46 37.17 30.81
C TYR A 113 8.35 36.81 31.99
N ARG A 114 7.97 35.76 32.71
CA ARG A 114 8.63 35.32 33.92
C ARG A 114 7.99 33.97 34.15
N GLN A 115 8.80 32.94 34.36
CA GLN A 115 8.32 31.57 34.28
C GLN A 115 9.23 30.62 35.04
N ASP A 116 8.68 29.73 35.86
CA ASP A 116 9.53 28.77 36.58
C ASP A 116 9.40 27.33 36.09
N ALA A 117 10.41 26.53 36.43
CA ALA A 117 10.43 25.09 36.13
C ALA A 117 11.06 24.26 37.26
N TYR A 118 10.40 23.16 37.61
CA TYR A 118 10.91 22.17 38.56
C TYR A 118 11.17 20.79 37.93
N ASP A 119 12.44 20.36 37.93
CA ASP A 119 12.83 19.09 37.30
C ASP A 119 12.42 19.04 35.83
N GLY A 120 12.74 20.07 35.07
CA GLY A 120 12.51 20.04 33.64
C GLY A 120 11.11 20.31 33.14
N ALA A 121 10.12 20.16 34.01
CA ALA A 121 8.74 20.44 33.60
C ALA A 121 8.33 21.85 34.06
N ASP A 122 7.21 22.35 33.57
CA ASP A 122 6.71 23.64 34.01
C ASP A 122 6.25 23.58 35.47
N TYR A 123 6.08 24.77 36.07
CA TYR A 123 5.69 24.93 37.47
C TYR A 123 4.72 26.09 37.62
N ILE A 124 5.26 27.31 37.70
CA ILE A 124 4.43 28.50 37.73
C ILE A 124 4.89 29.46 36.63
N ALA A 125 3.94 30.25 36.16
CA ALA A 125 4.20 31.18 35.06
C ALA A 125 3.39 32.46 35.20
N LEU A 126 4.06 33.60 35.13
CA LEU A 126 3.35 34.87 34.96
C LEU A 126 2.73 34.94 33.58
N ASN A 127 1.41 35.07 33.54
CA ASN A 127 0.68 35.31 32.30
C ASN A 127 0.92 36.70 31.75
N GLU A 128 0.47 36.90 30.51
CA GLU A 128 0.82 38.07 29.72
C GLU A 128 0.11 39.34 30.18
N ASP A 129 -0.96 39.19 30.97
CA ASP A 129 -1.63 40.35 31.54
C ASP A 129 -0.88 40.98 32.73
N LEU A 130 0.21 40.33 33.16
CA LEU A 130 1.03 40.79 34.30
C LEU A 130 0.30 40.84 35.64
N ARG A 131 -0.84 40.17 35.73
CA ARG A 131 -1.57 40.04 36.98
C ARG A 131 -1.76 38.58 37.37
N SER A 132 -2.22 37.76 36.43
CA SER A 132 -2.55 36.38 36.75
C SER A 132 -1.35 35.43 36.68
N TRP A 133 -1.54 34.21 37.20
CA TRP A 133 -0.53 33.15 37.17
C TRP A 133 -1.12 31.89 36.58
N THR A 134 -0.32 31.15 35.81
CA THR A 134 -0.70 29.81 35.32
C THR A 134 0.01 28.76 36.17
N ALA A 135 -0.74 27.89 36.84
CA ALA A 135 -0.14 26.88 37.72
C ALA A 135 -0.42 25.46 37.25
N ALA A 136 0.64 24.79 36.78
CA ALA A 136 0.53 23.50 36.07
C ALA A 136 0.30 22.20 36.90
N ASP A 137 0.38 22.28 38.23
CA ASP A 137 -0.04 21.16 39.08
C ASP A 137 -0.37 21.59 40.52
N THR A 138 -0.97 20.69 41.31
CA THR A 138 -1.31 20.97 42.71
C THR A 138 -0.25 21.78 43.45
N ALA A 139 1.00 21.28 43.41
CA ALA A 139 2.16 21.94 44.00
C ALA A 139 2.18 23.44 43.72
N ALA A 140 2.19 23.80 42.44
CA ALA A 140 2.30 25.19 42.01
C ALA A 140 1.05 26.02 42.32
N GLN A 141 -0.05 25.37 42.70
CA GLN A 141 -1.21 26.13 43.12
C GLN A 141 -1.03 26.58 44.57
N ILE A 142 -0.30 25.79 45.36
CA ILE A 142 0.12 26.23 46.68
C ILE A 142 0.94 27.50 46.48
N THR A 143 1.92 27.41 45.57
CA THR A 143 2.81 28.52 45.29
C THR A 143 2.02 29.73 44.80
N ARG A 144 0.99 29.48 43.99
CA ARG A 144 0.16 30.57 43.45
C ARG A 144 -0.53 31.36 44.56
N ARG A 145 -1.27 30.67 45.42
CA ARG A 145 -1.99 31.33 46.52
C ARG A 145 -1.11 32.36 47.23
N LYS A 146 0.07 31.91 47.70
CA LYS A 146 1.04 32.74 48.39
C LYS A 146 1.43 34.05 47.66
N TRP A 147 1.44 34.00 46.33
CA TRP A 147 1.86 35.14 45.50
C TRP A 147 0.67 36.00 45.03
N GLU A 148 -0.55 35.48 45.24
CA GLU A 148 -1.78 36.23 44.99
C GLU A 148 -2.09 37.10 46.20
N ALA A 149 -1.84 36.54 47.37
CA ALA A 149 -2.13 37.24 48.62
C ALA A 149 -1.10 38.31 48.88
N ALA A 150 -0.01 38.26 48.12
CA ALA A 150 1.07 39.23 48.28
C ALA A 150 1.13 40.25 47.14
N GLY A 151 0.43 39.95 46.05
CA GLY A 151 0.44 40.82 44.88
C GLY A 151 1.76 40.78 44.14
N VAL A 152 2.48 39.68 44.28
CA VAL A 152 3.79 39.56 43.63
C VAL A 152 3.75 40.00 42.16
N ALA A 153 2.75 39.53 41.41
CA ALA A 153 2.68 39.81 39.98
C ALA A 153 2.61 41.31 39.64
N GLU A 154 1.53 41.96 40.09
CA GLU A 154 1.26 43.35 39.78
C GLU A 154 2.12 44.36 40.57
N LEU A 155 2.43 44.02 41.82
CA LEU A 155 3.21 44.89 42.72
C LEU A 155 4.71 44.84 42.51
N GLN A 156 5.27 43.66 42.22
CA GLN A 156 6.71 43.64 42.01
C GLN A 156 7.18 43.20 40.63
N TRP A 157 6.42 42.34 39.96
CA TRP A 157 6.82 41.86 38.65
C TRP A 157 6.38 42.77 37.50
N ARG A 158 5.13 43.23 37.54
CA ARG A 158 4.64 44.22 36.58
C ARG A 158 5.51 45.45 36.60
N ASN A 159 5.87 45.86 37.82
CA ASN A 159 6.57 47.10 38.02
C ASN A 159 7.96 46.96 37.46
N TYR A 160 8.61 45.85 37.79
CA TYR A 160 9.99 45.63 37.35
C TYR A 160 10.06 45.64 35.82
N LEU A 161 9.23 44.81 35.20
CA LEU A 161 9.16 44.65 33.74
C LEU A 161 8.74 45.92 32.99
N GLU A 162 7.86 46.72 33.60
CA GLU A 162 7.35 47.94 32.93
C GLU A 162 8.27 49.18 33.04
N THR A 163 9.34 49.07 33.82
CA THR A 163 10.26 50.20 34.00
C THR A 163 11.74 49.86 34.15
N THR A 164 12.15 49.22 35.24
CA THR A 164 13.56 48.87 35.35
C THR A 164 13.99 48.08 34.13
N CYS A 165 13.35 46.93 33.92
CA CYS A 165 13.70 46.06 32.79
C CYS A 165 13.86 46.81 31.47
N VAL A 166 12.82 47.56 31.08
CA VAL A 166 12.81 48.38 29.87
C VAL A 166 13.92 49.44 29.81
N GLU A 167 14.06 50.20 30.88
CA GLU A 167 15.05 51.27 30.93
C GLU A 167 16.44 50.71 30.77
N TRP A 168 16.72 49.65 31.53
CA TRP A 168 18.03 49.04 31.50
C TRP A 168 18.37 48.31 30.18
N LEU A 169 17.35 47.79 29.50
CA LEU A 169 17.57 47.24 28.16
C LEU A 169 18.08 48.36 27.28
N GLN A 170 17.43 49.51 27.37
CA GLN A 170 17.86 50.66 26.61
C GLN A 170 19.21 51.18 27.05
N ARG A 171 19.60 50.89 28.28
CA ARG A 171 20.94 51.29 28.73
C ARG A 171 22.02 50.37 28.20
N TYR A 172 21.72 49.07 28.12
CA TYR A 172 22.71 48.12 27.60
C TYR A 172 22.85 48.32 26.10
N LEU A 173 21.71 48.59 25.46
CA LEU A 173 21.70 48.88 24.05
C LEU A 173 22.64 50.05 23.73
N GLU A 174 22.34 51.23 24.26
CA GLU A 174 23.20 52.39 24.05
C GLU A 174 24.69 52.15 24.42
N MET A 175 24.94 51.59 25.60
CA MET A 175 26.31 51.38 26.06
C MET A 175 27.05 50.32 25.23
N GLY A 176 26.34 49.62 24.36
CA GLY A 176 26.96 48.57 23.57
C GLY A 176 26.50 48.54 22.13
N LYS A 177 26.24 49.71 21.55
CA LYS A 177 25.67 49.76 20.21
C LYS A 177 26.64 49.29 19.13
N GLU A 178 27.93 49.52 19.35
CA GLU A 178 28.96 49.10 18.39
C GLU A 178 28.95 47.60 18.16
N THR A 179 28.17 46.87 18.95
CA THR A 179 28.16 45.44 18.83
C THR A 179 26.74 44.90 18.69
N LEU A 180 25.81 45.42 19.49
CA LEU A 180 24.45 44.88 19.54
C LEU A 180 23.52 45.50 18.48
N LEU A 181 24.03 46.45 17.72
CA LEU A 181 23.28 47.07 16.64
C LEU A 181 24.02 46.98 15.29
N ARG A 182 25.19 46.35 15.31
CA ARG A 182 25.93 46.11 14.08
C ARG A 182 25.34 44.92 13.32
N ALA A 183 24.79 45.17 12.13
CA ALA A 183 24.37 44.09 11.25
C ALA A 183 25.58 43.22 10.85
N GLU A 184 25.44 41.91 11.07
CA GLU A 184 26.48 40.98 10.69
C GLU A 184 25.87 39.90 9.79
N PRO A 185 25.99 40.08 8.48
CA PRO A 185 25.46 39.12 7.52
C PRO A 185 26.33 37.88 7.44
N PRO A 186 25.72 36.77 7.06
CA PRO A 186 26.44 35.51 6.95
C PRO A 186 27.29 35.48 5.70
N SER A 187 28.56 35.15 5.85
CA SER A 187 29.38 34.71 4.73
C SER A 187 28.72 33.40 4.37
N THR A 188 28.27 33.28 3.12
CA THR A 188 27.40 32.18 2.74
C THR A 188 27.93 31.40 1.51
N ARG A 189 27.77 30.08 1.49
CA ARG A 189 28.32 29.26 0.39
C ARG A 189 27.81 27.81 0.33
N VAL A 190 28.07 27.16 -0.80
CA VAL A 190 27.63 25.79 -1.05
C VAL A 190 28.82 24.89 -1.32
N THR A 191 28.69 23.63 -0.94
CA THR A 191 29.73 22.63 -1.23
C THR A 191 29.06 21.33 -1.63
N ARG A 192 29.71 20.57 -2.53
CA ARG A 192 29.21 19.26 -2.92
C ARG A 192 30.09 18.10 -2.44
N HIS A 193 29.45 17.12 -1.84
CA HIS A 193 30.09 15.92 -1.30
C HIS A 193 29.39 14.72 -1.91
N PRO A 194 29.96 14.16 -2.99
CA PRO A 194 29.38 12.99 -3.67
C PRO A 194 29.10 11.80 -2.74
N ILE A 195 28.18 10.93 -3.15
CA ILE A 195 27.77 9.79 -2.36
C ILE A 195 27.92 8.48 -3.13
N SER A 196 27.60 8.50 -4.42
CA SER A 196 27.73 7.30 -5.23
C SER A 196 27.75 7.61 -6.71
N ASP A 197 27.23 6.67 -7.49
CA ASP A 197 27.03 6.89 -8.91
C ASP A 197 25.91 7.91 -9.06
N HIS A 198 24.75 7.59 -8.51
CA HIS A 198 23.59 8.46 -8.62
C HIS A 198 23.82 9.79 -7.92
N GLU A 199 24.09 9.70 -6.63
CA GLU A 199 23.83 10.79 -5.71
C GLU A 199 25.02 11.69 -5.40
N VAL A 200 24.72 12.87 -4.88
CA VAL A 200 25.69 13.89 -4.45
C VAL A 200 25.00 14.83 -3.44
N THR A 201 25.61 15.05 -2.29
CA THR A 201 25.04 15.89 -1.23
C THR A 201 25.40 17.36 -1.46
N LEU A 202 24.40 18.20 -1.64
CA LEU A 202 24.64 19.63 -1.75
C LEU A 202 24.44 20.23 -0.37
N ARG A 203 25.37 21.06 0.06
CA ARG A 203 25.28 21.62 1.40
C ARG A 203 25.52 23.10 1.38
N CYS A 204 24.46 23.82 1.70
CA CYS A 204 24.50 25.27 1.70
C CYS A 204 24.95 25.71 3.07
N TRP A 205 25.98 26.54 3.10
CA TRP A 205 26.51 27.04 4.36
C TRP A 205 26.10 28.47 4.69
N ALA A 206 26.28 28.85 5.94
CA ALA A 206 26.04 30.21 6.40
C ALA A 206 26.76 30.41 7.73
N LEU A 207 27.94 31.04 7.68
CA LEU A 207 28.72 31.27 8.90
C LEU A 207 28.91 32.75 9.25
N GLY A 208 29.31 32.98 10.50
CA GLY A 208 29.56 34.32 11.03
C GLY A 208 28.42 35.33 10.91
N PHE A 209 27.25 34.99 11.45
CA PHE A 209 26.09 35.90 11.45
C PHE A 209 25.50 36.24 12.84
N TYR A 210 24.86 37.41 12.92
CA TYR A 210 24.26 37.86 14.16
C TYR A 210 23.01 38.72 13.89
N PRO A 211 21.91 38.44 14.59
CA PRO A 211 21.72 37.43 15.64
C PRO A 211 21.44 35.99 15.12
N ALA A 212 21.04 35.08 16.01
CA ALA A 212 20.97 33.66 15.67
C ALA A 212 19.90 33.32 14.61
N GLU A 213 18.83 34.12 14.59
CA GLU A 213 17.68 33.97 13.68
C GLU A 213 18.09 33.90 12.20
N ILE A 214 17.55 32.93 11.48
CA ILE A 214 17.93 32.73 10.09
C ILE A 214 17.04 31.67 9.43
N THR A 215 17.04 31.66 8.10
CA THR A 215 16.33 30.63 7.36
C THR A 215 17.21 30.17 6.20
N LEU A 216 17.39 28.85 6.09
CA LEU A 216 18.15 28.28 4.99
C LEU A 216 17.24 27.33 4.23
N THR A 217 16.99 27.64 2.97
CA THR A 217 15.95 26.95 2.24
C THR A 217 16.36 26.52 0.84
N TRP A 218 16.32 25.21 0.58
CA TRP A 218 16.70 24.68 -0.73
C TRP A 218 15.50 24.74 -1.64
N GLN A 219 15.70 25.21 -2.86
CA GLN A 219 14.63 25.09 -3.85
C GLN A 219 14.94 24.11 -4.96
N ARG A 220 13.90 23.38 -5.34
CA ARG A 220 13.92 22.56 -6.55
C ARG A 220 13.30 23.39 -7.67
N ASP A 221 14.16 24.08 -8.42
CA ASP A 221 13.76 25.08 -9.40
C ASP A 221 12.49 25.88 -9.05
N GLY A 222 12.53 26.55 -7.90
CA GLY A 222 11.46 27.45 -7.50
C GLY A 222 10.69 26.96 -6.29
N GLU A 223 10.69 25.64 -6.09
CA GLU A 223 9.93 25.01 -5.01
C GLU A 223 10.79 24.61 -3.82
N ASP A 224 10.39 25.05 -2.63
CA ASP A 224 11.06 24.68 -1.39
C ASP A 224 11.13 23.17 -1.17
N GLN A 225 12.34 22.67 -0.93
CA GLN A 225 12.54 21.26 -0.75
C GLN A 225 12.23 20.81 0.67
N THR A 226 12.09 21.77 1.59
CA THR A 226 11.51 21.47 2.90
C THR A 226 10.21 20.70 2.67
N GLN A 227 10.03 19.55 3.32
CA GLN A 227 10.96 19.05 4.33
C GLN A 227 11.76 17.85 3.83
N ASP A 228 12.44 18.02 2.71
CA ASP A 228 13.39 17.03 2.25
C ASP A 228 14.78 17.58 2.51
N THR A 229 14.82 18.64 3.29
CA THR A 229 16.10 19.26 3.60
C THR A 229 16.55 18.88 5.00
N GLU A 230 17.81 18.44 5.11
CA GLU A 230 18.43 18.25 6.43
C GLU A 230 18.95 19.57 7.00
N VAL A 231 18.24 20.11 7.99
CA VAL A 231 18.64 21.39 8.56
C VAL A 231 19.11 21.22 9.99
N VAL A 232 20.41 21.38 10.21
CA VAL A 232 20.98 21.27 11.54
C VAL A 232 20.64 22.51 12.34
N ASP A 233 20.58 22.36 13.66
CA ASP A 233 20.25 23.48 14.55
C ASP A 233 21.33 24.52 14.58
N THR A 234 20.90 25.78 14.54
CA THR A 234 21.79 26.92 14.67
C THR A 234 22.68 26.76 15.91
N ARG A 235 23.98 26.95 15.68
CA ARG A 235 25.04 26.57 16.61
C ARG A 235 25.99 27.73 16.72
N PRO A 236 26.60 27.90 17.90
CA PRO A 236 27.54 29.00 18.21
C PRO A 236 28.90 28.78 17.57
N ALA A 237 29.52 29.83 17.05
CA ALA A 237 30.89 29.72 16.57
C ALA A 237 31.94 29.83 17.71
N GLY A 238 31.58 30.55 18.78
CA GLY A 238 32.52 30.87 19.83
C GLY A 238 32.97 32.32 19.86
N ASP A 239 32.73 33.08 18.79
CA ASP A 239 33.19 34.46 18.74
C ASP A 239 32.05 35.48 18.80
N GLY A 240 30.88 35.02 19.27
CA GLY A 240 29.71 35.87 19.40
C GLY A 240 28.74 35.80 18.23
N THR A 241 29.12 35.07 17.18
CA THR A 241 28.26 34.92 16.01
C THR A 241 27.89 33.46 15.85
N PHE A 242 27.06 33.19 14.86
CA PHE A 242 26.45 31.91 14.71
C PHE A 242 26.61 31.32 13.31
N GLN A 243 26.25 30.06 13.18
CA GLN A 243 26.36 29.34 11.93
C GLN A 243 25.30 28.26 11.81
N LYS A 244 24.93 27.96 10.56
CA LYS A 244 23.90 26.99 10.26
C LYS A 244 24.20 26.36 8.90
N TRP A 245 23.62 25.21 8.60
CA TRP A 245 23.66 24.69 7.24
C TRP A 245 22.46 23.81 6.93
N ALA A 246 22.10 23.72 5.65
CA ALA A 246 21.06 22.80 5.23
C ALA A 246 21.61 21.94 4.11
N ALA A 247 21.20 20.67 4.08
CA ALA A 247 21.73 19.75 3.06
C ALA A 247 20.63 19.04 2.31
N VAL A 248 20.87 18.83 1.02
CA VAL A 248 19.90 18.15 0.17
C VAL A 248 20.63 17.14 -0.72
N VAL A 249 20.12 15.92 -0.76
CA VAL A 249 20.76 14.90 -1.57
C VAL A 249 20.10 14.84 -2.96
N VAL A 250 20.90 15.12 -3.99
CA VAL A 250 20.37 15.23 -5.35
C VAL A 250 20.97 14.18 -6.28
N PRO A 251 20.20 13.73 -7.28
CA PRO A 251 20.75 12.86 -8.33
C PRO A 251 21.71 13.62 -9.25
N SER A 252 22.96 13.17 -9.35
CA SER A 252 23.95 13.80 -10.24
C SER A 252 23.77 13.51 -11.74
N GLY A 253 23.75 14.55 -12.58
CA GLY A 253 24.16 15.89 -12.18
C GLY A 253 23.00 16.64 -11.56
N GLN A 254 22.09 17.14 -12.40
CA GLN A 254 20.84 17.77 -11.95
C GLN A 254 20.95 18.51 -10.60
N GLU A 255 22.03 19.27 -10.43
CA GLU A 255 22.22 20.11 -9.27
C GLU A 255 22.31 21.55 -9.71
N GLN A 256 22.25 21.74 -11.03
CA GLN A 256 22.02 23.06 -11.61
C GLN A 256 20.54 23.34 -11.44
N ARG A 257 19.77 22.29 -11.18
CA ARG A 257 18.35 22.44 -10.92
C ARG A 257 18.09 22.97 -9.51
N TYR A 258 19.15 23.01 -8.70
CA TYR A 258 19.02 23.29 -7.27
C TYR A 258 19.68 24.59 -6.89
N THR A 259 18.99 25.39 -6.09
CA THR A 259 19.57 26.62 -5.56
C THR A 259 19.19 26.77 -4.09
N CYS A 260 20.08 27.44 -3.32
CA CYS A 260 19.89 27.72 -1.90
C CYS A 260 19.61 29.20 -1.72
N HIS A 261 18.74 29.56 -0.77
CA HIS A 261 18.49 30.97 -0.49
C HIS A 261 18.49 31.28 1.01
N VAL A 262 19.15 32.38 1.38
CA VAL A 262 19.33 32.71 2.79
C VAL A 262 18.69 34.02 3.23
N GLN A 263 17.73 33.96 4.14
CA GLN A 263 17.15 35.17 4.71
C GLN A 263 17.73 35.53 6.08
N HIS A 264 18.23 36.74 6.21
CA HIS A 264 18.77 37.19 7.47
C HIS A 264 18.77 38.70 7.52
N GLU A 265 18.76 39.24 8.73
CA GLU A 265 18.90 40.68 8.94
C GLU A 265 20.02 41.38 8.16
N GLY A 266 21.26 40.97 8.39
CA GLY A 266 22.45 41.53 7.74
C GLY A 266 22.49 41.51 6.23
N LEU A 267 21.40 41.07 5.63
CA LEU A 267 21.22 41.14 4.19
C LEU A 267 20.20 42.25 3.88
N VAL A 268 20.37 43.37 4.60
CA VAL A 268 19.56 44.58 4.46
C VAL A 268 19.76 45.28 3.10
N GLU A 269 18.66 45.70 2.46
CA GLU A 269 18.75 46.45 1.21
C GLU A 269 17.55 47.37 1.01
N PRO A 270 17.75 48.69 1.16
CA PRO A 270 16.67 49.69 1.09
C PRO A 270 16.32 50.20 -0.33
N ILE B 1 10.88 15.52 32.20
CA ILE B 1 11.79 15.64 33.34
C ILE B 1 13.25 15.34 32.99
N GLN B 2 13.54 14.16 32.43
CA GLN B 2 14.94 13.83 32.03
C GLN B 2 15.14 13.67 30.52
N ARG B 3 16.20 14.29 29.98
CA ARG B 3 16.38 14.37 28.54
C ARG B 3 17.79 14.09 28.00
N THR B 4 17.87 13.67 26.74
CA THR B 4 19.13 13.27 26.09
C THR B 4 19.84 14.43 25.35
N PRO B 5 21.14 14.64 25.60
CA PRO B 5 21.86 15.67 24.85
C PRO B 5 22.03 15.32 23.38
N LYS B 6 22.18 16.34 22.56
CA LYS B 6 22.45 16.21 21.13
C LYS B 6 23.80 16.85 20.95
N ILE B 7 24.53 16.48 19.90
CA ILE B 7 25.92 16.91 19.81
C ILE B 7 26.25 17.40 18.41
N GLN B 8 26.91 18.55 18.33
CA GLN B 8 27.45 19.01 17.07
C GLN B 8 28.93 19.26 17.26
N VAL B 9 29.76 18.61 16.46
CA VAL B 9 31.20 18.84 16.53
C VAL B 9 31.61 19.50 15.23
N TYR B 10 32.43 20.53 15.33
CA TYR B 10 32.71 21.39 14.17
C TYR B 10 33.74 22.43 14.54
N SER B 11 34.44 22.95 13.54
CA SER B 11 35.39 24.06 13.75
C SER B 11 34.69 25.45 13.76
N ARG B 12 35.42 26.48 14.19
CA ARG B 12 34.87 27.83 14.19
C ARG B 12 34.84 28.41 12.78
N HIS B 13 35.94 28.25 12.08
CA HIS B 13 36.07 28.69 10.70
C HIS B 13 36.20 27.43 9.89
N PRO B 14 35.86 27.49 8.58
CA PRO B 14 36.02 26.31 7.72
C PRO B 14 37.42 25.71 7.83
N ALA B 15 37.49 24.41 8.08
CA ALA B 15 38.72 23.68 8.41
C ALA B 15 39.76 23.59 7.30
N GLU B 16 40.74 24.50 7.31
CA GLU B 16 41.83 24.42 6.34
C GLU B 16 43.13 23.88 6.99
N ASN B 17 43.67 22.79 6.44
CA ASN B 17 44.82 22.11 7.05
C ASN B 17 46.05 22.99 7.26
N GLY B 18 46.66 22.84 8.43
CA GLY B 18 47.85 23.59 8.78
C GLY B 18 47.56 24.90 9.47
N LYS B 19 46.39 25.49 9.22
CA LYS B 19 46.03 26.78 9.81
C LYS B 19 45.23 26.61 11.10
N SER B 20 45.53 27.44 12.11
CA SER B 20 44.88 27.31 13.42
C SER B 20 43.39 27.70 13.42
N ASN B 21 42.64 26.96 14.25
CA ASN B 21 41.20 27.06 14.33
C ASN B 21 40.78 26.84 15.80
N PHE B 22 39.49 26.79 16.06
CA PHE B 22 39.01 26.33 17.36
C PHE B 22 38.13 25.13 17.09
N LEU B 23 38.10 24.18 18.00
CA LEU B 23 37.24 23.02 17.81
C LEU B 23 36.03 23.22 18.69
N ASN B 24 34.88 22.77 18.24
CA ASN B 24 33.70 23.02 19.02
C ASN B 24 32.90 21.75 19.26
N CYS B 25 32.51 21.56 20.50
CA CYS B 25 31.45 20.62 20.78
C CYS B 25 30.30 21.38 21.42
N TYR B 26 29.17 21.35 20.72
CA TYR B 26 27.93 21.94 21.17
C TYR B 26 27.04 20.81 21.65
N VAL B 27 26.81 20.73 22.95
CA VAL B 27 25.84 19.79 23.44
C VAL B 27 24.58 20.57 23.76
N SER B 28 23.41 19.97 23.60
CA SER B 28 22.20 20.70 23.93
C SER B 28 21.00 19.79 24.04
N GLY B 29 19.95 20.28 24.67
CA GLY B 29 18.71 19.55 24.74
C GLY B 29 18.66 18.50 25.82
N PHE B 30 19.59 18.57 26.78
CA PHE B 30 19.59 17.65 27.91
C PHE B 30 18.95 18.18 29.19
N HIS B 31 18.56 17.23 30.03
CA HIS B 31 18.16 17.50 31.40
C HIS B 31 18.43 16.26 32.26
N PRO B 32 19.02 16.45 33.46
CA PRO B 32 19.43 17.70 34.13
C PRO B 32 20.83 18.22 33.73
N SER B 33 21.33 19.22 34.46
CA SER B 33 22.48 20.04 34.05
C SER B 33 23.85 19.38 34.20
N ASP B 34 23.95 18.39 35.09
CA ASP B 34 25.24 17.75 35.29
C ASP B 34 25.60 16.86 34.10
N ILE B 35 26.71 17.21 33.45
CA ILE B 35 27.15 16.57 32.22
C ILE B 35 28.67 16.64 32.10
N GLU B 36 29.24 15.57 31.55
CA GLU B 36 30.69 15.50 31.33
C GLU B 36 31.04 15.58 29.85
N VAL B 37 31.97 16.47 29.50
CA VAL B 37 32.39 16.67 28.11
C VAL B 37 33.91 16.73 27.90
N ASP B 38 34.46 15.73 27.24
CA ASP B 38 35.88 15.72 26.90
C ASP B 38 36.11 15.96 25.41
N LEU B 39 37.08 16.78 25.04
CA LEU B 39 37.45 16.88 23.63
C LEU B 39 38.67 16.01 23.37
N LEU B 40 38.60 15.19 22.33
CA LEU B 40 39.56 14.09 22.13
C LEU B 40 40.48 14.26 20.93
N LYS B 41 41.79 14.04 21.12
CA LYS B 41 42.77 14.00 20.04
C LYS B 41 43.38 12.60 19.88
N ASN B 42 42.87 11.85 18.90
CA ASN B 42 43.27 10.48 18.62
C ASN B 42 43.02 9.51 19.76
N GLY B 43 41.91 9.70 20.47
CA GLY B 43 41.61 8.85 21.61
C GLY B 43 42.01 9.43 22.96
N GLU B 44 42.97 10.36 22.93
CA GLU B 44 43.44 11.02 24.16
C GLU B 44 42.63 12.27 24.49
N ARG B 45 42.59 12.66 25.76
CA ARG B 45 41.85 13.86 26.15
C ARG B 45 42.65 15.13 25.89
N ILE B 46 41.97 16.14 25.39
CA ILE B 46 42.53 17.47 25.31
C ILE B 46 42.29 18.13 26.67
N GLU B 47 43.35 18.72 27.22
CA GLU B 47 43.32 19.21 28.60
C GLU B 47 43.00 20.69 28.70
N LYS B 48 43.73 21.51 27.96
CA LYS B 48 43.43 22.94 27.91
C LYS B 48 42.13 23.15 27.15
N VAL B 49 41.02 23.23 27.87
CA VAL B 49 39.68 23.35 27.27
C VAL B 49 38.82 24.12 28.23
N GLU B 50 38.26 25.24 27.77
CA GLU B 50 37.29 25.94 28.58
C GLU B 50 35.90 25.65 28.03
N HIS B 51 34.89 26.30 28.59
CA HIS B 51 33.51 26.11 28.13
C HIS B 51 32.64 27.32 28.49
N SER B 52 31.51 27.45 27.79
CA SER B 52 30.56 28.51 28.01
C SER B 52 29.81 28.29 29.32
N ASP B 53 29.09 29.32 29.77
CA ASP B 53 28.35 29.26 31.02
C ASP B 53 26.97 28.72 30.80
N LEU B 54 26.61 27.72 31.60
CA LEU B 54 25.27 27.12 31.61
C LEU B 54 24.15 28.07 31.19
N SER B 55 23.31 27.63 30.25
CA SER B 55 22.09 28.34 29.84
C SER B 55 21.04 27.33 29.45
N PHE B 56 19.85 27.77 29.09
CA PHE B 56 18.85 26.81 28.64
C PHE B 56 17.77 27.37 27.69
N SER B 57 17.11 26.46 27.00
CA SER B 57 16.15 26.75 25.95
C SER B 57 14.73 26.93 26.44
N LYS B 58 13.88 27.35 25.50
CA LYS B 58 12.45 27.51 25.71
C LYS B 58 11.81 26.33 26.44
N ASP B 59 12.24 25.12 26.13
CA ASP B 59 11.60 23.92 26.66
C ASP B 59 12.29 23.43 27.93
N TRP B 60 13.22 24.24 28.43
CA TRP B 60 13.94 24.04 29.69
C TRP B 60 15.21 23.18 29.61
N SER B 61 15.64 22.85 28.39
CA SER B 61 16.76 21.93 28.25
C SER B 61 18.11 22.67 28.10
N PHE B 62 19.17 22.08 28.67
CA PHE B 62 20.43 22.76 28.86
C PHE B 62 21.31 22.69 27.61
N TYR B 63 22.12 23.72 27.42
CA TYR B 63 23.10 23.71 26.33
C TYR B 63 24.43 24.33 26.79
N LEU B 64 25.52 23.91 26.14
CA LEU B 64 26.87 24.25 26.55
C LEU B 64 27.78 24.20 25.36
N LEU B 65 28.77 25.10 25.31
CA LEU B 65 29.79 25.04 24.26
C LEU B 65 31.19 24.74 24.82
N TYR B 66 31.67 23.54 24.56
CA TYR B 66 33.05 23.19 24.88
C TYR B 66 33.95 23.41 23.68
N TYR B 67 34.96 24.23 23.86
CA TYR B 67 35.81 24.65 22.75
C TYR B 67 37.27 24.60 23.19
N THR B 68 38.16 24.34 22.23
CA THR B 68 39.60 24.37 22.50
C THR B 68 40.32 24.84 21.24
N GLU B 69 41.51 25.41 21.41
CA GLU B 69 42.29 25.92 20.27
C GLU B 69 43.12 24.78 19.68
N PHE B 70 43.18 24.68 18.35
CA PHE B 70 43.96 23.64 17.70
C PHE B 70 44.36 23.91 16.25
N THR B 71 45.03 22.93 15.64
CA THR B 71 45.46 23.01 14.26
C THR B 71 45.22 21.72 13.49
N PRO B 72 44.30 21.76 12.51
CA PRO B 72 43.95 20.57 11.72
C PRO B 72 45.11 20.08 10.86
N THR B 73 45.17 18.76 10.69
CA THR B 73 46.16 18.14 9.84
C THR B 73 45.49 17.02 9.06
N GLU B 74 46.15 16.54 8.01
CA GLU B 74 45.54 15.52 7.19
C GLU B 74 45.20 14.24 7.97
N LYS B 75 45.97 13.99 9.04
CA LYS B 75 46.01 12.69 9.71
C LYS B 75 45.14 12.54 10.98
N ASP B 76 45.27 13.49 11.91
CA ASP B 76 44.64 13.41 13.24
C ASP B 76 43.11 13.21 13.28
N GLU B 77 42.65 12.29 14.12
CA GLU B 77 41.26 12.25 14.52
C GLU B 77 41.03 13.38 15.53
N TYR B 78 39.82 13.91 15.55
CA TYR B 78 39.35 14.57 16.73
C TYR B 78 37.96 13.98 16.98
N ALA B 79 37.36 14.32 18.13
CA ALA B 79 35.99 13.89 18.45
C ALA B 79 35.56 14.45 19.79
N CYS B 80 34.30 14.18 20.14
CA CYS B 80 33.67 14.67 21.37
C CYS B 80 33.11 13.52 22.19
N ARG B 81 33.58 13.37 23.42
CA ARG B 81 33.05 12.32 24.29
C ARG B 81 32.12 12.88 25.36
N VAL B 82 30.87 12.41 25.35
CA VAL B 82 29.85 12.98 26.21
C VAL B 82 29.17 11.95 27.08
N ASN B 83 29.08 12.26 28.37
CA ASN B 83 28.32 11.44 29.31
C ASN B 83 27.37 12.25 30.24
N HIS B 84 26.29 11.60 30.64
CA HIS B 84 25.15 12.26 31.21
C HIS B 84 24.26 11.16 31.75
N VAL B 85 23.57 11.40 32.86
CA VAL B 85 22.79 10.37 33.53
C VAL B 85 21.84 9.59 32.62
N THR B 86 21.46 10.18 31.49
CA THR B 86 20.49 9.57 30.56
C THR B 86 21.13 8.51 29.64
N LEU B 87 22.45 8.52 29.60
CA LEU B 87 23.24 7.62 28.78
C LEU B 87 23.67 6.39 29.57
N SER B 88 23.99 5.31 28.85
CA SER B 88 24.38 4.03 29.43
C SER B 88 25.85 3.70 29.14
N GLN B 89 26.40 4.44 28.17
CA GLN B 89 27.79 4.38 27.80
C GLN B 89 28.15 5.76 27.31
N PRO B 90 29.42 6.14 27.41
CA PRO B 90 29.76 7.48 26.89
C PRO B 90 29.45 7.60 25.39
N LYS B 91 29.14 8.80 24.94
CA LYS B 91 28.81 9.02 23.55
C LYS B 91 29.93 9.80 22.84
N ILE B 92 30.57 9.11 21.91
CA ILE B 92 31.67 9.67 21.12
C ILE B 92 31.12 10.04 19.76
N VAL B 93 31.34 11.28 19.33
CA VAL B 93 30.91 11.72 18.00
C VAL B 93 32.13 12.28 17.30
N LYS B 94 32.47 11.70 16.15
CA LYS B 94 33.69 12.04 15.46
C LYS B 94 33.57 13.41 14.80
N TRP B 95 34.70 13.99 14.43
CA TRP B 95 34.69 15.29 13.77
C TRP B 95 34.84 15.14 12.27
N ASP B 96 33.84 15.64 11.56
CA ASP B 96 33.80 15.61 10.10
C ASP B 96 34.01 17.03 9.60
N ARG B 97 34.99 17.26 8.72
CA ARG B 97 35.24 18.60 8.15
C ARG B 97 34.13 19.10 7.23
N ASP B 98 33.02 18.38 7.15
CA ASP B 98 31.92 18.75 6.27
C ASP B 98 30.59 18.81 7.02
N MET B 99 30.62 18.84 8.35
CA MET B 99 29.37 18.71 9.16
C MET B 99 29.16 19.77 10.26
N LYS C 1 19.53 44.74 34.40
CA LYS C 1 19.46 44.77 35.85
C LYS C 1 18.67 43.60 36.39
N LEU C 2 19.29 42.82 37.27
CA LEU C 2 18.64 41.67 37.89
C LEU C 2 17.44 42.04 38.74
N PHE C 3 16.35 41.28 38.63
CA PHE C 3 15.24 41.38 39.58
C PHE C 3 15.72 41.02 40.97
N SER C 4 15.12 41.62 41.98
CA SER C 4 15.36 41.25 43.37
C SER C 4 14.11 41.47 44.23
N GLY C 5 14.14 41.00 45.47
CA GLY C 5 12.98 41.12 46.35
C GLY C 5 11.95 40.06 46.04
N GLU C 6 12.42 38.86 45.74
CA GLU C 6 11.53 37.77 45.40
C GLU C 6 10.92 37.14 46.65
N LEU C 7 9.60 37.10 46.67
CA LEU C 7 8.87 36.28 47.62
C LEU C 7 9.20 34.81 47.40
N THR C 8 9.57 34.15 48.49
CA THR C 8 9.94 32.75 48.47
C THR C 8 8.78 31.89 47.97
N LYS C 9 9.09 30.66 47.54
CA LYS C 9 8.05 29.74 47.08
C LYS C 9 7.39 28.98 48.22
N GLY D 1 -20.06 8.27 25.69
CA GLY D 1 -19.31 9.23 24.91
C GLY D 1 -19.11 8.84 23.45
N SER D 2 -18.26 9.59 22.75
CA SER D 2 -17.93 9.34 21.36
C SER D 2 -17.11 8.04 21.24
N HIS D 3 -17.80 6.95 20.91
CA HIS D 3 -17.23 5.61 20.88
C HIS D 3 -15.91 5.49 20.12
N SER D 4 -14.95 4.80 20.75
CA SER D 4 -13.58 4.70 20.25
C SER D 4 -13.18 3.23 20.14
N LEU D 5 -12.31 2.91 19.20
CA LEU D 5 -11.59 1.63 19.19
C LEU D 5 -10.15 2.01 18.94
N ARG D 6 -9.27 1.75 19.91
CA ARG D 6 -7.86 2.12 19.75
C ARG D 6 -6.96 0.94 20.04
N TYR D 7 -5.87 0.83 19.31
CA TYR D 7 -4.88 -0.19 19.62
C TYR D 7 -3.55 0.44 20.00
N PHE D 8 -2.92 -0.13 21.02
CA PHE D 8 -1.67 0.40 21.52
C PHE D 8 -0.56 -0.65 21.44
N TYR D 9 0.52 -0.30 20.74
CA TYR D 9 1.70 -1.15 20.60
C TYR D 9 2.88 -0.58 21.39
N THR D 10 3.76 -1.46 21.88
CA THR D 10 4.98 -1.06 22.54
C THR D 10 6.03 -2.10 22.21
N SER D 11 7.15 -1.63 21.65
CA SER D 11 8.22 -2.49 21.20
C SER D 11 9.53 -1.99 21.79
N VAL D 12 10.19 -2.88 22.51
CA VAL D 12 11.30 -2.53 23.34
C VAL D 12 12.42 -3.51 23.05
N SER D 13 13.50 -3.01 22.49
CA SER D 13 14.62 -3.87 22.20
C SER D 13 15.32 -4.14 23.52
N ARG D 14 15.89 -5.33 23.67
CA ARG D 14 16.56 -5.72 24.91
C ARG D 14 17.86 -6.40 24.57
N PRO D 15 18.90 -5.61 24.30
CA PRO D 15 20.17 -6.20 23.89
C PRO D 15 21.14 -6.42 25.06
N GLY D 16 21.83 -7.55 25.07
CA GLY D 16 21.50 -8.66 24.20
C GLY D 16 20.74 -9.68 25.02
N ARG D 17 19.64 -9.24 25.64
CA ARG D 17 18.87 -10.10 26.54
C ARG D 17 17.76 -10.88 25.80
N GLY D 18 18.03 -11.29 24.57
CA GLY D 18 17.09 -12.06 23.77
C GLY D 18 16.29 -11.21 22.80
N ASP D 19 15.48 -11.87 21.98
CA ASP D 19 14.64 -11.20 20.99
C ASP D 19 13.83 -10.10 21.67
N PRO D 20 13.46 -9.06 20.93
CA PRO D 20 12.76 -7.89 21.50
C PRO D 20 11.36 -8.20 22.04
N ARG D 21 10.95 -7.45 23.07
CA ARG D 21 9.58 -7.53 23.60
C ARG D 21 8.61 -6.79 22.68
N PHE D 22 7.38 -7.31 22.58
CA PHE D 22 6.31 -6.64 21.86
C PHE D 22 5.01 -6.75 22.65
N ILE D 23 4.38 -5.61 22.92
CA ILE D 23 3.15 -5.62 23.72
C ILE D 23 2.05 -4.85 22.99
N ALA D 24 0.97 -5.54 22.62
CA ALA D 24 -0.15 -4.89 21.96
C ALA D 24 -1.39 -5.04 22.80
N VAL D 25 -2.15 -3.97 22.90
CA VAL D 25 -3.40 -4.02 23.61
C VAL D 25 -4.42 -3.28 22.80
N GLY D 26 -5.69 -3.57 23.03
CA GLY D 26 -6.78 -2.88 22.36
C GLY D 26 -7.88 -2.48 23.33
N TYR D 27 -8.60 -1.42 22.99
CA TYR D 27 -9.65 -0.89 23.84
C TYR D 27 -10.85 -0.49 23.03
N VAL D 28 -12.01 -0.60 23.65
CA VAL D 28 -13.20 0.03 23.13
C VAL D 28 -13.57 0.93 24.24
N ASP D 29 -13.44 2.24 24.02
CA ASP D 29 -13.69 3.23 25.06
C ASP D 29 -12.74 2.92 26.19
N ASP D 30 -13.21 2.85 27.43
CA ASP D 30 -12.28 2.65 28.56
C ASP D 30 -12.14 1.22 29.04
N THR D 31 -12.66 0.29 28.25
CA THR D 31 -12.58 -1.13 28.54
C THR D 31 -11.54 -1.73 27.63
N GLN D 32 -10.61 -2.50 28.20
CA GLN D 32 -9.71 -3.33 27.40
C GLN D 32 -10.38 -4.65 27.08
N PHE D 33 -10.24 -5.12 25.85
CA PHE D 33 -10.81 -6.41 25.47
C PHE D 33 -9.79 -7.42 24.95
N VAL D 34 -8.68 -6.96 24.38
CA VAL D 34 -7.66 -7.89 23.89
C VAL D 34 -6.26 -7.52 24.34
N ARG D 35 -5.30 -8.40 24.06
CA ARG D 35 -3.93 -8.26 24.53
C ARG D 35 -2.97 -9.27 23.90
N PHE D 36 -1.79 -8.81 23.50
CA PHE D 36 -0.75 -9.72 23.07
C PHE D 36 0.60 -9.41 23.71
N ASP D 37 1.23 -10.42 24.29
CA ASP D 37 2.57 -10.27 24.81
C ASP D 37 3.46 -11.34 24.21
N SER D 38 4.45 -10.91 23.46
CA SER D 38 5.33 -11.82 22.72
C SER D 38 6.29 -12.60 23.61
N ASP D 39 6.20 -12.40 24.94
CA ASP D 39 7.04 -13.16 25.87
C ASP D 39 6.29 -14.33 26.52
N ALA D 40 4.98 -14.17 26.70
CA ALA D 40 4.13 -15.18 27.32
C ALA D 40 4.21 -16.56 26.65
N ALA D 41 3.55 -17.54 27.28
CA ALA D 41 3.57 -18.94 26.86
C ALA D 41 2.57 -19.35 25.76
N THR D 42 1.40 -18.70 25.71
CA THR D 42 0.38 -19.07 24.73
C THR D 42 0.76 -18.58 23.35
N GLY D 43 1.57 -17.52 23.31
CA GLY D 43 1.97 -16.92 22.05
C GLY D 43 0.79 -16.54 21.17
N ARG D 44 -0.34 -16.27 21.82
CA ARG D 44 -1.57 -15.98 21.11
C ARG D 44 -2.14 -14.66 21.61
N THR D 45 -3.01 -14.07 20.81
CA THR D 45 -3.79 -12.94 21.25
C THR D 45 -4.90 -13.48 22.16
N GLU D 46 -5.02 -12.92 23.36
CA GLU D 46 -6.00 -13.41 24.33
C GLU D 46 -7.09 -12.38 24.59
N PRO D 47 -8.34 -12.82 24.77
CA PRO D 47 -9.46 -11.97 25.20
C PRO D 47 -9.26 -11.42 26.60
N ARG D 48 -9.52 -10.14 26.78
CA ARG D 48 -9.41 -9.48 28.08
C ARG D 48 -10.73 -8.85 28.49
N ALA D 49 -11.81 -9.28 27.84
CA ALA D 49 -13.15 -8.92 28.27
C ALA D 49 -14.10 -10.08 27.94
N PRO D 50 -15.11 -10.31 28.79
CA PRO D 50 -16.04 -11.43 28.68
C PRO D 50 -16.83 -11.45 27.37
N TRP D 51 -17.24 -10.28 26.89
CA TRP D 51 -18.06 -10.19 25.70
C TRP D 51 -17.28 -10.37 24.39
N VAL D 52 -16.03 -10.84 24.47
CA VAL D 52 -15.22 -11.08 23.27
C VAL D 52 -14.98 -12.56 23.07
N GLU D 53 -14.99 -13.32 24.17
CA GLU D 53 -14.68 -14.75 24.16
C GLU D 53 -15.60 -15.54 23.22
N GLN D 54 -16.82 -15.03 23.03
CA GLN D 54 -17.74 -15.60 22.04
C GLN D 54 -17.06 -15.82 20.67
N GLU D 55 -16.36 -14.80 20.16
CA GLU D 55 -15.65 -14.88 18.88
C GLU D 55 -14.78 -16.13 18.76
N GLY D 56 -14.96 -16.85 17.65
CA GLY D 56 -14.37 -18.16 17.48
C GLY D 56 -12.93 -18.16 17.01
N PRO D 57 -12.39 -19.36 16.76
CA PRO D 57 -10.99 -19.56 16.36
C PRO D 57 -10.59 -18.66 15.21
N GLU D 58 -11.49 -18.45 14.26
CA GLU D 58 -11.23 -17.59 13.10
C GLU D 58 -10.64 -16.26 13.56
N TYR D 59 -11.32 -15.64 14.52
CA TYR D 59 -10.89 -14.39 15.10
C TYR D 59 -9.50 -14.47 15.72
N TRP D 60 -9.33 -15.36 16.71
CA TRP D 60 -8.07 -15.43 17.46
C TRP D 60 -6.89 -15.86 16.59
N ASP D 61 -7.19 -16.69 15.59
CA ASP D 61 -6.18 -17.17 14.66
C ASP D 61 -5.83 -16.08 13.66
N GLY D 62 -6.86 -15.44 13.10
CA GLY D 62 -6.68 -14.21 12.35
C GLY D 62 -5.85 -13.20 13.14
N GLU D 63 -6.33 -12.82 14.31
CA GLU D 63 -5.65 -11.80 15.11
C GLU D 63 -4.31 -12.23 15.74
N THR D 64 -4.04 -13.52 15.81
CA THR D 64 -2.70 -13.94 16.22
C THR D 64 -1.75 -13.92 15.00
N ARG D 65 -2.30 -14.22 13.83
CA ARG D 65 -1.53 -14.24 12.61
C ARG D 65 -0.95 -12.85 12.37
N LYS D 66 -1.85 -11.87 12.29
CA LYS D 66 -1.46 -10.49 12.05
C LYS D 66 -0.45 -9.95 13.06
N VAL D 67 -0.74 -10.11 14.35
CA VAL D 67 0.02 -9.38 15.36
C VAL D 67 1.48 -9.79 15.38
N LYS D 68 1.72 -11.08 15.10
CA LYS D 68 3.08 -11.64 15.05
C LYS D 68 3.82 -11.13 13.81
N GLU D 69 3.10 -11.04 12.70
CA GLU D 69 3.68 -10.49 11.50
C GLU D 69 4.08 -9.08 11.83
N THR D 70 3.23 -8.40 12.58
CA THR D 70 3.52 -7.07 13.02
C THR D 70 4.72 -7.02 13.97
N ALA D 71 4.71 -7.84 15.01
CA ALA D 71 5.88 -7.91 15.92
C ALA D 71 7.22 -8.06 15.18
N GLN D 72 7.19 -8.71 14.00
CA GLN D 72 8.36 -8.84 13.11
C GLN D 72 8.76 -7.54 12.43
N VAL D 73 7.77 -6.74 12.04
CA VAL D 73 8.00 -5.43 11.44
C VAL D 73 8.61 -4.50 12.47
N TYR D 74 8.16 -4.58 13.71
CA TYR D 74 8.72 -3.71 14.75
C TYR D 74 10.13 -4.10 15.21
N ARG D 75 10.45 -5.39 15.21
CA ARG D 75 11.83 -5.82 15.39
C ARG D 75 12.76 -5.12 14.36
N VAL D 76 12.35 -5.12 13.09
CA VAL D 76 13.10 -4.44 12.03
C VAL D 76 13.17 -2.93 12.26
N ASP D 77 12.03 -2.28 12.50
CA ASP D 77 12.01 -0.87 12.88
C ASP D 77 12.88 -0.43 14.08
N LEU D 78 13.14 -1.32 15.03
CA LEU D 78 14.02 -0.95 16.15
C LEU D 78 15.46 -0.76 15.69
N ASP D 79 15.94 -1.66 14.84
CA ASP D 79 17.32 -1.52 14.36
C ASP D 79 17.43 -0.42 13.34
N THR D 80 16.42 -0.28 12.49
CA THR D 80 16.45 0.76 11.47
C THR D 80 16.57 2.16 12.05
N LEU D 81 15.80 2.46 13.09
CA LEU D 81 15.85 3.77 13.73
C LEU D 81 17.19 3.98 14.43
N ARG D 82 17.72 2.90 15.02
CA ARG D 82 19.01 2.92 15.72
C ARG D 82 20.10 3.38 14.76
N GLY D 83 20.01 2.96 13.50
CA GLY D 83 20.87 3.46 12.44
C GLY D 83 20.62 4.92 12.10
N TYR D 84 19.35 5.30 11.89
CA TYR D 84 19.01 6.69 11.52
C TYR D 84 19.54 7.66 12.58
N TYR D 85 19.47 7.25 13.84
CA TYR D 85 19.83 8.09 14.98
C TYR D 85 21.30 7.90 15.40
N ASN D 86 22.01 7.05 14.66
CA ASN D 86 23.41 6.74 14.93
C ASN D 86 23.61 6.15 16.34
N GLN D 87 22.62 5.39 16.79
CA GLN D 87 22.67 4.71 18.08
C GLN D 87 23.46 3.41 18.00
N SER D 88 23.88 2.93 19.17
CA SER D 88 24.69 1.73 19.30
C SER D 88 23.87 0.56 19.85
N GLU D 89 24.32 -0.65 19.54
CA GLU D 89 23.55 -1.87 19.80
C GLU D 89 23.40 -2.18 21.27
N ALA D 90 24.10 -1.40 22.10
CA ALA D 90 24.14 -1.59 23.55
C ALA D 90 23.12 -0.71 24.25
N GLY D 91 22.28 -0.06 23.45
CA GLY D 91 21.18 0.71 24.00
C GLY D 91 19.88 -0.06 23.90
N SER D 92 19.08 -0.01 24.96
CA SER D 92 17.74 -0.57 24.92
C SER D 92 16.71 0.50 24.57
N HIS D 93 16.12 0.40 23.38
CA HIS D 93 15.22 1.44 22.85
C HIS D 93 13.71 1.11 22.82
N THR D 94 12.90 2.13 22.50
CA THR D 94 11.44 2.07 22.56
C THR D 94 10.70 2.67 21.34
N ILE D 95 9.85 1.86 20.71
CA ILE D 95 8.91 2.34 19.70
C ILE D 95 7.50 2.14 20.24
N GLN D 96 6.65 3.14 20.04
CA GLN D 96 5.25 3.08 20.45
C GLN D 96 4.37 3.50 19.27
N THR D 97 3.27 2.81 19.10
CA THR D 97 2.34 3.15 18.05
C THR D 97 0.97 3.29 18.69
N MET D 98 0.19 4.27 18.24
CA MET D 98 -1.20 4.32 18.64
C MET D 98 -2.07 4.63 17.43
N TYR D 99 -3.03 3.76 17.17
CA TYR D 99 -3.95 4.08 16.10
C TYR D 99 -5.33 3.74 16.54
N GLY D 100 -6.32 4.15 15.74
CA GLY D 100 -7.70 3.83 16.02
C GLY D 100 -8.69 4.84 15.48
N CYS D 101 -9.96 4.61 15.77
CA CYS D 101 -10.97 5.44 15.16
C CYS D 101 -12.17 5.76 16.06
N ASP D 102 -12.69 6.96 15.87
CA ASP D 102 -13.85 7.47 16.60
C ASP D 102 -15.12 7.34 15.81
N LEU D 103 -16.16 6.85 16.47
CA LEU D 103 -17.44 6.69 15.80
C LEU D 103 -18.37 7.90 15.94
N GLY D 104 -18.69 8.51 14.80
CA GLY D 104 -19.74 9.52 14.72
C GLY D 104 -21.06 8.87 14.32
N PRO D 105 -22.12 9.68 14.17
CA PRO D 105 -23.38 9.05 13.80
C PRO D 105 -23.36 8.48 12.39
N GLY D 106 -24.50 7.97 11.95
CA GLY D 106 -24.57 7.23 10.70
C GLY D 106 -24.00 5.85 10.97
N GLY D 107 -23.13 5.40 10.09
CA GLY D 107 -22.33 4.21 10.37
C GLY D 107 -20.95 4.60 9.94
N ARG D 108 -20.62 5.88 10.14
CA ARG D 108 -19.49 6.51 9.47
C ARG D 108 -18.32 6.82 10.42
N LEU D 109 -17.10 6.79 9.87
CA LEU D 109 -15.92 7.21 10.62
C LEU D 109 -16.05 8.70 10.95
N LEU D 110 -15.73 9.08 12.19
CA LEU D 110 -15.76 10.46 12.58
C LEU D 110 -14.38 11.09 12.49
N ARG D 111 -13.37 10.28 12.80
CA ARG D 111 -12.02 10.77 13.02
C ARG D 111 -11.18 9.53 13.21
N GLY D 112 -10.09 9.47 12.48
CA GLY D 112 -9.19 8.35 12.62
C GLY D 112 -7.84 8.94 12.97
N TYR D 113 -6.94 8.10 13.46
CA TYR D 113 -5.67 8.59 13.93
C TYR D 113 -4.68 7.43 13.98
N ARG D 114 -3.41 7.72 13.75
CA ARG D 114 -2.35 6.70 13.76
C ARG D 114 -1.05 7.39 14.11
N GLN D 115 -0.50 7.09 15.28
CA GLN D 115 0.62 7.88 15.78
C GLN D 115 1.77 7.03 16.30
N ASP D 116 2.99 7.51 16.09
CA ASP D 116 4.18 6.77 16.49
C ASP D 116 5.15 7.62 17.29
N ALA D 117 5.83 6.97 18.23
CA ALA D 117 6.89 7.59 19.01
C ALA D 117 8.17 6.75 19.06
N TYR D 118 9.30 7.43 19.25
CA TYR D 118 10.57 6.76 19.52
C TYR D 118 11.25 7.33 20.74
N ASP D 119 11.56 6.48 21.71
CA ASP D 119 12.23 6.92 22.95
C ASP D 119 11.47 8.04 23.64
N GLY D 120 10.15 7.86 23.77
CA GLY D 120 9.28 8.80 24.47
C GLY D 120 8.78 10.02 23.70
N ALA D 121 9.32 10.26 22.51
CA ALA D 121 9.08 11.51 21.80
C ALA D 121 8.32 11.33 20.47
N ASP D 122 7.71 12.38 19.94
CA ASP D 122 7.04 12.28 18.65
C ASP D 122 7.97 11.84 17.55
N TYR D 123 7.47 10.99 16.65
CA TYR D 123 8.25 10.48 15.54
C TYR D 123 7.45 10.60 14.25
N ILE D 124 6.24 10.07 14.22
CA ILE D 124 5.41 10.17 13.02
C ILE D 124 3.94 10.06 13.35
N ALA D 125 3.13 10.83 12.62
CA ALA D 125 1.68 10.86 12.83
C ALA D 125 0.88 11.03 11.54
N LEU D 126 -0.06 10.12 11.29
CA LEU D 126 -0.99 10.33 10.19
C LEU D 126 -1.74 11.59 10.50
N ASN D 127 -1.90 12.46 9.51
CA ASN D 127 -2.58 13.72 9.74
C ASN D 127 -4.06 13.48 9.92
N GLU D 128 -4.82 14.55 9.98
CA GLU D 128 -6.22 14.40 10.21
C GLU D 128 -6.85 14.01 8.89
N ASP D 129 -6.25 14.48 7.82
CA ASP D 129 -6.79 14.28 6.47
C ASP D 129 -6.69 12.84 5.92
N LEU D 130 -5.95 11.99 6.65
CA LEU D 130 -5.70 10.59 6.30
C LEU D 130 -5.02 10.40 4.91
N ARG D 131 -4.20 11.38 4.51
CA ARG D 131 -3.49 11.34 3.22
C ARG D 131 -2.11 11.98 3.31
N SER D 132 -1.79 12.51 4.49
CA SER D 132 -0.56 13.25 4.69
C SER D 132 0.07 12.77 6.00
N TRP D 133 1.34 13.12 6.22
CA TRP D 133 2.09 12.69 7.41
C TRP D 133 2.76 13.87 8.06
N THR D 134 2.90 13.82 9.37
CA THR D 134 3.67 14.85 10.05
C THR D 134 4.98 14.24 10.61
N ALA D 135 6.10 14.62 10.02
CA ALA D 135 7.41 14.08 10.39
C ALA D 135 8.02 14.94 11.48
N ALA D 136 8.49 14.31 12.55
CA ALA D 136 8.99 15.04 13.70
C ALA D 136 10.48 15.47 13.60
N ASP D 137 11.34 14.60 13.07
CA ASP D 137 12.76 14.91 13.02
C ASP D 137 13.37 14.50 11.68
N THR D 138 14.63 14.87 11.47
CA THR D 138 15.33 14.55 10.22
C THR D 138 15.39 13.03 9.91
N ALA D 139 15.35 12.20 10.95
CA ALA D 139 15.21 10.77 10.72
C ALA D 139 13.80 10.41 10.26
N ALA D 140 12.79 11.06 10.84
CA ALA D 140 11.38 10.77 10.50
C ALA D 140 11.06 11.13 9.06
N GLN D 141 11.78 12.12 8.55
CA GLN D 141 11.47 12.66 7.24
C GLN D 141 11.85 11.61 6.21
N ILE D 142 12.81 10.76 6.57
CA ILE D 142 13.20 9.62 5.77
C ILE D 142 12.03 8.63 5.67
N THR D 143 11.38 8.35 6.79
CA THR D 143 10.35 7.32 6.82
C THR D 143 9.16 7.69 5.97
N ARG D 144 8.67 8.92 6.09
CA ARG D 144 7.42 9.29 5.43
C ARG D 144 7.66 9.47 3.94
N ARG D 145 8.82 10.03 3.61
CA ARG D 145 9.27 10.11 2.23
C ARG D 145 9.16 8.72 1.57
N LYS D 146 9.39 7.68 2.36
CA LYS D 146 9.22 6.30 1.92
C LYS D 146 7.75 5.83 1.98
N TRP D 147 6.98 6.26 2.97
CA TRP D 147 5.54 5.93 3.01
C TRP D 147 4.66 6.78 2.04
N GLU D 148 5.25 7.85 1.52
CA GLU D 148 4.54 8.71 0.58
C GLU D 148 4.51 8.05 -0.81
N ALA D 149 5.69 7.67 -1.27
CA ALA D 149 5.85 7.11 -2.61
C ALA D 149 5.17 5.76 -2.65
N ALA D 150 5.03 5.14 -1.49
CA ALA D 150 4.35 3.85 -1.35
C ALA D 150 2.86 4.03 -1.00
N GLY D 151 2.44 5.28 -0.88
CA GLY D 151 1.06 5.64 -0.61
C GLY D 151 0.43 5.03 0.63
N VAL D 152 1.21 4.81 1.68
CA VAL D 152 0.70 4.08 2.85
C VAL D 152 -0.55 4.72 3.47
N ALA D 153 -0.50 6.04 3.61
CA ALA D 153 -1.58 6.83 4.20
C ALA D 153 -2.95 6.64 3.53
N GLU D 154 -3.01 6.97 2.25
CA GLU D 154 -4.25 6.97 1.50
C GLU D 154 -4.69 5.57 1.09
N LEU D 155 -3.73 4.75 0.67
CA LEU D 155 -4.05 3.43 0.15
C LEU D 155 -4.60 2.60 1.28
N GLN D 156 -3.74 2.24 2.26
CA GLN D 156 -4.09 1.28 3.31
C GLN D 156 -4.64 1.78 4.68
N TRP D 157 -4.21 2.95 5.16
CA TRP D 157 -4.66 3.45 6.46
C TRP D 157 -5.98 4.23 6.41
N ARG D 158 -6.10 5.12 5.42
CA ARG D 158 -7.36 5.83 5.20
C ARG D 158 -8.44 4.78 4.95
N ASN D 159 -8.05 3.67 4.31
CA ASN D 159 -8.99 2.60 4.02
C ASN D 159 -9.41 1.88 5.30
N TYR D 160 -8.41 1.42 6.05
CA TYR D 160 -8.61 0.76 7.32
C TYR D 160 -9.52 1.52 8.26
N LEU D 161 -9.15 2.76 8.59
CA LEU D 161 -9.92 3.57 9.53
C LEU D 161 -11.36 3.82 9.05
N GLU D 162 -11.55 3.97 7.73
CA GLU D 162 -12.89 4.22 7.17
C GLU D 162 -13.71 2.95 6.96
N THR D 163 -13.05 1.79 6.88
CA THR D 163 -13.80 0.57 6.64
C THR D 163 -13.76 -0.37 7.82
N THR D 164 -12.69 -1.16 7.88
CA THR D 164 -12.47 -2.15 8.91
C THR D 164 -12.74 -1.61 10.32
N CYS D 165 -12.05 -0.52 10.67
CA CYS D 165 -12.06 0.04 12.00
C CYS D 165 -13.42 0.52 12.46
N VAL D 166 -14.09 1.28 11.59
CA VAL D 166 -15.48 1.70 11.77
C VAL D 166 -16.35 0.50 12.03
N GLU D 167 -16.31 -0.42 11.07
CA GLU D 167 -17.12 -1.61 11.08
C GLU D 167 -17.01 -2.40 12.39
N TRP D 168 -15.78 -2.78 12.78
CA TRP D 168 -15.59 -3.62 13.98
C TRP D 168 -15.97 -2.97 15.32
N LEU D 169 -15.76 -1.66 15.43
CA LEU D 169 -16.22 -0.90 16.58
C LEU D 169 -17.71 -1.17 16.79
N GLN D 170 -18.47 -0.96 15.73
CA GLN D 170 -19.90 -1.21 15.76
C GLN D 170 -20.20 -2.67 16.17
N ARG D 171 -19.45 -3.61 15.62
CA ARG D 171 -19.59 -5.01 15.99
C ARG D 171 -19.27 -5.22 17.45
N TYR D 172 -18.18 -4.61 17.93
CA TYR D 172 -17.81 -4.76 19.34
C TYR D 172 -18.90 -4.16 20.24
N LEU D 173 -19.31 -2.93 19.91
CA LEU D 173 -20.29 -2.19 20.67
C LEU D 173 -21.62 -2.94 20.80
N GLU D 174 -21.85 -3.88 19.89
CA GLU D 174 -23.07 -4.69 19.92
C GLU D 174 -22.88 -5.96 20.73
N MET D 175 -21.72 -6.58 20.61
CA MET D 175 -21.52 -7.80 21.36
C MET D 175 -21.29 -7.49 22.86
N GLY D 176 -20.75 -6.31 23.15
CA GLY D 176 -20.52 -5.89 24.53
C GLY D 176 -21.56 -4.91 25.05
N LYS D 177 -22.80 -5.03 24.56
CA LYS D 177 -23.89 -4.09 24.85
C LYS D 177 -24.28 -3.93 26.33
N GLU D 178 -24.20 -5.02 27.10
CA GLU D 178 -24.48 -5.00 28.54
C GLU D 178 -23.69 -3.93 29.26
N THR D 179 -22.38 -3.94 29.05
CA THR D 179 -21.49 -3.05 29.78
C THR D 179 -21.05 -1.80 29.01
N LEU D 180 -20.84 -1.91 27.71
CA LEU D 180 -20.27 -0.80 26.95
C LEU D 180 -21.25 0.36 26.78
N LEU D 181 -22.53 0.06 26.94
CA LEU D 181 -23.61 1.04 26.78
C LEU D 181 -24.12 1.57 28.11
N ARG D 182 -24.17 0.67 29.10
CA ARG D 182 -24.62 1.01 30.44
C ARG D 182 -23.76 2.10 31.04
N ALA D 183 -24.36 3.24 31.38
CA ALA D 183 -23.62 4.26 32.12
C ALA D 183 -23.79 4.01 33.63
N GLU D 184 -22.67 3.69 34.28
CA GLU D 184 -22.68 3.39 35.70
C GLU D 184 -22.31 4.64 36.46
N PRO D 185 -23.29 5.21 37.17
CA PRO D 185 -23.15 6.52 37.79
C PRO D 185 -22.26 6.46 39.03
N PRO D 186 -21.70 7.61 39.43
CA PRO D 186 -20.83 7.69 40.60
C PRO D 186 -21.56 7.36 41.88
N SER D 187 -20.89 6.67 42.79
CA SER D 187 -21.32 6.59 44.18
C SER D 187 -20.70 7.75 44.96
N THR D 188 -21.46 8.82 45.16
CA THR D 188 -20.95 10.04 45.78
C THR D 188 -20.89 9.99 47.30
N ARG D 189 -19.90 10.67 47.87
CA ARG D 189 -19.76 10.77 49.31
C ARG D 189 -18.79 11.92 49.64
N VAL D 190 -19.09 12.66 50.68
CA VAL D 190 -18.18 13.70 51.12
C VAL D 190 -17.75 13.42 52.56
N THR D 191 -16.50 13.68 52.87
CA THR D 191 -15.94 13.29 54.16
C THR D 191 -15.07 14.42 54.72
N ARG D 192 -14.93 14.46 56.05
CA ARG D 192 -14.09 15.48 56.69
C ARG D 192 -12.94 14.93 57.54
N HIS D 193 -11.84 15.67 57.55
CA HIS D 193 -10.58 15.17 58.06
C HIS D 193 -9.86 16.32 58.73
N PRO D 194 -10.14 16.55 60.03
CA PRO D 194 -9.71 17.75 60.76
C PRO D 194 -8.19 17.93 60.83
N ILE D 195 -7.75 19.17 60.70
CA ILE D 195 -6.35 19.50 60.90
C ILE D 195 -6.16 20.12 62.29
N SER D 196 -7.16 20.88 62.74
CA SER D 196 -7.16 21.53 64.04
C SER D 196 -8.48 22.26 64.25
N ASP D 197 -8.39 23.49 64.73
CA ASP D 197 -9.55 24.36 64.80
C ASP D 197 -9.51 25.39 63.67
N HIS D 198 -8.33 25.58 63.08
CA HIS D 198 -8.16 26.62 62.07
C HIS D 198 -8.66 26.19 60.69
N GLU D 199 -8.08 25.11 60.18
CA GLU D 199 -8.40 24.63 58.84
C GLU D 199 -8.74 23.13 58.92
N VAL D 200 -9.60 22.66 58.03
CA VAL D 200 -10.17 21.29 58.09
C VAL D 200 -10.53 20.75 56.70
N THR D 201 -10.12 19.52 56.39
CA THR D 201 -10.19 18.99 55.01
C THR D 201 -11.50 18.31 54.59
N LEU D 202 -12.14 18.91 53.60
CA LEU D 202 -13.35 18.40 52.95
C LEU D 202 -13.00 17.75 51.61
N ARG D 203 -13.31 16.45 51.49
CA ARG D 203 -12.95 15.70 50.29
C ARG D 203 -14.14 15.05 49.60
N CYS D 204 -14.28 15.26 48.30
CA CYS D 204 -15.42 14.74 47.55
C CYS D 204 -15.05 13.45 46.80
N TRP D 205 -15.84 12.40 47.01
CA TRP D 205 -15.52 11.07 46.51
C TRP D 205 -16.52 10.58 45.48
N ALA D 206 -16.01 10.29 44.27
CA ALA D 206 -16.78 9.66 43.21
C ALA D 206 -16.26 8.25 43.00
N LEU D 207 -17.05 7.23 43.33
CA LEU D 207 -16.60 5.82 43.22
C LEU D 207 -17.34 5.03 42.12
N GLY D 208 -16.68 3.99 41.63
CA GLY D 208 -17.27 3.05 40.67
C GLY D 208 -17.98 3.59 39.44
N PHE D 209 -17.37 4.51 38.74
CA PHE D 209 -18.04 5.10 37.59
C PHE D 209 -17.35 4.74 36.26
N TYR D 210 -18.16 4.74 35.20
CA TYR D 210 -17.75 4.41 33.84
C TYR D 210 -18.65 5.16 32.85
N PRO D 211 -18.07 5.81 31.82
CA PRO D 211 -16.66 5.90 31.43
C PRO D 211 -15.84 6.72 32.40
N ALA D 212 -14.59 7.02 32.06
CA ALA D 212 -13.68 7.62 33.01
C ALA D 212 -13.93 9.12 33.18
N GLU D 213 -14.53 9.71 32.14
CA GLU D 213 -14.90 11.13 32.11
C GLU D 213 -15.64 11.57 33.37
N ILE D 214 -15.15 12.64 33.98
CA ILE D 214 -15.78 13.19 35.16
C ILE D 214 -15.31 14.61 35.38
N THR D 215 -15.99 15.33 36.27
CA THR D 215 -15.59 16.66 36.70
C THR D 215 -15.91 16.70 38.17
N LEU D 216 -14.95 17.09 38.98
CA LEU D 216 -15.22 17.16 40.41
C LEU D 216 -14.92 18.56 40.84
N THR D 217 -15.96 19.23 41.32
CA THR D 217 -15.91 20.68 41.40
C THR D 217 -16.46 21.18 42.71
N TRP D 218 -15.58 21.72 43.54
CA TRP D 218 -15.97 22.31 44.80
C TRP D 218 -16.50 23.71 44.58
N GLN D 219 -17.54 24.08 45.30
CA GLN D 219 -18.07 25.43 45.28
C GLN D 219 -18.14 26.02 46.69
N ARG D 220 -17.87 27.32 46.80
CA ARG D 220 -18.07 28.07 48.04
C ARG D 220 -19.11 29.16 47.79
N ASP D 221 -20.26 29.04 48.47
CA ASP D 221 -21.45 29.86 48.20
C ASP D 221 -21.82 30.05 46.71
N GLY D 222 -21.37 29.10 45.87
CA GLY D 222 -21.70 29.07 44.48
C GLY D 222 -20.51 29.24 43.54
N GLU D 223 -19.37 29.69 44.07
CA GLU D 223 -18.21 29.92 43.20
C GLU D 223 -17.26 28.71 43.04
N ASP D 224 -17.11 28.23 41.80
CA ASP D 224 -16.15 27.19 41.41
C ASP D 224 -14.84 27.51 42.17
N GLN D 225 -14.49 26.66 43.12
CA GLN D 225 -13.25 26.85 43.88
C GLN D 225 -12.18 25.98 43.22
N THR D 226 -12.14 25.94 41.89
CA THR D 226 -11.22 25.04 41.17
C THR D 226 -9.74 25.39 41.36
N GLN D 227 -9.43 26.67 41.53
CA GLN D 227 -8.05 27.10 41.75
C GLN D 227 -7.48 26.62 43.11
N ASP D 228 -8.36 26.33 44.07
CA ASP D 228 -7.93 25.96 45.43
C ASP D 228 -8.28 24.52 45.85
N THR D 229 -8.63 23.70 44.86
CA THR D 229 -9.09 22.32 45.07
C THR D 229 -8.06 21.31 44.59
N GLU D 230 -7.45 20.59 45.52
CA GLU D 230 -6.64 19.46 45.10
C GLU D 230 -7.53 18.36 44.50
N VAL D 231 -7.16 17.92 43.31
CA VAL D 231 -7.92 16.93 42.55
C VAL D 231 -6.96 15.86 42.05
N VAL D 232 -7.04 14.62 42.57
CA VAL D 232 -6.16 13.53 42.13
C VAL D 232 -6.56 12.99 40.76
N ASP D 233 -5.59 12.49 40.00
CA ASP D 233 -5.91 11.86 38.71
C ASP D 233 -6.92 10.72 38.90
N THR D 234 -7.80 10.56 37.91
CA THR D 234 -8.76 9.44 37.83
C THR D 234 -7.94 8.15 37.79
N ARG D 235 -8.25 7.23 38.69
CA ARG D 235 -7.49 5.97 38.88
C ARG D 235 -8.46 4.81 38.81
N PRO D 236 -8.08 3.73 38.12
CA PRO D 236 -8.97 2.58 38.03
C PRO D 236 -9.21 1.85 39.38
N ALA D 237 -10.41 1.33 39.58
CA ALA D 237 -10.73 0.52 40.77
C ALA D 237 -10.43 -0.96 40.56
N GLY D 238 -10.12 -1.32 39.32
CA GLY D 238 -9.66 -2.65 39.00
C GLY D 238 -10.78 -3.57 38.62
N ASP D 239 -11.92 -3.01 38.22
CA ASP D 239 -13.08 -3.83 37.89
C ASP D 239 -13.91 -3.20 36.79
N GLY D 240 -13.28 -2.38 35.96
CA GLY D 240 -13.94 -1.74 34.84
C GLY D 240 -14.58 -0.39 35.15
N THR D 241 -14.41 0.06 36.38
CA THR D 241 -15.01 1.31 36.83
C THR D 241 -13.92 2.20 37.46
N PHE D 242 -14.17 3.50 37.52
CA PHE D 242 -13.13 4.38 38.02
C PHE D 242 -13.54 5.11 39.31
N GLN D 243 -12.57 5.63 40.02
CA GLN D 243 -12.84 6.39 41.23
C GLN D 243 -11.91 7.58 41.20
N LYS D 244 -12.28 8.62 41.93
CA LYS D 244 -11.56 9.88 41.86
C LYS D 244 -11.97 10.68 43.08
N TRP D 245 -11.15 11.64 43.48
CA TRP D 245 -11.58 12.57 44.53
C TRP D 245 -11.14 14.03 44.36
N ALA D 246 -11.78 14.95 45.06
CA ALA D 246 -11.41 16.36 45.02
C ALA D 246 -11.40 16.91 46.43
N ALA D 247 -10.45 17.78 46.77
CA ALA D 247 -10.36 18.24 48.17
C ALA D 247 -10.12 19.73 48.36
N VAL D 248 -10.74 20.30 49.38
CA VAL D 248 -10.51 21.72 49.71
C VAL D 248 -10.34 21.97 51.19
N VAL D 249 -9.32 22.77 51.54
CA VAL D 249 -9.04 23.08 52.93
C VAL D 249 -9.92 24.25 53.41
N VAL D 250 -10.91 23.93 54.24
CA VAL D 250 -11.97 24.84 54.62
C VAL D 250 -11.72 25.41 56.01
N PRO D 251 -11.86 26.74 56.18
CA PRO D 251 -11.81 27.34 57.53
C PRO D 251 -12.85 26.68 58.42
N SER D 252 -12.40 26.13 59.54
CA SER D 252 -13.28 25.43 60.46
C SER D 252 -13.80 26.36 61.55
N GLY D 253 -15.11 26.32 61.78
CA GLY D 253 -15.98 25.43 61.03
C GLY D 253 -17.05 26.17 60.27
N GLN D 254 -16.76 26.52 59.02
CA GLN D 254 -17.78 27.03 58.11
C GLN D 254 -17.86 26.18 56.85
N GLU D 255 -17.93 24.88 57.03
CA GLU D 255 -18.01 23.95 55.90
C GLU D 255 -19.40 23.94 55.32
N GLN D 256 -20.29 24.72 55.92
CA GLN D 256 -21.66 24.92 55.44
C GLN D 256 -21.67 25.60 54.08
N ARG D 257 -20.71 26.50 53.89
CA ARG D 257 -20.58 27.25 52.65
C ARG D 257 -20.28 26.34 51.45
N TYR D 258 -19.58 25.25 51.72
CA TYR D 258 -19.02 24.43 50.65
C TYR D 258 -19.92 23.25 50.19
N THR D 259 -20.24 23.21 48.91
CA THR D 259 -20.89 22.03 48.32
C THR D 259 -20.04 21.38 47.22
N CYS D 260 -20.25 20.10 46.98
CA CYS D 260 -19.57 19.43 45.87
C CYS D 260 -20.60 19.04 44.81
N HIS D 261 -20.30 19.41 43.56
N HIS D 261 -20.30 19.39 43.56
CA HIS D 261 -21.18 19.09 42.45
CA HIS D 261 -21.20 19.10 42.46
C HIS D 261 -20.43 18.22 41.46
C HIS D 261 -20.45 18.24 41.45
N VAL D 262 -21.00 17.06 41.16
CA VAL D 262 -20.34 16.13 40.27
C VAL D 262 -21.06 16.13 38.92
N GLN D 263 -20.31 15.85 37.86
CA GLN D 263 -20.89 15.73 36.53
C GLN D 263 -20.40 14.46 35.87
N HIS D 264 -21.30 13.60 35.43
CA HIS D 264 -20.93 12.39 34.71
C HIS D 264 -22.07 11.97 33.79
N GLU D 265 -21.76 11.15 32.78
CA GLU D 265 -22.79 10.60 31.89
C GLU D 265 -23.96 9.96 32.67
N GLY D 266 -23.63 8.96 33.50
CA GLY D 266 -24.61 8.22 34.28
C GLY D 266 -25.49 9.05 35.19
N LEU D 267 -25.24 10.33 35.25
CA LEU D 267 -26.15 11.24 35.89
C LEU D 267 -26.72 12.16 34.80
N VAL D 268 -27.92 11.82 34.36
CA VAL D 268 -28.69 12.65 33.44
C VAL D 268 -30.17 12.36 33.68
N GLU D 269 -30.95 13.42 33.88
CA GLU D 269 -32.38 13.25 34.19
C GLU D 269 -33.32 13.74 33.07
N PRO D 270 -33.38 13.02 31.92
CA PRO D 270 -34.32 13.37 30.86
C PRO D 270 -35.79 13.17 31.26
N VAL D 271 -36.70 14.04 30.81
CA VAL D 271 -38.14 13.73 30.83
C VAL D 271 -38.85 14.44 29.70
N ILE E 1 11.95 12.42 27.13
CA ILE E 1 12.65 11.22 26.70
C ILE E 1 12.58 10.16 27.81
N GLN E 2 12.88 10.57 29.04
CA GLN E 2 12.71 9.71 30.21
C GLN E 2 11.82 10.41 31.26
N ARG E 3 10.86 9.67 31.83
CA ARG E 3 9.84 10.24 32.72
C ARG E 3 9.69 9.53 34.07
N THR E 4 9.33 10.30 35.10
CA THR E 4 9.15 9.76 36.46
C THR E 4 7.70 9.34 36.76
N PRO E 5 7.53 8.12 37.29
CA PRO E 5 6.18 7.62 37.59
C PRO E 5 5.52 8.34 38.77
N LYS E 6 4.19 8.39 38.73
CA LYS E 6 3.39 8.90 39.82
C LYS E 6 2.76 7.68 40.46
N ILE E 7 2.61 7.70 41.78
CA ILE E 7 2.09 6.54 42.49
C ILE E 7 0.84 6.92 43.27
N GLN E 8 -0.26 6.23 43.04
CA GLN E 8 -1.39 6.35 43.94
C GLN E 8 -1.65 5.00 44.58
N VAL E 9 -1.66 4.97 45.91
CA VAL E 9 -1.94 3.72 46.61
C VAL E 9 -3.32 3.88 47.18
N TYR E 10 -4.15 2.86 47.00
CA TYR E 10 -5.52 2.96 47.46
C TYR E 10 -6.16 1.60 47.53
N SER E 11 -7.39 1.58 48.04
CA SER E 11 -8.26 0.42 48.04
C SER E 11 -9.40 0.58 47.03
N ARG E 12 -10.00 -0.55 46.68
CA ARG E 12 -11.06 -0.60 45.69
C ARG E 12 -12.37 -0.11 46.30
N HIS E 13 -12.62 -0.55 47.53
CA HIS E 13 -13.84 -0.23 48.26
C HIS E 13 -13.46 0.43 49.56
N PRO E 14 -14.27 1.42 50.01
CA PRO E 14 -13.90 2.15 51.24
C PRO E 14 -13.61 1.15 52.35
N ALA E 15 -12.43 1.25 52.96
CA ALA E 15 -11.90 0.18 53.80
C ALA E 15 -12.62 0.02 55.13
N GLU E 16 -13.01 -1.22 55.44
CA GLU E 16 -13.61 -1.54 56.73
C GLU E 16 -12.83 -2.69 57.38
N ASN E 17 -12.19 -2.42 58.52
CA ASN E 17 -11.37 -3.41 59.22
C ASN E 17 -12.04 -4.77 59.35
N GLY E 18 -11.48 -5.76 58.65
CA GLY E 18 -11.97 -7.12 58.71
C GLY E 18 -12.75 -7.54 57.49
N LYS E 19 -13.11 -6.57 56.64
CA LYS E 19 -13.83 -6.89 55.40
C LYS E 19 -12.87 -7.02 54.23
N SER E 20 -13.13 -8.01 53.37
CA SER E 20 -12.21 -8.37 52.31
C SER E 20 -12.19 -7.33 51.20
N ASN E 21 -10.99 -7.07 50.65
CA ASN E 21 -10.75 -5.92 49.80
C ASN E 21 -9.57 -6.12 48.84
N PHE E 22 -9.41 -5.21 47.88
CA PHE E 22 -8.21 -5.19 47.03
C PHE E 22 -7.36 -3.94 47.25
N LEU E 23 -6.07 -4.13 47.45
CA LEU E 23 -5.15 -3.01 47.57
C LEU E 23 -4.60 -2.71 46.20
N ASN E 24 -4.56 -1.45 45.83
CA ASN E 24 -4.03 -1.10 44.52
C ASN E 24 -2.88 -0.09 44.55
N CYS E 25 -1.86 -0.36 43.76
CA CYS E 25 -0.90 0.67 43.47
C CYS E 25 -1.05 1.10 42.01
N TYR E 26 -1.64 2.28 41.75
CA TYR E 26 -1.64 2.83 40.40
C TYR E 26 -0.39 3.65 40.12
N VAL E 27 0.49 3.10 39.30
CA VAL E 27 1.70 3.80 38.91
C VAL E 27 1.60 4.16 37.43
N SER E 28 1.89 5.41 37.11
CA SER E 28 1.58 5.96 35.81
C SER E 28 2.38 7.20 35.55
N GLY E 29 2.74 7.41 34.29
CA GLY E 29 3.35 8.66 33.91
C GLY E 29 4.81 8.51 33.60
N PHE E 30 5.28 7.26 33.58
CA PHE E 30 6.70 6.99 33.49
C PHE E 30 7.20 6.63 32.08
N HIS E 31 8.50 6.83 31.87
CA HIS E 31 9.16 6.37 30.67
C HIS E 31 10.63 6.15 30.99
N PRO E 32 11.24 5.06 30.47
CA PRO E 32 10.65 4.00 29.64
C PRO E 32 9.84 2.97 30.41
N SER E 33 9.54 1.87 29.75
CA SER E 33 8.51 0.94 30.21
C SER E 33 8.91 0.15 31.44
N ASP E 34 10.18 -0.26 31.50
CA ASP E 34 10.66 -1.14 32.55
C ASP E 34 10.56 -0.52 33.94
N ILE E 35 9.81 -1.18 34.80
CA ILE E 35 9.51 -0.65 36.12
C ILE E 35 9.26 -1.80 37.13
N GLU E 36 9.81 -1.64 38.32
CA GLU E 36 9.72 -2.64 39.39
C GLU E 36 8.77 -2.14 40.49
N VAL E 37 7.75 -2.94 40.79
CA VAL E 37 6.70 -2.54 41.72
C VAL E 37 6.35 -3.67 42.69
N ASP E 38 6.68 -3.51 43.97
CA ASP E 38 6.21 -4.45 44.97
C ASP E 38 5.15 -3.78 45.81
N LEU E 39 4.26 -4.59 46.35
CA LEU E 39 3.28 -4.14 47.32
C LEU E 39 3.70 -4.70 48.67
N LEU E 40 3.69 -3.85 49.69
CA LEU E 40 4.27 -4.18 50.98
C LEU E 40 3.22 -4.38 52.05
N LYS E 41 3.45 -5.38 52.93
CA LYS E 41 2.67 -5.56 54.15
C LYS E 41 3.61 -5.44 55.34
N ASN E 42 3.52 -4.34 56.07
CA ASN E 42 4.45 -4.02 57.15
C ASN E 42 5.91 -4.00 56.68
N GLY E 43 6.13 -3.79 55.39
CA GLY E 43 7.50 -3.74 54.87
C GLY E 43 7.99 -4.99 54.13
N GLU E 44 7.24 -6.10 54.26
CA GLU E 44 7.57 -7.33 53.53
C GLU E 44 6.77 -7.39 52.24
N ARG E 45 7.43 -7.59 51.11
CA ARG E 45 6.72 -7.68 49.83
C ARG E 45 5.69 -8.82 49.84
N ILE E 46 4.49 -8.53 49.33
CA ILE E 46 3.37 -9.48 49.24
C ILE E 46 3.48 -10.34 47.98
N GLU E 47 3.43 -11.65 48.16
CA GLU E 47 3.77 -12.59 47.07
C GLU E 47 2.90 -12.48 45.82
N LYS E 48 1.65 -12.92 45.92
CA LYS E 48 0.82 -13.02 44.73
C LYS E 48 0.19 -11.67 44.36
N VAL E 49 0.90 -10.90 43.55
CA VAL E 49 0.42 -9.59 43.11
C VAL E 49 0.32 -9.57 41.58
N GLU E 50 -0.91 -9.39 41.08
CA GLU E 50 -1.20 -9.28 39.66
C GLU E 50 -0.98 -7.87 39.16
N HIS E 51 -0.91 -7.71 37.85
CA HIS E 51 -0.91 -6.38 37.28
C HIS E 51 -1.73 -6.24 35.98
N SER E 52 -1.77 -5.03 35.44
CA SER E 52 -2.47 -4.75 34.19
C SER E 52 -1.49 -4.96 33.03
N ASP E 53 -2.03 -5.04 31.81
CA ASP E 53 -1.22 -5.19 30.62
C ASP E 53 -0.69 -3.82 30.28
N LEU E 54 0.48 -3.75 29.68
CA LEU E 54 1.08 -2.44 29.40
C LEU E 54 0.24 -1.55 28.44
N SER E 55 0.19 -0.26 28.78
CA SER E 55 -0.53 0.72 27.99
C SER E 55 0.01 2.10 28.33
N PHE E 56 -0.28 3.07 27.46
CA PHE E 56 0.28 4.41 27.59
C PHE E 56 -0.68 5.56 27.22
N SER E 57 -0.27 6.80 27.50
CA SER E 57 -1.14 7.97 27.32
C SER E 57 -0.85 8.78 26.08
N LYS E 58 -1.55 9.91 25.94
CA LYS E 58 -1.37 10.82 24.81
C LYS E 58 0.03 11.47 24.79
N ASP E 59 0.74 11.46 25.93
CA ASP E 59 2.11 11.99 25.97
C ASP E 59 3.16 10.88 25.86
N TRP E 60 2.67 9.66 25.68
CA TRP E 60 3.46 8.44 25.52
C TRP E 60 3.92 7.78 26.81
N SER E 61 3.60 8.38 27.96
CA SER E 61 4.00 7.76 29.22
C SER E 61 3.17 6.52 29.54
N PHE E 62 3.76 5.58 30.27
CA PHE E 62 3.12 4.31 30.54
C PHE E 62 2.34 4.37 31.84
N TYR E 63 1.31 3.54 31.94
CA TYR E 63 0.60 3.42 33.21
C TYR E 63 0.27 1.97 33.59
N LEU E 64 0.60 1.60 34.83
CA LEU E 64 0.27 0.27 35.32
C LEU E 64 -0.64 0.31 36.55
N LEU E 65 -1.41 -0.76 36.73
CA LEU E 65 -2.13 -1.01 38.00
C LEU E 65 -1.66 -2.33 38.62
N TYR E 66 -0.97 -2.28 39.75
CA TYR E 66 -0.72 -3.53 40.44
C TYR E 66 -1.79 -3.73 41.50
N TYR E 67 -2.20 -4.99 41.70
CA TYR E 67 -3.30 -5.27 42.61
C TYR E 67 -3.17 -6.60 43.32
N THR E 68 -3.77 -6.68 44.51
CA THR E 68 -3.75 -7.90 45.32
C THR E 68 -4.93 -7.91 46.29
N GLU E 69 -5.47 -9.09 46.54
CA GLU E 69 -6.51 -9.27 47.53
C GLU E 69 -5.90 -9.05 48.90
N PHE E 70 -6.57 -8.28 49.75
CA PHE E 70 -6.11 -8.10 51.12
C PHE E 70 -7.24 -7.88 52.11
N THR E 71 -6.89 -7.82 53.39
CA THR E 71 -7.88 -7.63 54.43
C THR E 71 -7.32 -6.74 55.52
N PRO E 72 -7.77 -5.48 55.52
CA PRO E 72 -7.26 -4.40 56.37
C PRO E 72 -7.57 -4.64 57.84
N THR E 73 -6.55 -4.49 58.66
CA THR E 73 -6.73 -4.52 60.09
C THR E 73 -6.16 -3.20 60.56
N GLU E 74 -6.52 -2.82 61.78
CA GLU E 74 -6.00 -1.62 62.40
C GLU E 74 -4.49 -1.72 62.48
N LYS E 75 -4.03 -2.93 62.80
CA LYS E 75 -2.65 -3.18 63.17
C LYS E 75 -1.74 -3.10 61.97
N ASP E 76 -2.16 -3.68 60.86
CA ASP E 76 -1.30 -3.76 59.68
C ASP E 76 -1.11 -2.40 58.99
N GLU E 77 0.02 -2.24 58.32
CA GLU E 77 0.23 -1.08 57.47
C GLU E 77 0.78 -1.50 56.11
N TYR E 78 0.12 -1.01 55.06
CA TYR E 78 0.42 -1.44 53.71
C TYR E 78 1.04 -0.36 52.83
N ALA E 79 1.87 -0.78 51.89
CA ALA E 79 2.47 0.20 51.01
C ALA E 79 2.79 -0.39 49.63
N CYS E 80 3.55 0.38 48.84
CA CYS E 80 3.86 0.04 47.46
C CYS E 80 5.25 0.57 47.16
N ARG E 81 6.18 -0.32 46.87
CA ARG E 81 7.55 0.11 46.58
C ARG E 81 7.81 0.14 45.08
N VAL E 82 8.13 1.33 44.58
CA VAL E 82 8.26 1.58 43.14
C VAL E 82 9.69 1.98 42.79
N ASN E 83 10.29 1.23 41.87
CA ASN E 83 11.65 1.48 41.42
C ASN E 83 11.71 1.58 39.89
N HIS E 84 12.51 2.52 39.39
CA HIS E 84 12.49 2.88 37.99
C HIS E 84 13.78 3.61 37.74
N VAL E 85 14.29 3.49 36.52
CA VAL E 85 15.58 4.06 36.15
C VAL E 85 15.73 5.55 36.46
N THR E 86 14.64 6.32 36.44
CA THR E 86 14.70 7.75 36.77
C THR E 86 14.94 8.04 38.27
N LEU E 87 14.48 7.11 39.10
CA LEU E 87 14.57 7.21 40.56
C LEU E 87 15.95 6.82 41.11
N SER E 88 16.51 7.66 41.98
CA SER E 88 17.82 7.38 42.57
C SER E 88 17.74 6.43 43.78
N GLN E 89 16.53 6.07 44.18
CA GLN E 89 16.31 5.18 45.32
C GLN E 89 14.85 4.68 45.28
N PRO E 90 14.58 3.45 45.74
CA PRO E 90 13.18 3.01 45.61
C PRO E 90 12.20 3.91 46.36
N LYS E 91 11.19 4.39 45.65
CA LYS E 91 10.15 5.22 46.24
C LYS E 91 9.09 4.36 46.94
N ILE E 92 8.87 4.60 48.24
CA ILE E 92 7.89 3.86 49.01
C ILE E 92 6.72 4.75 49.38
N VAL E 93 5.51 4.32 49.05
CA VAL E 93 4.32 5.08 49.40
C VAL E 93 3.41 4.25 50.27
N LYS E 94 3.13 4.78 51.46
CA LYS E 94 2.30 4.12 52.45
C LYS E 94 0.83 4.29 52.05
N TRP E 95 0.00 3.32 52.40
CA TRP E 95 -1.42 3.43 52.12
C TRP E 95 -2.20 4.19 53.21
N ASP E 96 -2.89 5.25 52.81
CA ASP E 96 -3.80 5.95 53.72
C ASP E 96 -5.25 5.61 53.36
N ARG E 97 -5.95 5.04 54.31
CA ARG E 97 -7.32 4.60 54.11
C ARG E 97 -8.17 5.81 53.75
N ASP E 98 -7.75 6.99 54.17
CA ASP E 98 -8.52 8.18 53.86
C ASP E 98 -8.41 8.61 52.41
N MET E 99 -7.52 7.93 51.67
CA MET E 99 -7.06 8.38 50.37
C MET E 99 -7.10 7.30 49.31
N LYS F 1 -10.62 -4.91 15.20
CA LYS F 1 -9.77 -5.73 14.35
C LYS F 1 -8.41 -5.07 14.28
N LEU F 2 -7.34 -5.83 14.44
CA LEU F 2 -6.00 -5.28 14.30
C LEU F 2 -5.75 -4.83 12.87
N PHE F 3 -4.97 -3.77 12.70
CA PHE F 3 -4.45 -3.41 11.40
C PHE F 3 -3.38 -4.42 11.05
N SER F 4 -3.16 -4.66 9.75
CA SER F 4 -2.11 -5.57 9.27
C SER F 4 -1.59 -5.18 7.90
N GLY F 5 -0.41 -5.65 7.55
CA GLY F 5 0.18 -5.29 6.28
C GLY F 5 1.02 -4.04 6.41
N GLU F 6 1.40 -3.74 7.64
CA GLU F 6 2.21 -2.56 7.95
C GLU F 6 3.46 -2.59 7.10
N LEU F 7 3.87 -1.43 6.62
CA LEU F 7 5.08 -1.33 5.83
C LEU F 7 6.19 -0.99 6.80
N THR F 8 7.38 -1.53 6.56
CA THR F 8 8.56 -1.26 7.39
C THR F 8 8.87 0.24 7.51
N LYS F 9 9.40 0.65 8.66
CA LYS F 9 9.58 2.08 9.03
C LYS F 9 11.03 2.56 8.92
N GLY G 1 -14.82 -30.55 -1.27
CA GLY G 1 -13.55 -30.37 -1.95
C GLY G 1 -13.00 -28.97 -1.69
N SER G 2 -11.72 -28.77 -2.04
CA SER G 2 -10.99 -27.53 -1.74
C SER G 2 -12.00 -26.37 -1.77
N HIS G 3 -12.18 -25.73 -0.61
CA HIS G 3 -13.11 -24.62 -0.43
C HIS G 3 -12.47 -23.33 -0.94
N SER G 4 -13.31 -22.34 -1.23
CA SER G 4 -12.85 -21.15 -1.95
C SER G 4 -13.77 -19.95 -1.79
N LEU G 5 -13.18 -18.77 -1.77
CA LEU G 5 -13.94 -17.53 -1.78
C LEU G 5 -13.35 -16.68 -2.90
N ARG G 6 -14.14 -16.46 -3.94
CA ARG G 6 -13.67 -15.71 -5.09
C ARG G 6 -14.67 -14.61 -5.36
N TYR G 7 -14.26 -13.61 -6.12
CA TYR G 7 -15.13 -12.47 -6.37
C TYR G 7 -14.99 -12.13 -7.83
N PHE G 8 -16.00 -11.52 -8.42
CA PHE G 8 -15.92 -11.25 -9.83
C PHE G 8 -16.38 -9.83 -10.14
N TYR G 9 -15.50 -9.06 -10.76
CA TYR G 9 -15.91 -7.73 -11.17
C TYR G 9 -16.01 -7.67 -12.68
N THR G 10 -17.01 -6.91 -13.15
CA THR G 10 -17.14 -6.56 -14.54
C THR G 10 -17.48 -5.06 -14.66
N SER G 11 -16.58 -4.34 -15.33
CA SER G 11 -16.72 -2.91 -15.59
C SER G 11 -16.84 -2.70 -17.09
N VAL G 12 -17.86 -1.96 -17.54
CA VAL G 12 -18.19 -1.80 -18.97
C VAL G 12 -18.58 -0.36 -19.34
N SER G 13 -17.72 0.32 -20.08
CA SER G 13 -17.98 1.73 -20.40
C SER G 13 -19.02 1.90 -21.52
N ARG G 14 -20.08 2.64 -21.23
CA ARG G 14 -21.18 2.82 -22.17
C ARG G 14 -21.26 4.26 -22.62
N PRO G 15 -20.40 4.65 -23.56
CA PRO G 15 -20.51 6.04 -24.00
C PRO G 15 -21.67 6.20 -24.97
N GLY G 16 -22.25 7.41 -25.02
CA GLY G 16 -21.88 8.46 -24.10
C GLY G 16 -22.96 8.58 -23.05
N ARG G 17 -23.78 7.52 -22.97
CA ARG G 17 -24.91 7.39 -22.05
C ARG G 17 -24.41 7.31 -20.61
N GLY G 18 -24.02 8.46 -20.05
CA GLY G 18 -23.63 8.55 -18.65
C GLY G 18 -22.53 7.63 -18.12
N ASP G 19 -22.89 6.79 -17.16
CA ASP G 19 -21.92 6.09 -16.31
C ASP G 19 -21.61 4.64 -16.73
N PRO G 20 -20.38 4.18 -16.46
CA PRO G 20 -20.06 2.78 -16.74
C PRO G 20 -20.83 1.86 -15.82
N ARG G 21 -21.18 0.70 -16.35
CA ARG G 21 -21.80 -0.34 -15.56
C ARG G 21 -20.72 -1.08 -14.71
N PHE G 22 -21.05 -1.34 -13.44
CA PHE G 22 -20.18 -2.10 -12.57
C PHE G 22 -20.93 -3.22 -11.91
N ILE G 23 -20.52 -4.46 -12.17
CA ILE G 23 -21.10 -5.58 -11.45
C ILE G 23 -20.03 -6.33 -10.69
N ALA G 24 -20.29 -6.53 -9.40
CA ALA G 24 -19.50 -7.43 -8.56
C ALA G 24 -20.40 -8.58 -8.06
N VAL G 25 -19.88 -9.81 -8.05
CA VAL G 25 -20.56 -10.92 -7.38
C VAL G 25 -19.57 -11.76 -6.57
N GLY G 26 -20.06 -12.35 -5.48
CA GLY G 26 -19.21 -13.20 -4.67
C GLY G 26 -19.69 -14.63 -4.67
N TYR G 27 -18.74 -15.55 -4.52
CA TYR G 27 -19.03 -16.97 -4.54
C TYR G 27 -18.28 -17.70 -3.43
N VAL G 28 -19.01 -18.45 -2.61
CA VAL G 28 -18.38 -19.48 -1.80
C VAL G 28 -18.60 -20.79 -2.53
N ASP G 29 -17.49 -21.41 -2.93
CA ASP G 29 -17.54 -22.64 -3.70
C ASP G 29 -18.33 -22.44 -5.01
N ASP G 30 -19.35 -23.25 -5.24
CA ASP G 30 -20.14 -23.14 -6.47
C ASP G 30 -21.46 -22.38 -6.20
N THR G 31 -21.51 -21.76 -5.03
CA THR G 31 -22.69 -21.05 -4.53
C THR G 31 -22.43 -19.56 -4.37
N GLN G 32 -23.33 -18.75 -4.92
CA GLN G 32 -23.20 -17.29 -4.89
C GLN G 32 -23.90 -16.64 -3.67
N PHE G 33 -23.32 -15.58 -3.10
CA PHE G 33 -23.94 -14.98 -1.91
C PHE G 33 -24.16 -13.44 -1.88
N VAL G 34 -23.47 -12.70 -2.75
CA VAL G 34 -23.65 -11.27 -2.81
C VAL G 34 -23.61 -10.81 -4.25
N ARG G 35 -24.34 -9.73 -4.55
CA ARG G 35 -24.18 -9.05 -5.84
C ARG G 35 -24.25 -7.53 -5.70
N PHE G 36 -23.58 -6.81 -6.59
CA PHE G 36 -23.79 -5.37 -6.72
C PHE G 36 -23.87 -4.91 -8.17
N ASP G 37 -25.02 -4.35 -8.56
CA ASP G 37 -25.22 -3.78 -9.90
C ASP G 37 -25.42 -2.28 -9.79
N SER G 38 -24.61 -1.51 -10.50
CA SER G 38 -24.64 -0.06 -10.38
C SER G 38 -25.86 0.55 -11.05
N ASP G 39 -26.70 -0.29 -11.64
CA ASP G 39 -27.97 0.16 -12.22
C ASP G 39 -29.16 -0.23 -11.33
N ALA G 40 -28.96 -1.25 -10.50
CA ALA G 40 -29.98 -1.71 -9.60
C ALA G 40 -30.49 -0.50 -8.86
N ALA G 41 -31.80 -0.29 -8.93
CA ALA G 41 -32.37 0.96 -8.42
C ALA G 41 -32.42 1.06 -6.90
N THR G 42 -31.49 0.35 -6.23
CA THR G 42 -31.47 0.24 -4.78
C THR G 42 -30.15 0.73 -4.17
N GLY G 43 -29.08 0.75 -4.98
CA GLY G 43 -27.82 1.33 -4.56
C GLY G 43 -27.09 0.55 -3.48
N ARG G 44 -27.43 -0.73 -3.34
CA ARG G 44 -26.88 -1.57 -2.28
C ARG G 44 -26.35 -2.92 -2.76
N THR G 45 -25.22 -3.31 -2.18
CA THR G 45 -24.75 -4.68 -2.20
C THR G 45 -25.78 -5.53 -1.48
N GLU G 46 -26.30 -6.56 -2.17
CA GLU G 46 -27.39 -7.38 -1.65
C GLU G 46 -26.92 -8.82 -1.36
N PRO G 47 -27.69 -9.58 -0.55
CA PRO G 47 -27.48 -11.02 -0.38
C PRO G 47 -28.10 -11.87 -1.49
N ARG G 48 -27.43 -12.96 -1.83
CA ARG G 48 -27.93 -13.87 -2.85
C ARG G 48 -28.26 -15.27 -2.28
N ALA G 49 -27.71 -15.58 -1.10
CA ALA G 49 -27.99 -16.83 -0.39
C ALA G 49 -28.68 -16.57 0.94
N PRO G 50 -29.55 -17.48 1.39
CA PRO G 50 -30.29 -17.26 2.64
C PRO G 50 -29.39 -17.29 3.89
N TRP G 51 -28.16 -17.79 3.76
CA TRP G 51 -27.31 -17.91 4.94
C TRP G 51 -26.38 -16.72 5.21
N VAL G 52 -26.50 -15.66 4.44
CA VAL G 52 -25.74 -14.44 4.76
C VAL G 52 -26.68 -13.33 5.22
N GLU G 53 -27.97 -13.51 5.00
CA GLU G 53 -28.95 -12.52 5.44
C GLU G 53 -28.92 -12.34 6.96
N GLN G 54 -28.51 -13.40 7.66
CA GLN G 54 -28.36 -13.34 9.11
C GLN G 54 -27.26 -12.36 9.54
N GLU G 55 -26.45 -11.90 8.58
CA GLU G 55 -25.37 -10.98 8.92
C GLU G 55 -25.90 -9.62 9.33
N GLY G 56 -25.16 -8.97 10.24
CA GLY G 56 -25.57 -7.71 10.82
C GLY G 56 -25.77 -6.61 9.79
N PRO G 57 -26.34 -5.47 10.23
CA PRO G 57 -26.60 -4.37 9.31
C PRO G 57 -25.30 -3.71 8.89
N GLU G 58 -24.25 -3.93 9.67
CA GLU G 58 -22.97 -3.24 9.46
C GLU G 58 -22.18 -3.84 8.31
N TYR G 59 -22.36 -5.14 8.10
CA TYR G 59 -21.82 -5.86 6.96
C TYR G 59 -22.30 -5.20 5.67
N TRP G 60 -23.63 -5.18 5.51
CA TRP G 60 -24.30 -4.63 4.35
C TRP G 60 -24.10 -3.13 4.20
N ASP G 61 -23.50 -2.49 5.20
CA ASP G 61 -23.19 -1.07 5.11
C ASP G 61 -21.74 -0.88 4.69
N GLY G 62 -20.86 -1.63 5.33
CA GLY G 62 -19.47 -1.69 4.94
C GLY G 62 -19.42 -2.14 3.50
N GLU G 63 -19.94 -3.34 3.24
CA GLU G 63 -19.88 -3.93 1.89
C GLU G 63 -20.47 -3.04 0.80
N THR G 64 -21.37 -2.14 1.15
CA THR G 64 -21.93 -1.21 0.17
C THR G 64 -21.01 0.00 -0.02
N ARG G 65 -20.54 0.55 1.10
CA ARG G 65 -19.58 1.64 1.09
C ARG G 65 -18.37 1.24 0.26
N LYS G 66 -17.71 0.17 0.71
CA LYS G 66 -16.59 -0.45 0.02
C LYS G 66 -16.78 -0.50 -1.49
N VAL G 67 -17.89 -1.09 -1.94
CA VAL G 67 -18.06 -1.44 -3.35
C VAL G 67 -18.30 -0.27 -4.29
N LYS G 68 -18.89 0.80 -3.79
CA LYS G 68 -19.12 1.99 -4.61
C LYS G 68 -17.78 2.69 -4.87
N GLU G 69 -16.92 2.69 -3.86
CA GLU G 69 -15.55 3.18 -3.97
C GLU G 69 -14.83 2.43 -5.07
N THR G 70 -15.15 1.15 -5.25
CA THR G 70 -14.46 0.33 -6.25
C THR G 70 -14.96 0.65 -7.64
N ALA G 71 -16.27 0.65 -7.83
CA ALA G 71 -16.86 1.18 -9.06
C ALA G 71 -16.20 2.47 -9.58
N GLN G 72 -15.95 3.44 -8.70
CA GLN G 72 -15.31 4.69 -9.12
C GLN G 72 -13.87 4.48 -9.61
N VAL G 73 -13.07 3.77 -8.81
CA VAL G 73 -11.77 3.25 -9.22
C VAL G 73 -11.82 2.51 -10.56
N TYR G 74 -12.88 1.73 -10.79
CA TYR G 74 -12.98 1.06 -12.09
C TYR G 74 -13.39 2.01 -13.23
N ARG G 75 -14.23 3.01 -12.93
CA ARG G 75 -14.57 4.05 -13.92
C ARG G 75 -13.32 4.78 -14.38
N VAL G 76 -12.48 5.19 -13.42
CA VAL G 76 -11.25 5.88 -13.80
C VAL G 76 -10.31 4.97 -14.61
N ASP G 77 -10.37 3.67 -14.36
CA ASP G 77 -9.52 2.74 -15.11
C ASP G 77 -9.82 2.73 -16.63
N LEU G 78 -11.10 2.60 -16.99
CA LEU G 78 -11.52 2.59 -18.41
C LEU G 78 -10.93 3.74 -19.22
N ASP G 79 -11.00 4.95 -18.67
CA ASP G 79 -10.32 6.07 -19.30
C ASP G 79 -8.79 5.93 -19.35
N THR G 80 -8.19 5.58 -18.22
CA THR G 80 -6.78 5.27 -18.20
C THR G 80 -6.37 4.20 -19.23
N LEU G 81 -7.12 3.09 -19.27
CA LEU G 81 -6.78 1.98 -20.16
C LEU G 81 -7.05 2.37 -21.61
N ARG G 82 -8.18 3.05 -21.83
CA ARG G 82 -8.52 3.62 -23.13
C ARG G 82 -7.43 4.59 -23.55
N GLY G 83 -6.90 5.33 -22.56
CA GLY G 83 -5.77 6.21 -22.75
C GLY G 83 -4.51 5.48 -23.18
N TYR G 84 -4.02 4.55 -22.34
CA TYR G 84 -2.84 3.74 -22.70
C TYR G 84 -3.02 3.20 -24.12
N TYR G 85 -4.11 2.49 -24.35
CA TYR G 85 -4.31 1.80 -25.63
C TYR G 85 -4.61 2.67 -26.87
N ASN G 86 -4.71 3.99 -26.71
CA ASN G 86 -4.99 4.91 -27.81
C ASN G 86 -6.37 4.74 -28.45
N GLN G 87 -7.31 4.19 -27.69
CA GLN G 87 -8.70 4.07 -28.12
C GLN G 87 -9.50 5.33 -27.82
N SER G 88 -10.59 5.51 -28.56
CA SER G 88 -11.38 6.74 -28.58
C SER G 88 -12.57 6.72 -27.63
N GLU G 89 -13.24 7.87 -27.51
CA GLU G 89 -14.40 8.02 -26.62
C GLU G 89 -15.61 7.23 -27.06
N ALA G 90 -15.64 6.83 -28.33
CA ALA G 90 -16.84 6.18 -28.85
C ALA G 90 -16.79 4.67 -28.64
N GLY G 91 -15.62 4.15 -28.29
CA GLY G 91 -15.51 2.74 -27.93
C GLY G 91 -16.24 2.35 -26.65
N SER G 92 -16.91 1.20 -26.70
CA SER G 92 -17.39 0.55 -25.48
C SER G 92 -16.44 -0.61 -25.10
N HIS G 93 -15.82 -0.55 -23.91
CA HIS G 93 -14.80 -1.53 -23.49
C HIS G 93 -15.06 -2.17 -22.15
N THR G 94 -14.30 -3.23 -21.86
CA THR G 94 -14.53 -4.06 -20.68
C THR G 94 -13.30 -4.31 -19.82
N ILE G 95 -13.49 -4.20 -18.51
CA ILE G 95 -12.49 -4.57 -17.52
C ILE G 95 -13.12 -5.64 -16.64
N GLN G 96 -12.35 -6.68 -16.35
CA GLN G 96 -12.78 -7.71 -15.41
C GLN G 96 -11.73 -8.01 -14.36
N THR G 97 -12.16 -8.13 -13.12
CA THR G 97 -11.27 -8.60 -12.08
C THR G 97 -11.82 -9.90 -11.47
N MET G 98 -10.90 -10.78 -11.10
CA MET G 98 -11.22 -11.99 -10.39
C MET G 98 -10.10 -12.21 -9.40
N TYR G 99 -10.47 -12.30 -8.13
CA TYR G 99 -9.49 -12.51 -7.10
C TYR G 99 -10.15 -13.42 -6.07
N GLY G 100 -9.35 -14.19 -5.37
CA GLY G 100 -9.94 -15.08 -4.40
C GLY G 100 -8.91 -15.89 -3.66
N CYS G 101 -9.41 -16.68 -2.71
CA CYS G 101 -8.56 -17.51 -1.88
C CYS G 101 -9.05 -18.95 -1.86
N ASP G 102 -8.11 -19.89 -1.97
CA ASP G 102 -8.44 -21.28 -1.74
C ASP G 102 -7.98 -21.71 -0.34
N LEU G 103 -8.91 -22.24 0.46
CA LEU G 103 -8.64 -22.61 1.85
C LEU G 103 -7.98 -23.98 2.00
N GLY G 104 -6.97 -24.05 2.85
CA GLY G 104 -6.34 -25.31 3.18
C GLY G 104 -6.22 -25.43 4.68
N PRO G 105 -6.44 -26.63 5.23
CA PRO G 105 -6.41 -26.83 6.68
C PRO G 105 -5.07 -26.36 7.28
N GLY G 106 -5.05 -26.02 8.56
CA GLY G 106 -6.23 -26.03 9.41
C GLY G 106 -6.88 -24.66 9.40
N GLY G 107 -6.09 -23.65 9.07
CA GLY G 107 -6.57 -22.29 8.92
C GLY G 107 -5.69 -21.47 8.00
N ARG G 108 -4.80 -22.14 7.29
CA ARG G 108 -3.82 -21.47 6.44
C ARG G 108 -4.29 -21.28 4.99
N LEU G 109 -4.03 -20.10 4.43
CA LEU G 109 -4.24 -19.88 3.00
C LEU G 109 -3.43 -20.88 2.20
N LEU G 110 -4.10 -21.75 1.46
CA LEU G 110 -3.39 -22.65 0.55
C LEU G 110 -2.97 -21.91 -0.72
N ARG G 111 -3.81 -21.01 -1.22
CA ARG G 111 -3.56 -20.40 -2.52
C ARG G 111 -4.37 -19.15 -2.69
N GLY G 112 -3.73 -18.08 -3.17
CA GLY G 112 -4.42 -16.83 -3.45
C GLY G 112 -4.11 -16.35 -4.86
N TYR G 113 -5.07 -15.62 -5.46
CA TYR G 113 -4.94 -15.21 -6.86
C TYR G 113 -5.73 -13.94 -7.12
N ARG G 114 -5.25 -13.15 -8.07
CA ARG G 114 -5.90 -11.90 -8.41
C ARG G 114 -5.46 -11.54 -9.81
N GLN G 115 -6.42 -11.34 -10.70
CA GLN G 115 -6.14 -11.19 -12.12
C GLN G 115 -7.13 -10.26 -12.80
N ASP G 116 -6.64 -9.33 -13.60
CA ASP G 116 -7.56 -8.49 -14.38
C ASP G 116 -7.52 -8.85 -15.84
N ALA G 117 -8.47 -8.31 -16.59
CA ALA G 117 -8.53 -8.47 -18.03
C ALA G 117 -9.15 -7.22 -18.64
N TYR G 118 -8.62 -6.79 -19.78
CA TYR G 118 -9.20 -5.69 -20.55
C TYR G 118 -9.63 -6.14 -21.93
N ASP G 119 -10.90 -6.00 -22.27
CA ASP G 119 -11.38 -6.33 -23.62
C ASP G 119 -11.31 -7.84 -23.95
N GLY G 120 -11.48 -8.68 -22.94
CA GLY G 120 -11.51 -10.13 -23.16
C GLY G 120 -10.20 -10.87 -22.91
N ALA G 121 -9.07 -10.17 -22.98
CA ALA G 121 -7.77 -10.81 -22.84
C ALA G 121 -7.16 -10.55 -21.48
N ASP G 122 -6.17 -11.36 -21.10
CA ASP G 122 -5.36 -11.09 -19.93
C ASP G 122 -4.82 -9.66 -19.99
N TYR G 123 -4.59 -9.07 -18.81
CA TYR G 123 -3.99 -7.75 -18.69
C TYR G 123 -2.92 -7.81 -17.61
N ILE G 124 -3.34 -8.00 -16.36
CA ILE G 124 -2.40 -8.02 -15.26
C ILE G 124 -2.78 -9.15 -14.29
N ALA G 125 -1.77 -9.77 -13.69
CA ALA G 125 -1.96 -10.88 -12.75
C ALA G 125 -1.03 -10.84 -11.55
N LEU G 126 -1.53 -11.21 -10.37
CA LEU G 126 -0.66 -11.43 -9.22
C LEU G 126 -0.06 -12.81 -9.33
N ASN G 127 1.27 -12.90 -9.31
CA ASN G 127 1.92 -14.22 -9.40
C ASN G 127 1.63 -15.07 -8.17
N GLU G 128 1.90 -16.37 -8.27
CA GLU G 128 1.60 -17.28 -7.16
C GLU G 128 2.42 -17.00 -5.91
N ASP G 129 3.54 -16.31 -6.06
CA ASP G 129 4.35 -15.96 -4.90
C ASP G 129 3.81 -14.77 -4.08
N LEU G 130 2.65 -14.26 -4.47
CA LEU G 130 1.96 -13.17 -3.76
C LEU G 130 2.78 -11.86 -3.62
N ARG G 131 3.71 -11.63 -4.55
CA ARG G 131 4.54 -10.42 -4.51
C ARG G 131 5.18 -10.03 -5.86
N SER G 132 4.50 -10.33 -6.95
CA SER G 132 4.99 -9.97 -8.27
C SER G 132 3.90 -10.13 -9.33
N TRP G 133 4.14 -9.54 -10.49
CA TRP G 133 3.08 -9.28 -11.44
C TRP G 133 3.42 -9.74 -12.83
N THR G 134 2.63 -10.66 -13.36
CA THR G 134 2.75 -11.00 -14.77
C THR G 134 2.00 -9.93 -15.56
N ALA G 135 2.75 -9.23 -16.41
CA ALA G 135 2.21 -8.20 -17.29
C ALA G 135 2.15 -8.73 -18.73
N ALA G 136 0.94 -8.79 -19.30
CA ALA G 136 0.71 -9.43 -20.60
C ALA G 136 0.92 -8.59 -21.87
N ASP G 137 1.02 -7.26 -21.74
CA ASP G 137 1.30 -6.39 -22.87
C ASP G 137 1.89 -5.08 -22.34
N THR G 138 2.52 -4.28 -23.20
CA THR G 138 3.18 -3.04 -22.77
C THR G 138 2.31 -2.19 -21.83
N ALA G 139 1.03 -2.08 -22.15
CA ALA G 139 0.08 -1.31 -21.32
C ALA G 139 0.03 -1.76 -19.87
N ALA G 140 0.24 -3.04 -19.64
CA ALA G 140 0.18 -3.58 -18.30
C ALA G 140 1.56 -3.52 -17.66
N GLN G 141 2.55 -3.09 -18.42
CA GLN G 141 3.85 -2.85 -17.81
C GLN G 141 3.88 -1.46 -17.11
N ILE G 142 3.15 -0.50 -17.67
CA ILE G 142 3.02 0.82 -17.08
C ILE G 142 2.39 0.68 -15.70
N THR G 143 1.25 0.00 -15.68
CA THR G 143 0.55 -0.28 -14.43
C THR G 143 1.43 -1.03 -13.44
N ARG G 144 2.21 -2.00 -13.93
CA ARG G 144 3.05 -2.81 -13.07
C ARG G 144 4.14 -2.02 -12.32
N ARG G 145 4.69 -0.97 -12.93
CA ARG G 145 5.65 -0.11 -12.24
C ARG G 145 4.94 0.62 -11.12
N LYS G 146 3.85 1.29 -11.49
CA LYS G 146 2.97 1.98 -10.57
C LYS G 146 2.54 1.15 -9.35
N TRP G 147 2.33 -0.16 -9.52
CA TRP G 147 1.88 -0.99 -8.39
C TRP G 147 3.03 -1.52 -7.54
N GLU G 148 4.25 -1.33 -8.01
CA GLU G 148 5.41 -1.77 -7.25
C GLU G 148 5.91 -0.64 -6.37
N ALA G 149 5.83 0.57 -6.90
CA ALA G 149 6.16 1.76 -6.12
C ALA G 149 5.36 1.80 -4.84
N ALA G 150 4.19 1.16 -4.85
CA ALA G 150 3.32 1.11 -3.67
C ALA G 150 3.29 -0.27 -3.00
N GLY G 151 4.13 -1.19 -3.48
CA GLY G 151 4.20 -2.54 -2.95
C GLY G 151 2.87 -3.25 -2.86
N VAL G 152 1.93 -2.87 -3.72
CA VAL G 152 0.56 -3.38 -3.73
C VAL G 152 0.45 -4.88 -3.48
N ALA G 153 1.23 -5.65 -4.23
CA ALA G 153 1.24 -7.11 -4.10
C ALA G 153 1.36 -7.56 -2.64
N GLU G 154 2.50 -7.24 -2.02
CA GLU G 154 2.87 -7.75 -0.70
C GLU G 154 2.22 -7.02 0.46
N LEU G 155 1.97 -5.72 0.29
CA LEU G 155 1.34 -4.95 1.35
C LEU G 155 -0.18 -5.07 1.33
N GLN G 156 -0.81 -4.58 0.27
CA GLN G 156 -2.26 -4.64 0.19
C GLN G 156 -2.79 -6.06 -0.03
N TRP G 157 -2.38 -6.68 -1.14
CA TRP G 157 -2.96 -7.95 -1.59
C TRP G 157 -2.54 -9.22 -0.86
N ARG G 158 -1.25 -9.41 -0.68
CA ARG G 158 -0.73 -10.57 0.08
C ARG G 158 -1.29 -10.60 1.50
N ASN G 159 -1.49 -9.43 2.06
CA ASN G 159 -2.08 -9.30 3.38
C ASN G 159 -3.58 -9.61 3.37
N TYR G 160 -4.29 -9.23 2.30
CA TYR G 160 -5.73 -9.48 2.19
C TYR G 160 -6.07 -10.97 2.00
N LEU G 161 -5.46 -11.58 1.00
CA LEU G 161 -5.56 -13.03 0.77
C LEU G 161 -5.21 -13.91 2.01
N GLU G 162 -4.15 -13.57 2.75
CA GLU G 162 -3.69 -14.37 3.89
C GLU G 162 -4.46 -14.19 5.21
N THR G 163 -5.33 -13.19 5.30
CA THR G 163 -6.04 -12.95 6.56
C THR G 163 -7.51 -12.68 6.35
N THR G 164 -7.81 -11.50 5.84
CA THR G 164 -9.20 -11.11 5.69
C THR G 164 -9.96 -12.09 4.79
N CYS G 165 -9.33 -12.55 3.72
CA CYS G 165 -9.98 -13.48 2.81
C CYS G 165 -10.23 -14.86 3.43
N VAL G 166 -9.18 -15.43 4.02
CA VAL G 166 -9.22 -16.73 4.71
C VAL G 166 -10.15 -16.74 5.92
N GLU G 167 -10.09 -15.69 6.72
CA GLU G 167 -10.92 -15.61 7.91
C GLU G 167 -12.40 -15.59 7.55
N TRP G 168 -12.76 -14.77 6.56
CA TRP G 168 -14.16 -14.61 6.21
C TRP G 168 -14.74 -15.79 5.44
N LEU G 169 -13.88 -16.62 4.85
CA LEU G 169 -14.35 -17.79 4.11
C LEU G 169 -14.79 -18.84 5.13
N GLN G 170 -14.01 -18.95 6.21
CA GLN G 170 -14.39 -19.84 7.30
C GLN G 170 -15.67 -19.36 7.95
N ARG G 171 -15.83 -18.04 8.04
CA ARG G 171 -17.05 -17.48 8.63
C ARG G 171 -18.26 -17.84 7.80
N TYR G 172 -18.10 -17.81 6.49
CA TYR G 172 -19.19 -18.18 5.59
C TYR G 172 -19.41 -19.68 5.69
N LEU G 173 -18.31 -20.43 5.66
CA LEU G 173 -18.40 -21.90 5.71
C LEU G 173 -19.19 -22.38 6.92
N GLU G 174 -19.12 -21.62 8.00
CA GLU G 174 -19.90 -21.93 9.20
C GLU G 174 -21.37 -21.48 9.09
N MET G 175 -21.61 -20.18 8.88
CA MET G 175 -22.99 -19.68 8.79
C MET G 175 -23.79 -20.34 7.66
N GLY G 176 -23.07 -20.89 6.68
CA GLY G 176 -23.71 -21.57 5.58
C GLY G 176 -23.50 -23.07 5.64
N LYS G 177 -23.08 -23.59 6.81
CA LYS G 177 -22.67 -24.99 6.88
C LYS G 177 -23.79 -25.98 6.56
N GLU G 178 -25.03 -25.57 6.82
CA GLU G 178 -26.21 -26.38 6.49
C GLU G 178 -26.26 -26.72 5.01
N THR G 179 -25.64 -25.89 4.17
CA THR G 179 -25.71 -26.05 2.72
C THR G 179 -24.35 -26.30 2.08
N LEU G 180 -23.47 -25.29 2.11
CA LEU G 180 -22.14 -25.33 1.50
C LEU G 180 -21.29 -26.55 1.85
N LEU G 181 -21.67 -27.24 2.93
CA LEU G 181 -20.98 -28.44 3.39
C LEU G 181 -21.84 -29.68 3.22
N ARG G 182 -23.08 -29.49 2.78
CA ARG G 182 -23.93 -30.62 2.46
C ARG G 182 -23.35 -31.32 1.24
N ALA G 183 -23.63 -32.60 1.11
CA ALA G 183 -23.28 -33.33 -0.10
C ALA G 183 -24.55 -33.82 -0.76
N GLU G 184 -24.96 -33.20 -1.85
CA GLU G 184 -26.05 -33.75 -2.64
C GLU G 184 -25.54 -34.54 -3.84
N PRO G 185 -25.64 -35.87 -3.77
CA PRO G 185 -25.28 -36.74 -4.88
C PRO G 185 -26.14 -36.53 -6.13
N PRO G 186 -25.59 -36.87 -7.31
CA PRO G 186 -26.34 -36.81 -8.56
C PRO G 186 -27.44 -37.85 -8.56
N SER G 187 -28.59 -37.51 -9.14
CA SER G 187 -29.52 -38.56 -9.51
C SER G 187 -29.10 -38.99 -10.91
N THR G 188 -28.58 -40.22 -11.00
CA THR G 188 -28.08 -40.73 -12.27
C THR G 188 -29.09 -41.66 -12.92
N ARG G 189 -29.07 -41.69 -14.25
CA ARG G 189 -29.96 -42.57 -15.02
C ARG G 189 -29.56 -42.58 -16.49
N VAL G 190 -30.03 -43.58 -17.23
CA VAL G 190 -29.78 -43.69 -18.66
C VAL G 190 -31.09 -43.70 -19.41
N THR G 191 -31.01 -43.34 -20.68
CA THR G 191 -32.15 -43.38 -21.58
C THR G 191 -31.55 -43.74 -22.94
N ARG G 192 -32.35 -44.34 -23.81
CA ARG G 192 -31.88 -44.59 -25.16
C ARG G 192 -32.78 -43.86 -26.15
N HIS G 193 -32.18 -43.41 -27.24
CA HIS G 193 -32.86 -42.58 -28.20
C HIS G 193 -32.42 -43.07 -29.60
N PRO G 194 -33.12 -44.08 -30.16
CA PRO G 194 -32.74 -44.69 -31.44
C PRO G 194 -32.60 -43.75 -32.65
N ILE G 195 -31.76 -44.16 -33.61
CA ILE G 195 -31.53 -43.40 -34.84
C ILE G 195 -31.79 -44.24 -36.10
N SER G 196 -31.77 -45.56 -35.93
CA SER G 196 -32.19 -46.56 -36.93
C SER G 196 -31.86 -47.96 -36.37
N ASP G 197 -32.00 -49.00 -37.20
CA ASP G 197 -31.55 -50.34 -36.81
C ASP G 197 -30.03 -50.37 -36.80
N HIS G 198 -29.43 -49.38 -37.46
CA HIS G 198 -27.99 -49.16 -37.35
C HIS G 198 -27.31 -48.70 -36.07
N GLU G 199 -27.43 -47.41 -35.77
CA GLU G 199 -26.95 -46.88 -34.49
C GLU G 199 -28.04 -46.30 -33.58
N VAL G 200 -27.77 -46.32 -32.27
CA VAL G 200 -28.69 -45.81 -31.24
C VAL G 200 -27.89 -45.01 -30.17
N THR G 201 -28.48 -43.94 -29.65
CA THR G 201 -27.80 -43.09 -28.67
C THR G 201 -28.15 -43.45 -27.23
N LEU G 202 -27.15 -43.98 -26.52
CA LEU G 202 -27.21 -44.13 -25.08
C LEU G 202 -26.83 -42.79 -24.40
N ARG G 203 -27.67 -42.31 -23.50
CA ARG G 203 -27.40 -41.03 -22.86
C ARG G 203 -27.43 -41.17 -21.36
N CYS G 204 -26.30 -40.89 -20.74
CA CYS G 204 -26.18 -41.13 -19.32
C CYS G 204 -26.37 -39.81 -18.58
N TRP G 205 -27.33 -39.80 -17.65
CA TRP G 205 -27.69 -38.57 -16.98
C TRP G 205 -27.08 -38.40 -15.57
N ALA G 206 -27.15 -37.17 -15.09
CA ALA G 206 -26.69 -36.82 -13.74
C ALA G 206 -27.39 -35.53 -13.29
N LEU G 207 -28.39 -35.68 -12.44
CA LEU G 207 -29.28 -34.59 -12.08
C LEU G 207 -29.19 -34.18 -10.61
N GLY G 208 -29.43 -32.90 -10.35
CA GLY G 208 -29.43 -32.34 -9.00
C GLY G 208 -28.20 -32.63 -8.14
N PHE G 209 -27.00 -32.49 -8.70
CA PHE G 209 -25.76 -32.66 -7.94
C PHE G 209 -25.10 -31.34 -7.51
N TYR G 210 -24.31 -31.39 -6.43
CA TYR G 210 -23.57 -30.23 -5.90
C TYR G 210 -22.40 -30.74 -5.03
N PRO G 211 -21.20 -30.15 -5.18
CA PRO G 211 -20.82 -28.97 -5.96
C PRO G 211 -20.76 -29.29 -7.46
N ALA G 212 -20.22 -28.42 -8.31
CA ALA G 212 -20.39 -28.63 -9.75
C ALA G 212 -19.52 -29.74 -10.35
N GLU G 213 -18.39 -30.00 -9.69
CA GLU G 213 -17.36 -30.96 -10.13
C GLU G 213 -17.92 -32.38 -10.28
N ILE G 214 -17.53 -33.06 -11.36
CA ILE G 214 -18.07 -34.38 -11.70
C ILE G 214 -17.37 -34.91 -12.93
N THR G 215 -17.55 -36.21 -13.15
CA THR G 215 -17.13 -36.87 -14.38
C THR G 215 -18.10 -38.00 -14.74
N LEU G 216 -18.42 -38.09 -16.01
CA LEU G 216 -19.34 -39.09 -16.51
C LEU G 216 -18.56 -39.81 -17.58
N THR G 217 -18.50 -41.13 -17.47
CA THR G 217 -17.63 -41.91 -18.35
C THR G 217 -18.28 -43.15 -18.90
N TRP G 218 -18.29 -43.27 -20.23
CA TRP G 218 -18.83 -44.47 -20.89
C TRP G 218 -17.76 -45.52 -21.00
N GLN G 219 -18.06 -46.75 -20.60
CA GLN G 219 -17.10 -47.84 -20.83
C GLN G 219 -17.48 -48.73 -22.01
N ARG G 220 -16.52 -49.56 -22.42
CA ARG G 220 -16.74 -50.56 -23.46
C ARG G 220 -15.88 -51.76 -23.09
N ASP G 221 -16.52 -52.79 -22.55
CA ASP G 221 -15.83 -53.97 -22.04
C ASP G 221 -14.84 -53.59 -20.94
N GLY G 222 -15.06 -52.42 -20.34
CA GLY G 222 -14.15 -51.91 -19.33
C GLY G 222 -13.26 -50.80 -19.87
N GLU G 223 -13.34 -50.53 -21.17
CA GLU G 223 -12.55 -49.45 -21.78
C GLU G 223 -13.32 -48.13 -21.83
N ASP G 224 -12.70 -47.06 -21.33
CA ASP G 224 -13.29 -45.73 -21.37
C ASP G 224 -13.27 -45.11 -22.76
N GLN G 225 -14.45 -44.96 -23.33
CA GLN G 225 -14.63 -44.41 -24.67
C GLN G 225 -14.79 -42.89 -24.67
N THR G 226 -14.00 -42.20 -23.85
CA THR G 226 -14.14 -40.74 -23.70
C THR G 226 -13.89 -39.98 -24.99
N GLN G 227 -12.97 -40.48 -25.82
CA GLN G 227 -12.71 -39.87 -27.11
C GLN G 227 -13.97 -39.82 -27.98
N ASP G 228 -14.81 -40.84 -27.85
CA ASP G 228 -16.04 -40.91 -28.63
C ASP G 228 -17.26 -40.76 -27.74
N THR G 229 -17.23 -39.74 -26.90
CA THR G 229 -18.34 -39.50 -25.99
C THR G 229 -18.70 -38.02 -26.09
N GLU G 230 -19.95 -37.72 -26.44
CA GLU G 230 -20.40 -36.33 -26.40
C GLU G 230 -20.65 -35.97 -24.95
N VAL G 231 -19.85 -35.04 -24.44
CA VAL G 231 -20.07 -34.50 -23.11
C VAL G 231 -20.48 -33.05 -23.27
N VAL G 232 -21.52 -32.64 -22.55
CA VAL G 232 -21.99 -31.26 -22.61
C VAL G 232 -21.52 -30.53 -21.37
N ASP G 233 -21.27 -29.23 -21.48
CA ASP G 233 -20.73 -28.50 -20.37
C ASP G 233 -21.72 -28.54 -19.25
N THR G 234 -21.23 -28.87 -18.05
CA THR G 234 -22.02 -28.80 -16.83
C THR G 234 -22.83 -27.51 -16.81
N ARG G 235 -24.07 -27.60 -16.38
CA ARG G 235 -25.01 -26.49 -16.55
C ARG G 235 -25.82 -26.32 -15.26
N PRO G 236 -26.29 -25.09 -14.98
CA PRO G 236 -27.05 -24.82 -13.76
C PRO G 236 -28.51 -25.31 -13.85
N ALA G 237 -29.10 -25.68 -12.72
CA ALA G 237 -30.50 -26.10 -12.72
C ALA G 237 -31.42 -24.97 -12.25
N GLY G 238 -30.85 -24.00 -11.53
CA GLY G 238 -31.60 -22.86 -11.03
C GLY G 238 -32.00 -23.00 -9.57
N ASP G 239 -31.76 -24.17 -9.00
CA ASP G 239 -32.08 -24.47 -7.60
C ASP G 239 -30.82 -24.64 -6.78
N GLY G 240 -29.69 -24.21 -7.35
CA GLY G 240 -28.41 -24.27 -6.68
C GLY G 240 -27.63 -25.54 -6.96
N THR G 241 -28.26 -26.48 -7.67
CA THR G 241 -27.61 -27.75 -8.02
C THR G 241 -27.33 -27.79 -9.51
N PHE G 242 -26.47 -28.71 -9.93
CA PHE G 242 -26.11 -28.77 -11.34
C PHE G 242 -26.52 -30.08 -12.05
N GLN G 243 -26.28 -30.13 -13.34
CA GLN G 243 -26.71 -31.25 -14.15
C GLN G 243 -25.87 -31.37 -15.41
N LYS G 244 -25.75 -32.60 -15.91
CA LYS G 244 -24.83 -32.88 -17.00
C LYS G 244 -25.28 -34.17 -17.68
N TRP G 245 -24.82 -34.41 -18.91
CA TRP G 245 -24.97 -35.76 -19.48
C TRP G 245 -23.81 -36.14 -20.41
N ALA G 246 -23.59 -37.44 -20.57
CA ALA G 246 -22.63 -37.92 -21.55
C ALA G 246 -23.39 -38.82 -22.50
N ALA G 247 -22.98 -38.83 -23.76
CA ALA G 247 -23.73 -39.61 -24.76
C ALA G 247 -22.83 -40.32 -25.77
N VAL G 248 -23.23 -41.53 -26.16
CA VAL G 248 -22.46 -42.27 -27.15
C VAL G 248 -23.37 -42.98 -28.13
N VAL G 249 -22.91 -43.13 -29.36
CA VAL G 249 -23.69 -43.84 -30.34
C VAL G 249 -23.24 -45.31 -30.37
N VAL G 250 -24.23 -46.20 -30.39
CA VAL G 250 -23.98 -47.62 -30.24
C VAL G 250 -24.69 -48.36 -31.38
N PRO G 251 -24.02 -49.34 -32.00
CA PRO G 251 -24.60 -50.14 -33.08
C PRO G 251 -25.67 -51.12 -32.56
N SER G 252 -26.93 -50.90 -32.92
CA SER G 252 -28.04 -51.74 -32.45
C SER G 252 -27.94 -53.18 -32.95
N GLY G 253 -27.96 -54.17 -32.05
CA GLY G 253 -28.15 -53.97 -30.62
C GLY G 253 -26.90 -53.56 -29.87
N GLN G 254 -26.07 -54.53 -29.49
CA GLN G 254 -24.80 -54.27 -28.79
C GLN G 254 -24.79 -53.20 -27.67
N GLU G 255 -25.94 -52.93 -27.08
CA GLU G 255 -26.02 -51.89 -26.07
C GLU G 255 -25.83 -52.51 -24.70
N GLN G 256 -25.41 -53.77 -24.67
CA GLN G 256 -25.18 -54.48 -23.41
C GLN G 256 -23.71 -54.52 -23.06
N ARG G 257 -22.89 -53.91 -23.91
CA ARG G 257 -21.46 -53.80 -23.63
C ARG G 257 -21.19 -52.54 -22.83
N TYR G 258 -22.09 -51.58 -23.01
CA TYR G 258 -21.91 -50.20 -22.56
C TYR G 258 -22.44 -49.95 -21.16
N THR G 259 -21.62 -49.34 -20.33
CA THR G 259 -22.02 -48.97 -18.99
C THR G 259 -21.58 -47.53 -18.76
N CYS G 260 -22.28 -46.83 -17.88
CA CYS G 260 -21.88 -45.48 -17.53
C CYS G 260 -21.54 -45.44 -16.05
N HIS G 261 -20.49 -44.71 -15.70
CA HIS G 261 -20.05 -44.64 -14.32
C HIS G 261 -19.91 -43.17 -13.92
N VAL G 262 -20.39 -42.83 -12.73
CA VAL G 262 -20.39 -41.43 -12.28
C VAL G 262 -19.57 -41.16 -11.01
N GLN G 263 -18.41 -40.53 -11.17
CA GLN G 263 -17.61 -40.13 -10.03
C GLN G 263 -18.01 -38.73 -9.58
N HIS G 264 -18.39 -38.59 -8.32
CA HIS G 264 -18.74 -37.29 -7.77
C HIS G 264 -18.53 -37.39 -6.28
N GLU G 265 -18.04 -36.30 -5.71
CA GLU G 265 -17.88 -36.15 -4.26
C GLU G 265 -19.08 -36.59 -3.36
N GLY G 266 -20.30 -36.58 -3.89
CA GLY G 266 -21.46 -36.99 -3.12
C GLY G 266 -21.79 -38.48 -3.20
N LEU G 267 -20.89 -39.24 -3.81
CA LEU G 267 -21.12 -40.67 -3.98
C LEU G 267 -19.99 -41.45 -3.32
N VAL G 268 -19.21 -40.76 -2.49
CA VAL G 268 -18.21 -41.42 -1.67
C VAL G 268 -18.95 -42.25 -0.62
N GLU G 269 -18.57 -43.52 -0.50
CA GLU G 269 -19.16 -44.43 0.50
C GLU G 269 -18.07 -44.95 1.43
N PRO G 270 -17.78 -44.19 2.50
CA PRO G 270 -16.70 -44.40 3.46
C PRO G 270 -16.53 -45.84 3.92
N VAL G 271 -15.29 -46.34 3.94
CA VAL G 271 -14.97 -47.69 4.40
C VAL G 271 -15.45 -47.99 5.82
N ILE H 1 -10.71 -11.50 -27.35
CA ILE H 1 -11.27 -10.15 -27.51
C ILE H 1 -12.79 -10.13 -27.78
N GLN H 2 -13.29 -10.99 -28.68
CA GLN H 2 -14.74 -11.13 -28.89
C GLN H 2 -15.16 -12.57 -29.19
N ARG H 3 -16.20 -13.07 -28.52
CA ARG H 3 -16.54 -14.49 -28.50
C ARG H 3 -18.03 -14.83 -28.70
N THR H 4 -18.29 -15.83 -29.55
CA THR H 4 -19.64 -16.35 -29.81
C THR H 4 -20.25 -17.16 -28.63
N PRO H 5 -21.50 -16.86 -28.25
CA PRO H 5 -22.15 -17.62 -27.19
C PRO H 5 -22.43 -19.06 -27.55
N LYS H 6 -22.74 -19.85 -26.51
CA LYS H 6 -23.17 -21.22 -26.64
C LYS H 6 -24.50 -21.35 -25.89
N ILE H 7 -25.34 -22.29 -26.30
CA ILE H 7 -26.71 -22.29 -25.82
C ILE H 7 -27.20 -23.68 -25.41
N GLN H 8 -27.47 -23.86 -24.14
CA GLN H 8 -28.17 -25.06 -23.73
C GLN H 8 -29.60 -24.65 -23.42
N VAL H 9 -30.56 -25.41 -23.95
CA VAL H 9 -31.95 -25.19 -23.61
C VAL H 9 -32.50 -26.46 -22.99
N TYR H 10 -32.96 -26.36 -21.76
CA TYR H 10 -33.37 -27.55 -21.05
C TYR H 10 -34.44 -27.29 -20.02
N SER H 11 -34.69 -28.28 -19.16
CA SER H 11 -35.59 -28.10 -18.03
C SER H 11 -34.86 -28.41 -16.72
N ARG H 12 -35.44 -27.96 -15.61
CA ARG H 12 -34.84 -28.18 -14.31
C ARG H 12 -34.96 -29.65 -13.92
N HIS H 13 -36.16 -30.20 -14.09
CA HIS H 13 -36.39 -31.60 -13.81
C HIS H 13 -36.80 -32.27 -15.10
N PRO H 14 -36.80 -33.62 -15.13
CA PRO H 14 -37.29 -34.25 -16.37
C PRO H 14 -38.73 -33.82 -16.64
N ALA H 15 -39.04 -33.53 -17.90
CA ALA H 15 -40.32 -32.95 -18.27
C ALA H 15 -41.48 -33.93 -18.25
N GLU H 16 -42.36 -33.80 -17.26
CA GLU H 16 -43.61 -34.54 -17.27
C GLU H 16 -44.76 -33.62 -17.69
N ASN H 17 -45.50 -34.01 -18.72
CA ASN H 17 -46.66 -33.23 -19.14
C ASN H 17 -47.64 -33.05 -17.99
N GLY H 18 -47.99 -31.79 -17.72
CA GLY H 18 -48.95 -31.50 -16.66
C GLY H 18 -48.33 -30.88 -15.42
N LYS H 19 -47.13 -31.34 -15.05
CA LYS H 19 -46.47 -30.85 -13.84
C LYS H 19 -45.68 -29.57 -14.15
N SER H 20 -45.87 -28.54 -13.31
CA SER H 20 -45.11 -27.31 -13.48
C SER H 20 -43.60 -27.57 -13.32
N ASN H 21 -42.83 -26.99 -14.24
CA ASN H 21 -41.39 -27.19 -14.31
C ASN H 21 -40.72 -25.84 -14.54
N PHE H 22 -39.41 -25.87 -14.80
CA PHE H 22 -38.72 -24.63 -15.19
C PHE H 22 -37.98 -24.82 -16.51
N LEU H 23 -38.06 -23.79 -17.35
CA LEU H 23 -37.38 -23.80 -18.64
C LEU H 23 -36.11 -22.98 -18.44
N ASN H 24 -35.02 -23.44 -19.04
CA ASN H 24 -33.76 -22.81 -18.80
C ASN H 24 -33.11 -22.56 -20.15
N CYS H 25 -32.55 -21.38 -20.31
CA CYS H 25 -31.67 -21.15 -21.42
C CYS H 25 -30.37 -20.68 -20.82
N TYR H 26 -29.34 -21.52 -20.86
CA TYR H 26 -28.02 -21.23 -20.32
C TYR H 26 -27.10 -20.72 -21.42
N VAL H 27 -26.66 -19.47 -21.34
CA VAL H 27 -25.78 -18.99 -22.39
C VAL H 27 -24.34 -18.85 -21.88
N SER H 28 -23.35 -19.23 -22.69
CA SER H 28 -21.96 -19.20 -22.22
C SER H 28 -20.90 -18.85 -23.24
N GLY H 29 -19.69 -18.62 -22.75
CA GLY H 29 -18.51 -18.44 -23.57
C GLY H 29 -18.49 -17.23 -24.49
N PHE H 30 -19.29 -16.20 -24.18
CA PHE H 30 -19.35 -14.99 -25.00
C PHE H 30 -18.65 -13.73 -24.42
N HIS H 31 -18.13 -12.89 -25.33
CA HIS H 31 -17.56 -11.57 -25.03
C HIS H 31 -17.83 -10.59 -26.18
N PRO H 32 -18.35 -9.39 -25.88
CA PRO H 32 -18.55 -8.81 -24.55
C PRO H 32 -19.87 -9.22 -23.88
N SER H 33 -20.18 -8.53 -22.79
CA SER H 33 -21.14 -8.99 -21.79
C SER H 33 -22.56 -8.77 -22.20
N ASP H 34 -22.73 -7.91 -23.18
CA ASP H 34 -24.03 -7.47 -23.55
C ASP H 34 -24.69 -8.46 -24.51
N ILE H 35 -25.88 -8.96 -24.10
CA ILE H 35 -26.59 -10.03 -24.79
C ILE H 35 -28.13 -9.93 -24.70
N GLU H 36 -28.80 -10.23 -25.80
CA GLU H 36 -30.25 -10.28 -25.89
C GLU H 36 -30.71 -11.73 -25.75
N VAL H 37 -31.65 -11.99 -24.84
CA VAL H 37 -32.12 -13.36 -24.63
C VAL H 37 -33.62 -13.48 -24.42
N ASP H 38 -34.31 -14.15 -25.34
CA ASP H 38 -35.75 -14.33 -25.22
C ASP H 38 -36.17 -15.81 -25.13
N LEU H 39 -37.13 -16.08 -24.25
CA LEU H 39 -37.71 -17.41 -24.10
C LEU H 39 -39.02 -17.53 -24.86
N LEU H 40 -39.01 -18.21 -26.00
CA LEU H 40 -40.18 -18.32 -26.87
C LEU H 40 -41.11 -19.48 -26.52
N LYS H 41 -42.42 -19.24 -26.60
CA LYS H 41 -43.42 -20.31 -26.50
C LYS H 41 -44.34 -20.24 -27.71
N ASN H 42 -44.42 -21.33 -28.48
CA ASN H 42 -45.18 -21.33 -29.73
C ASN H 42 -44.85 -20.14 -30.64
N GLY H 43 -43.57 -19.78 -30.72
CA GLY H 43 -43.12 -18.63 -31.49
C GLY H 43 -43.23 -17.29 -30.75
N GLU H 44 -44.11 -17.22 -29.76
CA GLU H 44 -44.34 -15.98 -29.02
C GLU H 44 -43.22 -15.75 -28.00
N ARG H 45 -43.38 -14.79 -27.10
CA ARG H 45 -42.31 -14.42 -26.19
C ARG H 45 -42.83 -14.46 -24.77
N ILE H 46 -42.21 -15.30 -23.94
CA ILE H 46 -42.59 -15.36 -22.55
C ILE H 46 -42.13 -14.08 -21.87
N GLU H 47 -43.08 -13.35 -21.28
CA GLU H 47 -42.81 -12.06 -20.64
C GLU H 47 -42.25 -12.17 -19.21
N LYS H 48 -42.87 -12.99 -18.37
CA LYS H 48 -42.36 -13.19 -17.01
C LYS H 48 -41.14 -14.10 -17.04
N VAL H 49 -40.00 -13.49 -17.36
CA VAL H 49 -38.76 -14.25 -17.54
C VAL H 49 -37.66 -13.54 -16.82
N GLU H 50 -36.95 -14.30 -16.01
CA GLU H 50 -35.91 -13.74 -15.19
C GLU H 50 -34.56 -14.25 -15.62
N HIS H 51 -33.52 -13.73 -14.98
CA HIS H 51 -32.18 -14.17 -15.26
C HIS H 51 -31.26 -13.88 -14.08
N SER H 52 -30.19 -14.66 -13.98
CA SER H 52 -29.22 -14.55 -12.90
C SER H 52 -28.18 -13.45 -13.15
N ASP H 53 -27.29 -13.26 -12.18
CA ASP H 53 -26.32 -12.17 -12.24
C ASP H 53 -25.12 -12.51 -13.10
N LEU H 54 -24.70 -11.54 -13.91
CA LEU H 54 -23.49 -11.65 -14.72
C LEU H 54 -22.31 -12.16 -13.93
N SER H 55 -21.84 -13.36 -14.26
CA SER H 55 -20.53 -13.84 -13.80
C SER H 55 -19.67 -14.26 -14.99
N PHE H 56 -18.47 -14.76 -14.74
CA PHE H 56 -17.66 -15.25 -15.85
C PHE H 56 -16.65 -16.38 -15.54
N SER H 57 -16.33 -17.13 -16.59
CA SER H 57 -15.38 -18.24 -16.55
C SER H 57 -13.91 -17.82 -16.59
N LYS H 58 -13.08 -18.76 -16.17
CA LYS H 58 -11.62 -18.70 -16.16
C LYS H 58 -11.00 -18.01 -17.36
N ASP H 59 -11.59 -18.19 -18.54
CA ASP H 59 -11.08 -17.55 -19.75
C ASP H 59 -11.69 -16.20 -20.02
N TRP H 60 -12.38 -15.64 -19.03
CA TRP H 60 -12.98 -14.30 -19.11
C TRP H 60 -14.26 -14.17 -19.94
N SER H 61 -14.73 -15.26 -20.53
CA SER H 61 -15.94 -15.19 -21.30
C SER H 61 -17.14 -15.24 -20.32
N PHE H 62 -18.27 -14.65 -20.73
CA PHE H 62 -19.40 -14.50 -19.81
C PHE H 62 -20.42 -15.62 -19.88
N TYR H 63 -21.32 -15.64 -18.89
CA TYR H 63 -22.37 -16.65 -18.83
C TYR H 63 -23.55 -16.23 -17.96
N LEU H 64 -24.73 -16.76 -18.29
CA LEU H 64 -25.97 -16.38 -17.65
C LEU H 64 -26.94 -17.54 -17.71
N LEU H 65 -27.89 -17.57 -16.77
CA LEU H 65 -29.04 -18.43 -16.89
C LEU H 65 -30.31 -17.59 -16.99
N TYR H 66 -31.15 -17.91 -17.97
CA TYR H 66 -32.44 -17.31 -18.13
C TYR H 66 -33.43 -18.44 -17.93
N TYR H 67 -34.42 -18.21 -17.08
CA TYR H 67 -35.35 -19.25 -16.69
C TYR H 67 -36.74 -18.65 -16.51
N THR H 68 -37.78 -19.48 -16.65
CA THR H 68 -39.17 -19.07 -16.49
C THR H 68 -39.98 -20.28 -16.03
N GLU H 69 -40.90 -20.07 -15.09
CA GLU H 69 -41.89 -21.09 -14.76
C GLU H 69 -42.67 -21.46 -16.01
N PHE H 70 -42.66 -22.74 -16.40
CA PHE H 70 -43.55 -23.19 -17.47
C PHE H 70 -44.13 -24.58 -17.21
N THR H 71 -45.08 -24.98 -18.05
CA THR H 71 -45.74 -26.26 -17.88
C THR H 71 -45.91 -26.94 -19.23
N PRO H 72 -45.12 -27.99 -19.48
CA PRO H 72 -45.08 -28.66 -20.79
C PRO H 72 -46.33 -29.47 -21.14
N THR H 73 -46.64 -29.54 -22.44
CA THR H 73 -47.73 -30.37 -22.97
C THR H 73 -47.27 -31.07 -24.25
N GLU H 74 -48.10 -31.92 -24.84
CA GLU H 74 -47.67 -32.66 -26.02
C GLU H 74 -47.57 -31.82 -27.29
N LYS H 75 -48.11 -30.60 -27.25
CA LYS H 75 -48.15 -29.76 -28.44
C LYS H 75 -47.08 -28.67 -28.43
N ASP H 76 -47.05 -27.91 -27.33
CA ASP H 76 -46.26 -26.67 -27.21
C ASP H 76 -44.80 -26.72 -27.68
N GLU H 77 -44.38 -25.78 -28.53
CA GLU H 77 -42.95 -25.54 -28.76
C GLU H 77 -42.50 -24.56 -27.70
N TYR H 78 -41.32 -24.80 -27.14
CA TYR H 78 -40.62 -23.81 -26.34
C TYR H 78 -39.20 -23.66 -26.91
N ALA H 79 -38.71 -22.43 -27.08
CA ALA H 79 -37.33 -22.27 -27.57
C ALA H 79 -36.60 -21.06 -26.99
N CYS H 80 -35.39 -20.81 -27.47
CA CYS H 80 -34.57 -19.74 -26.93
C CYS H 80 -33.99 -18.91 -28.08
N ARG H 81 -34.24 -17.61 -28.09
CA ARG H 81 -33.65 -16.73 -29.08
C ARG H 81 -32.54 -15.94 -28.41
N VAL H 82 -31.38 -15.91 -29.06
CA VAL H 82 -30.21 -15.25 -28.50
C VAL H 82 -29.63 -14.37 -29.59
N ASN H 83 -29.23 -13.15 -29.22
CA ASN H 83 -28.57 -12.24 -30.14
C ASN H 83 -27.40 -11.53 -29.46
N HIS H 84 -26.36 -11.25 -30.23
CA HIS H 84 -25.10 -10.80 -29.67
C HIS H 84 -24.29 -10.16 -30.77
N VAL H 85 -23.45 -9.20 -30.44
CA VAL H 85 -22.70 -8.46 -31.44
C VAL H 85 -21.96 -9.38 -32.42
N THR H 86 -21.66 -10.60 -31.99
CA THR H 86 -20.86 -11.54 -32.80
C THR H 86 -21.75 -12.33 -33.76
N LEU H 87 -22.93 -12.68 -33.31
CA LEU H 87 -23.92 -13.30 -34.17
C LEU H 87 -24.24 -12.39 -35.34
N SER H 88 -24.67 -12.97 -36.46
CA SER H 88 -25.03 -12.21 -37.66
C SER H 88 -26.54 -12.14 -37.83
N GLN H 89 -27.25 -12.87 -36.98
CA GLN H 89 -28.68 -13.11 -37.11
C GLN H 89 -29.04 -13.89 -35.86
N PRO H 90 -30.15 -13.54 -35.20
CA PRO H 90 -30.61 -14.19 -33.96
C PRO H 90 -30.50 -15.72 -34.01
N LYS H 91 -29.88 -16.33 -33.01
CA LYS H 91 -29.77 -17.78 -32.89
C LYS H 91 -31.01 -18.32 -32.15
N ILE H 92 -31.66 -19.32 -32.74
CA ILE H 92 -32.82 -19.95 -32.09
C ILE H 92 -32.47 -21.41 -31.80
N VAL H 93 -32.99 -21.97 -30.72
CA VAL H 93 -32.65 -23.34 -30.33
C VAL H 93 -33.88 -23.98 -29.71
N LYS H 94 -34.40 -25.02 -30.36
CA LYS H 94 -35.62 -25.62 -29.90
C LYS H 94 -35.31 -26.34 -28.61
N TRP H 95 -36.32 -26.51 -27.77
CA TRP H 95 -36.15 -27.34 -26.59
C TRP H 95 -36.50 -28.81 -26.89
N ASP H 96 -35.62 -29.69 -26.42
CA ASP H 96 -35.72 -31.11 -26.63
C ASP H 96 -35.79 -31.82 -25.27
N ARG H 97 -36.91 -32.49 -25.00
CA ARG H 97 -37.15 -33.20 -23.74
C ARG H 97 -36.16 -34.34 -23.52
N ASP H 98 -35.39 -34.63 -24.57
CA ASP H 98 -34.41 -35.71 -24.55
C ASP H 98 -33.00 -35.13 -24.46
N MET H 99 -32.87 -34.02 -23.74
CA MET H 99 -31.63 -33.25 -23.82
C MET H 99 -31.41 -32.31 -22.64
N LYS I 1 -16.08 -11.17 2.26
CA LYS I 1 -15.74 -9.80 2.54
C LYS I 1 -15.00 -9.23 1.34
N LEU I 2 -15.50 -8.12 0.79
CA LEU I 2 -14.91 -7.51 -0.40
C LEU I 2 -13.58 -6.85 -0.06
N PHE I 3 -12.64 -6.89 -1.00
CA PHE I 3 -11.38 -6.17 -0.90
C PHE I 3 -11.59 -4.69 -1.19
N SER I 4 -10.89 -3.82 -0.47
CA SER I 4 -11.07 -2.37 -0.64
C SER I 4 -9.73 -1.68 -0.51
N GLY I 5 -9.59 -0.58 -1.24
CA GLY I 5 -8.32 0.13 -1.31
C GLY I 5 -7.58 0.01 -2.64
N GLU I 6 -8.33 -0.14 -3.73
CA GLU I 6 -7.70 -0.41 -5.03
C GLU I 6 -6.86 0.75 -5.53
N LEU I 7 -5.57 0.53 -5.66
CA LEU I 7 -4.73 1.51 -6.31
C LEU I 7 -5.11 1.63 -7.78
N THR I 8 -5.35 2.86 -8.22
CA THR I 8 -5.76 3.15 -9.57
C THR I 8 -4.81 2.51 -10.60
N LYS I 9 -5.32 2.24 -11.80
CA LYS I 9 -4.61 1.40 -12.78
C LYS I 9 -3.84 2.21 -13.83
N GLY J 1 -5.48 -51.29 -16.21
CA GLY J 1 -6.38 -50.24 -16.64
C GLY J 1 -6.34 -50.04 -18.16
N SER J 2 -5.57 -49.04 -18.60
CA SER J 2 -5.19 -48.93 -20.01
C SER J 2 -4.16 -50.01 -20.28
N HIS J 3 -4.43 -50.83 -21.30
CA HIS J 3 -3.78 -52.11 -21.47
C HIS J 3 -2.37 -51.97 -22.05
N SER J 4 -1.48 -52.90 -21.70
CA SER J 4 -0.13 -52.82 -22.21
C SER J 4 0.58 -54.17 -22.21
N LEU J 5 1.60 -54.27 -23.05
CA LEU J 5 2.51 -55.39 -23.06
C LEU J 5 3.88 -54.77 -22.87
N ARG J 6 4.70 -55.36 -22.02
CA ARG J 6 6.00 -54.79 -21.68
C ARG J 6 7.03 -55.88 -21.55
N TYR J 7 8.24 -55.57 -21.99
CA TYR J 7 9.33 -56.52 -21.89
C TYR J 7 10.50 -55.82 -21.26
N PHE J 8 11.06 -56.43 -20.22
CA PHE J 8 12.16 -55.83 -19.50
C PHE J 8 13.40 -56.68 -19.65
N TYR J 9 14.51 -56.05 -20.01
CA TYR J 9 15.82 -56.72 -20.10
C TYR J 9 16.78 -56.23 -19.01
N THR J 10 17.37 -57.16 -18.25
CA THR J 10 18.48 -56.89 -17.32
C THR J 10 19.75 -57.68 -17.71
N SER J 11 20.88 -56.97 -17.88
CA SER J 11 22.15 -57.64 -18.24
C SER J 11 23.34 -57.24 -17.37
N VAL J 12 23.80 -58.20 -16.56
CA VAL J 12 24.87 -57.95 -15.58
C VAL J 12 26.18 -58.66 -15.90
N SER J 13 27.24 -57.89 -16.13
CA SER J 13 28.56 -58.46 -16.38
C SER J 13 29.26 -58.82 -15.08
N ARG J 14 29.66 -60.09 -14.97
CA ARG J 14 30.41 -60.57 -13.82
C ARG J 14 31.82 -60.98 -14.26
N PRO J 15 32.81 -60.10 -14.04
CA PRO J 15 34.20 -60.50 -14.18
C PRO J 15 34.85 -60.67 -12.80
N GLY J 16 35.60 -61.75 -12.63
CA GLY J 16 35.65 -62.79 -13.62
C GLY J 16 34.81 -63.95 -13.13
N ARG J 17 33.59 -63.66 -12.70
CA ARG J 17 32.65 -64.70 -12.27
C ARG J 17 32.00 -65.39 -13.48
N GLY J 18 32.78 -65.57 -14.56
CA GLY J 18 32.32 -66.27 -15.74
C GLY J 18 31.69 -65.43 -16.85
N ASP J 19 30.48 -65.81 -17.24
CA ASP J 19 29.72 -65.15 -18.31
C ASP J 19 28.70 -64.18 -17.71
N PRO J 20 28.35 -63.10 -18.44
CA PRO J 20 27.41 -62.08 -17.94
C PRO J 20 26.00 -62.65 -17.77
N ARG J 21 25.30 -62.31 -16.69
CA ARG J 21 23.97 -62.89 -16.46
C ARG J 21 22.90 -62.10 -17.20
N PHE J 22 21.97 -62.81 -17.84
CA PHE J 22 20.93 -62.12 -18.61
C PHE J 22 19.53 -62.52 -18.17
N ILE J 23 18.72 -61.52 -17.84
CA ILE J 23 17.36 -61.74 -17.35
C ILE J 23 16.35 -60.93 -18.15
N ALA J 24 15.22 -61.55 -18.49
CA ALA J 24 14.19 -60.92 -19.29
C ALA J 24 12.86 -61.42 -18.83
N VAL J 25 11.93 -60.48 -18.64
CA VAL J 25 10.63 -60.82 -18.07
C VAL J 25 9.53 -60.09 -18.83
N GLY J 26 8.40 -60.76 -18.95
CA GLY J 26 7.31 -60.25 -19.75
C GLY J 26 6.15 -59.91 -18.88
N TYR J 27 5.34 -58.96 -19.35
CA TYR J 27 4.33 -58.36 -18.54
C TYR J 27 3.22 -57.86 -19.42
N VAL J 28 2.07 -58.53 -19.36
CA VAL J 28 0.88 -57.96 -19.93
C VAL J 28 0.23 -57.36 -18.72
N ASP J 29 -0.05 -56.07 -18.80
CA ASP J 29 -0.54 -55.28 -17.68
C ASP J 29 0.24 -55.53 -16.41
N ASP J 30 -0.46 -55.78 -15.31
CA ASP J 30 0.22 -56.00 -14.04
C ASP J 30 0.38 -57.49 -13.82
N THR J 31 0.63 -58.22 -14.90
CA THR J 31 0.74 -59.66 -14.82
C THR J 31 1.98 -60.17 -15.53
N GLN J 32 2.81 -60.88 -14.80
CA GLN J 32 3.95 -61.51 -15.39
C GLN J 32 3.48 -62.76 -16.11
N PHE J 33 4.00 -62.99 -17.32
CA PHE J 33 3.54 -64.12 -18.13
C PHE J 33 4.68 -64.88 -18.80
N VAL J 34 5.84 -64.24 -18.94
CA VAL J 34 7.06 -64.98 -19.30
C VAL J 34 8.24 -64.67 -18.43
N ARG J 35 9.33 -65.39 -18.67
CA ARG J 35 10.51 -65.32 -17.85
C ARG J 35 11.66 -66.07 -18.53
N PHE J 36 12.88 -65.61 -18.30
CA PHE J 36 14.06 -66.28 -18.81
C PHE J 36 15.33 -65.89 -18.04
N ASP J 37 16.04 -66.89 -17.53
CA ASP J 37 17.26 -66.64 -16.77
C ASP J 37 18.44 -67.38 -17.38
N SER J 38 19.45 -66.62 -17.81
CA SER J 38 20.68 -67.15 -18.38
C SER J 38 21.43 -68.05 -17.40
N ASP J 39 20.92 -68.14 -16.18
CA ASP J 39 21.56 -68.97 -15.15
C ASP J 39 20.67 -70.16 -14.80
N ALA J 40 19.40 -70.12 -15.20
CA ALA J 40 18.49 -71.24 -14.90
C ALA J 40 18.89 -72.53 -15.63
N ALA J 41 18.31 -73.65 -15.23
CA ALA J 41 18.74 -74.94 -15.73
C ALA J 41 18.10 -75.31 -17.06
N THR J 42 16.91 -74.76 -17.32
CA THR J 42 16.15 -75.05 -18.54
C THR J 42 16.75 -74.52 -19.85
N GLY J 43 17.33 -73.33 -19.81
CA GLY J 43 17.73 -72.65 -21.04
C GLY J 43 16.57 -72.32 -21.97
N ARG J 44 15.34 -72.31 -21.46
CA ARG J 44 14.16 -72.04 -22.26
C ARG J 44 13.44 -70.80 -21.73
N THR J 45 12.82 -70.02 -22.61
CA THR J 45 11.83 -69.06 -22.16
C THR J 45 10.76 -69.90 -21.48
N GLU J 46 10.35 -69.52 -20.27
CA GLU J 46 9.37 -70.30 -19.52
C GLU J 46 8.05 -69.57 -19.37
N PRO J 47 6.94 -70.33 -19.26
CA PRO J 47 5.65 -69.74 -18.92
C PRO J 47 5.63 -69.24 -17.50
N ARG J 48 4.82 -68.23 -17.21
CA ARG J 48 4.71 -67.68 -15.84
C ARG J 48 3.29 -67.24 -15.52
N ALA J 49 2.38 -67.59 -16.41
CA ALA J 49 0.95 -67.42 -16.20
C ALA J 49 0.28 -68.64 -16.82
N PRO J 50 -0.82 -69.11 -16.21
CA PRO J 50 -1.51 -70.32 -16.69
C PRO J 50 -1.97 -70.21 -18.15
N TRP J 51 -2.35 -69.00 -18.58
CA TRP J 51 -3.00 -68.77 -19.87
C TRP J 51 -2.11 -68.61 -21.10
N VAL J 52 -0.79 -68.60 -20.92
CA VAL J 52 0.12 -68.65 -22.08
C VAL J 52 0.61 -70.07 -22.24
N GLU J 53 0.45 -70.87 -21.19
CA GLU J 53 0.91 -72.25 -21.20
C GLU J 53 0.41 -73.00 -22.44
N GLN J 54 -0.87 -72.83 -22.76
CA GLN J 54 -1.50 -73.52 -23.87
C GLN J 54 -0.86 -73.28 -25.25
N GLU J 55 -0.12 -72.18 -25.40
CA GLU J 55 0.57 -71.91 -26.64
C GLU J 55 1.50 -73.07 -26.94
N GLY J 56 1.74 -73.33 -28.21
CA GLY J 56 2.40 -74.55 -28.64
C GLY J 56 3.91 -74.60 -28.46
N PRO J 57 4.53 -75.69 -28.89
CA PRO J 57 5.99 -75.86 -28.83
C PRO J 57 6.69 -74.76 -29.59
N GLU J 58 6.13 -74.38 -30.72
CA GLU J 58 6.81 -73.45 -31.61
C GLU J 58 6.87 -72.03 -31.05
N TYR J 59 5.91 -71.69 -30.19
CA TYR J 59 5.94 -70.38 -29.53
C TYR J 59 7.16 -70.33 -28.61
N TRP J 60 7.26 -71.31 -27.71
CA TRP J 60 8.37 -71.37 -26.76
C TRP J 60 9.75 -71.59 -27.40
N ASP J 61 9.82 -72.36 -28.47
CA ASP J 61 11.06 -72.50 -29.22
C ASP J 61 11.48 -71.17 -29.82
N GLY J 62 10.48 -70.45 -30.36
CA GLY J 62 10.73 -69.21 -31.08
C GLY J 62 11.27 -68.16 -30.14
N GLU J 63 10.48 -67.85 -29.11
CA GLU J 63 10.80 -66.85 -28.10
C GLU J 63 12.14 -67.10 -27.37
N THR J 64 12.53 -68.36 -27.22
CA THR J 64 13.82 -68.64 -26.59
C THR J 64 15.01 -68.52 -27.53
N ARG J 65 14.78 -68.73 -28.83
CA ARG J 65 15.87 -68.61 -29.79
C ARG J 65 16.16 -67.14 -29.99
N LYS J 66 15.11 -66.34 -29.95
CA LYS J 66 15.24 -64.88 -30.02
C LYS J 66 15.96 -64.29 -28.80
N VAL J 67 15.58 -64.73 -27.60
CA VAL J 67 16.09 -64.14 -26.38
C VAL J 67 17.51 -64.57 -26.09
N LYS J 68 17.91 -65.69 -26.69
CA LYS J 68 19.28 -66.16 -26.58
C LYS J 68 20.10 -65.31 -27.53
N GLU J 69 19.56 -65.17 -28.73
CA GLU J 69 20.07 -64.26 -29.74
C GLU J 69 20.22 -62.83 -29.16
N THR J 70 19.24 -62.37 -28.37
CA THR J 70 19.36 -61.04 -27.78
C THR J 70 20.42 -61.01 -26.66
N ALA J 71 20.37 -61.99 -25.76
CA ALA J 71 21.36 -62.10 -24.68
C ALA J 71 22.78 -62.08 -25.22
N GLN J 72 23.00 -62.71 -26.36
CA GLN J 72 24.32 -62.65 -26.99
C GLN J 72 24.72 -61.20 -27.33
N VAL J 73 23.89 -60.52 -28.11
CA VAL J 73 24.14 -59.13 -28.49
C VAL J 73 24.46 -58.22 -27.29
N TYR J 74 23.72 -58.38 -26.19
CA TYR J 74 23.92 -57.59 -24.97
C TYR J 74 25.25 -57.81 -24.26
N ARG J 75 25.75 -59.03 -24.30
CA ARG J 75 27.09 -59.30 -23.80
C ARG J 75 28.13 -58.48 -24.59
N VAL J 76 28.00 -58.43 -25.90
CA VAL J 76 28.87 -57.58 -26.69
C VAL J 76 28.66 -56.12 -26.28
N ASP J 77 27.42 -55.75 -26.00
CA ASP J 77 27.14 -54.40 -25.51
C ASP J 77 27.88 -54.05 -24.22
N LEU J 78 27.95 -55.00 -23.29
CA LEU J 78 28.66 -54.79 -22.05
C LEU J 78 30.12 -54.37 -22.24
N ASP J 79 30.85 -55.00 -23.17
CA ASP J 79 32.27 -54.65 -23.41
C ASP J 79 32.49 -53.42 -24.33
N THR J 80 31.52 -53.12 -25.18
CA THR J 80 31.50 -51.91 -26.00
C THR J 80 31.24 -50.66 -25.16
N LEU J 81 30.24 -50.74 -24.27
CA LEU J 81 29.97 -49.65 -23.34
C LEU J 81 31.14 -49.39 -22.40
N ARG J 82 31.78 -50.46 -21.95
CA ARG J 82 32.96 -50.36 -21.08
C ARG J 82 34.08 -49.57 -21.76
N GLY J 83 34.36 -49.94 -23.01
CA GLY J 83 35.26 -49.16 -23.83
C GLY J 83 34.77 -47.72 -24.04
N TYR J 84 33.48 -47.57 -24.31
CA TYR J 84 32.92 -46.24 -24.54
C TYR J 84 33.16 -45.28 -23.37
N TYR J 85 32.99 -45.76 -22.15
CA TYR J 85 33.09 -44.90 -20.95
C TYR J 85 34.46 -44.93 -20.29
N ASN J 86 35.38 -45.72 -20.86
CA ASN J 86 36.75 -45.91 -20.34
C ASN J 86 36.78 -46.59 -18.98
N GLN J 87 36.07 -47.70 -18.85
CA GLN J 87 36.05 -48.41 -17.59
C GLN J 87 36.90 -49.66 -17.62
N SER J 88 37.37 -50.11 -16.44
CA SER J 88 38.28 -51.25 -16.34
C SER J 88 37.54 -52.59 -16.27
N GLU J 89 38.21 -53.66 -16.67
CA GLU J 89 37.57 -54.97 -16.80
C GLU J 89 37.11 -55.53 -15.46
N ALA J 90 37.44 -54.82 -14.38
CA ALA J 90 37.28 -55.34 -13.03
C ALA J 90 35.83 -55.28 -12.54
N GLY J 91 35.24 -54.09 -12.58
CA GLY J 91 33.93 -53.87 -12.00
C GLY J 91 32.75 -54.44 -12.78
N SER J 92 31.66 -54.70 -12.06
CA SER J 92 30.45 -55.22 -12.67
C SER J 92 29.58 -54.07 -13.16
N HIS J 93 28.94 -54.26 -14.31
CA HIS J 93 28.10 -53.21 -14.88
C HIS J 93 26.76 -53.73 -15.31
N THR J 94 25.73 -52.90 -15.21
CA THR J 94 24.41 -53.34 -15.62
C THR J 94 23.89 -52.54 -16.81
N ILE J 95 23.45 -53.25 -17.84
CA ILE J 95 22.71 -52.64 -18.92
C ILE J 95 21.29 -53.09 -18.72
N GLN J 96 20.34 -52.17 -18.89
CA GLN J 96 18.93 -52.51 -18.80
C GLN J 96 18.14 -51.93 -19.94
N THR J 97 17.21 -52.73 -20.46
CA THR J 97 16.37 -52.31 -21.56
C THR J 97 14.93 -52.39 -21.17
N MET J 98 14.14 -51.43 -21.65
CA MET J 98 12.70 -51.53 -21.52
C MET J 98 11.98 -51.13 -22.81
N TYR J 99 11.00 -51.93 -23.22
CA TYR J 99 10.16 -51.59 -24.36
C TYR J 99 8.79 -52.20 -24.21
N GLY J 100 7.82 -51.56 -24.86
CA GLY J 100 6.45 -52.03 -24.76
C GLY J 100 5.49 -51.18 -25.55
N CYS J 101 4.22 -51.54 -25.49
CA CYS J 101 3.24 -50.83 -26.27
C CYS J 101 1.93 -50.70 -25.55
N ASP J 102 1.38 -49.50 -25.57
CA ASP J 102 0.12 -49.24 -24.87
C ASP J 102 -1.04 -49.31 -25.87
N LEU J 103 -1.94 -50.28 -25.70
CA LEU J 103 -3.14 -50.39 -26.55
C LEU J 103 -4.10 -49.21 -26.32
N GLY J 104 -4.42 -48.49 -27.39
CA GLY J 104 -5.36 -47.38 -27.31
C GLY J 104 -6.81 -47.75 -27.53
N PRO J 105 -7.47 -47.11 -28.52
CA PRO J 105 -8.81 -47.54 -28.93
C PRO J 105 -8.66 -48.79 -29.80
N GLY J 106 -9.75 -49.19 -30.45
CA GLY J 106 -9.82 -50.47 -31.13
C GLY J 106 -9.19 -50.44 -32.51
N GLY J 107 -8.05 -51.10 -32.66
CA GLY J 107 -7.36 -51.77 -31.57
C GLY J 107 -5.89 -51.52 -31.80
N ARG J 108 -5.61 -50.35 -32.37
CA ARG J 108 -4.26 -50.00 -32.81
C ARG J 108 -3.44 -49.43 -31.65
N LEU J 109 -2.13 -49.36 -31.86
CA LEU J 109 -1.23 -48.88 -30.82
C LEU J 109 -1.54 -47.44 -30.44
N LEU J 110 -1.59 -47.17 -29.13
CA LEU J 110 -1.69 -45.81 -28.64
C LEU J 110 -0.32 -45.13 -28.53
N ARG J 111 0.64 -45.85 -27.98
CA ARG J 111 1.95 -45.28 -27.66
C ARG J 111 2.98 -46.42 -27.53
N GLY J 112 4.10 -46.28 -28.23
CA GLY J 112 5.20 -47.23 -28.13
C GLY J 112 6.39 -46.61 -27.44
N TYR J 113 7.35 -47.45 -27.04
CA TYR J 113 8.52 -47.01 -26.25
C TYR J 113 9.64 -48.06 -26.17
N ARG J 114 10.89 -47.60 -26.05
CA ARG J 114 12.05 -48.49 -26.04
C ARG J 114 13.27 -47.77 -25.46
N GLN J 115 13.67 -48.15 -24.26
CA GLN J 115 14.69 -47.38 -23.53
C GLN J 115 15.75 -48.24 -22.87
N ASP J 116 17.00 -47.85 -23.06
CA ASP J 116 18.09 -48.52 -22.38
C ASP J 116 18.64 -47.72 -21.21
N ALA J 117 19.27 -48.42 -20.27
CA ALA J 117 20.09 -47.77 -19.25
C ALA J 117 21.40 -48.48 -18.97
N TYR J 118 22.31 -47.70 -18.40
CA TYR J 118 23.64 -48.18 -18.08
C TYR J 118 24.04 -47.65 -16.71
N ASP J 119 24.37 -48.58 -15.81
CA ASP J 119 24.77 -48.27 -14.45
C ASP J 119 23.75 -47.39 -13.73
N GLY J 120 22.47 -47.73 -13.87
CA GLY J 120 21.38 -47.02 -13.23
C GLY J 120 20.76 -45.85 -13.98
N ALA J 121 21.55 -45.18 -14.82
CA ALA J 121 21.11 -43.90 -15.39
C ALA J 121 20.73 -44.04 -16.87
N ASP J 122 20.03 -43.04 -17.40
CA ASP J 122 19.63 -43.02 -18.81
C ASP J 122 20.78 -43.29 -19.76
N TYR J 123 20.49 -44.00 -20.85
CA TYR J 123 21.45 -44.14 -21.95
C TYR J 123 20.89 -43.67 -23.31
N ILE J 124 19.94 -44.43 -23.88
CA ILE J 124 19.34 -44.09 -25.15
C ILE J 124 17.86 -44.44 -25.13
N ALA J 125 17.03 -43.63 -25.79
CA ALA J 125 15.57 -43.85 -25.79
C ALA J 125 14.89 -43.58 -27.15
N LEU J 126 13.80 -44.28 -27.40
CA LEU J 126 13.03 -44.08 -28.62
C LEU J 126 11.91 -43.06 -28.44
N ASN J 127 12.15 -41.84 -28.91
CA ASN J 127 11.12 -40.79 -28.97
C ASN J 127 9.75 -41.19 -29.57
N GLU J 128 8.68 -40.54 -29.11
CA GLU J 128 7.33 -41.02 -29.39
C GLU J 128 7.05 -41.14 -30.88
N ASP J 129 7.90 -40.54 -31.70
CA ASP J 129 7.70 -40.52 -33.14
C ASP J 129 8.10 -41.80 -33.84
N LEU J 130 8.89 -42.63 -33.15
CA LEU J 130 9.40 -43.90 -33.69
C LEU J 130 10.37 -43.68 -34.85
N ARG J 131 11.00 -42.49 -34.91
CA ARG J 131 12.01 -42.19 -35.94
C ARG J 131 13.29 -41.68 -35.33
N SER J 132 13.14 -40.92 -34.24
CA SER J 132 14.27 -40.23 -33.63
C SER J 132 14.75 -40.84 -32.30
N TRP J 133 15.91 -40.37 -31.82
CA TRP J 133 16.44 -40.77 -30.51
C TRP J 133 16.84 -39.61 -29.60
N THR J 134 16.75 -39.85 -28.29
CA THR J 134 17.40 -39.00 -27.33
C THR J 134 18.55 -39.75 -26.62
N ALA J 135 19.78 -39.30 -26.89
CA ALA J 135 21.00 -39.92 -26.35
C ALA J 135 21.55 -39.13 -25.14
N ALA J 136 21.53 -39.74 -23.95
CA ALA J 136 21.85 -39.06 -22.68
C ALA J 136 23.28 -38.52 -22.44
N ASP J 137 24.27 -39.06 -23.13
CA ASP J 137 25.64 -38.58 -22.96
C ASP J 137 26.47 -38.81 -24.24
N THR J 138 27.72 -38.34 -24.29
CA THR J 138 28.58 -38.51 -25.47
C THR J 138 28.70 -39.95 -25.92
N ALA J 139 28.98 -40.85 -24.97
CA ALA J 139 29.01 -42.28 -25.25
C ALA J 139 27.69 -42.77 -25.84
N ALA J 140 26.59 -42.15 -25.43
CA ALA J 140 25.29 -42.58 -25.94
C ALA J 140 25.07 -42.05 -27.35
N GLN J 141 25.81 -40.99 -27.70
CA GLN J 141 25.64 -40.38 -29.01
C GLN J 141 26.26 -41.22 -30.11
N ILE J 142 27.40 -41.82 -29.81
CA ILE J 142 27.99 -42.85 -30.67
C ILE J 142 26.93 -43.83 -31.11
N THR J 143 26.19 -44.38 -30.14
CA THR J 143 25.20 -45.40 -30.43
C THR J 143 24.11 -44.89 -31.35
N ARG J 144 23.47 -43.79 -30.97
CA ARG J 144 22.30 -43.32 -31.73
C ARG J 144 22.69 -42.97 -33.16
N ARG J 145 23.83 -42.29 -33.30
CA ARG J 145 24.39 -41.95 -34.60
C ARG J 145 24.41 -43.19 -35.51
N LYS J 146 24.89 -44.30 -34.93
CA LYS J 146 25.00 -45.59 -35.61
C LYS J 146 23.64 -46.29 -35.78
N TRP J 147 22.72 -46.05 -34.87
CA TRP J 147 21.39 -46.65 -34.93
C TRP J 147 20.42 -45.94 -35.86
N GLU J 148 20.73 -44.70 -36.24
CA GLU J 148 19.86 -43.98 -37.17
C GLU J 148 20.44 -44.03 -38.58
N ALA J 149 21.75 -44.19 -38.68
CA ALA J 149 22.41 -44.41 -39.96
C ALA J 149 22.21 -45.85 -40.46
N ALA J 150 21.38 -46.60 -39.73
CA ALA J 150 21.10 -48.00 -40.04
C ALA J 150 19.60 -48.26 -40.01
N GLY J 151 18.84 -47.16 -39.88
CA GLY J 151 17.39 -47.18 -39.91
C GLY J 151 16.65 -47.97 -38.83
N VAL J 152 17.35 -48.33 -37.75
CA VAL J 152 16.78 -49.14 -36.66
C VAL J 152 15.42 -48.69 -36.15
N ALA J 153 15.25 -47.37 -36.01
CA ALA J 153 14.05 -46.82 -35.41
C ALA J 153 12.78 -47.19 -36.20
N GLU J 154 12.82 -46.98 -37.50
CA GLU J 154 11.63 -47.18 -38.35
C GLU J 154 11.51 -48.56 -38.98
N LEU J 155 12.51 -48.95 -39.78
CA LEU J 155 12.47 -50.25 -40.48
C LEU J 155 12.17 -51.42 -39.55
N GLN J 156 12.68 -51.34 -38.32
CA GLN J 156 12.54 -52.45 -37.39
C GLN J 156 11.57 -52.12 -36.26
N TRP J 157 11.88 -51.09 -35.48
CA TRP J 157 11.12 -50.81 -34.25
C TRP J 157 9.69 -50.28 -34.47
N ARG J 158 9.54 -49.25 -35.31
CA ARG J 158 8.21 -48.74 -35.61
C ARG J 158 7.27 -49.88 -36.07
N ASN J 159 7.76 -50.71 -37.00
CA ASN J 159 7.10 -51.98 -37.36
C ASN J 159 6.66 -52.86 -36.17
N TYR J 160 7.59 -53.09 -35.24
CA TYR J 160 7.28 -53.95 -34.10
C TYR J 160 6.22 -53.35 -33.16
N LEU J 161 6.31 -52.05 -32.90
CA LEU J 161 5.41 -51.43 -31.93
C LEU J 161 3.99 -51.14 -32.44
N GLU J 162 3.83 -50.95 -33.75
CA GLU J 162 2.53 -50.63 -34.35
C GLU J 162 1.65 -51.83 -34.68
N THR J 163 2.28 -52.98 -34.88
CA THR J 163 1.56 -54.19 -35.29
C THR J 163 1.93 -55.45 -34.50
N THR J 164 3.18 -55.89 -34.60
CA THR J 164 3.58 -57.12 -33.90
C THR J 164 3.25 -57.02 -32.41
N CYS J 165 3.63 -55.91 -31.79
CA CYS J 165 3.41 -55.71 -30.36
C CYS J 165 1.93 -55.59 -30.00
N VAL J 166 1.20 -54.75 -30.74
CA VAL J 166 -0.24 -54.60 -30.57
C VAL J 166 -1.03 -55.89 -30.90
N GLU J 167 -0.77 -56.50 -32.05
CA GLU J 167 -1.46 -57.73 -32.41
C GLU J 167 -1.27 -58.82 -31.34
N TRP J 168 -0.06 -58.91 -30.78
CA TRP J 168 0.16 -59.89 -29.73
C TRP J 168 -0.38 -59.45 -28.36
N LEU J 169 -0.41 -58.15 -28.09
CA LEU J 169 -1.05 -57.71 -26.85
C LEU J 169 -2.51 -58.12 -26.88
N GLN J 170 -3.18 -57.75 -27.98
CA GLN J 170 -4.58 -58.07 -28.19
C GLN J 170 -4.86 -59.57 -28.03
N ARG J 171 -3.91 -60.40 -28.47
CA ARG J 171 -4.07 -61.86 -28.36
C ARG J 171 -3.75 -62.42 -26.96
N TYR J 172 -2.82 -61.81 -26.23
CA TYR J 172 -2.59 -62.23 -24.84
C TYR J 172 -3.84 -61.92 -24.02
N LEU J 173 -4.37 -60.70 -24.17
CA LEU J 173 -5.54 -60.29 -23.40
C LEU J 173 -6.71 -61.23 -23.68
N GLU J 174 -6.80 -61.71 -24.92
CA GLU J 174 -7.85 -62.65 -25.29
C GLU J 174 -7.63 -63.97 -24.56
N MET J 175 -6.49 -64.60 -24.79
CA MET J 175 -6.22 -65.95 -24.26
C MET J 175 -6.20 -65.99 -22.74
N GLY J 176 -6.28 -64.82 -22.10
CA GLY J 176 -6.39 -64.73 -20.66
C GLY J 176 -7.48 -63.76 -20.28
N LYS J 177 -8.66 -63.94 -20.84
CA LYS J 177 -9.78 -63.05 -20.57
C LYS J 177 -10.33 -63.26 -19.17
N GLU J 178 -10.08 -64.45 -18.61
CA GLU J 178 -10.61 -64.79 -17.30
C GLU J 178 -10.01 -63.96 -16.17
N THR J 179 -8.71 -63.71 -16.25
CA THR J 179 -8.05 -62.98 -15.18
C THR J 179 -7.76 -61.55 -15.60
N LEU J 180 -7.12 -61.39 -16.75
CA LEU J 180 -6.65 -60.08 -17.18
C LEU J 180 -7.76 -59.03 -17.22
N LEU J 181 -8.96 -59.46 -17.64
CA LEU J 181 -10.09 -58.55 -17.88
C LEU J 181 -11.17 -58.56 -16.79
N ARG J 182 -10.98 -59.38 -15.76
CA ARG J 182 -11.84 -59.37 -14.57
C ARG J 182 -11.31 -58.47 -13.44
N ALA J 183 -11.90 -57.29 -13.26
CA ALA J 183 -11.51 -56.42 -12.13
C ALA J 183 -11.83 -57.06 -10.79
N GLU J 184 -10.88 -57.04 -9.86
CA GLU J 184 -11.07 -57.65 -8.55
C GLU J 184 -10.98 -56.59 -7.48
N PRO J 185 -12.15 -56.05 -7.08
CA PRO J 185 -12.24 -54.93 -6.14
C PRO J 185 -11.52 -55.31 -4.87
N PRO J 186 -11.12 -54.32 -4.06
CA PRO J 186 -10.32 -54.62 -2.87
C PRO J 186 -11.20 -55.05 -1.71
N SER J 187 -10.58 -55.46 -0.61
CA SER J 187 -11.33 -55.68 0.62
C SER J 187 -11.12 -54.42 1.44
N THR J 188 -12.18 -53.97 2.12
CA THR J 188 -12.17 -52.66 2.78
C THR J 188 -12.28 -52.82 4.30
N ARG J 189 -11.38 -52.17 5.04
CA ARG J 189 -11.48 -52.12 6.51
C ARG J 189 -10.62 -51.01 7.10
N VAL J 190 -10.95 -50.57 8.31
CA VAL J 190 -10.20 -49.51 8.97
C VAL J 190 -9.78 -50.05 10.32
N THR J 191 -8.59 -49.70 10.79
CA THR J 191 -8.09 -50.28 12.03
C THR J 191 -7.55 -49.17 12.91
N ARG J 192 -7.56 -49.39 14.22
CA ARG J 192 -7.18 -48.32 15.17
C ARG J 192 -6.01 -48.73 16.07
N HIS J 193 -5.07 -47.82 16.25
CA HIS J 193 -3.84 -48.15 16.95
C HIS J 193 -3.43 -47.03 17.88
N PRO J 194 -3.90 -47.10 19.13
CA PRO J 194 -3.56 -46.12 20.17
C PRO J 194 -2.05 -45.88 20.28
N ILE J 195 -1.63 -44.64 20.08
CA ILE J 195 -0.23 -44.31 20.28
C ILE J 195 -0.03 -43.92 21.72
N SER J 196 -0.99 -43.14 22.24
CA SER J 196 -0.91 -42.57 23.58
C SER J 196 -2.30 -42.18 24.10
N ASP J 197 -2.34 -41.38 25.14
CA ASP J 197 -3.62 -40.80 25.57
C ASP J 197 -4.02 -39.74 24.55
N HIS J 198 -3.02 -39.09 23.97
CA HIS J 198 -3.22 -37.93 23.11
C HIS J 198 -3.67 -38.39 21.75
N GLU J 199 -3.06 -39.46 21.25
CA GLU J 199 -3.18 -39.82 19.83
C GLU J 199 -3.57 -41.28 19.53
N VAL J 200 -4.13 -41.48 18.35
CA VAL J 200 -4.56 -42.80 17.89
C VAL J 200 -4.36 -42.81 16.38
N THR J 201 -3.70 -43.84 15.87
CA THR J 201 -3.58 -44.00 14.43
C THR J 201 -4.74 -44.81 13.86
N LEU J 202 -5.47 -44.21 12.93
CA LEU J 202 -6.39 -44.94 12.06
C LEU J 202 -5.68 -45.29 10.76
N ARG J 203 -5.65 -46.58 10.44
CA ARG J 203 -5.02 -47.04 9.19
C ARG J 203 -6.07 -47.66 8.26
N CYS J 204 -6.16 -47.17 7.03
CA CYS J 204 -7.16 -47.69 6.10
C CYS J 204 -6.61 -48.77 5.14
N TRP J 205 -7.30 -49.91 5.09
CA TRP J 205 -6.78 -51.09 4.41
C TRP J 205 -7.43 -51.46 3.08
N ALA J 206 -6.65 -52.13 2.24
CA ALA J 206 -7.06 -52.56 0.91
C ALA J 206 -6.28 -53.82 0.54
N LEU J 207 -6.93 -54.97 0.61
CA LEU J 207 -6.28 -56.24 0.25
C LEU J 207 -6.90 -56.90 -0.98
N GLY J 208 -6.08 -57.57 -1.78
CA GLY J 208 -6.52 -58.49 -2.82
C GLY J 208 -7.03 -57.90 -4.13
N PHE J 209 -6.44 -56.79 -4.55
CA PHE J 209 -6.97 -56.09 -5.71
C PHE J 209 -6.15 -56.25 -7.02
N TYR J 210 -6.81 -55.98 -8.15
CA TYR J 210 -6.21 -56.05 -9.48
C TYR J 210 -7.05 -55.19 -10.42
N PRO J 211 -6.40 -54.36 -11.24
CA PRO J 211 -4.95 -54.13 -11.36
C PRO J 211 -4.42 -53.09 -10.37
N ALA J 212 -3.09 -53.05 -10.20
CA ALA J 212 -2.41 -52.27 -9.14
C ALA J 212 -2.88 -50.82 -8.87
N GLU J 213 -3.38 -50.14 -9.90
CA GLU J 213 -3.83 -48.75 -9.79
C GLU J 213 -4.92 -48.59 -8.71
N ILE J 214 -4.72 -47.61 -7.83
CA ILE J 214 -5.64 -47.38 -6.72
C ILE J 214 -5.31 -46.06 -6.02
N THR J 215 -6.33 -45.44 -5.42
CA THR J 215 -6.15 -44.24 -4.65
C THR J 215 -6.73 -44.47 -3.27
N LEU J 216 -6.10 -43.87 -2.25
CA LEU J 216 -6.62 -43.96 -0.89
C LEU J 216 -6.53 -42.57 -0.28
N THR J 217 -7.68 -41.96 -0.02
CA THR J 217 -7.69 -40.63 0.59
C THR J 217 -8.46 -40.63 1.89
N TRP J 218 -7.85 -40.02 2.90
CA TRP J 218 -8.48 -39.81 4.20
C TRP J 218 -9.09 -38.42 4.23
N GLN J 219 -10.35 -38.35 4.70
CA GLN J 219 -11.02 -37.07 4.86
C GLN J 219 -11.35 -36.75 6.32
N ARG J 220 -11.41 -35.47 6.64
CA ARG J 220 -11.99 -35.03 7.89
C ARG J 220 -13.01 -33.93 7.59
N ASP J 221 -14.28 -34.22 7.85
CA ASP J 221 -15.38 -33.33 7.51
C ASP J 221 -15.42 -33.13 6.01
N GLY J 222 -15.14 -34.19 5.26
CA GLY J 222 -15.20 -34.13 3.81
C GLY J 222 -13.97 -33.47 3.19
N GLU J 223 -13.03 -33.06 4.04
CA GLU J 223 -11.79 -32.44 3.58
C GLU J 223 -10.67 -33.48 3.46
N ASP J 224 -10.17 -33.67 2.23
CA ASP J 224 -9.06 -34.60 1.98
C ASP J 224 -7.84 -34.18 2.81
N GLN J 225 -7.25 -35.15 3.52
CA GLN J 225 -6.15 -34.84 4.43
C GLN J 225 -4.85 -35.28 3.79
N THR J 226 -4.72 -34.97 2.51
CA THR J 226 -3.70 -35.57 1.65
C THR J 226 -2.27 -35.58 2.20
N GLN J 227 -1.66 -34.40 2.35
CA GLN J 227 -0.24 -34.35 2.69
C GLN J 227 0.00 -34.67 4.16
N ASP J 228 -1.10 -34.83 4.91
CA ASP J 228 -1.09 -35.22 6.32
C ASP J 228 -1.33 -36.73 6.52
N THR J 229 -1.55 -37.44 5.41
CA THR J 229 -1.82 -38.87 5.42
C THR J 229 -0.56 -39.63 5.01
N GLU J 230 -0.17 -40.62 5.80
CA GLU J 230 0.93 -41.53 5.40
C GLU J 230 0.41 -42.59 4.41
N VAL J 231 1.08 -42.72 3.25
CA VAL J 231 0.68 -43.71 2.24
C VAL J 231 1.88 -44.60 1.85
N VAL J 232 1.73 -45.91 1.89
CA VAL J 232 2.87 -46.74 1.47
C VAL J 232 2.78 -47.16 0.00
N ASP J 233 3.95 -47.42 -0.61
CA ASP J 233 4.00 -47.98 -1.95
C ASP J 233 3.16 -49.25 -2.01
N THR J 234 2.43 -49.40 -3.11
CA THR J 234 1.60 -50.57 -3.36
C THR J 234 2.51 -51.77 -3.45
N ARG J 235 2.03 -52.92 -3.01
CA ARG J 235 2.90 -54.06 -2.80
C ARG J 235 2.25 -55.38 -3.16
N PRO J 236 2.93 -56.20 -3.96
CA PRO J 236 2.40 -57.53 -4.32
C PRO J 236 1.91 -58.38 -3.12
N ALA J 237 0.69 -58.92 -3.22
CA ALA J 237 0.20 -59.93 -2.30
C ALA J 237 0.95 -61.27 -2.48
N GLY J 238 1.27 -61.61 -3.72
CA GLY J 238 1.94 -62.87 -4.02
C GLY J 238 1.09 -63.77 -4.89
N ASP J 239 -0.23 -63.54 -4.88
CA ASP J 239 -1.19 -64.36 -5.63
C ASP J 239 -1.65 -63.68 -6.91
N GLY J 240 -0.87 -62.73 -7.39
CA GLY J 240 -1.26 -61.98 -8.56
C GLY J 240 -2.02 -60.69 -8.23
N THR J 241 -2.69 -60.67 -7.08
CA THR J 241 -3.44 -59.49 -6.63
C THR J 241 -2.53 -58.48 -5.93
N PHE J 242 -3.05 -57.31 -5.56
CA PHE J 242 -2.27 -56.31 -4.80
C PHE J 242 -2.94 -55.80 -3.52
N GLN J 243 -2.19 -54.98 -2.77
CA GLN J 243 -2.63 -54.43 -1.49
C GLN J 243 -1.92 -53.12 -1.13
N LYS J 244 -2.53 -52.37 -0.21
CA LYS J 244 -2.00 -51.06 0.13
C LYS J 244 -2.55 -50.63 1.47
N TRP J 245 -2.02 -49.53 2.00
CA TRP J 245 -2.71 -48.82 3.07
C TRP J 245 -2.35 -47.35 3.20
N ALA J 246 -3.17 -46.64 3.96
CA ALA J 246 -2.92 -45.23 4.24
C ALA J 246 -3.39 -44.82 5.64
N ALA J 247 -2.64 -43.90 6.25
CA ALA J 247 -2.76 -43.68 7.70
C ALA J 247 -2.90 -42.23 8.07
N VAL J 248 -3.67 -41.96 9.12
CA VAL J 248 -3.67 -40.63 9.74
C VAL J 248 -3.56 -40.78 11.25
N VAL J 249 -2.68 -39.98 11.86
CA VAL J 249 -2.67 -39.92 13.31
C VAL J 249 -3.74 -38.91 13.75
N VAL J 250 -4.86 -39.43 14.26
CA VAL J 250 -5.96 -38.61 14.78
C VAL J 250 -5.86 -38.32 16.31
N PRO J 251 -6.22 -37.09 16.72
CA PRO J 251 -6.14 -36.79 18.16
C PRO J 251 -7.19 -37.54 18.98
N SER J 252 -6.73 -38.40 19.89
CA SER J 252 -7.59 -39.26 20.72
C SER J 252 -8.44 -38.46 21.69
N GLY J 253 -9.76 -38.62 21.64
CA GLY J 253 -10.42 -39.56 20.75
C GLY J 253 -10.80 -38.96 19.41
N GLN J 254 -11.85 -38.13 19.41
CA GLN J 254 -12.29 -37.37 18.22
C GLN J 254 -12.07 -38.03 16.86
N GLU J 255 -12.43 -39.31 16.73
CA GLU J 255 -12.09 -40.04 15.52
C GLU J 255 -13.23 -40.17 14.52
N GLN J 256 -14.47 -40.02 15.00
CA GLN J 256 -15.66 -40.19 14.14
C GLN J 256 -15.78 -39.10 13.07
N ARG J 257 -14.95 -38.07 13.17
CA ARG J 257 -14.84 -37.04 12.14
C ARG J 257 -14.03 -37.56 10.95
N TYR J 258 -13.52 -38.78 11.03
CA TYR J 258 -12.58 -39.26 10.03
C TYR J 258 -13.16 -40.38 9.17
N THR J 259 -13.13 -40.17 7.86
CA THR J 259 -13.54 -41.17 6.87
C THR J 259 -12.44 -41.41 5.83
N CYS J 260 -12.35 -42.64 5.37
CA CYS J 260 -11.40 -43.01 4.32
C CYS J 260 -12.18 -43.44 3.10
N HIS J 261 -11.71 -43.04 1.92
CA HIS J 261 -12.39 -43.39 0.68
C HIS J 261 -11.39 -44.03 -0.28
N VAL J 262 -11.83 -45.10 -0.95
CA VAL J 262 -10.98 -45.83 -1.87
C VAL J 262 -11.54 -45.72 -3.30
N GLN J 263 -10.65 -45.67 -4.28
CA GLN J 263 -11.04 -45.71 -5.68
C GLN J 263 -10.30 -46.82 -6.44
N HIS J 264 -11.04 -47.85 -6.83
CA HIS J 264 -10.52 -48.92 -7.67
C HIS J 264 -11.53 -49.29 -8.76
N GLU J 265 -11.04 -49.68 -9.93
CA GLU J 265 -11.88 -49.83 -11.11
C GLU J 265 -12.78 -51.07 -11.07
N GLY J 266 -12.79 -51.75 -9.92
CA GLY J 266 -13.66 -52.90 -9.74
C GLY J 266 -14.75 -52.57 -8.73
N LEU J 267 -14.74 -51.34 -8.25
CA LEU J 267 -15.66 -50.92 -7.19
C LEU J 267 -16.72 -49.94 -7.66
N VAL J 268 -16.76 -49.68 -8.95
CA VAL J 268 -17.69 -48.69 -9.47
C VAL J 268 -19.00 -49.35 -9.92
N GLU J 269 -20.07 -48.57 -9.89
CA GLU J 269 -21.43 -49.06 -10.17
C GLU J 269 -22.05 -48.29 -11.33
N PRO J 270 -22.61 -48.99 -12.31
CA PRO J 270 -23.40 -48.36 -13.37
C PRO J 270 -24.69 -47.69 -12.86
N ILE K 1 22.57 -43.46 -9.61
CA ILE K 1 23.51 -44.47 -10.11
C ILE K 1 23.74 -45.62 -9.10
N GLN K 2 23.42 -45.38 -7.83
CA GLN K 2 23.45 -46.41 -6.78
C GLN K 2 22.39 -46.10 -5.70
N ARG K 3 21.57 -47.10 -5.39
CA ARG K 3 20.32 -46.89 -4.67
C ARG K 3 20.11 -47.85 -3.53
N THR K 4 19.74 -47.31 -2.38
CA THR K 4 19.45 -48.13 -1.20
C THR K 4 18.11 -48.83 -1.30
N PRO K 5 18.04 -50.09 -0.90
CA PRO K 5 16.74 -50.79 -0.99
C PRO K 5 15.66 -50.15 -0.09
N LYS K 6 14.40 -50.47 -0.34
CA LYS K 6 13.33 -50.16 0.58
C LYS K 6 12.67 -51.49 0.90
N ILE K 7 12.39 -51.75 2.17
CA ILE K 7 11.92 -53.06 2.58
C ILE K 7 10.44 -52.95 2.91
N GLN K 8 9.67 -54.03 2.81
CA GLN K 8 8.35 -54.04 3.42
C GLN K 8 7.99 -55.45 3.81
N VAL K 9 7.56 -55.64 5.05
CA VAL K 9 7.28 -56.99 5.56
C VAL K 9 5.83 -57.10 5.97
N TYR K 10 5.18 -58.15 5.47
CA TYR K 10 3.75 -58.31 5.65
C TYR K 10 3.34 -59.75 5.35
N SER K 11 2.08 -60.05 5.65
CA SER K 11 1.54 -61.36 5.33
C SER K 11 0.63 -61.27 4.10
N ARG K 12 0.47 -62.41 3.43
CA ARG K 12 -0.39 -62.51 2.26
C ARG K 12 -1.84 -62.24 2.67
N HIS K 13 -2.20 -62.73 3.85
CA HIS K 13 -3.55 -62.58 4.39
C HIS K 13 -3.51 -62.03 5.82
N PRO K 14 -4.61 -61.40 6.28
CA PRO K 14 -4.66 -60.94 7.67
C PRO K 14 -4.40 -62.08 8.67
N ALA K 15 -3.34 -61.93 9.46
CA ALA K 15 -2.86 -63.01 10.33
C ALA K 15 -3.90 -63.45 11.34
N GLU K 16 -4.20 -64.74 11.28
CA GLU K 16 -5.06 -65.39 12.26
C GLU K 16 -4.05 -66.35 12.89
N ASN K 17 -3.71 -66.08 14.17
CA ASN K 17 -2.87 -66.94 15.00
C ASN K 17 -3.31 -68.34 14.64
N GLY K 18 -2.39 -69.14 14.12
CA GLY K 18 -2.59 -70.57 13.96
C GLY K 18 -3.07 -71.04 12.59
N LYS K 19 -3.45 -70.10 11.72
CA LYS K 19 -3.89 -70.46 10.37
C LYS K 19 -2.71 -70.42 9.38
N SER K 20 -2.78 -71.22 8.33
CA SER K 20 -1.76 -71.14 7.27
C SER K 20 -1.81 -69.77 6.60
N ASN K 21 -0.67 -69.34 6.06
CA ASN K 21 -0.50 -68.00 5.53
C ASN K 21 0.87 -67.95 4.85
N PHE K 22 1.10 -66.90 4.07
CA PHE K 22 2.38 -66.73 3.40
C PHE K 22 3.05 -65.46 3.91
N LEU K 23 4.36 -65.50 4.15
CA LEU K 23 5.08 -64.32 4.66
C LEU K 23 5.80 -63.59 3.54
N ASN K 24 5.68 -62.28 3.50
CA ASN K 24 6.26 -61.53 2.39
C ASN K 24 7.33 -60.55 2.85
N CYS K 25 8.31 -60.33 2.00
CA CYS K 25 9.27 -59.26 2.17
C CYS K 25 9.44 -58.61 0.81
N TYR K 26 8.92 -57.40 0.68
CA TYR K 26 9.00 -56.68 -0.57
C TYR K 26 10.21 -55.76 -0.48
N VAL K 27 11.21 -55.99 -1.33
CA VAL K 27 12.42 -55.19 -1.32
C VAL K 27 12.52 -54.41 -2.61
N SER K 28 12.65 -53.08 -2.55
CA SER K 28 12.43 -52.24 -3.76
C SER K 28 13.24 -50.92 -3.87
N GLY K 29 13.49 -50.49 -5.10
CA GLY K 29 14.19 -49.25 -5.34
C GLY K 29 15.73 -49.26 -5.20
N PHE K 30 16.33 -50.42 -5.38
CA PHE K 30 17.78 -50.54 -5.19
C PHE K 30 18.57 -50.65 -6.52
N HIS K 31 19.87 -50.33 -6.44
CA HIS K 31 20.79 -50.45 -7.56
C HIS K 31 22.21 -50.57 -7.03
N PRO K 32 22.97 -51.58 -7.47
CA PRO K 32 22.65 -52.50 -8.57
C PRO K 32 21.83 -53.69 -8.13
N SER K 33 21.58 -54.61 -9.07
CA SER K 33 20.63 -55.72 -8.90
C SER K 33 21.02 -56.72 -7.84
N ASP K 34 22.31 -57.01 -7.70
CA ASP K 34 22.74 -57.96 -6.67
C ASP K 34 22.32 -57.51 -5.26
N ILE K 35 21.57 -58.39 -4.58
CA ILE K 35 21.01 -58.12 -3.26
C ILE K 35 20.90 -59.45 -2.52
N GLU K 36 20.82 -59.40 -1.19
CA GLU K 36 20.72 -60.59 -0.37
C GLU K 36 19.60 -60.49 0.69
N VAL K 37 18.66 -61.42 0.61
CA VAL K 37 17.40 -61.32 1.34
C VAL K 37 17.07 -62.62 2.08
N ASP K 38 17.04 -62.54 3.40
CA ASP K 38 16.64 -63.66 4.22
C ASP K 38 15.50 -63.28 5.13
N LEU K 39 14.75 -64.29 5.55
CA LEU K 39 13.61 -64.10 6.45
C LEU K 39 13.86 -64.87 7.73
N LEU K 40 13.81 -64.14 8.85
CA LEU K 40 14.28 -64.67 10.10
C LEU K 40 13.15 -64.97 11.08
N LYS K 41 12.86 -66.25 11.33
CA LYS K 41 11.96 -66.65 12.43
C LYS K 41 12.69 -66.65 13.76
N ASN K 42 12.34 -65.70 14.62
CA ASN K 42 12.98 -65.54 15.93
C ASN K 42 14.47 -65.19 15.88
N GLY K 43 14.98 -64.89 14.68
CA GLY K 43 16.39 -64.55 14.52
C GLY K 43 17.15 -65.60 13.73
N GLU K 44 16.50 -66.76 13.54
CA GLU K 44 17.00 -67.90 12.78
C GLU K 44 16.51 -67.89 11.33
N ARG K 45 17.39 -68.27 10.40
CA ARG K 45 17.08 -68.09 8.98
C ARG K 45 16.29 -69.24 8.35
N ILE K 46 15.09 -68.93 7.84
CA ILE K 46 14.19 -69.93 7.25
C ILE K 46 14.81 -70.55 5.99
N GLU K 47 14.57 -71.83 5.77
CA GLU K 47 15.28 -72.54 4.71
C GLU K 47 14.69 -72.30 3.33
N LYS K 48 13.42 -72.63 3.15
CA LYS K 48 12.83 -72.67 1.80
C LYS K 48 12.11 -71.38 1.41
N VAL K 49 12.90 -70.35 1.09
CA VAL K 49 12.35 -69.04 0.72
C VAL K 49 12.43 -68.79 -0.79
N GLU K 50 11.27 -68.58 -1.39
CA GLU K 50 11.17 -68.35 -2.82
C GLU K 50 11.29 -66.87 -3.11
N HIS K 51 11.58 -66.52 -4.37
CA HIS K 51 11.59 -65.13 -4.81
C HIS K 51 11.15 -64.94 -6.25
N SER K 52 10.35 -63.92 -6.50
CA SER K 52 9.89 -63.60 -7.86
C SER K 52 11.05 -63.25 -8.79
N ASP K 53 10.70 -63.05 -10.06
CA ASP K 53 11.72 -62.72 -11.04
C ASP K 53 12.14 -61.29 -10.83
N LEU K 54 13.35 -60.98 -11.28
CA LEU K 54 13.82 -59.62 -11.26
C LEU K 54 13.05 -58.78 -12.28
N SER K 55 12.53 -57.65 -11.82
CA SER K 55 12.02 -56.64 -12.71
C SER K 55 12.49 -55.30 -12.17
N PHE K 56 12.26 -54.23 -12.92
CA PHE K 56 12.64 -52.91 -12.44
C PHE K 56 11.54 -51.89 -12.63
N SER K 57 11.83 -50.64 -12.31
CA SER K 57 10.85 -49.57 -12.35
C SER K 57 11.22 -48.51 -13.35
N LYS K 58 10.27 -47.62 -13.60
CA LYS K 58 10.45 -46.50 -14.51
C LYS K 58 11.75 -45.74 -14.33
N ASP K 59 12.36 -45.84 -13.15
CA ASP K 59 13.56 -45.07 -12.83
C ASP K 59 14.80 -45.96 -12.87
N TRP K 60 14.57 -47.18 -13.37
CA TRP K 60 15.56 -48.25 -13.52
C TRP K 60 15.90 -48.99 -12.24
N SER K 61 15.16 -48.75 -11.16
CA SER K 61 15.46 -49.42 -9.90
C SER K 61 14.71 -50.75 -9.79
N PHE K 62 15.38 -51.76 -9.21
CA PHE K 62 14.84 -53.13 -9.22
C PHE K 62 13.86 -53.39 -8.09
N TYR K 63 13.08 -54.47 -8.21
CA TYR K 63 12.29 -54.98 -7.10
C TYR K 63 12.08 -56.51 -7.09
N LEU K 64 12.15 -57.09 -5.89
CA LEU K 64 11.87 -58.50 -5.75
C LEU K 64 10.91 -58.72 -4.60
N LEU K 65 10.01 -59.68 -4.74
CA LEU K 65 9.27 -60.18 -3.59
C LEU K 65 9.97 -61.46 -3.08
N TYR K 66 10.24 -61.53 -1.78
CA TYR K 66 10.63 -62.81 -1.18
C TYR K 66 9.51 -63.26 -0.27
N TYR K 67 9.33 -64.57 -0.20
CA TYR K 67 8.16 -65.14 0.49
C TYR K 67 8.31 -66.59 0.93
N THR K 68 7.41 -67.02 1.81
CA THR K 68 7.38 -68.40 2.29
C THR K 68 6.11 -68.63 3.11
N GLU K 69 5.56 -69.83 3.01
CA GLU K 69 4.38 -70.23 3.77
C GLU K 69 4.70 -70.26 5.24
N PHE K 70 3.80 -69.73 6.07
CA PHE K 70 4.03 -69.77 7.52
C PHE K 70 2.74 -69.88 8.35
N THR K 71 2.91 -70.05 9.65
CA THR K 71 1.77 -70.07 10.56
C THR K 71 2.10 -69.28 11.84
N PRO K 72 1.53 -68.07 11.96
CA PRO K 72 1.88 -67.20 13.10
C PRO K 72 1.32 -67.69 14.44
N THR K 73 1.94 -67.21 15.51
CA THR K 73 1.47 -67.38 16.88
C THR K 73 1.78 -66.08 17.63
N GLU K 74 1.48 -66.03 18.92
CA GLU K 74 1.82 -64.84 19.70
C GLU K 74 3.24 -64.87 20.30
N LYS K 75 3.90 -66.02 20.22
CA LYS K 75 5.29 -66.14 20.69
C LYS K 75 6.33 -66.17 19.55
N ASP K 76 5.91 -66.51 18.34
CA ASP K 76 6.86 -66.66 17.22
C ASP K 76 7.06 -65.40 16.41
N GLU K 77 8.22 -64.78 16.54
CA GLU K 77 8.54 -63.58 15.77
C GLU K 77 9.13 -63.90 14.40
N TYR K 78 8.74 -63.12 13.38
CA TYR K 78 9.35 -63.25 12.06
C TYR K 78 9.93 -61.92 11.63
N ALA K 79 10.85 -61.96 10.67
CA ALA K 79 11.50 -60.73 10.21
C ALA K 79 12.15 -60.90 8.86
N CYS K 80 12.48 -59.77 8.25
CA CYS K 80 13.16 -59.75 6.97
C CYS K 80 14.53 -59.12 7.12
N ARG K 81 15.57 -59.83 6.70
CA ARG K 81 16.93 -59.29 6.79
C ARG K 81 17.53 -59.09 5.40
N VAL K 82 17.83 -57.83 5.08
CA VAL K 82 18.28 -57.50 3.74
C VAL K 82 19.69 -56.94 3.73
N ASN K 83 20.47 -57.34 2.73
CA ASN K 83 21.78 -56.76 2.55
C ASN K 83 22.01 -56.42 1.08
N HIS K 84 22.63 -55.27 0.87
CA HIS K 84 22.87 -54.76 -0.47
C HIS K 84 24.20 -54.03 -0.44
N VAL K 85 24.79 -53.80 -1.60
CA VAL K 85 26.09 -53.11 -1.64
C VAL K 85 26.09 -51.72 -0.98
N THR K 86 24.97 -50.99 -1.08
CA THR K 86 24.84 -49.71 -0.43
C THR K 86 24.71 -49.72 1.11
N LEU K 87 24.36 -50.86 1.70
CA LEU K 87 24.25 -50.94 3.16
C LEU K 87 25.59 -51.27 3.83
N SER K 88 25.94 -50.49 4.86
CA SER K 88 27.11 -50.76 5.69
C SER K 88 26.80 -51.84 6.72
N GLN K 89 25.72 -51.67 7.47
CA GLN K 89 25.16 -52.79 8.22
C GLN K 89 24.15 -53.56 7.36
N PRO K 90 24.03 -54.87 7.58
CA PRO K 90 22.85 -55.54 7.06
C PRO K 90 21.62 -54.94 7.73
N LYS K 91 20.54 -54.75 6.97
CA LYS K 91 19.33 -54.11 7.50
C LYS K 91 18.27 -55.15 7.93
N ILE K 92 17.77 -54.99 9.15
CA ILE K 92 16.76 -55.90 9.68
C ILE K 92 15.46 -55.15 9.91
N VAL K 93 14.35 -55.80 9.55
CA VAL K 93 13.04 -55.23 9.77
C VAL K 93 12.08 -56.24 10.35
N LYS K 94 11.68 -56.04 11.61
CA LYS K 94 10.76 -56.97 12.26
C LYS K 94 9.45 -57.04 11.50
N TRP K 95 8.64 -58.04 11.80
CA TRP K 95 7.31 -58.11 11.21
C TRP K 95 6.19 -57.69 12.19
N ASP K 96 5.38 -56.70 11.77
CA ASP K 96 4.20 -56.28 12.53
C ASP K 96 2.93 -56.69 11.80
N ARG K 97 2.08 -57.44 12.48
CA ARG K 97 0.81 -57.88 11.90
C ARG K 97 -0.11 -56.70 11.60
N ASP K 98 0.14 -55.57 12.24
CA ASP K 98 -0.73 -54.40 12.08
C ASP K 98 -0.30 -53.55 10.89
N MET K 99 0.57 -54.09 10.04
CA MET K 99 1.26 -53.26 9.08
C MET K 99 1.64 -54.04 7.81
N LYS L 1 5.15 -61.49 -27.46
CA LYS L 1 6.16 -61.79 -28.46
C LYS L 1 7.36 -60.83 -28.41
N LEU L 2 8.46 -61.31 -27.85
CA LEU L 2 9.73 -60.58 -27.79
C LEU L 2 10.16 -60.04 -29.15
N PHE L 3 10.53 -58.76 -29.20
CA PHE L 3 11.24 -58.18 -30.36
C PHE L 3 12.54 -58.98 -30.66
N SER L 4 12.93 -59.06 -31.93
CA SER L 4 14.17 -59.75 -32.30
C SER L 4 14.95 -58.96 -33.35
N GLY L 5 16.22 -59.32 -33.51
CA GLY L 5 17.08 -58.61 -34.44
C GLY L 5 17.65 -57.28 -33.94
N GLU L 6 17.75 -57.12 -32.62
CA GLU L 6 18.34 -55.87 -32.10
C GLU L 6 19.78 -55.64 -32.59
N LEU L 7 19.99 -54.56 -33.33
CA LEU L 7 21.32 -54.18 -33.81
C LEU L 7 22.26 -53.99 -32.61
N THR L 8 23.57 -54.18 -32.84
CA THR L 8 24.58 -53.99 -31.80
C THR L 8 24.66 -52.51 -31.38
N LYS L 9 25.14 -52.25 -30.17
CA LYS L 9 25.11 -50.90 -29.60
C LYS L 9 26.43 -50.16 -29.84
N GLY M 1 18.36 -20.57 -38.72
CA GLY M 1 18.45 -21.63 -37.74
C GLY M 1 17.84 -22.93 -38.26
N SER M 2 17.01 -23.57 -37.44
CA SER M 2 16.26 -24.77 -37.83
C SER M 2 15.40 -24.47 -39.07
N HIS M 3 15.84 -24.92 -40.25
CA HIS M 3 15.12 -24.68 -41.51
C HIS M 3 13.73 -25.31 -41.54
N SER M 4 12.81 -24.67 -42.25
CA SER M 4 11.42 -25.13 -42.33
C SER M 4 10.81 -24.91 -43.72
N LEU M 5 9.77 -25.69 -44.00
CA LEU M 5 8.94 -25.55 -45.19
C LEU M 5 7.52 -25.50 -44.67
N ARG M 6 6.82 -24.40 -44.89
CA ARG M 6 5.49 -24.23 -44.28
C ARG M 6 4.44 -23.78 -45.30
N TYR M 7 3.29 -24.42 -45.29
CA TYR M 7 2.18 -23.97 -46.12
C TYR M 7 0.99 -23.52 -45.28
N PHE M 8 0.43 -22.39 -45.65
CA PHE M 8 -0.74 -21.84 -44.98
C PHE M 8 -1.90 -21.82 -45.97
N TYR M 9 -3.04 -22.35 -45.54
CA TYR M 9 -4.31 -22.31 -46.29
C TYR M 9 -5.30 -21.41 -45.57
N THR M 10 -6.19 -20.73 -46.32
CA THR M 10 -7.37 -20.08 -45.73
C THR M 10 -8.58 -20.07 -46.68
N SER M 11 -9.66 -20.72 -46.23
CA SER M 11 -10.89 -20.83 -46.98
C SER M 11 -12.01 -20.12 -46.22
N VAL M 12 -12.72 -19.23 -46.92
CA VAL M 12 -13.72 -18.38 -46.31
C VAL M 12 -14.98 -18.39 -47.16
N SER M 13 -16.06 -18.94 -46.61
CA SER M 13 -17.30 -19.02 -47.36
C SER M 13 -17.93 -17.65 -47.48
N ARG M 14 -18.23 -17.26 -48.72
CA ARG M 14 -18.84 -15.96 -48.97
C ARG M 14 -20.27 -16.13 -49.45
N PRO M 15 -21.20 -16.37 -48.53
CA PRO M 15 -22.58 -16.42 -49.01
C PRO M 15 -23.16 -15.01 -49.06
N GLY M 16 -24.05 -14.75 -50.02
CA GLY M 16 -24.26 -15.63 -51.15
C GLY M 16 -23.48 -15.07 -52.32
N ARG M 17 -22.38 -14.43 -51.99
CA ARG M 17 -21.55 -13.75 -52.98
C ARG M 17 -20.56 -14.72 -53.63
N GLY M 18 -21.07 -15.88 -54.02
CA GLY M 18 -20.32 -16.82 -54.82
C GLY M 18 -19.78 -18.04 -54.08
N ASP M 19 -18.57 -18.41 -54.45
CA ASP M 19 -17.96 -19.62 -53.95
C ASP M 19 -16.88 -19.18 -52.97
N PRO M 20 -16.43 -20.10 -52.12
CA PRO M 20 -15.45 -19.67 -51.13
C PRO M 20 -14.15 -19.14 -51.73
N ARG M 21 -13.60 -18.11 -51.09
CA ARG M 21 -12.26 -17.65 -51.34
C ARG M 21 -11.33 -18.77 -50.91
N PHE M 22 -10.35 -19.13 -51.75
CA PHE M 22 -9.30 -20.03 -51.26
C PHE M 22 -7.92 -19.44 -51.42
N ILE M 23 -7.17 -19.39 -50.32
CA ILE M 23 -5.82 -18.83 -50.35
C ILE M 23 -4.82 -19.86 -49.86
N ALA M 24 -3.75 -20.06 -50.61
CA ALA M 24 -2.64 -20.86 -50.09
C ALA M 24 -1.34 -20.10 -50.23
N VAL M 25 -0.53 -20.15 -49.19
CA VAL M 25 0.79 -19.58 -49.30
C VAL M 25 1.78 -20.55 -48.71
N GLY M 26 3.02 -20.43 -49.17
CA GLY M 26 4.09 -21.30 -48.73
C GLY M 26 5.33 -20.51 -48.41
N TYR M 27 5.96 -20.85 -47.29
CA TYR M 27 7.18 -20.19 -46.85
C TYR M 27 8.29 -21.18 -46.67
N VAL M 28 9.49 -20.78 -47.07
CA VAL M 28 10.71 -21.43 -46.61
C VAL M 28 11.32 -20.46 -45.64
N ASP M 29 11.30 -20.80 -44.36
CA ASP M 29 11.67 -19.89 -43.28
C ASP M 29 10.82 -18.63 -43.34
N ASP M 30 11.46 -17.47 -43.49
CA ASP M 30 10.74 -16.19 -43.46
C ASP M 30 10.54 -15.59 -44.85
N THR M 31 10.62 -16.43 -45.88
CA THR M 31 10.49 -15.97 -47.26
C THR M 31 9.38 -16.68 -48.00
N GLN M 32 8.33 -15.94 -48.35
CA GLN M 32 7.26 -16.50 -49.15
C GLN M 32 7.76 -16.82 -50.56
N PHE M 33 7.55 -18.06 -51.02
CA PHE M 33 7.97 -18.46 -52.37
C PHE M 33 6.81 -18.77 -53.34
N VAL M 34 5.63 -19.07 -52.81
CA VAL M 34 4.48 -19.38 -53.67
C VAL M 34 3.19 -18.76 -53.16
N ARG M 35 2.20 -18.66 -54.06
CA ARG M 35 0.89 -18.16 -53.67
C ARG M 35 -0.19 -18.76 -54.55
N PHE M 36 -1.41 -18.84 -54.01
CA PHE M 36 -2.60 -19.16 -54.80
C PHE M 36 -3.89 -18.47 -54.27
N ASP M 37 -4.42 -17.55 -55.07
CA ASP M 37 -5.66 -16.87 -54.76
C ASP M 37 -6.69 -17.21 -55.83
N SER M 38 -7.69 -17.99 -55.44
CA SER M 38 -8.79 -18.43 -56.31
C SER M 38 -9.60 -17.30 -56.93
N ASP M 39 -9.49 -16.08 -56.39
CA ASP M 39 -10.19 -14.93 -56.97
C ASP M 39 -9.48 -14.36 -58.17
N ALA M 40 -8.17 -14.62 -58.25
CA ALA M 40 -7.36 -14.03 -59.30
C ALA M 40 -7.86 -14.49 -60.67
N ALA M 41 -7.34 -13.82 -61.71
CA ALA M 41 -7.68 -14.11 -63.09
C ALA M 41 -6.94 -15.34 -63.61
N THR M 42 -5.84 -15.68 -62.95
CA THR M 42 -4.90 -16.65 -63.50
C THR M 42 -5.35 -18.10 -63.31
N GLY M 43 -5.85 -18.42 -62.12
CA GLY M 43 -6.17 -19.80 -61.77
C GLY M 43 -4.89 -20.62 -61.76
N ARG M 44 -3.82 -19.98 -61.30
CA ARG M 44 -2.49 -20.55 -61.40
C ARG M 44 -1.65 -20.30 -60.16
N THR M 45 -0.96 -21.33 -59.70
CA THR M 45 0.02 -21.17 -58.63
C THR M 45 1.22 -20.39 -59.17
N GLU M 46 1.47 -19.20 -58.61
CA GLU M 46 2.55 -18.32 -59.05
C GLU M 46 3.68 -18.23 -58.02
N PRO M 47 4.92 -18.00 -58.49
CA PRO M 47 6.10 -17.78 -57.65
C PRO M 47 6.16 -16.37 -57.06
N ARG M 48 6.62 -16.26 -55.82
CA ARG M 48 6.84 -14.98 -55.17
C ARG M 48 8.29 -14.83 -54.75
N ALA M 49 9.17 -15.63 -55.36
CA ALA M 49 10.61 -15.52 -55.16
C ALA M 49 11.35 -15.82 -56.47
N PRO M 50 12.47 -15.12 -56.74
CA PRO M 50 13.15 -15.33 -58.02
C PRO M 50 13.69 -16.76 -58.14
N TRP M 51 14.25 -17.27 -57.06
CA TRP M 51 14.90 -18.57 -57.07
C TRP M 51 13.97 -19.77 -57.32
N VAL M 52 12.66 -19.55 -57.44
CA VAL M 52 11.78 -20.64 -57.88
C VAL M 52 11.32 -20.41 -59.30
N GLU M 53 11.51 -19.19 -59.79
CA GLU M 53 11.08 -18.85 -61.14
C GLU M 53 11.80 -19.71 -62.17
N GLN M 54 12.95 -20.25 -61.76
CA GLN M 54 13.70 -21.19 -62.59
C GLN M 54 12.90 -22.45 -62.92
N GLU M 55 12.16 -22.97 -61.94
CA GLU M 55 11.34 -24.18 -62.10
C GLU M 55 10.38 -24.10 -63.30
N GLY M 56 10.23 -25.23 -63.99
CA GLY M 56 9.52 -25.29 -65.26
C GLY M 56 8.02 -25.53 -65.17
N PRO M 57 7.35 -25.66 -66.33
CA PRO M 57 5.90 -25.89 -66.41
C PRO M 57 5.48 -27.09 -65.57
N GLU M 58 6.35 -28.10 -65.59
CA GLU M 58 6.08 -29.37 -64.91
C GLU M 58 5.81 -29.15 -63.44
N TYR M 59 6.48 -28.14 -62.88
CA TYR M 59 6.34 -27.80 -61.48
C TYR M 59 5.03 -27.05 -61.28
N TRP M 60 4.90 -25.94 -62.01
CA TRP M 60 3.78 -25.02 -61.84
C TRP M 60 2.43 -25.66 -62.15
N ASP M 61 2.30 -26.23 -63.35
CA ASP M 61 1.10 -26.96 -63.75
C ASP M 61 0.78 -28.10 -62.75
N GLY M 62 1.81 -28.84 -62.34
CA GLY M 62 1.66 -29.85 -61.31
C GLY M 62 1.16 -29.31 -59.97
N GLU M 63 1.48 -28.05 -59.67
CA GLU M 63 1.06 -27.44 -58.41
C GLU M 63 -0.34 -26.84 -58.48
N THR M 64 -0.70 -26.20 -59.61
CA THR M 64 -2.06 -25.68 -59.71
C THR M 64 -3.08 -26.82 -59.80
N ARG M 65 -2.67 -27.94 -60.42
CA ARG M 65 -3.50 -29.13 -60.50
C ARG M 65 -3.90 -29.61 -59.10
N LYS M 66 -2.93 -29.61 -58.21
CA LYS M 66 -3.13 -30.03 -56.84
C LYS M 66 -3.91 -28.99 -56.03
N VAL M 67 -3.54 -27.72 -56.17
CA VAL M 67 -4.13 -26.69 -55.29
C VAL M 67 -5.60 -26.40 -55.61
N LYS M 68 -5.99 -26.53 -56.88
CA LYS M 68 -7.40 -26.30 -57.28
C LYS M 68 -8.25 -27.48 -56.82
N GLU M 69 -7.60 -28.64 -56.74
CA GLU M 69 -8.17 -29.88 -56.22
C GLU M 69 -8.33 -29.74 -54.72
N THR M 70 -7.40 -29.03 -54.09
CA THR M 70 -7.50 -28.81 -52.66
C THR M 70 -8.58 -27.76 -52.36
N ALA M 71 -8.62 -26.69 -53.14
CA ALA M 71 -9.69 -25.70 -53.01
C ALA M 71 -11.12 -26.30 -52.93
N GLN M 72 -11.33 -27.40 -53.67
CA GLN M 72 -12.63 -28.08 -53.72
C GLN M 72 -12.94 -28.89 -52.45
N VAL M 73 -11.91 -29.52 -51.88
CA VAL M 73 -12.02 -30.21 -50.60
C VAL M 73 -12.41 -29.24 -49.47
N TYR M 74 -11.79 -28.06 -49.46
CA TYR M 74 -12.07 -27.05 -48.44
C TYR M 74 -13.42 -26.38 -48.66
N ARG M 75 -13.92 -26.43 -49.88
CA ARG M 75 -15.30 -26.03 -50.16
C ARG M 75 -16.27 -27.01 -49.51
N VAL M 76 -16.03 -28.30 -49.73
CA VAL M 76 -16.85 -29.35 -49.15
C VAL M 76 -16.80 -29.25 -47.63
N ASP M 77 -15.63 -28.86 -47.12
CA ASP M 77 -15.40 -28.82 -45.68
C ASP M 77 -16.14 -27.71 -44.90
N LEU M 78 -16.30 -26.54 -45.51
CA LEU M 78 -17.04 -25.46 -44.87
C LEU M 78 -18.50 -25.85 -44.68
N ASP M 79 -19.05 -26.51 -45.69
CA ASP M 79 -20.46 -26.86 -45.71
C ASP M 79 -20.68 -28.03 -44.76
N THR M 80 -19.67 -28.89 -44.67
CA THR M 80 -19.66 -29.97 -43.68
C THR M 80 -19.55 -29.47 -42.25
N LEU M 81 -18.65 -28.51 -42.01
CA LEU M 81 -18.51 -27.99 -40.65
C LEU M 81 -19.71 -27.13 -40.23
N ARG M 82 -20.33 -26.46 -41.21
CA ARG M 82 -21.53 -25.64 -40.98
C ARG M 82 -22.66 -26.45 -40.35
N GLY M 83 -22.77 -27.71 -40.76
CA GLY M 83 -23.78 -28.61 -40.24
C GLY M 83 -23.44 -29.16 -38.88
N TYR M 84 -22.18 -29.57 -38.68
CA TYR M 84 -21.71 -30.08 -37.38
C TYR M 84 -22.04 -29.09 -36.26
N TYR M 85 -21.80 -27.80 -36.51
CA TYR M 85 -22.07 -26.77 -35.50
C TYR M 85 -23.51 -26.18 -35.53
N ASN M 86 -24.34 -26.72 -36.41
N ASN M 86 -24.38 -26.72 -36.38
CA ASN M 86 -25.72 -26.26 -36.63
CA ASN M 86 -25.75 -26.22 -36.57
C ASN M 86 -25.81 -24.80 -37.10
C ASN M 86 -25.80 -24.75 -37.06
N GLN M 87 -24.78 -24.36 -37.83
CA GLN M 87 -24.75 -23.02 -38.41
C GLN M 87 -25.67 -22.93 -39.61
N SER M 88 -26.04 -21.68 -39.92
CA SER M 88 -27.01 -21.39 -40.98
C SER M 88 -26.31 -20.72 -42.14
N GLU M 89 -26.74 -21.04 -43.35
CA GLU M 89 -26.00 -20.69 -44.57
C GLU M 89 -25.71 -19.20 -44.75
N ALA M 90 -26.35 -18.36 -43.94
CA ALA M 90 -26.19 -16.91 -44.04
C ALA M 90 -24.94 -16.37 -43.32
N GLY M 91 -24.30 -17.21 -42.51
CA GLY M 91 -23.06 -16.81 -41.87
C GLY M 91 -21.84 -17.04 -42.75
N SER M 92 -20.79 -16.26 -42.53
CA SER M 92 -19.53 -16.47 -43.25
C SER M 92 -18.43 -17.03 -42.34
N HIS M 93 -17.91 -18.19 -42.72
CA HIS M 93 -17.02 -18.92 -41.84
C HIS M 93 -15.59 -19.02 -42.37
N THR M 94 -14.71 -19.59 -41.55
CA THR M 94 -13.30 -19.70 -41.90
C THR M 94 -12.63 -21.01 -41.44
N ILE M 95 -11.95 -21.68 -42.38
CA ILE M 95 -11.12 -22.83 -42.09
C ILE M 95 -9.67 -22.44 -42.39
N GLN M 96 -8.77 -22.74 -41.46
CA GLN M 96 -7.36 -22.49 -41.69
C GLN M 96 -6.51 -23.70 -41.37
N THR M 97 -5.50 -23.91 -42.20
CA THR M 97 -4.68 -25.07 -42.10
C THR M 97 -3.25 -24.64 -42.13
N MET M 98 -2.43 -25.24 -41.27
CA MET M 98 -1.01 -25.02 -41.32
C MET M 98 -0.27 -26.34 -41.23
N TYR M 99 0.66 -26.57 -42.14
CA TYR M 99 1.49 -27.74 -42.02
C TYR M 99 2.88 -27.43 -42.51
N GLY M 100 3.80 -28.34 -42.22
CA GLY M 100 5.15 -28.22 -42.73
C GLY M 100 6.16 -29.04 -41.96
N CYS M 101 7.42 -28.93 -42.39
CA CYS M 101 8.49 -29.72 -41.80
C CYS M 101 9.74 -28.92 -41.46
N ASP M 102 10.41 -29.33 -40.38
CA ASP M 102 11.68 -28.76 -39.95
C ASP M 102 12.80 -29.69 -40.34
N LEU M 103 13.76 -29.16 -41.10
CA LEU M 103 14.93 -29.94 -41.49
C LEU M 103 15.94 -30.09 -40.33
N GLY M 104 16.20 -31.34 -39.94
CA GLY M 104 17.29 -31.63 -39.03
C GLY M 104 18.45 -32.23 -39.80
N PRO M 105 19.69 -31.97 -39.35
CA PRO M 105 20.84 -32.69 -39.92
C PRO M 105 20.66 -34.21 -39.80
N GLY M 106 21.00 -34.95 -40.86
CA GLY M 106 21.51 -34.36 -42.09
C GLY M 106 20.40 -34.03 -43.05
N GLY M 107 19.87 -35.06 -43.70
CA GLY M 107 18.70 -34.90 -44.53
C GLY M 107 17.54 -35.65 -43.91
N ARG M 108 17.27 -35.39 -42.64
CA ARG M 108 16.25 -36.12 -41.90
C ARG M 108 15.21 -35.19 -41.25
N LEU M 109 13.94 -35.59 -41.30
CA LEU M 109 12.86 -34.79 -40.72
C LEU M 109 13.05 -34.60 -39.23
N LEU M 110 13.02 -33.35 -38.76
CA LEU M 110 13.24 -33.06 -37.36
C LEU M 110 11.93 -33.00 -36.57
N ARG M 111 10.90 -32.47 -37.21
CA ARG M 111 9.63 -32.21 -36.58
C ARG M 111 8.68 -31.92 -37.71
N GLY M 112 7.52 -32.56 -37.68
CA GLY M 112 6.47 -32.29 -38.64
C GLY M 112 5.22 -31.80 -37.93
N TYR M 113 4.41 -31.01 -38.63
CA TYR M 113 3.18 -30.48 -38.03
C TYR M 113 2.08 -30.31 -39.06
N ARG M 114 0.82 -30.38 -38.63
CA ARG M 114 -0.32 -30.25 -39.53
C ARG M 114 -1.49 -29.88 -38.69
N GLN M 115 -1.93 -28.63 -38.79
CA GLN M 115 -2.88 -28.07 -37.84
C GLN M 115 -4.04 -27.39 -38.54
N ASP M 116 -5.23 -27.42 -37.93
CA ASP M 116 -6.44 -26.84 -38.51
C ASP M 116 -7.21 -25.98 -37.51
N ALA M 117 -8.00 -25.04 -38.05
CA ALA M 117 -8.83 -24.16 -37.23
C ALA M 117 -10.17 -23.80 -37.89
N TYR M 118 -11.14 -23.47 -37.05
CA TYR M 118 -12.46 -23.06 -37.51
C TYR M 118 -13.02 -21.86 -36.71
N ASP M 119 -13.28 -20.75 -37.40
CA ASP M 119 -13.65 -19.47 -36.80
C ASP M 119 -12.66 -19.00 -35.74
N GLY M 120 -11.36 -19.06 -36.05
CA GLY M 120 -10.32 -18.55 -35.16
C GLY M 120 -9.80 -19.50 -34.10
N ALA M 121 -10.43 -20.66 -33.95
CA ALA M 121 -10.15 -21.52 -32.80
C ALA M 121 -9.63 -22.86 -33.28
N ASP M 122 -8.92 -23.58 -32.42
CA ASP M 122 -8.40 -24.89 -32.79
C ASP M 122 -9.53 -25.83 -33.18
N TYR M 123 -9.29 -26.60 -34.26
CA TYR M 123 -10.16 -27.67 -34.70
C TYR M 123 -9.46 -29.03 -34.52
N ILE M 124 -8.51 -29.37 -35.40
CA ILE M 124 -7.73 -30.61 -35.28
C ILE M 124 -6.23 -30.44 -35.57
N ALA M 125 -5.38 -31.21 -34.89
CA ALA M 125 -3.92 -31.14 -35.03
C ALA M 125 -3.24 -32.50 -35.16
N LEU M 126 -2.46 -32.72 -36.22
CA LEU M 126 -1.58 -33.88 -36.19
C LEU M 126 -0.59 -33.73 -35.04
N ASN M 127 -0.55 -34.73 -34.17
CA ASN M 127 0.41 -34.79 -33.05
C ASN M 127 1.85 -34.81 -33.53
N GLU M 128 2.77 -34.93 -32.58
CA GLU M 128 4.18 -34.93 -32.90
C GLU M 128 4.55 -36.32 -33.37
N ASP M 129 3.79 -37.31 -32.89
CA ASP M 129 4.06 -38.70 -33.25
C ASP M 129 3.72 -39.09 -34.71
N LEU M 130 2.85 -38.30 -35.34
CA LEU M 130 2.43 -38.49 -36.72
C LEU M 130 1.57 -39.77 -36.97
N ARG M 131 0.83 -40.19 -35.94
CA ARG M 131 -0.04 -41.38 -36.00
C ARG M 131 -1.32 -41.21 -35.19
N SER M 132 -1.44 -40.07 -34.51
CA SER M 132 -2.58 -39.77 -33.66
C SER M 132 -3.05 -38.33 -33.87
N TRP M 133 -4.24 -38.01 -33.36
CA TRP M 133 -4.82 -36.68 -33.51
C TRP M 133 -5.27 -36.14 -32.18
N THR M 134 -5.13 -34.83 -32.00
CA THR M 134 -5.72 -34.14 -30.87
C THR M 134 -6.92 -33.32 -31.37
N ALA M 135 -8.11 -33.63 -30.87
CA ALA M 135 -9.34 -32.98 -31.33
C ALA M 135 -9.87 -32.03 -30.25
N ALA M 136 -10.31 -30.84 -30.66
CA ALA M 136 -10.70 -29.83 -29.68
C ALA M 136 -12.13 -29.95 -29.16
N ASP M 137 -13.12 -30.09 -30.04
CA ASP M 137 -14.50 -30.21 -29.59
C ASP M 137 -15.22 -31.43 -30.13
N THR M 138 -16.48 -31.57 -29.75
CA THR M 138 -17.29 -32.71 -30.13
C THR M 138 -17.37 -32.87 -31.66
N ALA M 139 -17.40 -31.76 -32.40
CA ALA M 139 -17.44 -31.85 -33.85
C ALA M 139 -16.11 -32.35 -34.42
N ALA M 140 -15.01 -32.11 -33.71
CA ALA M 140 -13.68 -32.52 -34.17
C ALA M 140 -13.45 -33.98 -33.89
N GLN M 141 -14.32 -34.54 -33.05
CA GLN M 141 -14.24 -35.94 -32.66
C GLN M 141 -14.87 -36.80 -33.75
N ILE M 142 -15.75 -36.18 -34.54
CA ILE M 142 -16.34 -36.81 -35.72
C ILE M 142 -15.28 -36.93 -36.79
N THR M 143 -14.61 -35.81 -37.08
CA THR M 143 -13.57 -35.80 -38.11
C THR M 143 -12.47 -36.77 -37.76
N ARG M 144 -12.18 -36.88 -36.46
CA ARG M 144 -11.08 -37.73 -36.01
C ARG M 144 -11.34 -39.22 -36.26
N ARG M 145 -12.52 -39.73 -35.91
CA ARG M 145 -12.91 -41.11 -36.21
C ARG M 145 -12.63 -41.45 -37.66
N LYS M 146 -13.16 -40.60 -38.54
CA LYS M 146 -13.04 -40.74 -39.98
C LYS M 146 -11.61 -40.74 -40.49
N TRP M 147 -10.71 -40.00 -39.84
CA TRP M 147 -9.31 -40.04 -40.29
C TRP M 147 -8.52 -41.16 -39.60
N GLU M 148 -8.96 -41.57 -38.42
CA GLU M 148 -8.33 -42.68 -37.71
C GLU M 148 -8.62 -43.97 -38.47
N ALA M 149 -9.90 -44.18 -38.77
CA ALA M 149 -10.32 -45.39 -39.47
C ALA M 149 -9.62 -45.55 -40.82
N ALA M 150 -9.39 -44.42 -41.50
CA ALA M 150 -8.78 -44.38 -42.82
C ALA M 150 -7.26 -44.26 -42.75
N GLY M 151 -6.73 -44.36 -41.53
CA GLY M 151 -5.30 -44.28 -41.26
C GLY M 151 -4.55 -43.16 -41.95
N VAL M 152 -5.20 -42.00 -42.07
CA VAL M 152 -4.62 -40.87 -42.82
C VAL M 152 -3.26 -40.38 -42.31
N ALA M 153 -3.18 -40.18 -41.01
CA ALA M 153 -2.04 -39.57 -40.35
C ALA M 153 -0.75 -40.30 -40.67
N GLU M 154 -0.74 -41.61 -40.40
CA GLU M 154 0.45 -42.44 -40.56
C GLU M 154 0.69 -42.84 -42.02
N LEU M 155 -0.36 -43.16 -42.76
CA LEU M 155 -0.22 -43.49 -44.18
C LEU M 155 0.22 -42.25 -44.95
N GLN M 156 -0.64 -41.21 -44.97
CA GLN M 156 -0.41 -40.02 -45.80
C GLN M 156 0.48 -38.90 -45.22
N TRP M 157 0.20 -38.44 -43.99
CA TRP M 157 0.98 -37.32 -43.43
C TRP M 157 2.38 -37.68 -42.91
N ARG M 158 2.49 -38.78 -42.18
CA ARG M 158 3.82 -39.25 -41.79
C ARG M 158 4.67 -39.58 -43.04
N ASN M 159 4.01 -39.93 -44.16
CA ASN M 159 4.75 -40.10 -45.41
C ASN M 159 5.23 -38.79 -46.02
N TYR M 160 4.31 -37.85 -46.23
CA TYR M 160 4.63 -36.60 -46.87
C TYR M 160 5.67 -35.80 -46.08
N LEU M 161 5.51 -35.74 -44.75
CA LEU M 161 6.47 -35.06 -43.88
C LEU M 161 7.86 -35.76 -43.81
N GLU M 162 7.92 -37.09 -43.92
CA GLU M 162 9.21 -37.79 -43.85
C GLU M 162 9.89 -37.98 -45.20
N THR M 163 9.21 -37.59 -46.28
CA THR M 163 9.79 -37.75 -47.62
C THR M 163 9.75 -36.46 -48.44
N THR M 164 8.59 -36.22 -49.06
CA THR M 164 8.39 -35.08 -49.95
C THR M 164 8.77 -33.77 -49.28
N CYS M 165 8.12 -33.44 -48.17
CA CYS M 165 8.41 -32.22 -47.42
C CYS M 165 9.90 -31.99 -47.17
N VAL M 166 10.56 -32.96 -46.52
CA VAL M 166 12.02 -33.00 -46.32
C VAL M 166 12.80 -32.75 -47.62
N GLU M 167 12.56 -33.62 -48.59
CA GLU M 167 13.28 -33.59 -49.84
C GLU M 167 13.14 -32.25 -50.57
N TRP M 168 11.96 -31.65 -50.54
CA TRP M 168 11.78 -30.38 -51.26
C TRP M 168 12.36 -29.16 -50.50
N LEU M 169 12.53 -29.31 -49.20
CA LEU M 169 13.16 -28.27 -48.39
C LEU M 169 14.59 -28.08 -48.86
N GLN M 170 15.23 -29.20 -49.18
CA GLN M 170 16.61 -29.20 -49.59
C GLN M 170 16.75 -28.73 -51.04
N ARG M 171 15.69 -28.90 -51.84
CA ARG M 171 15.73 -28.40 -53.21
C ARG M 171 15.54 -26.89 -53.24
N TYR M 172 14.67 -26.40 -52.36
CA TYR M 172 14.46 -24.96 -52.25
C TYR M 172 15.70 -24.30 -51.67
N LEU M 173 16.25 -24.89 -50.60
CA LEU M 173 17.41 -24.32 -49.94
C LEU M 173 18.65 -24.27 -50.84
N GLU M 174 18.78 -25.27 -51.72
CA GLU M 174 19.87 -25.26 -52.71
C GLU M 174 19.63 -24.23 -53.82
N MET M 175 18.50 -24.35 -54.50
CA MET M 175 18.15 -23.44 -55.60
C MET M 175 17.98 -21.96 -55.20
N GLY M 176 18.05 -21.66 -53.91
CA GLY M 176 17.98 -20.29 -53.44
C GLY M 176 19.09 -19.95 -52.47
N LYS M 177 20.20 -20.67 -52.56
CA LYS M 177 21.31 -20.53 -51.60
C LYS M 177 21.85 -19.11 -51.56
N GLU M 178 21.87 -18.46 -52.73
CA GLU M 178 22.31 -17.07 -52.88
C GLU M 178 21.49 -16.11 -52.00
N THR M 179 20.28 -16.52 -51.65
CA THR M 179 19.34 -15.74 -50.84
C THR M 179 19.25 -16.27 -49.42
N LEU M 180 18.65 -17.45 -49.30
CA LEU M 180 18.15 -18.03 -48.04
C LEU M 180 19.17 -18.29 -46.91
N LEU M 181 20.38 -18.67 -47.30
CA LEU M 181 21.36 -19.10 -46.31
C LEU M 181 22.31 -17.99 -45.85
N ARG M 182 22.40 -16.90 -46.62
CA ARG M 182 23.16 -15.75 -46.13
C ARG M 182 22.38 -15.12 -44.98
N ALA M 183 23.04 -14.38 -44.10
CA ALA M 183 22.33 -13.65 -43.04
C ALA M 183 22.61 -12.16 -43.10
N GLU M 184 21.66 -11.41 -43.62
CA GLU M 184 21.71 -9.97 -43.68
C GLU M 184 21.54 -9.42 -42.26
N PRO M 185 22.66 -9.01 -41.64
CA PRO M 185 22.68 -8.60 -40.24
C PRO M 185 22.01 -7.23 -40.03
N PRO M 186 21.65 -6.93 -38.77
CA PRO M 186 20.99 -5.66 -38.43
C PRO M 186 21.94 -4.47 -38.51
N SER M 187 21.49 -3.44 -39.21
CA SER M 187 22.10 -2.13 -39.10
C SER M 187 21.51 -1.52 -37.83
N THR M 188 22.34 -1.29 -36.81
CA THR M 188 21.83 -0.85 -35.54
C THR M 188 22.09 0.62 -35.27
N ARG M 189 21.24 1.25 -34.46
CA ARG M 189 21.48 2.60 -33.94
C ARG M 189 20.50 3.02 -32.86
N VAL M 190 20.88 4.08 -32.15
CA VAL M 190 20.16 4.57 -30.99
C VAL M 190 19.74 6.02 -31.24
N THR M 191 18.46 6.33 -31.09
CA THR M 191 18.01 7.71 -31.34
C THR M 191 17.33 8.31 -30.11
N ARG M 192 17.75 9.51 -29.74
CA ARG M 192 17.23 10.20 -28.57
C ARG M 192 16.02 11.09 -28.90
N HIS M 193 15.01 11.08 -28.04
CA HIS M 193 13.76 11.77 -28.31
C HIS M 193 13.20 12.46 -27.09
N PRO M 194 13.74 13.64 -26.74
CA PRO M 194 13.38 14.36 -25.51
C PRO M 194 11.88 14.47 -25.20
N ILE M 195 11.56 14.40 -23.91
CA ILE M 195 10.21 14.65 -23.43
C ILE M 195 10.18 16.00 -22.72
N SER M 196 11.32 16.37 -22.12
CA SER M 196 11.52 17.61 -21.35
C SER M 196 12.94 17.48 -20.77
N ASP M 197 13.10 17.94 -19.53
CA ASP M 197 14.37 17.70 -18.82
C ASP M 197 14.13 16.48 -17.95
N HIS M 198 12.88 16.31 -17.53
CA HIS M 198 12.46 15.18 -16.70
C HIS M 198 12.66 13.76 -17.25
N GLU M 199 11.85 13.39 -18.24
CA GLU M 199 12.01 12.12 -18.93
C GLU M 199 12.62 12.33 -20.34
N VAL M 200 13.36 11.35 -20.86
CA VAL M 200 13.90 11.40 -22.23
C VAL M 200 13.94 9.98 -22.82
N THR M 201 13.45 9.83 -24.06
CA THR M 201 13.33 8.49 -24.65
C THR M 201 14.50 8.02 -25.52
N LEU M 202 15.20 6.99 -25.02
CA LEU M 202 16.18 6.26 -25.82
C LEU M 202 15.56 5.04 -26.52
N ARG M 203 15.75 5.01 -27.84
CA ARG M 203 15.17 3.99 -28.70
C ARG M 203 16.30 3.29 -29.45
N CYS M 204 16.31 1.96 -29.45
CA CYS M 204 17.35 1.20 -30.16
C CYS M 204 16.74 0.57 -31.41
N TRP M 205 17.42 0.71 -32.54
CA TRP M 205 16.91 0.27 -33.84
C TRP M 205 17.70 -0.88 -34.44
N ALA M 206 16.98 -1.85 -35.00
CA ALA M 206 17.57 -3.02 -35.64
C ALA M 206 16.93 -3.15 -37.02
N LEU M 207 17.68 -2.85 -38.08
CA LEU M 207 17.09 -2.51 -39.39
C LEU M 207 17.53 -3.36 -40.58
N GLY M 208 16.55 -3.72 -41.42
CA GLY M 208 16.78 -4.50 -42.62
C GLY M 208 17.47 -5.84 -42.41
N PHE M 209 17.05 -6.60 -41.41
CA PHE M 209 17.72 -7.85 -41.10
C PHE M 209 16.91 -9.09 -41.57
N TYR M 210 17.58 -10.26 -41.61
CA TYR M 210 17.00 -11.55 -42.01
C TYR M 210 17.89 -12.71 -41.51
N PRO M 211 17.31 -13.70 -40.81
CA PRO M 211 15.91 -14.05 -40.50
C PRO M 211 15.26 -13.19 -39.43
N ALA M 212 13.95 -13.38 -39.23
CA ALA M 212 13.15 -12.50 -38.41
C ALA M 212 13.45 -12.61 -36.90
N GLU M 213 14.16 -13.69 -36.53
CA GLU M 213 14.59 -13.93 -35.15
C GLU M 213 15.53 -12.82 -34.64
N ILE M 214 15.25 -12.27 -33.47
CA ILE M 214 16.06 -11.19 -32.93
C ILE M 214 15.76 -10.96 -31.46
N THR M 215 16.61 -10.17 -30.80
CA THR M 215 16.52 -9.96 -29.37
C THR M 215 17.05 -8.57 -29.11
N LEU M 216 16.23 -7.72 -28.53
CA LEU M 216 16.62 -6.32 -28.36
C LEU M 216 16.60 -6.03 -26.89
N THR M 217 17.74 -5.56 -26.37
CA THR M 217 17.92 -5.50 -24.94
C THR M 217 18.45 -4.14 -24.50
N TRP M 218 17.83 -3.58 -23.47
CA TRP M 218 18.35 -2.38 -22.81
C TRP M 218 18.79 -2.70 -21.40
N GLN M 219 20.07 -2.50 -21.12
CA GLN M 219 20.58 -2.65 -19.76
C GLN M 219 21.04 -1.32 -19.24
N ARG M 220 20.76 -1.05 -17.98
CA ARG M 220 21.34 0.12 -17.32
C ARG M 220 22.86 -0.05 -17.05
N ASP M 221 23.22 -0.85 -16.04
CA ASP M 221 24.63 -1.27 -15.92
C ASP M 221 24.83 -2.51 -16.78
N GLY M 222 24.80 -3.68 -16.15
CA GLY M 222 24.63 -4.93 -16.85
C GLY M 222 23.24 -5.43 -16.52
N GLU M 223 22.39 -4.52 -16.02
CA GLU M 223 21.06 -4.90 -15.56
C GLU M 223 19.95 -4.73 -16.62
N ASP M 224 19.41 -5.85 -17.11
CA ASP M 224 18.36 -5.84 -18.13
C ASP M 224 17.08 -5.17 -17.63
N GLN M 225 16.66 -4.16 -18.37
CA GLN M 225 15.48 -3.39 -18.03
C GLN M 225 14.33 -3.80 -18.95
N THR M 226 14.26 -5.09 -19.24
CA THR M 226 13.32 -5.60 -20.24
C THR M 226 11.86 -5.68 -19.75
N GLN M 227 11.64 -5.55 -18.45
CA GLN M 227 10.26 -5.41 -17.96
C GLN M 227 9.77 -3.99 -18.22
N ASP M 228 10.71 -3.08 -18.50
CA ASP M 228 10.39 -1.66 -18.67
C ASP M 228 10.80 -1.10 -20.02
N THR M 229 11.27 -2.01 -20.89
CA THR M 229 11.61 -1.67 -22.25
C THR M 229 10.42 -1.97 -23.14
N GLU M 230 9.89 -0.93 -23.78
CA GLU M 230 8.87 -1.14 -24.77
C GLU M 230 9.52 -1.67 -26.03
N VAL M 231 9.00 -2.80 -26.51
CA VAL M 231 9.58 -3.53 -27.63
C VAL M 231 8.47 -3.91 -28.58
N VAL M 232 8.58 -3.50 -29.85
CA VAL M 232 7.46 -3.64 -30.76
C VAL M 232 7.57 -4.91 -31.57
N ASP M 233 6.43 -5.45 -32.03
CA ASP M 233 6.45 -6.59 -32.93
C ASP M 233 7.39 -6.33 -34.09
N THR M 234 8.19 -7.35 -34.42
CA THR M 234 9.00 -7.37 -35.64
C THR M 234 8.03 -7.17 -36.78
N ARG M 235 8.42 -6.30 -37.71
CA ARG M 235 7.58 -5.87 -38.83
C ARG M 235 8.44 -5.91 -40.08
N PRO M 236 7.84 -6.18 -41.24
CA PRO M 236 8.65 -6.28 -42.45
C PRO M 236 9.04 -4.93 -43.04
N ALA M 237 10.26 -4.83 -43.57
CA ALA M 237 10.61 -3.69 -44.43
C ALA M 237 9.70 -3.62 -45.67
N GLY M 238 9.57 -4.76 -46.36
CA GLY M 238 8.77 -4.86 -47.55
C GLY M 238 9.61 -5.58 -48.58
N ASP M 239 10.91 -5.51 -48.39
CA ASP M 239 11.87 -6.00 -49.36
C ASP M 239 12.50 -7.31 -48.96
N GLY M 240 11.86 -8.04 -48.05
CA GLY M 240 12.34 -9.36 -47.65
C GLY M 240 13.14 -9.44 -46.38
N THR M 241 13.46 -8.28 -45.81
CA THR M 241 14.19 -8.17 -44.56
C THR M 241 13.26 -7.66 -43.46
N PHE M 242 13.74 -7.55 -42.24
CA PHE M 242 12.87 -7.14 -41.17
C PHE M 242 13.33 -5.88 -40.44
N GLN M 243 12.45 -5.31 -39.63
CA GLN M 243 12.87 -4.24 -38.75
C GLN M 243 12.14 -4.29 -37.42
N LYS M 244 12.87 -3.90 -36.38
CA LYS M 244 12.38 -3.96 -35.02
C LYS M 244 12.96 -2.78 -34.24
N TRP M 245 12.33 -2.39 -33.13
CA TRP M 245 12.93 -1.43 -32.20
C TRP M 245 12.51 -1.63 -30.75
N ALA M 246 13.30 -1.08 -29.82
CA ALA M 246 13.02 -1.19 -28.40
C ALA M 246 13.22 0.19 -27.76
N ALA M 247 12.51 0.48 -26.67
CA ALA M 247 12.66 1.80 -26.09
C ALA M 247 12.44 1.88 -24.59
N VAL M 248 13.22 2.75 -23.96
CA VAL M 248 13.15 2.98 -22.52
C VAL M 248 13.17 4.47 -22.20
N VAL M 249 12.52 4.85 -21.11
CA VAL M 249 12.40 6.25 -20.73
C VAL M 249 13.37 6.61 -19.58
N VAL M 250 14.48 7.25 -19.94
CA VAL M 250 15.60 7.47 -18.99
C VAL M 250 15.74 8.90 -18.44
N PRO M 251 15.79 9.03 -17.09
CA PRO M 251 16.07 10.29 -16.41
C PRO M 251 17.29 10.94 -17.04
N SER M 252 17.06 12.07 -17.68
CA SER M 252 18.09 12.86 -18.32
C SER M 252 18.84 13.66 -17.26
N GLY M 253 20.17 13.72 -17.37
CA GLY M 253 20.91 13.03 -18.41
C GLY M 253 21.78 11.93 -17.83
N GLN M 254 21.12 10.90 -17.29
CA GLN M 254 21.79 9.68 -16.82
C GLN M 254 21.70 8.57 -17.89
N GLU M 255 21.90 8.96 -19.15
CA GLU M 255 21.86 8.02 -20.25
C GLU M 255 23.25 7.48 -20.56
N GLN M 256 24.24 7.94 -19.80
CA GLN M 256 25.58 7.37 -19.75
C GLN M 256 25.46 5.91 -19.39
N ARG M 257 24.64 5.66 -18.37
CA ARG M 257 24.37 4.32 -17.89
C ARG M 257 23.83 3.30 -18.89
N TYR M 258 22.59 3.53 -19.33
CA TYR M 258 21.92 2.76 -20.40
C TYR M 258 22.69 2.49 -21.70
N THR M 259 22.83 1.21 -22.04
CA THR M 259 23.37 0.77 -23.31
C THR M 259 22.46 -0.28 -23.93
N CYS M 260 22.50 -0.41 -25.25
CA CYS M 260 21.59 -1.28 -25.98
C CYS M 260 22.34 -2.50 -26.46
N HIS M 261 21.75 -3.68 -26.28
CA HIS M 261 22.43 -4.88 -26.74
C HIS M 261 21.53 -5.68 -27.66
N VAL M 262 22.04 -6.00 -28.84
CA VAL M 262 21.24 -6.57 -29.91
C VAL M 262 21.76 -7.92 -30.27
N GLN M 263 20.88 -8.91 -30.31
CA GLN M 263 21.34 -10.25 -30.63
C GLN M 263 20.76 -10.75 -31.93
N HIS M 264 21.61 -11.01 -32.93
CA HIS M 264 21.10 -11.58 -34.16
C HIS M 264 22.00 -12.57 -34.88
N GLU M 265 21.38 -13.64 -35.37
CA GLU M 265 22.05 -14.74 -36.07
C GLU M 265 23.22 -14.30 -36.96
N GLY M 266 23.04 -13.23 -37.71
CA GLY M 266 24.09 -12.75 -38.60
C GLY M 266 25.09 -11.79 -37.97
N LEU M 267 25.07 -11.67 -36.65
CA LEU M 267 26.03 -10.83 -35.95
C LEU M 267 27.02 -11.72 -35.20
N VAL M 268 27.36 -12.84 -35.82
CA VAL M 268 28.30 -13.75 -35.20
C VAL M 268 29.68 -13.64 -35.83
N GLU M 269 30.69 -13.54 -34.98
CA GLU M 269 32.07 -13.57 -35.44
C GLU M 269 32.75 -14.83 -34.90
N PRO M 270 32.96 -15.81 -35.79
CA PRO M 270 33.76 -17.00 -35.49
C PRO M 270 35.17 -16.63 -34.99
N VAL M 271 35.90 -17.62 -34.45
CA VAL M 271 37.28 -17.42 -33.97
C VAL M 271 38.27 -16.94 -35.05
N ILE N 1 -12.59 -16.25 -31.03
CA ILE N 1 -13.34 -16.36 -32.29
C ILE N 1 -13.15 -15.13 -33.22
N GLN N 2 -13.23 -13.91 -32.68
CA GLN N 2 -13.01 -12.68 -33.47
C GLN N 2 -11.97 -11.78 -32.77
N ARG N 3 -11.03 -11.22 -33.56
CA ARG N 3 -9.92 -10.48 -32.99
C ARG N 3 -9.72 -9.10 -33.60
N THR N 4 -9.14 -8.20 -32.83
CA THR N 4 -8.86 -6.83 -33.27
C THR N 4 -7.47 -6.66 -33.85
N PRO N 5 -7.38 -6.01 -35.02
CA PRO N 5 -6.05 -5.80 -35.61
C PRO N 5 -5.23 -4.74 -34.87
N LYS N 6 -3.91 -4.97 -34.88
CA LYS N 6 -2.88 -4.06 -34.43
C LYS N 6 -2.36 -3.38 -35.68
N ILE N 7 -1.83 -2.17 -35.54
CA ILE N 7 -1.37 -1.42 -36.70
C ILE N 7 0.02 -0.85 -36.45
N GLN N 8 0.93 -1.01 -37.39
CA GLN N 8 2.19 -0.27 -37.35
C GLN N 8 2.34 0.52 -38.64
N VAL N 9 2.54 1.83 -38.51
CA VAL N 9 2.82 2.61 -39.69
C VAL N 9 4.26 2.99 -39.51
N TYR N 10 5.02 2.95 -40.60
CA TYR N 10 6.44 3.23 -40.57
C TYR N 10 6.98 3.40 -41.99
N SER N 11 8.30 3.38 -42.11
CA SER N 11 8.97 3.45 -43.40
C SER N 11 9.93 2.27 -43.58
N ARG N 12 10.21 1.91 -44.83
CA ARG N 12 11.17 0.87 -45.12
C ARG N 12 12.54 1.33 -44.66
N HIS N 13 12.97 2.46 -45.21
CA HIS N 13 14.25 3.08 -44.92
C HIS N 13 13.99 4.32 -44.09
N PRO N 14 15.03 4.83 -43.38
CA PRO N 14 14.86 6.07 -42.59
C PRO N 14 14.41 7.25 -43.45
N ALA N 15 13.38 7.96 -42.99
CA ALA N 15 12.68 8.96 -43.80
C ALA N 15 13.41 10.32 -43.94
N GLU N 16 13.78 10.65 -45.18
CA GLU N 16 14.49 11.89 -45.53
C GLU N 16 13.83 12.58 -46.71
N ASN N 17 13.26 13.75 -46.46
CA ASN N 17 12.48 14.51 -47.42
C ASN N 17 13.09 14.64 -48.81
N GLY N 18 12.31 14.35 -49.85
CA GLY N 18 12.82 14.36 -51.20
C GLY N 18 13.34 13.01 -51.70
N LYS N 19 13.91 12.21 -50.79
CA LYS N 19 14.43 10.89 -51.15
C LYS N 19 13.33 9.82 -51.21
N SER N 20 13.19 9.17 -52.37
CA SER N 20 12.10 8.22 -52.57
C SER N 20 12.20 7.02 -51.61
N ASN N 21 11.03 6.64 -51.08
CA ASN N 21 10.96 5.63 -50.05
C ASN N 21 9.64 4.88 -50.11
N PHE N 22 9.39 4.04 -49.10
CA PHE N 22 8.17 3.23 -49.02
C PHE N 22 7.44 3.38 -47.68
N LEU N 23 6.17 3.73 -47.74
CA LEU N 23 5.36 3.85 -46.54
C LEU N 23 4.68 2.52 -46.31
N ASN N 24 5.07 1.83 -45.24
CA ASN N 24 4.44 0.54 -44.94
C ASN N 24 3.38 0.67 -43.83
N CYS N 25 2.25 -0.02 -43.97
CA CYS N 25 1.33 -0.17 -42.85
C CYS N 25 1.23 -1.65 -42.53
N TYR N 26 1.61 -2.05 -41.33
CA TYR N 26 1.50 -3.45 -40.95
C TYR N 26 0.27 -3.67 -40.07
N VAL N 27 -0.68 -4.45 -40.55
CA VAL N 27 -1.88 -4.83 -39.77
C VAL N 27 -1.81 -6.31 -39.47
N SER N 28 -2.10 -6.68 -38.23
CA SER N 28 -1.77 -8.01 -37.73
C SER N 28 -2.60 -8.39 -36.49
N GLY N 29 -2.83 -9.68 -36.30
CA GLY N 29 -3.58 -10.15 -35.15
C GLY N 29 -5.08 -10.02 -35.25
N PHE N 30 -5.61 -9.83 -36.45
CA PHE N 30 -7.06 -9.77 -36.62
C PHE N 30 -7.68 -11.09 -37.10
N HIS N 31 -8.97 -11.26 -36.76
CA HIS N 31 -9.79 -12.37 -37.24
C HIS N 31 -11.24 -11.89 -37.25
N PRO N 32 -11.99 -12.19 -38.32
CA PRO N 32 -11.63 -13.00 -39.48
C PRO N 32 -10.92 -12.22 -40.58
N SER N 33 -10.59 -12.90 -41.67
CA SER N 33 -9.65 -12.40 -42.68
C SER N 33 -10.01 -11.03 -43.28
N ASP N 34 -11.29 -10.88 -43.66
CA ASP N 34 -11.75 -9.66 -44.33
C ASP N 34 -11.50 -8.38 -43.51
N ILE N 35 -10.48 -7.64 -43.91
CA ILE N 35 -10.17 -6.35 -43.31
C ILE N 35 -10.19 -5.30 -44.42
N GLU N 36 -10.28 -4.03 -44.05
CA GLU N 36 -10.13 -2.93 -45.02
C GLU N 36 -9.07 -1.91 -44.57
N VAL N 37 -8.05 -1.71 -45.41
CA VAL N 37 -6.92 -0.84 -45.10
C VAL N 37 -6.74 0.18 -46.25
N ASP N 38 -6.56 1.44 -45.90
CA ASP N 38 -6.23 2.48 -46.89
C ASP N 38 -5.01 3.24 -46.40
N LEU N 39 -4.27 3.83 -47.33
CA LEU N 39 -3.12 4.67 -46.97
C LEU N 39 -3.43 6.13 -47.23
N LEU N 40 -3.16 6.98 -46.23
CA LEU N 40 -3.62 8.36 -46.24
C LEU N 40 -2.49 9.35 -46.41
N LYS N 41 -2.68 10.29 -47.35
CA LYS N 41 -1.81 11.47 -47.51
C LYS N 41 -2.55 12.75 -47.15
N ASN N 42 -2.27 13.29 -45.97
CA ASN N 42 -2.96 14.50 -45.48
C ASN N 42 -4.48 14.32 -45.37
N GLY N 43 -4.92 13.07 -45.24
CA GLY N 43 -6.33 12.78 -45.05
C GLY N 43 -7.06 12.19 -46.27
N GLU N 44 -6.38 12.12 -47.40
CA GLU N 44 -6.97 11.55 -48.62
C GLU N 44 -6.37 10.19 -49.03
N ARG N 45 -7.22 9.34 -49.60
CA ARG N 45 -6.81 8.00 -49.99
C ARG N 45 -5.75 8.01 -51.11
N ILE N 46 -4.66 7.29 -50.89
CA ILE N 46 -3.59 7.09 -51.87
C ILE N 46 -4.01 5.92 -52.78
N GLU N 47 -3.75 6.04 -54.08
CA GLU N 47 -4.34 5.12 -55.06
C GLU N 47 -3.60 3.79 -55.24
N LYS N 48 -2.53 3.81 -56.00
CA LYS N 48 -1.81 2.59 -56.35
C LYS N 48 -1.18 2.00 -55.07
N VAL N 49 -2.00 1.34 -54.25
CA VAL N 49 -1.54 0.73 -53.00
C VAL N 49 -1.61 -0.81 -53.00
N GLU N 50 -0.45 -1.45 -53.09
CA GLU N 50 -0.34 -2.91 -53.13
C GLU N 50 -0.33 -3.53 -51.74
N HIS N 51 -0.45 -4.86 -51.68
CA HIS N 51 -0.29 -5.55 -50.41
C HIS N 51 0.27 -6.97 -50.51
N SER N 52 0.53 -7.57 -49.36
CA SER N 52 1.10 -8.90 -49.31
C SER N 52 0.00 -9.95 -49.46
N ASP N 53 0.39 -11.22 -49.48
CA ASP N 53 -0.60 -12.28 -49.58
C ASP N 53 -0.97 -12.76 -48.20
N LEU N 54 -2.26 -12.99 -48.00
CA LEU N 54 -2.77 -13.31 -46.68
C LEU N 54 -2.05 -14.48 -46.02
N SER N 55 -1.66 -14.31 -44.77
CA SER N 55 -1.06 -15.38 -44.00
C SER N 55 -1.47 -15.17 -42.56
N PHE N 56 -1.23 -16.16 -41.71
CA PHE N 56 -1.65 -16.09 -40.31
C PHE N 56 -0.58 -16.59 -39.30
N SER N 57 -0.85 -16.46 -38.00
CA SER N 57 0.15 -16.80 -37.01
C SER N 57 -0.21 -18.02 -36.20
N LYS N 58 0.71 -18.44 -35.33
CA LYS N 58 0.51 -19.53 -34.38
C LYS N 58 -0.87 -19.54 -33.71
N ASP N 59 -1.46 -18.37 -33.47
CA ASP N 59 -2.83 -18.27 -32.95
C ASP N 59 -3.92 -18.05 -34.01
N TRP N 60 -3.57 -18.29 -35.27
CA TRP N 60 -4.50 -18.26 -36.40
C TRP N 60 -4.97 -16.87 -36.74
N SER N 61 -4.27 -15.86 -36.26
CA SER N 61 -4.70 -14.50 -36.58
C SER N 61 -3.89 -14.00 -37.76
N PHE N 62 -4.50 -13.14 -38.56
CA PHE N 62 -3.97 -12.77 -39.86
C PHE N 62 -3.08 -11.56 -39.83
N TYR N 63 -2.15 -11.46 -40.79
CA TYR N 63 -1.37 -10.24 -40.96
C TYR N 63 -1.10 -9.88 -42.43
N LEU N 64 -1.16 -8.58 -42.70
CA LEU N 64 -0.92 -8.03 -44.03
C LEU N 64 0.02 -6.81 -44.00
N LEU N 65 0.81 -6.65 -45.06
CA LEU N 65 1.57 -5.43 -45.26
C LEU N 65 1.04 -4.60 -46.46
N TYR N 66 0.32 -3.50 -46.20
CA TYR N 66 -0.08 -2.61 -47.28
C TYR N 66 0.94 -1.50 -47.40
N TYR N 67 1.38 -1.22 -48.63
CA TYR N 67 2.54 -0.38 -48.87
C TYR N 67 2.47 0.33 -50.23
N THR N 68 3.05 1.52 -50.29
CA THR N 68 3.07 2.30 -51.54
C THR N 68 4.33 3.14 -51.58
N GLU N 69 4.78 3.45 -52.79
CA GLU N 69 6.00 4.23 -52.99
C GLU N 69 5.62 5.67 -52.76
N PHE N 70 6.41 6.36 -51.95
CA PHE N 70 6.12 7.75 -51.66
C PHE N 70 7.38 8.56 -51.45
N THR N 71 7.19 9.88 -51.42
CA THR N 71 8.28 10.76 -51.00
C THR N 71 7.80 11.66 -49.87
N PRO N 72 8.46 11.53 -48.72
CA PRO N 72 8.06 12.35 -47.57
C PRO N 72 8.45 13.79 -47.80
N THR N 73 7.66 14.72 -47.29
CA THR N 73 8.09 16.10 -47.11
C THR N 73 7.75 16.45 -45.68
N GLU N 74 8.43 17.44 -45.10
CA GLU N 74 8.19 17.76 -43.69
C GLU N 74 6.78 18.25 -43.50
N LYS N 75 6.24 18.86 -44.55
CA LYS N 75 4.88 19.37 -44.57
C LYS N 75 3.85 18.24 -44.60
N ASP N 76 4.04 17.28 -45.53
CA ASP N 76 3.07 16.19 -45.73
C ASP N 76 2.90 15.29 -44.50
N GLU N 77 1.65 15.09 -44.13
CA GLU N 77 1.28 14.16 -43.08
C GLU N 77 0.75 12.89 -43.73
N TYR N 78 0.98 11.76 -43.06
CA TYR N 78 0.50 10.48 -43.52
C TYR N 78 -0.17 9.69 -42.40
N ALA N 79 -0.91 8.66 -42.76
CA ALA N 79 -1.62 7.89 -41.75
C ALA N 79 -2.10 6.59 -42.36
N CYS N 80 -2.62 5.71 -41.51
CA CYS N 80 -3.14 4.43 -41.96
C CYS N 80 -4.60 4.24 -41.56
N ARG N 81 -5.50 4.13 -42.52
CA ARG N 81 -6.92 3.90 -42.21
C ARG N 81 -7.32 2.43 -42.31
N VAL N 82 -7.72 1.89 -41.14
CA VAL N 82 -8.06 0.49 -40.99
C VAL N 82 -9.50 0.35 -40.52
N ASN N 83 -10.23 -0.58 -41.14
CA ASN N 83 -11.61 -0.85 -40.77
C ASN N 83 -11.76 -2.38 -40.72
N HIS N 84 -12.36 -2.89 -39.66
CA HIS N 84 -12.48 -4.34 -39.49
C HIS N 84 -13.79 -4.59 -38.80
N VAL N 85 -14.32 -5.80 -38.92
CA VAL N 85 -15.61 -6.10 -38.33
C VAL N 85 -15.64 -5.87 -36.80
N THR N 86 -14.49 -6.01 -36.15
CA THR N 86 -14.39 -5.79 -34.71
C THR N 86 -14.23 -4.30 -34.31
N LEU N 87 -13.94 -3.46 -35.31
CA LEU N 87 -13.87 -2.02 -35.15
C LEU N 87 -15.26 -1.38 -35.37
N SER N 88 -15.71 -0.58 -34.41
CA SER N 88 -16.97 0.15 -34.57
C SER N 88 -16.80 1.34 -35.52
N GLN N 89 -15.74 2.12 -35.30
CA GLN N 89 -15.40 3.22 -36.23
C GLN N 89 -14.08 2.90 -36.94
N PRO N 90 -13.86 3.46 -38.13
CA PRO N 90 -12.59 3.21 -38.82
C PRO N 90 -11.45 3.73 -37.95
N LYS N 91 -10.33 3.02 -37.92
CA LYS N 91 -9.22 3.35 -37.03
C LYS N 91 -8.08 4.04 -37.77
N ILE N 92 -7.63 5.19 -37.26
CA ILE N 92 -6.58 5.96 -37.92
C ILE N 92 -5.28 6.03 -37.11
N VAL N 93 -4.16 5.70 -37.73
CA VAL N 93 -2.87 5.79 -37.04
C VAL N 93 -1.94 6.74 -37.77
N LYS N 94 -1.56 7.84 -37.09
CA LYS N 94 -0.69 8.85 -37.68
C LYS N 94 0.67 8.23 -37.97
N TRP N 95 1.40 8.78 -38.93
CA TRP N 95 2.77 8.33 -39.16
C TRP N 95 3.82 9.25 -38.53
N ASP N 96 4.64 8.67 -37.65
CA ASP N 96 5.75 9.35 -37.02
C ASP N 96 7.03 8.80 -37.59
N ARG N 97 7.89 9.68 -38.08
CA ARG N 97 9.09 9.21 -38.74
C ARG N 97 10.13 8.78 -37.73
N ASP N 98 9.78 8.81 -36.45
CA ASP N 98 10.70 8.41 -35.39
C ASP N 98 10.33 7.07 -34.81
N MET N 99 9.36 6.42 -35.43
CA MET N 99 8.79 5.17 -34.92
C MET N 99 8.80 4.11 -36.01
N LYS O 1 6.81 -28.16 -52.24
CA LYS O 1 5.79 -28.93 -52.96
C LYS O 1 4.61 -29.15 -52.03
N LEU O 2 3.40 -28.88 -52.51
CA LEU O 2 2.19 -29.00 -51.69
C LEU O 2 1.87 -30.44 -51.31
N PHE O 3 1.21 -30.62 -50.18
CA PHE O 3 0.54 -31.87 -49.91
C PHE O 3 -0.62 -31.94 -50.86
N SER O 4 -0.98 -33.15 -51.28
CA SER O 4 -2.12 -33.37 -52.14
C SER O 4 -2.80 -34.71 -51.85
N GLY O 5 -4.05 -34.84 -52.27
CA GLY O 5 -4.79 -36.03 -51.97
C GLY O 5 -5.34 -35.89 -50.58
N GLU O 6 -5.94 -34.75 -50.30
CA GLU O 6 -6.53 -34.61 -48.98
C GLU O 6 -7.82 -35.39 -48.86
N LEU O 7 -8.09 -35.84 -47.65
CA LEU O 7 -9.34 -36.51 -47.35
C LEU O 7 -10.24 -35.53 -46.63
N THR O 8 -11.48 -35.45 -47.11
CA THR O 8 -12.49 -34.54 -46.59
C THR O 8 -12.81 -34.76 -45.08
N LYS O 9 -13.23 -33.71 -44.37
CA LYS O 9 -13.63 -33.80 -42.95
C LYS O 9 -15.08 -34.29 -42.75
N GLY P 1 23.88 -10.21 -16.07
CA GLY P 1 23.15 -11.37 -15.56
C GLY P 1 22.55 -11.17 -14.18
N SER P 2 21.55 -12.00 -13.85
CA SER P 2 20.87 -11.90 -12.56
C SER P 2 21.85 -12.14 -11.41
N HIS P 3 21.71 -11.38 -10.33
CA HIS P 3 22.64 -11.47 -9.22
C HIS P 3 22.07 -12.34 -8.09
N SER P 4 22.92 -13.12 -7.43
CA SER P 4 22.41 -13.99 -6.36
C SER P 4 23.35 -14.10 -5.18
N LEU P 5 22.77 -14.30 -4.00
CA LEU P 5 23.52 -14.57 -2.79
C LEU P 5 22.94 -15.84 -2.22
N ARG P 6 23.68 -16.94 -2.26
CA ARG P 6 23.12 -18.16 -1.72
C ARG P 6 24.12 -18.93 -0.85
N TYR P 7 23.62 -19.64 0.15
CA TYR P 7 24.51 -20.39 1.05
C TYR P 7 24.34 -21.92 0.92
N PHE P 8 25.41 -22.66 1.22
CA PHE P 8 25.38 -24.12 1.20
C PHE P 8 25.88 -24.71 2.52
N TYR P 9 25.07 -25.56 3.16
CA TYR P 9 25.49 -26.28 4.36
C TYR P 9 25.66 -27.79 4.10
N THR P 10 26.86 -28.36 4.30
CA THR P 10 27.00 -29.84 4.32
C THR P 10 27.20 -30.35 5.73
N SER P 11 26.41 -31.37 6.08
CA SER P 11 26.31 -31.88 7.43
C SER P 11 26.41 -33.41 7.37
N VAL P 12 27.52 -34.00 7.88
CA VAL P 12 27.72 -35.46 7.84
C VAL P 12 28.07 -36.09 9.19
N SER P 13 27.30 -37.10 9.58
CA SER P 13 27.52 -37.77 10.85
C SER P 13 28.64 -38.79 10.74
N ARG P 14 29.62 -38.72 11.64
CA ARG P 14 30.80 -39.58 11.59
C ARG P 14 30.84 -40.56 12.76
N PRO P 15 30.24 -41.74 12.57
CA PRO P 15 30.06 -42.71 13.64
C PRO P 15 31.22 -43.70 13.76
N GLY P 16 31.67 -43.92 14.99
CA GLY P 16 31.24 -43.12 16.11
C GLY P 16 32.44 -42.27 16.46
N ARG P 17 33.21 -41.96 15.43
CA ARG P 17 34.44 -41.18 15.52
C ARG P 17 34.13 -39.70 15.73
N GLY P 18 34.22 -39.25 16.97
CA GLY P 18 34.03 -37.84 17.31
C GLY P 18 32.70 -37.19 16.94
N ASP P 19 32.78 -35.94 16.51
CA ASP P 19 31.60 -35.12 16.22
C ASP P 19 31.19 -35.18 14.72
N PRO P 20 29.92 -34.83 14.41
CA PRO P 20 29.47 -34.67 13.02
C PRO P 20 30.28 -33.60 12.36
N ARG P 21 30.56 -33.70 11.07
CA ARG P 21 31.23 -32.60 10.38
C ARG P 21 30.20 -31.66 9.77
N PHE P 22 30.46 -30.35 9.86
CA PHE P 22 29.55 -29.34 9.32
C PHE P 22 30.36 -28.33 8.51
N ILE P 23 30.04 -28.21 7.24
CA ILE P 23 30.69 -27.23 6.37
C ILE P 23 29.65 -26.29 5.76
N ALA P 24 29.80 -25.01 6.06
CA ALA P 24 28.94 -23.96 5.53
C ALA P 24 29.75 -23.13 4.55
N VAL P 25 29.20 -22.87 3.37
CA VAL P 25 29.90 -22.02 2.42
C VAL P 25 28.94 -21.05 1.75
N GLY P 26 29.43 -19.84 1.48
CA GLY P 26 28.60 -18.80 0.90
C GLY P 26 29.11 -18.33 -0.44
N TYR P 27 28.18 -18.11 -1.35
CA TYR P 27 28.55 -17.71 -2.70
C TYR P 27 27.81 -16.41 -3.09
N VAL P 28 28.52 -15.53 -3.79
CA VAL P 28 27.87 -14.39 -4.46
C VAL P 28 28.07 -14.57 -5.95
N ASP P 29 26.97 -14.87 -6.63
CA ASP P 29 27.01 -15.26 -8.03
C ASP P 29 27.85 -16.52 -8.15
N ASP P 30 29.02 -16.41 -8.75
CA ASP P 30 29.90 -17.58 -8.86
C ASP P 30 31.20 -17.38 -8.10
N THR P 31 31.19 -16.44 -7.17
CA THR P 31 32.36 -16.07 -6.40
C THR P 31 32.15 -16.47 -4.95
N GLN P 32 32.94 -17.42 -4.48
CA GLN P 32 32.83 -17.86 -3.09
C GLN P 32 33.51 -16.82 -2.20
N PHE P 33 32.81 -16.40 -1.15
CA PHE P 33 33.31 -15.31 -0.33
C PHE P 33 33.54 -15.71 1.13
N VAL P 34 32.85 -16.75 1.59
CA VAL P 34 32.99 -17.22 2.97
C VAL P 34 32.89 -18.72 3.12
N ARG P 35 33.58 -19.25 4.12
CA ARG P 35 33.45 -20.65 4.45
C ARG P 35 33.41 -20.82 5.98
N PHE P 36 33.03 -22.02 6.42
CA PHE P 36 33.19 -22.47 7.79
C PHE P 36 33.29 -23.98 7.81
N ASP P 37 34.29 -24.50 8.51
CA ASP P 37 34.46 -25.95 8.68
C ASP P 37 34.57 -26.27 10.15
N SER P 38 33.64 -27.09 10.65
CA SER P 38 33.61 -27.49 12.06
C SER P 38 34.83 -28.29 12.46
N ASP P 39 35.68 -28.57 11.47
CA ASP P 39 36.96 -29.27 11.66
C ASP P 39 38.16 -28.34 11.39
N ALA P 40 37.88 -27.10 11.00
CA ALA P 40 38.95 -26.12 10.79
C ALA P 40 39.64 -25.79 12.11
N ALA P 41 40.91 -25.43 12.04
CA ALA P 41 41.74 -25.26 13.23
C ALA P 41 41.24 -24.12 14.11
N THR P 42 40.55 -23.18 13.50
CA THR P 42 40.20 -21.95 14.17
C THR P 42 38.88 -22.03 14.90
N GLY P 43 37.87 -22.58 14.24
CA GLY P 43 36.52 -22.52 14.74
C GLY P 43 35.85 -21.19 14.43
N ARG P 44 36.39 -20.49 13.44
CA ARG P 44 35.83 -19.21 13.06
C ARG P 44 35.29 -19.31 11.64
N THR P 45 34.50 -18.33 11.23
CA THR P 45 34.13 -18.22 9.83
C THR P 45 35.22 -17.37 9.18
N GLU P 46 35.67 -17.76 8.00
CA GLU P 46 36.76 -17.08 7.33
C GLU P 46 36.30 -16.54 5.96
N PRO P 47 37.02 -15.53 5.44
CA PRO P 47 36.68 -14.98 4.11
C PRO P 47 37.40 -15.73 2.99
N ARG P 48 36.86 -15.71 1.77
CA ARG P 48 37.56 -16.36 0.65
C ARG P 48 37.77 -15.42 -0.55
N ALA P 49 37.41 -14.16 -0.37
CA ALA P 49 37.68 -13.12 -1.36
C ALA P 49 38.15 -11.85 -0.65
N PRO P 50 38.99 -11.04 -1.33
CA PRO P 50 39.55 -9.79 -0.81
C PRO P 50 38.52 -8.78 -0.32
N TRP P 51 37.44 -8.59 -1.06
CA TRP P 51 36.45 -7.55 -0.70
C TRP P 51 35.73 -7.76 0.64
N VAL P 52 35.56 -9.00 1.09
CA VAL P 52 34.99 -9.20 2.42
C VAL P 52 36.02 -9.10 3.53
N GLU P 53 37.29 -8.90 3.18
CA GLU P 53 38.34 -8.78 4.20
C GLU P 53 38.09 -7.54 5.04
N GLN P 54 37.51 -6.52 4.42
CA GLN P 54 37.29 -5.24 5.06
C GLN P 54 36.19 -5.23 6.14
N GLU P 55 35.46 -6.34 6.29
CA GLU P 55 34.49 -6.42 7.38
C GLU P 55 35.24 -6.61 8.70
N GLY P 56 34.72 -5.99 9.74
CA GLY P 56 35.45 -5.89 10.99
C GLY P 56 35.17 -7.10 11.86
N PRO P 57 35.45 -6.97 13.16
CA PRO P 57 35.18 -7.99 14.18
C PRO P 57 33.70 -8.30 14.36
N GLU P 58 32.86 -7.27 14.33
CA GLU P 58 31.43 -7.40 14.64
C GLU P 58 30.76 -8.36 13.66
N TYR P 59 30.82 -8.00 12.37
CA TYR P 59 30.36 -8.87 11.29
C TYR P 59 30.84 -10.29 11.54
N TRP P 60 32.14 -10.49 11.52
CA TRP P 60 32.73 -11.83 11.72
C TRP P 60 32.28 -12.54 13.01
N ASP P 61 32.34 -11.85 14.14
CA ASP P 61 31.80 -12.43 15.38
C ASP P 61 30.33 -12.80 15.19
N GLY P 62 29.61 -11.97 14.44
CA GLY P 62 28.20 -12.25 14.15
C GLY P 62 28.02 -13.57 13.43
N GLU P 63 28.75 -13.75 12.33
CA GLU P 63 28.65 -14.96 11.52
C GLU P 63 29.12 -16.22 12.26
N THR P 64 30.27 -16.17 12.91
CA THR P 64 30.80 -17.37 13.57
C THR P 64 29.81 -17.93 14.58
N ARG P 65 29.19 -17.03 15.33
CA ARG P 65 28.29 -17.45 16.39
C ARG P 65 27.08 -18.11 15.78
N LYS P 66 26.52 -17.45 14.78
CA LYS P 66 25.37 -17.97 14.06
C LYS P 66 25.65 -19.34 13.45
N VAL P 67 26.79 -19.48 12.76
CA VAL P 67 27.06 -20.74 12.07
C VAL P 67 27.21 -21.84 13.08
N LYS P 68 27.81 -21.51 14.23
CA LYS P 68 28.00 -22.45 15.34
C LYS P 68 26.68 -22.75 16.05
N GLU P 69 25.80 -21.76 16.11
CA GLU P 69 24.45 -22.05 16.55
C GLU P 69 23.76 -23.05 15.61
N THR P 70 24.06 -22.97 14.32
CA THR P 70 23.40 -23.83 13.34
C THR P 70 24.01 -25.22 13.35
N ALA P 71 25.33 -25.28 13.28
CA ALA P 71 26.07 -26.53 13.37
C ALA P 71 25.53 -27.41 14.47
N GLN P 72 25.25 -26.81 15.62
CA GLN P 72 24.65 -27.54 16.73
C GLN P 72 23.26 -28.09 16.38
N VAL P 73 22.37 -27.22 15.88
CA VAL P 73 21.02 -27.61 15.44
C VAL P 73 21.02 -28.75 14.40
N TYR P 74 21.95 -28.73 13.46
CA TYR P 74 22.03 -29.82 12.47
C TYR P 74 22.49 -31.19 13.04
N ARG P 75 23.36 -31.14 14.05
CA ARG P 75 23.83 -32.35 14.73
C ARG P 75 22.67 -33.12 15.35
N VAL P 76 21.84 -32.41 16.11
CA VAL P 76 20.62 -33.00 16.64
C VAL P 76 19.70 -33.56 15.54
N ASP P 77 19.74 -32.97 14.34
CA ASP P 77 18.88 -33.45 13.27
C ASP P 77 19.35 -34.78 12.65
N LEU P 78 20.66 -34.98 12.56
CA LEU P 78 21.16 -36.26 12.08
C LEU P 78 20.72 -37.42 12.98
N ASP P 79 20.17 -37.11 14.14
CA ASP P 79 19.65 -38.16 15.01
C ASP P 79 18.13 -38.24 15.02
N THR P 80 17.49 -37.20 14.52
CA THR P 80 16.03 -37.14 14.47
C THR P 80 15.58 -37.79 13.17
N LEU P 81 16.32 -37.48 12.11
CA LEU P 81 16.09 -38.04 10.78
C LEU P 81 16.45 -39.52 10.78
N ARG P 82 17.46 -39.85 11.57
CA ARG P 82 17.91 -41.22 11.70
C ARG P 82 16.84 -42.02 12.43
N GLY P 83 16.11 -41.34 13.31
CA GLY P 83 14.95 -41.90 13.97
C GLY P 83 13.69 -41.95 13.10
N TYR P 84 13.44 -40.89 12.32
CA TYR P 84 12.32 -40.88 11.38
C TYR P 84 12.44 -41.99 10.32
N TYR P 85 13.68 -42.24 9.88
CA TYR P 85 13.90 -43.22 8.81
C TYR P 85 14.23 -44.59 9.36
N ASN P 86 14.45 -44.69 10.67
CA ASN P 86 14.81 -45.95 11.31
C ASN P 86 16.12 -46.52 10.80
N GLN P 87 17.22 -45.92 11.24
CA GLN P 87 18.55 -46.26 10.79
C GLN P 87 19.45 -46.45 12.01
N SER P 88 20.39 -47.40 11.93
CA SER P 88 21.36 -47.64 13.00
C SER P 88 22.30 -46.44 13.21
N GLU P 89 23.08 -46.47 14.29
CA GLU P 89 24.09 -45.45 14.55
C GLU P 89 25.40 -45.75 13.84
N ALA P 90 25.42 -46.80 13.04
CA ALA P 90 26.64 -47.27 12.37
C ALA P 90 26.85 -46.57 11.02
N GLY P 91 25.76 -46.40 10.27
CA GLY P 91 25.82 -45.78 8.97
C GLY P 91 25.95 -44.27 9.01
N SER P 92 26.87 -43.73 8.21
CA SER P 92 27.05 -42.27 8.07
C SER P 92 26.04 -41.62 7.14
N HIS P 93 25.37 -40.58 7.62
CA HIS P 93 24.37 -39.91 6.82
C HIS P 93 24.74 -38.46 6.52
N THR P 94 23.96 -37.84 5.63
CA THR P 94 24.27 -36.50 5.14
C THR P 94 23.02 -35.65 5.03
N ILE P 95 23.07 -34.44 5.59
CA ILE P 95 22.08 -33.41 5.29
C ILE P 95 22.70 -32.25 4.55
N GLN P 96 22.07 -31.85 3.45
CA GLN P 96 22.47 -30.67 2.71
C GLN P 96 21.36 -29.65 2.66
N THR P 97 21.73 -28.38 2.82
CA THR P 97 20.79 -27.28 2.82
C THR P 97 21.32 -26.17 1.93
N MET P 98 20.42 -25.62 1.13
CA MET P 98 20.74 -24.54 0.23
C MET P 98 19.63 -23.47 0.31
N TYR P 99 20.04 -22.22 0.40
CA TYR P 99 19.09 -21.13 0.41
C TYR P 99 19.83 -19.89 0.01
N GLY P 100 19.08 -18.95 -0.53
CA GLY P 100 19.62 -17.66 -0.94
C GLY P 100 18.55 -16.83 -1.60
N CYS P 101 18.97 -15.83 -2.37
CA CYS P 101 18.01 -14.93 -2.96
C CYS P 101 18.54 -14.34 -4.26
N ASP P 102 17.64 -14.15 -5.21
CA ASP P 102 17.97 -13.54 -6.49
C ASP P 102 17.54 -12.06 -6.48
N LEU P 103 18.40 -11.17 -7.00
CA LEU P 103 18.08 -9.74 -7.09
C LEU P 103 17.32 -9.44 -8.40
N GLY P 104 16.18 -8.77 -8.27
CA GLY P 104 15.41 -8.34 -9.43
C GLY P 104 15.38 -6.83 -9.53
N PRO P 105 15.84 -6.27 -10.67
CA PRO P 105 16.12 -4.84 -10.77
C PRO P 105 14.90 -4.01 -10.40
N GLY P 106 15.11 -3.00 -9.54
CA GLY P 106 16.42 -2.75 -8.98
C GLY P 106 16.43 -1.86 -7.76
N GLY P 107 15.93 -2.37 -6.64
CA GLY P 107 15.41 -3.72 -6.59
C GLY P 107 15.36 -4.39 -5.24
N ARG P 108 14.32 -5.18 -5.06
CA ARG P 108 14.17 -6.03 -3.89
C ARG P 108 14.21 -7.47 -4.39
N LEU P 109 13.78 -8.41 -3.55
CA LEU P 109 13.82 -9.84 -3.89
C LEU P 109 13.09 -10.18 -5.18
N LEU P 110 13.74 -10.92 -6.07
CA LEU P 110 13.08 -11.48 -7.23
C LEU P 110 12.56 -12.89 -6.95
N ARG P 111 13.40 -13.70 -6.32
CA ARG P 111 13.06 -15.10 -6.10
C ARG P 111 13.89 -15.61 -4.94
N GLY P 112 13.19 -16.03 -3.89
CA GLY P 112 13.84 -16.56 -2.72
C GLY P 112 13.67 -18.07 -2.72
N TYR P 113 14.58 -18.78 -2.08
CA TYR P 113 14.55 -20.23 -2.10
C TYR P 113 15.33 -20.81 -0.92
N ARG P 114 14.99 -22.04 -0.55
CA ARG P 114 15.53 -22.68 0.63
C ARG P 114 15.07 -24.14 0.67
N GLN P 115 16.00 -25.07 0.48
CA GLN P 115 15.68 -26.48 0.34
C GLN P 115 16.66 -27.33 1.14
N ASP P 116 16.20 -28.49 1.57
CA ASP P 116 17.10 -29.46 2.20
C ASP P 116 17.10 -30.79 1.47
N ALA P 117 18.12 -31.59 1.73
CA ALA P 117 18.14 -32.96 1.24
C ALA P 117 18.77 -33.87 2.26
N TYR P 118 18.35 -35.12 2.21
CA TYR P 118 18.88 -36.11 3.12
C TYR P 118 19.40 -37.28 2.27
N ASP P 119 20.72 -37.42 2.25
CA ASP P 119 21.37 -38.51 1.52
C ASP P 119 21.09 -38.52 0.03
N GLY P 120 21.20 -37.37 -0.61
CA GLY P 120 21.11 -37.27 -2.06
C GLY P 120 19.75 -36.94 -2.67
N ALA P 121 18.69 -37.08 -1.88
CA ALA P 121 17.35 -36.82 -2.37
C ALA P 121 16.69 -35.65 -1.63
N ASP P 122 15.78 -34.97 -2.33
CA ASP P 122 14.95 -33.92 -1.77
C ASP P 122 14.32 -34.36 -0.46
N TYR P 123 14.31 -33.44 0.51
CA TYR P 123 13.73 -33.71 1.82
C TYR P 123 12.62 -32.71 2.07
N ILE P 124 12.97 -31.45 2.30
CA ILE P 124 11.96 -30.41 2.36
C ILE P 124 12.46 -29.17 1.62
N ALA P 125 11.52 -28.36 1.15
CA ALA P 125 11.87 -27.21 0.36
C ALA P 125 10.80 -26.13 0.49
N LEU P 126 11.23 -24.90 0.73
CA LEU P 126 10.31 -23.78 0.82
C LEU P 126 9.80 -23.53 -0.58
N ASN P 127 8.50 -23.41 -0.69
CA ASN P 127 7.89 -23.09 -1.98
C ASN P 127 7.96 -21.60 -2.22
N GLU P 128 7.83 -21.20 -3.48
CA GLU P 128 8.22 -19.83 -3.85
C GLU P 128 7.34 -18.78 -3.14
N ASP P 129 6.19 -19.23 -2.64
CA ASP P 129 5.28 -18.36 -1.94
C ASP P 129 5.87 -17.79 -0.65
N LEU P 130 6.88 -18.46 -0.10
CA LEU P 130 7.46 -18.16 1.20
C LEU P 130 6.46 -18.41 2.35
N ARG P 131 5.58 -19.39 2.15
CA ARG P 131 4.58 -19.72 3.16
C ARG P 131 4.22 -21.19 3.03
N SER P 132 4.84 -21.88 2.09
CA SER P 132 4.46 -23.27 1.83
C SER P 132 5.68 -24.20 1.87
N TRP P 133 5.49 -25.44 2.32
CA TRP P 133 6.56 -26.45 2.30
C TRP P 133 6.19 -27.66 1.49
N THR P 134 7.07 -28.05 0.58
CA THR P 134 6.84 -29.28 -0.17
C THR P 134 7.53 -30.44 0.51
N ALA P 135 6.75 -31.45 0.90
CA ALA P 135 7.29 -32.69 1.51
C ALA P 135 7.59 -33.77 0.48
N ALA P 136 8.75 -34.38 0.59
CA ALA P 136 9.21 -35.35 -0.38
C ALA P 136 8.81 -36.77 -0.01
N ASP P 137 8.48 -36.97 1.27
CA ASP P 137 8.11 -38.29 1.77
C ASP P 137 7.56 -38.21 3.16
N THR P 138 7.24 -39.37 3.73
CA THR P 138 6.57 -39.44 5.02
C THR P 138 7.34 -38.76 6.16
N ALA P 139 8.64 -39.04 6.25
CA ALA P 139 9.46 -38.46 7.31
C ALA P 139 9.53 -36.93 7.23
N ALA P 140 9.51 -36.39 6.02
CA ALA P 140 9.56 -34.94 5.84
C ALA P 140 8.23 -34.28 6.19
N GLN P 141 7.16 -35.06 6.12
CA GLN P 141 5.84 -34.60 6.54
C GLN P 141 5.83 -34.34 8.05
N ILE P 142 6.49 -35.22 8.81
CA ILE P 142 6.67 -35.00 10.25
C ILE P 142 7.34 -33.64 10.46
N THR P 143 8.49 -33.47 9.83
CA THR P 143 9.29 -32.25 9.93
C THR P 143 8.45 -31.01 9.74
N ARG P 144 7.55 -31.07 8.77
CA ARG P 144 6.91 -29.89 8.24
C ARG P 144 5.70 -29.48 9.06
N ARG P 145 5.05 -30.46 9.68
CA ARG P 145 4.03 -30.13 10.64
C ARG P 145 4.63 -29.25 11.77
N LYS P 146 5.84 -29.60 12.20
CA LYS P 146 6.57 -28.82 13.19
C LYS P 146 6.79 -27.37 12.73
N TRP P 147 7.28 -27.23 11.50
CA TRP P 147 7.65 -25.94 10.93
C TRP P 147 6.46 -25.06 10.56
N GLU P 148 5.37 -25.70 10.17
CA GLU P 148 4.13 -24.98 9.95
C GLU P 148 3.66 -24.35 11.25
N ALA P 149 3.52 -25.18 12.29
CA ALA P 149 3.03 -24.68 13.59
C ALA P 149 3.99 -23.72 14.32
N ALA P 150 5.12 -23.43 13.70
CA ALA P 150 6.04 -22.48 14.32
C ALA P 150 6.03 -21.20 13.51
N GLY P 151 5.40 -21.28 12.34
CA GLY P 151 5.39 -20.16 11.42
C GLY P 151 6.75 -19.90 10.82
N VAL P 152 7.53 -20.96 10.63
CA VAL P 152 8.94 -20.83 10.20
C VAL P 152 9.08 -20.10 8.86
N ALA P 153 8.24 -20.49 7.90
CA ALA P 153 8.18 -19.84 6.60
C ALA P 153 7.92 -18.33 6.61
N GLU P 154 6.70 -17.93 6.97
CA GLU P 154 6.32 -16.51 6.92
C GLU P 154 6.91 -15.61 8.02
N LEU P 155 6.92 -16.08 9.26
CA LEU P 155 7.43 -15.30 10.39
C LEU P 155 8.96 -15.11 10.42
N GLN P 156 9.70 -15.82 9.58
CA GLN P 156 11.17 -15.75 9.65
C GLN P 156 11.82 -15.71 8.28
N TRP P 157 11.76 -16.84 7.58
CA TRP P 157 12.41 -16.93 6.27
C TRP P 157 11.90 -15.97 5.19
N ARG P 158 10.57 -15.81 5.10
CA ARG P 158 9.97 -14.74 4.32
C ARG P 158 10.57 -13.40 4.76
N ASN P 159 10.61 -13.17 6.06
CA ASN P 159 11.28 -12.00 6.63
C ASN P 159 12.77 -11.92 6.24
N TYR P 160 13.47 -13.07 6.19
CA TYR P 160 14.91 -13.12 5.86
C TYR P 160 15.23 -13.00 4.38
N LEU P 161 14.39 -13.61 3.56
CA LEU P 161 14.58 -13.61 2.12
C LEU P 161 14.15 -12.28 1.48
N GLU P 162 13.32 -11.51 2.17
CA GLU P 162 12.83 -10.24 1.62
C GLU P 162 13.72 -9.04 1.92
N THR P 163 14.32 -9.01 3.11
CA THR P 163 15.13 -7.87 3.52
C THR P 163 16.61 -8.14 3.71
N THR P 164 16.94 -9.04 4.65
CA THR P 164 18.35 -9.24 4.97
C THR P 164 19.12 -9.74 3.75
N CYS P 165 18.61 -10.78 3.10
CA CYS P 165 19.31 -11.38 1.97
C CYS P 165 19.56 -10.39 0.82
N VAL P 166 18.58 -9.52 0.55
CA VAL P 166 18.70 -8.48 -0.46
C VAL P 166 19.56 -7.31 0.00
N GLU P 167 19.21 -6.73 1.15
CA GLU P 167 19.93 -5.57 1.64
C GLU P 167 21.37 -5.90 2.02
N TRP P 168 21.77 -7.15 1.88
CA TRP P 168 23.17 -7.55 2.03
C TRP P 168 23.80 -7.98 0.69
N LEU P 169 22.98 -8.52 -0.22
CA LEU P 169 23.50 -8.89 -1.53
C LEU P 169 23.98 -7.66 -2.27
N GLN P 170 23.20 -6.59 -2.16
CA GLN P 170 23.58 -5.33 -2.76
C GLN P 170 24.90 -4.87 -2.15
N ARG P 171 24.96 -4.86 -0.81
CA ARG P 171 26.16 -4.47 -0.06
C ARG P 171 27.43 -5.18 -0.54
N TYR P 172 27.35 -6.51 -0.65
CA TYR P 172 28.46 -7.33 -1.11
C TYR P 172 28.89 -6.96 -2.54
N LEU P 173 27.90 -6.70 -3.40
CA LEU P 173 28.14 -6.24 -4.76
C LEU P 173 28.93 -4.93 -4.79
N GLU P 174 28.60 -4.02 -3.88
CA GLU P 174 29.34 -2.78 -3.72
C GLU P 174 30.78 -3.06 -3.28
N MET P 175 30.94 -3.82 -2.20
CA MET P 175 32.26 -4.14 -1.64
C MET P 175 33.23 -4.61 -2.71
N GLY P 176 32.72 -5.45 -3.61
CA GLY P 176 33.53 -6.05 -4.64
C GLY P 176 33.09 -5.60 -6.02
N LYS P 177 32.69 -4.34 -6.10
CA LYS P 177 32.18 -3.79 -7.35
C LYS P 177 33.25 -3.78 -8.42
N GLU P 178 34.51 -3.71 -8.01
CA GLU P 178 35.60 -3.83 -8.96
C GLU P 178 35.75 -5.31 -9.37
N THR P 179 35.52 -6.18 -8.39
CA THR P 179 35.75 -7.61 -8.55
C THR P 179 34.58 -8.34 -9.19
N LEU P 180 33.35 -8.06 -8.73
CA LEU P 180 32.22 -8.88 -9.13
C LEU P 180 31.52 -8.41 -10.41
N LEU P 181 31.57 -7.11 -10.66
CA LEU P 181 30.82 -6.52 -11.77
C LEU P 181 31.67 -6.29 -13.03
N ARG P 182 32.91 -6.79 -13.02
CA ARG P 182 33.84 -6.63 -14.15
C ARG P 182 33.56 -7.56 -15.32
N ALA P 183 33.04 -7.00 -16.42
CA ALA P 183 32.76 -7.75 -17.64
C ALA P 183 34.04 -8.42 -18.17
N GLU P 184 34.17 -9.72 -17.91
CA GLU P 184 35.36 -10.48 -18.33
C GLU P 184 35.05 -11.50 -19.40
N PRO P 185 35.49 -11.22 -20.63
CA PRO P 185 35.18 -12.08 -21.77
C PRO P 185 36.17 -13.22 -21.85
N PRO P 186 35.76 -14.34 -22.47
CA PRO P 186 36.66 -15.47 -22.65
C PRO P 186 37.71 -15.24 -23.75
N SER P 187 38.87 -15.86 -23.58
CA SER P 187 39.83 -15.98 -24.66
C SER P 187 39.41 -17.21 -25.44
N THR P 188 39.23 -17.04 -26.74
CA THR P 188 38.77 -18.13 -27.58
C THR P 188 39.83 -18.51 -28.60
N ARG P 189 39.74 -19.74 -29.08
CA ARG P 189 40.59 -20.25 -30.17
C ARG P 189 40.15 -21.66 -30.54
N VAL P 190 40.48 -22.06 -31.76
CA VAL P 190 40.15 -23.40 -32.22
C VAL P 190 41.44 -24.16 -32.44
N THR P 191 41.42 -25.46 -32.17
CA THR P 191 42.60 -26.30 -32.35
C THR P 191 42.26 -27.47 -33.26
N ARG P 192 43.27 -28.02 -33.93
CA ARG P 192 43.05 -29.15 -34.82
C ARG P 192 43.90 -30.35 -34.41
N HIS P 193 43.24 -31.48 -34.20
CA HIS P 193 43.90 -32.69 -33.76
C HIS P 193 43.48 -33.84 -34.66
N PRO P 194 44.26 -34.10 -35.72
CA PRO P 194 43.99 -35.19 -36.65
C PRO P 194 43.91 -36.55 -35.96
N ILE P 195 42.89 -37.32 -36.31
CA ILE P 195 42.75 -38.68 -35.81
C ILE P 195 43.27 -39.65 -36.86
N SER P 196 43.25 -39.21 -38.12
CA SER P 196 43.68 -40.04 -39.24
C SER P 196 43.76 -39.23 -40.54
N ASP P 197 43.76 -39.92 -41.66
CA ASP P 197 43.72 -39.26 -42.95
C ASP P 197 42.27 -38.88 -43.28
N HIS P 198 41.33 -39.56 -42.65
CA HIS P 198 39.91 -39.42 -42.97
C HIS P 198 39.12 -38.62 -41.92
N GLU P 199 39.75 -38.40 -40.76
CA GLU P 199 39.10 -37.72 -39.65
C GLU P 199 40.03 -36.78 -38.86
N VAL P 200 39.51 -35.61 -38.51
CA VAL P 200 40.24 -34.65 -37.67
C VAL P 200 39.29 -34.00 -36.68
N THR P 201 39.68 -33.98 -35.40
CA THR P 201 38.87 -33.33 -34.38
C THR P 201 39.01 -31.80 -34.43
N LEU P 202 37.88 -31.11 -34.36
CA LEU P 202 37.90 -29.68 -34.12
C LEU P 202 37.55 -29.39 -32.66
N ARG P 203 38.37 -28.59 -31.99
CA ARG P 203 38.07 -28.17 -30.62
C ARG P 203 38.01 -26.65 -30.51
N CYS P 204 36.85 -26.13 -30.15
CA CYS P 204 36.73 -24.69 -29.89
C CYS P 204 36.96 -24.42 -28.40
N TRP P 205 37.91 -23.55 -28.10
CA TRP P 205 38.15 -23.20 -26.71
C TRP P 205 37.45 -21.92 -26.29
N ALA P 206 37.26 -21.77 -24.99
CA ALA P 206 36.74 -20.56 -24.37
C ALA P 206 37.38 -20.46 -23.01
N LEU P 207 38.39 -19.62 -22.87
CA LEU P 207 39.28 -19.62 -21.70
C LEU P 207 39.33 -18.30 -20.88
N GLY P 208 39.02 -18.38 -19.59
CA GLY P 208 39.32 -17.30 -18.68
C GLY P 208 38.21 -16.28 -18.44
N PHE P 209 36.97 -16.76 -18.38
CA PHE P 209 35.78 -15.91 -18.35
C PHE P 209 34.99 -15.89 -17.03
N TYR P 210 34.21 -14.83 -16.84
CA TYR P 210 33.37 -14.72 -15.66
C TYR P 210 32.14 -13.87 -16.01
N PRO P 211 30.95 -14.28 -15.54
CA PRO P 211 30.66 -15.48 -14.74
C PRO P 211 30.60 -16.76 -15.59
N ALA P 212 30.03 -17.83 -15.03
CA ALA P 212 30.10 -19.16 -15.66
C ALA P 212 29.21 -19.37 -16.90
N GLU P 213 28.00 -18.79 -16.89
CA GLU P 213 27.05 -19.03 -17.97
C GLU P 213 27.64 -18.64 -19.32
N ILE P 214 27.73 -19.64 -20.19
CA ILE P 214 28.25 -19.47 -21.52
C ILE P 214 27.62 -20.53 -22.40
N THR P 215 27.51 -20.23 -23.68
CA THR P 215 27.11 -21.26 -24.63
C THR P 215 28.16 -21.39 -25.72
N LEU P 216 28.56 -22.64 -25.97
CA LEU P 216 29.51 -22.97 -27.01
C LEU P 216 28.79 -23.82 -28.04
N THR P 217 29.04 -23.55 -29.31
CA THR P 217 28.16 -24.03 -30.36
C THR P 217 28.88 -24.15 -31.71
N TRP P 218 29.02 -25.39 -32.19
CA TRP P 218 29.62 -25.64 -33.49
C TRP P 218 28.57 -25.60 -34.57
N GLN P 219 28.85 -24.84 -35.62
CA GLN P 219 27.97 -24.85 -36.77
C GLN P 219 28.57 -25.59 -37.97
N ARG P 220 27.72 -25.93 -38.92
CA ARG P 220 28.18 -26.37 -40.23
C ARG P 220 27.22 -25.78 -41.26
N ASP P 221 27.71 -24.84 -42.06
CA ASP P 221 26.87 -24.11 -43.02
C ASP P 221 25.78 -23.33 -42.31
N GLY P 222 25.97 -23.06 -41.02
CA GLY P 222 24.96 -22.38 -40.22
C GLY P 222 24.15 -23.33 -39.36
N GLU P 223 24.03 -24.58 -39.80
CA GLU P 223 23.24 -25.57 -39.09
C GLU P 223 23.94 -26.07 -37.83
N ASP P 224 23.40 -25.72 -36.66
CA ASP P 224 23.98 -26.13 -35.38
C ASP P 224 24.25 -27.62 -35.41
N GLN P 225 25.34 -28.02 -34.78
CA GLN P 225 25.68 -29.43 -34.73
C GLN P 225 25.68 -29.88 -33.28
N THR P 226 24.73 -29.38 -32.51
CA THR P 226 24.79 -29.60 -31.07
C THR P 226 24.73 -31.07 -30.70
N GLN P 227 23.97 -31.85 -31.45
CA GLN P 227 23.73 -33.24 -31.09
C GLN P 227 24.87 -34.19 -31.47
N ASP P 228 25.84 -33.68 -32.24
CA ASP P 228 27.02 -34.47 -32.57
C ASP P 228 28.24 -33.96 -31.81
N THR P 229 28.17 -32.69 -31.40
CA THR P 229 29.17 -32.05 -30.57
C THR P 229 29.42 -32.72 -29.20
N GLU P 230 30.69 -32.80 -28.79
CA GLU P 230 31.01 -33.11 -27.40
C GLU P 230 31.36 -31.82 -26.65
N VAL P 231 30.65 -31.54 -25.56
CA VAL P 231 30.93 -30.38 -24.71
C VAL P 231 31.30 -30.83 -23.29
N VAL P 232 32.38 -30.29 -22.72
CA VAL P 232 32.69 -30.60 -21.33
C VAL P 232 31.96 -29.67 -20.35
N ASP P 233 31.66 -30.18 -19.15
CA ASP P 233 31.11 -29.34 -18.09
C ASP P 233 32.06 -28.17 -17.83
N THR P 234 31.47 -26.99 -17.57
CA THR P 234 32.24 -25.77 -17.33
C THR P 234 33.03 -25.95 -16.09
N ARG P 235 34.33 -25.66 -16.16
CA ARG P 235 35.27 -26.04 -15.12
C ARG P 235 36.07 -24.84 -14.61
N PRO P 236 36.20 -24.70 -13.29
CA PRO P 236 36.91 -23.57 -12.68
C PRO P 236 38.36 -23.54 -13.15
N ALA P 237 38.98 -22.36 -13.13
CA ALA P 237 40.39 -22.27 -13.49
C ALA P 237 41.28 -22.39 -12.25
N GLY P 238 40.78 -21.91 -11.11
CA GLY P 238 41.57 -21.87 -9.88
C GLY P 238 41.88 -20.45 -9.45
N ASP P 239 41.61 -19.51 -10.37
CA ASP P 239 41.89 -18.09 -10.14
C ASP P 239 40.61 -17.24 -10.14
N GLY P 240 39.47 -17.87 -10.40
CA GLY P 240 38.20 -17.15 -10.39
C GLY P 240 37.51 -17.01 -11.73
N THR P 241 38.14 -17.50 -12.78
CA THR P 241 37.51 -17.50 -14.09
C THR P 241 37.17 -18.94 -14.34
N PHE P 242 36.51 -19.23 -15.46
CA PHE P 242 36.16 -20.59 -15.78
C PHE P 242 36.67 -20.96 -17.17
N GLN P 243 36.56 -22.23 -17.54
CA GLN P 243 36.97 -22.64 -18.86
C GLN P 243 36.08 -23.76 -19.42
N LYS P 244 36.11 -23.94 -20.74
CA LYS P 244 35.17 -24.82 -21.41
C LYS P 244 35.60 -25.18 -22.83
N TRP P 245 35.06 -26.26 -23.39
CA TRP P 245 35.27 -26.56 -24.80
C TRP P 245 34.21 -27.46 -25.45
N ALA P 246 33.96 -27.22 -26.73
CA ALA P 246 33.09 -28.08 -27.52
C ALA P 246 33.94 -28.75 -28.59
N ALA P 247 33.54 -29.92 -29.04
CA ALA P 247 34.33 -30.60 -30.04
C ALA P 247 33.46 -31.38 -31.00
N VAL P 248 33.81 -31.26 -32.27
CA VAL P 248 33.15 -31.98 -33.34
C VAL P 248 34.24 -32.64 -34.15
N VAL P 249 33.90 -33.78 -34.74
CA VAL P 249 34.84 -34.51 -35.56
C VAL P 249 34.45 -34.20 -37.00
N VAL P 250 35.44 -33.99 -37.84
CA VAL P 250 35.21 -33.47 -39.16
C VAL P 250 35.81 -34.38 -40.23
N PRO P 251 35.04 -34.68 -41.28
CA PRO P 251 35.56 -35.49 -42.38
C PRO P 251 36.59 -34.65 -43.14
N SER P 252 37.87 -34.87 -42.84
CA SER P 252 38.95 -34.13 -43.48
C SER P 252 38.81 -34.17 -45.01
N GLY P 253 39.19 -33.09 -45.68
CA GLY P 253 39.68 -31.90 -45.00
C GLY P 253 38.75 -30.72 -45.23
N GLN P 254 37.46 -30.99 -45.36
CA GLN P 254 36.48 -29.92 -45.52
C GLN P 254 36.14 -29.26 -44.18
N GLU P 255 37.17 -29.07 -43.36
CA GLU P 255 37.04 -28.41 -42.06
C GLU P 255 36.45 -27.00 -42.15
N GLN P 256 36.54 -26.38 -43.32
CA GLN P 256 36.11 -24.98 -43.45
C GLN P 256 34.59 -24.85 -43.52
N ARG P 257 33.89 -25.99 -43.60
CA ARG P 257 32.44 -25.97 -43.44
C ARG P 257 32.08 -25.63 -41.99
N TYR P 258 33.02 -25.86 -41.09
CA TYR P 258 32.75 -25.79 -39.65
C TYR P 258 33.22 -24.48 -38.96
N THR P 259 32.30 -23.85 -38.24
CA THR P 259 32.55 -22.61 -37.52
C THR P 259 32.10 -22.74 -36.07
N CYS P 260 32.89 -22.22 -35.14
CA CYS P 260 32.55 -22.22 -33.71
C CYS P 260 32.10 -20.85 -33.19
N HIS P 261 30.92 -20.83 -32.56
CA HIS P 261 30.24 -19.59 -32.22
C HIS P 261 29.98 -19.48 -30.71
N VAL P 262 30.62 -18.51 -30.07
CA VAL P 262 30.60 -18.36 -28.60
C VAL P 262 29.65 -17.24 -28.12
N GLN P 263 28.88 -17.52 -27.08
CA GLN P 263 28.02 -16.48 -26.50
C GLN P 263 28.31 -16.28 -25.00
N HIS P 264 28.68 -15.06 -24.62
CA HIS P 264 28.96 -14.77 -23.19
C HIS P 264 28.69 -13.29 -22.83
N GLU P 265 28.18 -13.06 -21.63
CA GLU P 265 27.84 -11.73 -21.14
C GLU P 265 28.97 -10.69 -21.16
N GLY P 266 30.15 -11.08 -21.62
CA GLY P 266 31.28 -10.18 -21.67
C GLY P 266 31.79 -9.87 -23.08
N LEU P 267 31.13 -10.47 -24.07
CA LEU P 267 31.37 -10.12 -25.48
C LEU P 267 30.22 -9.24 -25.99
N VAL P 268 30.15 -8.04 -25.42
CA VAL P 268 29.11 -7.06 -25.71
C VAL P 268 29.64 -5.89 -26.53
N GLU P 269 28.90 -5.58 -27.59
CA GLU P 269 29.20 -4.44 -28.44
C GLU P 269 27.91 -3.65 -28.50
N PRO P 270 27.77 -2.67 -27.60
CA PRO P 270 26.56 -1.86 -27.45
C PRO P 270 25.89 -1.12 -28.62
N VAL P 271 26.48 -0.02 -29.10
CA VAL P 271 25.96 0.70 -30.27
C VAL P 271 26.75 1.97 -30.60
N ILE Q 1 20.76 -41.45 -4.54
CA ILE Q 1 21.39 -41.57 -3.23
C ILE Q 1 22.91 -41.81 -3.25
N GLN Q 2 23.42 -42.57 -4.23
CA GLN Q 2 24.87 -42.77 -4.28
C GLN Q 2 25.50 -42.63 -5.68
N ARG Q 3 26.47 -41.73 -5.83
CA ARG Q 3 26.89 -41.24 -7.15
C ARG Q 3 28.40 -41.25 -7.43
N THR Q 4 28.79 -41.92 -8.52
CA THR Q 4 30.16 -41.95 -9.02
C THR Q 4 30.71 -40.56 -9.36
N PRO Q 5 31.94 -40.25 -8.95
CA PRO Q 5 32.56 -38.99 -9.36
C PRO Q 5 32.88 -38.92 -10.86
N LYS Q 6 33.07 -37.69 -11.35
CA LYS Q 6 33.49 -37.48 -12.72
C LYS Q 6 34.78 -36.67 -12.67
N ILE Q 7 35.62 -36.78 -13.70
CA ILE Q 7 36.96 -36.23 -13.63
C ILE Q 7 37.29 -35.38 -14.83
N GLN Q 8 37.96 -34.28 -14.56
CA GLN Q 8 38.57 -33.51 -15.61
C GLN Q 8 39.92 -33.06 -15.10
N VAL Q 9 40.97 -33.38 -15.85
CA VAL Q 9 42.32 -32.99 -15.50
C VAL Q 9 42.72 -31.97 -16.54
N TYR Q 10 43.35 -30.88 -16.11
CA TYR Q 10 43.66 -29.80 -17.03
C TYR Q 10 44.57 -28.78 -16.36
N SER Q 11 45.34 -28.07 -17.18
CA SER Q 11 46.15 -26.94 -16.74
C SER Q 11 45.28 -25.68 -16.58
N ARG Q 12 45.62 -24.81 -15.65
CA ARG Q 12 44.90 -23.54 -15.52
C ARG Q 12 45.11 -22.71 -16.78
N HIS Q 13 46.36 -22.58 -17.20
CA HIS Q 13 46.72 -21.82 -18.40
C HIS Q 13 47.11 -22.77 -19.51
N PRO Q 14 47.17 -22.27 -20.77
CA PRO Q 14 47.67 -23.12 -21.87
C PRO Q 14 49.02 -23.77 -21.53
N ALA Q 15 49.28 -24.93 -22.11
CA ALA Q 15 50.47 -25.69 -21.74
C ALA Q 15 51.69 -25.24 -22.53
N GLU Q 16 52.55 -24.48 -21.88
CA GLU Q 16 53.76 -23.95 -22.51
C GLU Q 16 54.97 -24.54 -21.78
N ASN Q 17 55.64 -25.49 -22.43
CA ASN Q 17 56.77 -26.21 -21.85
C ASN Q 17 57.84 -25.32 -21.23
N GLY Q 18 57.98 -25.39 -19.91
CA GLY Q 18 58.98 -24.60 -19.23
C GLY Q 18 58.35 -23.48 -18.42
N LYS Q 19 57.13 -23.11 -18.77
CA LYS Q 19 56.40 -22.05 -18.04
C LYS Q 19 55.89 -22.56 -16.69
N SER Q 20 55.97 -21.69 -15.67
CA SER Q 20 55.46 -22.03 -14.33
C SER Q 20 53.93 -21.94 -14.30
N ASN Q 21 53.29 -23.10 -14.25
CA ASN Q 21 51.85 -23.24 -14.45
C ASN Q 21 51.13 -23.90 -13.27
N PHE Q 22 49.85 -24.22 -13.45
CA PHE Q 22 49.05 -24.84 -12.42
C PHE Q 22 48.31 -26.08 -12.97
N LEU Q 23 48.20 -27.11 -12.15
CA LEU Q 23 47.50 -28.32 -12.54
C LEU Q 23 46.31 -28.49 -11.61
N ASN Q 24 45.12 -28.51 -12.17
CA ASN Q 24 43.94 -28.75 -11.37
C ASN Q 24 43.34 -30.10 -11.68
N CYS Q 25 42.70 -30.69 -10.67
CA CYS Q 25 41.78 -31.81 -10.88
C CYS Q 25 40.37 -31.46 -10.38
N TYR Q 26 39.44 -31.29 -11.32
CA TYR Q 26 38.04 -31.07 -11.03
C TYR Q 26 37.29 -32.42 -10.90
N VAL Q 27 36.79 -32.68 -9.70
CA VAL Q 27 36.03 -33.89 -9.47
C VAL Q 27 34.62 -33.50 -9.09
N SER Q 28 33.62 -34.22 -9.60
CA SER Q 28 32.24 -33.80 -9.38
C SER Q 28 31.23 -34.90 -9.63
N GLY Q 29 29.96 -34.56 -9.44
CA GLY Q 29 28.87 -35.47 -9.60
C GLY Q 29 28.71 -36.47 -8.48
N PHE Q 30 29.68 -36.53 -7.57
CA PHE Q 30 29.69 -37.58 -6.53
C PHE Q 30 28.80 -37.37 -5.31
N HIS Q 31 28.55 -38.46 -4.60
CA HIS Q 31 27.76 -38.51 -3.36
C HIS Q 31 27.93 -39.91 -2.78
N PRO Q 32 28.35 -40.01 -1.51
CA PRO Q 32 28.47 -38.88 -0.60
C PRO Q 32 29.83 -38.22 -0.71
N SER Q 33 30.02 -37.19 0.10
CA SER Q 33 31.09 -36.22 -0.07
C SER Q 33 32.46 -36.80 0.13
N ASP Q 34 32.55 -37.84 0.96
CA ASP Q 34 33.82 -38.43 1.28
C ASP Q 34 34.52 -38.88 0.00
N ILE Q 35 35.58 -38.15 -0.37
CA ILE Q 35 36.34 -38.39 -1.59
C ILE Q 35 37.85 -38.36 -1.32
N GLU Q 36 38.62 -39.13 -2.10
CA GLU Q 36 40.09 -39.16 -1.99
C GLU Q 36 40.76 -38.90 -3.36
N VAL Q 37 41.54 -37.82 -3.43
CA VAL Q 37 42.07 -37.36 -4.72
C VAL Q 37 43.56 -37.07 -4.71
N ASP Q 38 44.28 -37.73 -5.62
CA ASP Q 38 45.74 -37.73 -5.66
C ASP Q 38 46.26 -37.16 -6.96
N LEU Q 39 47.31 -36.34 -6.89
CA LEU Q 39 47.96 -35.85 -8.10
C LEU Q 39 49.32 -36.52 -8.33
N LEU Q 40 49.60 -36.83 -9.59
CA LEU Q 40 50.78 -37.64 -9.92
C LEU Q 40 51.80 -36.94 -10.82
N LYS Q 41 53.09 -37.18 -10.52
CA LYS Q 41 54.20 -36.87 -11.42
C LYS Q 41 54.91 -38.20 -11.71
N ASN Q 42 54.71 -38.72 -12.91
CA ASN Q 42 55.20 -40.04 -13.30
C ASN Q 42 54.89 -41.12 -12.27
N GLY Q 43 53.62 -41.20 -11.89
CA GLY Q 43 53.16 -42.20 -10.96
C GLY Q 43 53.37 -41.81 -9.52
N GLU Q 44 53.90 -40.61 -9.26
CA GLU Q 44 54.19 -40.16 -7.88
C GLU Q 44 53.21 -39.17 -7.27
N ARG Q 45 52.61 -39.54 -6.15
CA ARG Q 45 51.77 -38.62 -5.37
C ARG Q 45 52.48 -37.31 -5.06
N ILE Q 46 51.98 -36.20 -5.58
CA ILE Q 46 52.57 -34.90 -5.31
C ILE Q 46 52.24 -34.50 -3.89
N GLU Q 47 53.21 -33.88 -3.23
CA GLU Q 47 53.09 -33.62 -1.80
C GLU Q 47 52.41 -32.30 -1.52
N LYS Q 48 52.85 -31.25 -2.19
CA LYS Q 48 52.37 -29.91 -1.89
C LYS Q 48 51.09 -29.61 -2.68
N VAL Q 49 49.97 -30.19 -2.23
CA VAL Q 49 48.70 -30.07 -2.95
C VAL Q 49 47.60 -29.44 -2.08
N GLU Q 50 46.83 -28.52 -2.67
CA GLU Q 50 45.72 -27.90 -1.96
C GLU Q 50 44.42 -28.03 -2.76
N HIS Q 51 43.28 -27.77 -2.13
CA HIS Q 51 42.00 -27.87 -2.82
C HIS Q 51 40.94 -26.84 -2.37
N SER Q 52 39.84 -26.81 -3.12
CA SER Q 52 38.72 -25.90 -2.84
C SER Q 52 37.89 -26.36 -1.65
N ASP Q 53 36.86 -25.60 -1.31
CA ASP Q 53 35.97 -25.96 -0.21
C ASP Q 53 34.78 -26.75 -0.74
N LEU Q 54 34.23 -27.59 0.13
CA LEU Q 54 33.18 -28.52 -0.29
C LEU Q 54 31.85 -27.85 -0.58
N SER Q 55 31.47 -27.86 -1.85
CA SER Q 55 30.13 -27.38 -2.21
C SER Q 55 29.44 -28.40 -3.08
N PHE Q 56 28.24 -28.03 -3.53
CA PHE Q 56 27.40 -28.90 -4.34
C PHE Q 56 26.43 -28.12 -5.22
N SER Q 57 25.89 -28.79 -6.22
CA SER Q 57 24.97 -28.20 -7.18
C SER Q 57 23.57 -28.72 -6.99
N LYS Q 58 22.66 -28.31 -7.87
CA LYS Q 58 21.23 -28.58 -7.74
C LYS Q 58 20.83 -29.98 -7.30
N ASP Q 59 21.34 -31.00 -8.00
CA ASP Q 59 20.97 -32.39 -7.71
C ASP Q 59 21.59 -32.92 -6.41
N TRP Q 60 22.23 -32.01 -5.67
CA TRP Q 60 22.79 -32.27 -4.35
C TRP Q 60 24.14 -32.99 -4.41
N SER Q 61 24.74 -33.03 -5.60
CA SER Q 61 25.98 -33.79 -5.79
C SER Q 61 27.19 -32.89 -5.56
N PHE Q 62 28.26 -33.47 -5.00
CA PHE Q 62 29.39 -32.65 -4.59
C PHE Q 62 30.35 -32.37 -5.73
N TYR Q 63 31.17 -31.34 -5.54
CA TYR Q 63 32.25 -31.04 -6.46
C TYR Q 63 33.41 -30.42 -5.69
N LEU Q 64 34.59 -30.45 -6.29
CA LEU Q 64 35.81 -30.04 -5.62
C LEU Q 64 36.94 -29.90 -6.62
N LEU Q 65 37.74 -28.86 -6.45
CA LEU Q 65 38.88 -28.62 -7.31
C LEU Q 65 40.17 -28.96 -6.57
N TYR Q 66 40.95 -29.87 -7.15
CA TYR Q 66 42.25 -30.24 -6.60
C TYR Q 66 43.38 -29.67 -7.45
N TYR Q 67 44.19 -28.79 -6.87
CA TYR Q 67 45.19 -28.06 -7.64
C TYR Q 67 46.58 -27.98 -6.98
N THR Q 68 47.61 -27.92 -7.82
CA THR Q 68 48.98 -27.78 -7.37
C THR Q 68 49.68 -27.01 -8.48
N GLU Q 69 50.71 -26.25 -8.14
CA GLU Q 69 51.49 -25.63 -9.21
C GLU Q 69 52.19 -26.75 -9.93
N PHE Q 70 52.72 -26.46 -11.12
CA PHE Q 70 53.61 -27.38 -11.81
C PHE Q 70 54.30 -26.71 -12.99
N THR Q 71 55.47 -27.22 -13.37
CA THR Q 71 56.11 -26.76 -14.59
C THR Q 71 56.28 -27.90 -15.58
N PRO Q 72 55.34 -28.01 -16.53
CA PRO Q 72 55.28 -29.12 -17.48
C PRO Q 72 56.43 -29.13 -18.47
N THR Q 73 56.97 -30.31 -18.68
CA THR Q 73 58.02 -30.53 -19.66
C THR Q 73 57.46 -31.44 -20.75
N GLU Q 74 58.30 -31.80 -21.71
CA GLU Q 74 57.88 -32.76 -22.72
C GLU Q 74 57.84 -34.20 -22.18
N LYS Q 75 58.92 -34.59 -21.52
CA LYS Q 75 59.05 -35.96 -21.04
C LYS Q 75 58.03 -36.28 -19.94
N ASP Q 76 57.85 -35.34 -19.01
CA ASP Q 76 57.02 -35.55 -17.83
C ASP Q 76 55.58 -35.96 -18.14
N GLU Q 77 54.97 -36.69 -17.20
CA GLU Q 77 53.56 -37.02 -17.31
C GLU Q 77 52.89 -36.76 -15.98
N TYR Q 78 51.66 -36.24 -16.03
CA TYR Q 78 50.89 -36.01 -14.83
C TYR Q 78 49.52 -36.68 -14.94
N ALA Q 79 48.87 -36.94 -13.81
CA ALA Q 79 47.55 -37.60 -13.82
C ALA Q 79 46.79 -37.48 -12.48
N CYS Q 80 45.47 -37.62 -12.52
CA CYS Q 80 44.65 -37.61 -11.29
C CYS Q 80 44.23 -39.03 -10.87
N ARG Q 81 44.32 -39.30 -9.57
CA ARG Q 81 43.84 -40.56 -9.02
C ARG Q 81 42.74 -40.26 -8.02
N VAL Q 82 41.57 -40.84 -8.24
CA VAL Q 82 40.43 -40.47 -7.43
C VAL Q 82 39.88 -41.75 -6.87
N ASN Q 83 39.34 -41.68 -5.66
CA ASN Q 83 38.81 -42.87 -4.98
C ASN Q 83 37.53 -42.46 -4.26
N HIS Q 84 36.48 -43.25 -4.41
CA HIS Q 84 35.18 -42.95 -3.80
C HIS Q 84 34.61 -44.29 -3.37
N VAL Q 85 33.54 -44.29 -2.58
CA VAL Q 85 32.90 -45.53 -2.21
C VAL Q 85 32.26 -46.14 -3.45
N THR Q 86 31.87 -45.28 -4.37
CA THR Q 86 31.22 -45.75 -5.57
C THR Q 86 32.15 -46.61 -6.41
N LEU Q 87 33.46 -46.32 -6.30
CA LEU Q 87 34.53 -46.99 -7.06
C LEU Q 87 35.17 -48.20 -6.37
N SER Q 88 35.35 -49.30 -7.13
CA SER Q 88 36.05 -50.46 -6.56
C SER Q 88 37.59 -50.35 -6.58
N GLN Q 89 38.14 -49.92 -7.72
CA GLN Q 89 39.56 -49.63 -7.82
C GLN Q 89 39.71 -48.12 -8.10
N PRO Q 90 40.74 -47.47 -7.52
CA PRO Q 90 40.95 -46.03 -7.71
C PRO Q 90 41.08 -45.61 -9.18
N LYS Q 91 40.30 -44.63 -9.62
CA LYS Q 91 40.31 -44.22 -11.03
C LYS Q 91 41.50 -43.30 -11.35
N ILE Q 92 42.12 -43.51 -12.51
CA ILE Q 92 43.31 -42.75 -12.90
C ILE Q 92 43.13 -42.05 -14.27
N VAL Q 93 43.05 -40.74 -14.25
CA VAL Q 93 42.92 -39.97 -15.49
C VAL Q 93 44.22 -39.24 -15.82
N LYS Q 94 44.73 -39.42 -17.05
CA LYS Q 94 45.96 -38.76 -17.51
C LYS Q 94 45.75 -37.32 -17.98
N TRP Q 95 46.72 -36.47 -17.70
CA TRP Q 95 46.74 -35.11 -18.22
C TRP Q 95 47.10 -35.05 -19.70
N ASP Q 96 46.17 -34.54 -20.52
CA ASP Q 96 46.40 -34.28 -21.95
C ASP Q 96 46.60 -32.77 -22.18
N ARG Q 97 47.54 -32.44 -23.05
CA ARG Q 97 47.92 -31.06 -23.36
C ARG Q 97 46.81 -30.35 -24.14
N ASP Q 98 45.83 -31.15 -24.56
CA ASP Q 98 44.77 -30.73 -25.48
C ASP Q 98 43.36 -30.91 -24.88
N MET Q 99 43.26 -31.01 -23.56
CA MET Q 99 41.97 -31.24 -22.91
C MET Q 99 41.83 -30.55 -21.53
N LYS R 1 25.10 -11.75 4.99
CA LYS R 1 24.83 -12.37 6.28
C LYS R 1 24.27 -13.78 6.11
N LEU R 2 24.60 -14.65 7.07
CA LEU R 2 24.01 -15.99 7.22
C LEU R 2 22.62 -15.94 7.84
N PHE R 3 21.80 -16.97 7.65
CA PHE R 3 20.52 -17.04 8.33
C PHE R 3 20.73 -17.53 9.74
N SER R 4 19.79 -17.26 10.63
CA SER R 4 19.90 -17.68 12.02
C SER R 4 18.53 -17.83 12.68
N GLY R 5 18.38 -18.82 13.54
CA GLY R 5 17.09 -19.08 14.14
C GLY R 5 16.54 -20.39 13.63
N GLU R 6 17.27 -21.02 12.72
CA GLU R 6 16.92 -22.32 12.16
C GLU R 6 16.41 -23.28 13.22
N LEU R 7 15.12 -23.60 13.14
CA LEU R 7 14.50 -24.41 14.15
C LEU R 7 14.77 -25.87 13.90
N THR R 8 14.96 -26.63 14.97
CA THR R 8 15.25 -28.05 14.87
C THR R 8 14.22 -28.78 14.03
N LYS R 9 14.70 -29.72 13.21
CA LYS R 9 13.90 -30.50 12.25
C LYS R 9 13.08 -31.58 12.95
N GLY S 1 6.37 30.23 -5.84
CA GLY S 1 5.65 30.07 -4.59
C GLY S 1 4.71 28.88 -4.63
N SER S 2 4.06 28.59 -3.49
CA SER S 2 3.10 27.49 -3.33
C SER S 2 1.94 27.50 -4.35
N HIS S 3 1.96 26.55 -5.28
CA HIS S 3 1.11 26.60 -6.48
C HIS S 3 -0.32 26.13 -6.23
N SER S 4 -1.29 26.70 -6.95
CA SER S 4 -2.69 26.35 -6.74
C SER S 4 -3.58 26.65 -7.95
N LEU S 5 -4.75 26.03 -7.96
CA LEU S 5 -5.71 26.18 -9.03
C LEU S 5 -7.06 26.29 -8.35
N ARG S 6 -7.79 27.36 -8.63
CA ARG S 6 -9.05 27.63 -7.94
C ARG S 6 -10.11 28.05 -8.93
N TYR S 7 -11.33 27.56 -8.74
CA TYR S 7 -12.47 27.99 -9.53
C TYR S 7 -13.45 28.69 -8.62
N PHE S 8 -13.98 29.82 -9.08
CA PHE S 8 -14.92 30.59 -8.28
C PHE S 8 -16.26 30.71 -8.99
N TYR S 9 -17.32 30.18 -8.39
CA TYR S 9 -18.66 30.40 -8.94
C TYR S 9 -19.37 31.59 -8.27
N THR S 10 -20.19 32.32 -9.04
CA THR S 10 -21.14 33.33 -8.51
C THR S 10 -22.51 33.16 -9.19
N SER S 11 -23.57 33.06 -8.38
CA SER S 11 -24.92 32.88 -8.88
C SER S 11 -25.87 33.90 -8.22
N VAL S 12 -26.38 34.85 -8.99
CA VAL S 12 -27.21 35.97 -8.48
C VAL S 12 -28.61 35.96 -9.06
N SER S 13 -29.62 35.63 -8.27
CA SER S 13 -30.98 35.64 -8.81
C SER S 13 -31.51 37.06 -9.02
N ARG S 14 -32.19 37.28 -10.13
CA ARG S 14 -32.74 38.60 -10.44
C ARG S 14 -34.23 38.48 -10.77
N PRO S 15 -35.09 38.61 -9.75
CA PRO S 15 -36.54 38.54 -9.92
C PRO S 15 -37.18 39.93 -9.99
N GLY S 16 -38.11 40.14 -10.91
CA GLY S 16 -38.48 39.13 -11.89
C GLY S 16 -37.80 39.41 -13.21
N ARG S 17 -36.80 40.29 -13.20
CA ARG S 17 -36.09 40.71 -14.40
C ARG S 17 -35.20 39.62 -15.03
N GLY S 18 -35.79 38.53 -15.51
CA GLY S 18 -35.03 37.54 -16.28
C GLY S 18 -34.85 36.17 -15.65
N ASP S 19 -33.64 35.62 -15.80
CA ASP S 19 -33.19 34.37 -15.16
C ASP S 19 -31.86 34.63 -14.44
N PRO S 20 -31.45 33.72 -13.51
CA PRO S 20 -30.26 34.04 -12.69
C PRO S 20 -28.98 34.36 -13.49
N ARG S 21 -28.08 35.12 -12.89
CA ARG S 21 -26.83 35.44 -13.55
C ARG S 21 -25.74 34.50 -12.98
N PHE S 22 -25.08 33.72 -13.85
CA PHE S 22 -24.01 32.82 -13.42
C PHE S 22 -22.68 33.23 -14.05
N ILE S 23 -21.67 33.41 -13.21
CA ILE S 23 -20.31 33.71 -13.66
C ILE S 23 -19.38 32.69 -13.04
N ALA S 24 -18.34 32.34 -13.76
CA ALA S 24 -17.33 31.47 -13.20
C ALA S 24 -15.99 31.98 -13.70
N VAL S 25 -14.99 31.94 -12.81
CA VAL S 25 -13.63 32.33 -13.15
C VAL S 25 -12.67 31.32 -12.54
N GLY S 26 -11.63 31.01 -13.29
CA GLY S 26 -10.61 30.10 -12.81
C GLY S 26 -9.27 30.79 -12.70
N TYR S 27 -8.55 30.47 -11.64
CA TYR S 27 -7.25 31.07 -11.38
C TYR S 27 -6.19 29.99 -11.18
N VAL S 28 -5.03 30.21 -11.79
CA VAL S 28 -3.86 29.42 -11.48
C VAL S 28 -2.96 30.45 -10.85
N ASP S 29 -2.49 30.14 -9.64
CA ASP S 29 -1.78 31.09 -8.81
C ASP S 29 -2.54 32.40 -8.82
N ASP S 30 -1.89 33.48 -9.23
CA ASP S 30 -2.57 34.77 -9.27
C ASP S 30 -2.83 35.19 -10.71
N THR S 31 -3.10 34.21 -11.55
CA THR S 31 -3.40 34.45 -12.95
C THR S 31 -4.71 33.77 -13.37
N GLN S 32 -5.69 34.59 -13.69
CA GLN S 32 -6.94 34.09 -14.22
C GLN S 32 -6.71 33.63 -15.64
N PHE S 33 -7.38 32.54 -16.01
CA PHE S 33 -7.13 31.92 -17.30
C PHE S 33 -8.42 31.44 -17.98
N VAL S 34 -9.53 31.36 -17.23
CA VAL S 34 -10.83 31.08 -17.86
C VAL S 34 -11.88 32.06 -17.40
N ARG S 35 -13.05 31.96 -18.02
CA ARG S 35 -14.09 32.98 -17.96
C ARG S 35 -15.41 32.36 -18.44
N PHE S 36 -16.52 32.79 -17.86
CA PHE S 36 -17.85 32.43 -18.33
C PHE S 36 -18.88 33.38 -17.77
N ASP S 37 -19.62 34.01 -18.67
CA ASP S 37 -20.70 34.91 -18.27
C ASP S 37 -21.92 34.53 -19.08
N SER S 38 -22.96 34.13 -18.36
CA SER S 38 -24.21 33.67 -18.95
C SER S 38 -24.99 34.81 -19.58
N ASP S 39 -24.34 35.96 -19.69
CA ASP S 39 -24.94 37.16 -20.24
C ASP S 39 -24.16 37.60 -21.48
N ALA S 40 -22.93 37.10 -21.62
CA ALA S 40 -22.14 37.37 -22.81
C ALA S 40 -22.80 36.68 -24.01
N ALA S 41 -22.68 37.28 -25.19
CA ALA S 41 -23.33 36.71 -26.38
C ALA S 41 -22.73 35.37 -26.75
N THR S 42 -21.52 35.09 -26.25
CA THR S 42 -20.75 33.91 -26.65
C THR S 42 -21.31 32.57 -26.16
N GLY S 43 -21.86 32.54 -24.95
CA GLY S 43 -22.35 31.31 -24.36
C GLY S 43 -21.30 30.21 -24.26
N ARG S 44 -20.04 30.59 -24.47
CA ARG S 44 -18.89 29.69 -24.44
C ARG S 44 -18.07 29.93 -23.17
N THR S 45 -17.21 28.98 -22.80
CA THR S 45 -16.14 29.28 -21.84
C THR S 45 -15.01 29.93 -22.61
N GLU S 46 -14.42 31.00 -22.07
CA GLU S 46 -13.41 31.77 -22.81
C GLU S 46 -12.01 31.75 -22.19
N PRO S 47 -10.97 31.77 -23.04
CA PRO S 47 -9.60 31.95 -22.53
C PRO S 47 -9.40 33.39 -22.12
N ARG S 48 -8.45 33.64 -21.23
CA ARG S 48 -8.14 34.98 -20.70
C ARG S 48 -6.65 34.99 -20.34
N ALA S 49 -6.00 33.84 -20.57
CA ALA S 49 -4.54 33.73 -20.58
C ALA S 49 -4.10 33.20 -21.94
N PRO S 50 -3.10 33.85 -22.56
CA PRO S 50 -2.58 33.43 -23.87
C PRO S 50 -2.11 31.98 -23.87
N TRP S 51 -1.72 31.47 -22.71
CA TRP S 51 -1.14 30.13 -22.60
C TRP S 51 -2.12 28.94 -22.56
N VAL S 52 -3.42 29.21 -22.61
CA VAL S 52 -4.41 28.12 -22.72
C VAL S 52 -5.18 28.20 -24.03
N GLU S 53 -4.89 29.22 -24.83
CA GLU S 53 -5.54 29.33 -26.13
C GLU S 53 -5.14 28.16 -27.06
N GLN S 54 -3.99 27.54 -26.79
CA GLN S 54 -3.47 26.43 -27.59
C GLN S 54 -4.27 25.13 -27.43
N GLU S 55 -5.03 25.01 -26.35
CA GLU S 55 -5.84 23.82 -26.12
C GLU S 55 -6.94 23.74 -27.15
N GLY S 56 -7.28 22.52 -27.55
CA GLY S 56 -8.13 22.29 -28.71
C GLY S 56 -9.58 22.70 -28.53
N PRO S 57 -10.40 22.37 -29.53
CA PRO S 57 -11.85 22.60 -29.44
C PRO S 57 -12.46 21.66 -28.43
N GLU S 58 -11.81 20.53 -28.16
CA GLU S 58 -12.41 19.56 -27.25
C GLU S 58 -12.36 20.04 -25.81
N TYR S 59 -11.23 20.61 -25.42
CA TYR S 59 -11.10 21.18 -24.09
C TYR S 59 -12.16 22.25 -23.86
N TRP S 60 -12.21 23.25 -24.75
CA TRP S 60 -13.17 24.34 -24.62
C TRP S 60 -14.60 23.85 -24.62
N ASP S 61 -14.94 23.01 -25.61
CA ASP S 61 -16.30 22.48 -25.75
C ASP S 61 -16.79 21.80 -24.47
N GLY S 62 -15.96 20.92 -23.92
CA GLY S 62 -16.32 20.18 -22.72
C GLY S 62 -16.56 21.12 -21.57
N GLU S 63 -15.63 22.05 -21.37
CA GLU S 63 -15.72 23.00 -20.26
C GLU S 63 -16.98 23.83 -20.33
N THR S 64 -17.30 24.42 -21.48
CA THR S 64 -18.58 25.14 -21.58
C THR S 64 -19.81 24.25 -21.37
N ARG S 65 -19.64 22.95 -21.58
CA ARG S 65 -20.74 21.99 -21.44
C ARG S 65 -20.93 21.65 -19.96
N LYS S 66 -19.81 21.50 -19.26
CA LYS S 66 -19.83 21.33 -17.81
C LYS S 66 -20.35 22.57 -17.12
N VAL S 67 -19.82 23.73 -17.52
CA VAL S 67 -20.13 24.99 -16.84
C VAL S 67 -21.58 25.44 -17.02
N LYS S 68 -22.23 25.01 -18.09
CA LYS S 68 -23.63 25.40 -18.29
C LYS S 68 -24.47 24.40 -17.52
N GLU S 69 -23.93 23.20 -17.38
CA GLU S 69 -24.61 22.12 -16.70
C GLU S 69 -24.63 22.42 -15.21
N THR S 70 -23.53 22.96 -14.69
CA THR S 70 -23.55 23.45 -13.32
C THR S 70 -24.41 24.71 -13.19
N ALA S 71 -24.30 25.62 -14.15
CA ALA S 71 -25.10 26.84 -14.12
C ALA S 71 -26.57 26.51 -13.92
N GLN S 72 -27.01 25.42 -14.52
CA GLN S 72 -28.41 25.00 -14.38
C GLN S 72 -28.71 24.45 -12.98
N VAL S 73 -27.77 23.75 -12.39
CA VAL S 73 -27.96 23.27 -11.03
C VAL S 73 -28.09 24.45 -10.07
N TYR S 74 -27.40 25.55 -10.36
CA TYR S 74 -27.42 26.73 -9.48
C TYR S 74 -28.69 27.59 -9.62
N ARG S 75 -29.36 27.51 -10.76
CA ARG S 75 -30.70 28.09 -10.90
C ARG S 75 -31.67 27.43 -9.92
N VAL S 76 -31.71 26.10 -9.96
CA VAL S 76 -32.46 25.29 -8.99
C VAL S 76 -32.02 25.57 -7.56
N ASP S 77 -30.72 25.65 -7.33
CA ASP S 77 -30.23 25.82 -5.96
C ASP S 77 -30.66 27.14 -5.34
N LEU S 78 -30.79 28.16 -6.18
CA LEU S 78 -31.34 29.45 -5.75
C LEU S 78 -32.79 29.34 -5.27
N ASP S 79 -33.61 28.53 -5.94
CA ASP S 79 -35.01 28.33 -5.53
C ASP S 79 -35.14 27.47 -4.24
N THR S 80 -34.34 26.42 -4.17
CA THR S 80 -34.28 25.53 -3.01
C THR S 80 -33.86 26.27 -1.75
N LEU S 81 -32.74 26.99 -1.82
CA LEU S 81 -32.27 27.79 -0.68
C LEU S 81 -33.31 28.83 -0.25
N ARG S 82 -33.91 29.48 -1.23
CA ARG S 82 -34.97 30.46 -0.99
C ARG S 82 -36.03 29.85 -0.08
N GLY S 83 -36.43 28.62 -0.37
CA GLY S 83 -37.40 27.90 0.44
C GLY S 83 -36.86 27.39 1.78
N TYR S 84 -35.60 26.98 1.81
CA TYR S 84 -35.00 26.52 3.06
C TYR S 84 -34.98 27.64 4.09
N TYR S 85 -34.72 28.86 3.62
CA TYR S 85 -34.58 30.00 4.52
C TYR S 85 -35.88 30.76 4.73
N ASN S 86 -36.96 30.30 4.09
CA ASN S 86 -38.27 30.95 4.12
C ASN S 86 -38.25 32.38 3.57
N GLN S 87 -37.79 32.54 2.34
CA GLN S 87 -37.61 33.85 1.73
C GLN S 87 -38.56 34.12 0.56
N SER S 88 -38.93 35.39 0.39
CA SER S 88 -39.84 35.80 -0.67
C SER S 88 -39.19 35.80 -2.05
N GLU S 89 -40.02 35.69 -3.08
CA GLU S 89 -39.58 35.55 -4.46
C GLU S 89 -39.17 36.88 -5.05
N ALA S 90 -39.15 37.91 -4.22
CA ALA S 90 -39.04 39.28 -4.73
C ALA S 90 -37.62 39.84 -4.79
N GLY S 91 -36.83 39.60 -3.74
CA GLY S 91 -35.47 40.12 -3.66
C GLY S 91 -34.36 39.26 -4.28
N SER S 92 -33.26 39.91 -4.63
CA SER S 92 -32.10 39.25 -5.24
C SER S 92 -31.22 38.52 -4.20
N HIS S 93 -30.82 37.29 -4.49
CA HIS S 93 -29.92 36.55 -3.57
C HIS S 93 -28.67 35.99 -4.25
N THR S 94 -27.58 35.82 -3.49
CA THR S 94 -26.33 35.29 -4.07
C THR S 94 -25.83 33.98 -3.49
N ILE S 95 -25.53 33.05 -4.39
CA ILE S 95 -24.92 31.79 -4.02
C ILE S 95 -23.50 31.82 -4.54
N GLN S 96 -22.55 31.49 -3.66
CA GLN S 96 -21.15 31.55 -3.99
C GLN S 96 -20.43 30.23 -3.71
N THR S 97 -19.68 29.74 -4.70
CA THR S 97 -18.83 28.59 -4.45
C THR S 97 -17.38 28.87 -4.80
N MET S 98 -16.50 28.30 -3.99
CA MET S 98 -15.08 28.27 -4.30
C MET S 98 -14.55 26.86 -4.07
N TYR S 99 -13.64 26.42 -4.93
CA TYR S 99 -13.06 25.09 -4.76
C TYR S 99 -11.78 25.02 -5.55
N GLY S 100 -10.81 24.24 -5.04
CA GLY S 100 -9.52 24.16 -5.68
C GLY S 100 -8.51 23.26 -4.99
N CYS S 101 -7.35 23.12 -5.60
CA CYS S 101 -6.33 22.22 -5.09
C CYS S 101 -4.97 22.85 -5.07
N ASP S 102 -4.37 22.90 -3.89
CA ASP S 102 -3.01 23.38 -3.75
C ASP S 102 -1.99 22.30 -4.08
N LEU S 103 -0.98 22.67 -4.84
CA LEU S 103 0.13 21.78 -5.20
C LEU S 103 1.08 21.59 -4.03
N GLY S 104 1.61 20.38 -3.91
CA GLY S 104 2.69 20.08 -2.99
C GLY S 104 3.80 19.34 -3.69
N PRO S 105 5.05 19.74 -3.44
CA PRO S 105 6.17 18.91 -3.91
C PRO S 105 6.05 17.52 -3.32
N GLY S 106 5.97 16.49 -4.16
CA GLY S 106 6.01 16.66 -5.60
C GLY S 106 4.93 15.91 -6.36
N GLY S 107 3.91 16.65 -6.79
CA GLY S 107 2.90 16.10 -7.68
C GLY S 107 1.70 15.54 -6.95
N ARG S 108 1.66 15.78 -5.64
CA ARG S 108 0.58 15.28 -4.80
C ARG S 108 -0.21 16.43 -4.19
N LEU S 109 -1.53 16.30 -4.17
CA LEU S 109 -2.36 17.35 -3.60
C LEU S 109 -1.96 17.57 -2.16
N LEU S 110 -1.68 18.81 -1.78
CA LEU S 110 -1.46 19.15 -0.37
C LEU S 110 -2.78 19.41 0.38
N ARG S 111 -3.42 20.53 0.09
CA ARG S 111 -4.68 20.88 0.73
C ARG S 111 -5.82 20.92 -0.32
N GLY S 112 -7.01 20.45 0.09
CA GLY S 112 -8.17 20.46 -0.78
C GLY S 112 -9.36 21.17 -0.18
N TYR S 113 -10.13 21.83 -1.03
CA TYR S 113 -11.19 22.70 -0.54
C TYR S 113 -12.38 22.82 -1.48
N ARG S 114 -13.56 22.74 -0.89
CA ARG S 114 -14.79 23.07 -1.57
C ARG S 114 -15.57 23.85 -0.51
N GLN S 115 -16.27 24.90 -0.94
CA GLN S 115 -16.76 25.91 -0.01
C GLN S 115 -17.87 26.71 -0.62
N ASP S 116 -19.05 26.65 -0.02
CA ASP S 116 -20.20 27.41 -0.51
C ASP S 116 -20.66 28.54 0.43
N ALA S 117 -21.44 29.46 -0.12
CA ALA S 117 -22.00 30.55 0.66
C ALA S 117 -23.30 31.13 0.06
N TYR S 118 -23.97 31.89 0.90
CA TYR S 118 -25.31 32.36 0.62
C TYR S 118 -25.51 33.74 1.22
N ASP S 119 -25.53 34.74 0.35
CA ASP S 119 -25.82 36.12 0.74
C ASP S 119 -24.75 36.69 1.67
N GLY S 120 -23.50 36.32 1.40
CA GLY S 120 -22.34 36.85 2.11
C GLY S 120 -21.80 35.95 3.22
N ALA S 121 -22.67 35.17 3.82
CA ALA S 121 -22.34 34.30 4.95
C ALA S 121 -21.97 32.89 4.46
N ASP S 122 -21.19 32.16 5.24
CA ASP S 122 -20.85 30.76 4.91
C ASP S 122 -22.08 29.85 4.93
N TYR S 123 -22.03 28.80 4.11
CA TYR S 123 -23.12 27.83 4.03
C TYR S 123 -22.64 26.38 4.29
N ILE S 124 -21.73 25.90 3.47
CA ILE S 124 -21.29 24.51 3.54
C ILE S 124 -19.85 24.37 3.03
N ALA S 125 -19.06 23.57 3.74
CA ALA S 125 -17.61 23.42 3.42
C ALA S 125 -17.13 21.95 3.41
N LEU S 126 -16.45 21.55 2.35
CA LEU S 126 -15.82 20.24 2.39
C LEU S 126 -14.69 20.33 3.42
N ASN S 127 -14.62 19.37 4.34
CA ASN S 127 -13.63 19.42 5.41
C ASN S 127 -12.23 19.07 4.94
N GLU S 128 -11.25 19.17 5.82
CA GLU S 128 -9.87 19.01 5.42
C GLU S 128 -9.66 17.59 4.95
N ASP S 129 -10.58 16.72 5.38
CA ASP S 129 -10.44 15.29 5.22
C ASP S 129 -11.04 14.72 3.94
N LEU S 130 -11.90 15.50 3.30
CA LEU S 130 -12.52 15.10 2.05
C LEU S 130 -13.44 13.89 2.24
N ARG S 131 -14.16 13.86 3.37
CA ARG S 131 -15.31 12.94 3.53
C ARG S 131 -16.44 13.48 4.40
N SER S 132 -16.14 14.50 5.20
CA SER S 132 -17.15 15.10 6.08
C SER S 132 -17.43 16.56 5.72
N TRP S 133 -18.58 17.08 6.16
CA TRP S 133 -18.94 18.49 5.88
C TRP S 133 -19.18 19.34 7.11
N THR S 134 -18.84 20.61 6.98
CA THR S 134 -19.17 21.59 7.99
C THR S 134 -20.33 22.45 7.50
N ALA S 135 -21.50 22.20 8.09
CA ALA S 135 -22.74 22.91 7.80
C ALA S 135 -22.92 24.11 8.75
N ALA S 136 -23.01 25.32 8.20
CA ALA S 136 -22.97 26.54 9.02
C ALA S 136 -24.24 26.84 9.82
N ASP S 137 -25.34 26.18 9.48
CA ASP S 137 -26.63 26.43 10.16
C ASP S 137 -27.71 25.40 9.82
N THR S 138 -28.94 25.68 10.24
CA THR S 138 -30.05 24.73 10.11
C THR S 138 -30.40 24.37 8.67
N ALA S 139 -30.33 25.33 7.76
CA ALA S 139 -30.55 25.03 6.33
C ALA S 139 -29.45 24.15 5.74
N ALA S 140 -28.20 24.40 6.14
CA ALA S 140 -27.08 23.65 5.60
C ALA S 140 -27.07 22.23 6.12
N GLN S 141 -27.73 22.01 7.25
CA GLN S 141 -27.88 20.66 7.76
C GLN S 141 -28.69 19.86 6.73
N ILE S 142 -29.80 20.45 6.24
CA ILE S 142 -30.58 19.88 5.16
C ILE S 142 -29.71 19.40 3.98
N THR S 143 -28.73 20.20 3.57
CA THR S 143 -27.93 19.86 2.39
C THR S 143 -26.93 18.75 2.66
N ARG S 144 -26.10 18.93 3.69
CA ARG S 144 -25.00 18.02 3.94
C ARG S 144 -25.51 16.65 4.34
N ARG S 145 -26.70 16.62 4.91
CA ARG S 145 -27.36 15.35 5.22
C ARG S 145 -27.57 14.61 3.89
N LYS S 146 -27.98 15.39 2.89
CA LYS S 146 -28.30 14.88 1.56
C LYS S 146 -27.03 14.46 0.83
N TRP S 147 -25.93 15.19 1.01
CA TRP S 147 -24.68 14.88 0.30
C TRP S 147 -23.84 13.75 0.89
N GLU S 148 -24.23 13.23 2.05
CA GLU S 148 -23.44 12.19 2.71
C GLU S 148 -24.00 10.83 2.31
N ALA S 149 -25.32 10.69 2.41
CA ALA S 149 -26.02 9.50 1.98
C ALA S 149 -25.96 9.37 0.46
N ALA S 150 -25.57 10.45 -0.21
CA ALA S 150 -25.34 10.46 -1.66
C ALA S 150 -23.88 10.23 -1.95
N GLY S 151 -23.04 10.44 -0.94
CA GLY S 151 -21.62 10.13 -1.01
C GLY S 151 -20.83 11.14 -1.83
N VAL S 152 -21.33 12.36 -1.91
CA VAL S 152 -20.69 13.38 -2.73
C VAL S 152 -19.23 13.64 -2.37
N ALA S 153 -18.97 13.78 -1.06
CA ALA S 153 -17.64 14.13 -0.57
C ALA S 153 -16.60 13.11 -1.00
N GLU S 154 -16.98 11.85 -0.95
CA GLU S 154 -16.04 10.77 -1.17
C GLU S 154 -15.94 10.34 -2.65
N LEU S 155 -17.06 9.98 -3.24
CA LEU S 155 -17.02 9.43 -4.58
C LEU S 155 -16.55 10.42 -5.64
N GLN S 156 -16.92 11.69 -5.47
CA GLN S 156 -16.69 12.68 -6.52
C GLN S 156 -15.61 13.70 -6.18
N TRP S 157 -15.76 14.36 -5.04
CA TRP S 157 -14.88 15.46 -4.67
C TRP S 157 -13.45 15.04 -4.26
N ARG S 158 -13.34 14.04 -3.39
CA ARG S 158 -12.02 13.54 -3.03
C ARG S 158 -11.31 13.09 -4.31
N ASN S 159 -12.03 12.33 -5.14
CA ASN S 159 -11.49 11.93 -6.44
C ASN S 159 -11.02 13.09 -7.31
N TYR S 160 -11.85 14.12 -7.48
CA TYR S 160 -11.50 15.24 -8.36
C TYR S 160 -10.28 16.02 -7.87
N LEU S 161 -10.20 16.26 -6.56
CA LEU S 161 -9.08 17.03 -5.98
C LEU S 161 -7.78 16.22 -5.88
N GLU S 162 -7.89 14.91 -5.78
CA GLU S 162 -6.71 14.08 -5.64
C GLU S 162 -6.02 13.94 -6.99
N THR S 163 -6.81 14.00 -8.05
CA THR S 163 -6.30 13.60 -9.37
C THR S 163 -6.45 14.65 -10.44
N THR S 164 -7.70 14.87 -10.82
CA THR S 164 -8.03 15.73 -11.94
C THR S 164 -7.53 17.14 -11.68
N CYS S 165 -7.79 17.63 -10.46
CA CYS S 165 -7.36 18.97 -10.08
C CYS S 165 -5.85 19.12 -10.07
N VAL S 166 -5.15 18.25 -9.33
CA VAL S 166 -3.69 18.17 -9.38
C VAL S 166 -3.11 17.97 -10.80
N GLU S 167 -3.56 16.93 -11.51
CA GLU S 167 -3.07 16.65 -12.86
C GLU S 167 -3.10 17.89 -13.76
N TRP S 168 -4.22 18.60 -13.78
CA TRP S 168 -4.38 19.75 -14.66
C TRP S 168 -3.62 20.99 -14.19
N LEU S 169 -3.53 21.20 -12.88
CA LEU S 169 -2.67 22.26 -12.35
C LEU S 169 -1.24 22.08 -12.86
N GLN S 170 -0.71 20.87 -12.72
CA GLN S 170 0.63 20.58 -13.17
C GLN S 170 0.74 20.87 -14.67
N ARG S 171 -0.28 20.45 -15.43
CA ARG S 171 -0.36 20.73 -16.87
C ARG S 171 -0.41 22.22 -17.22
N TYR S 172 -1.34 22.97 -16.61
CA TYR S 172 -1.42 24.43 -16.85
C TYR S 172 -0.07 25.08 -16.65
N LEU S 173 0.61 24.71 -15.57
CA LEU S 173 1.86 25.36 -15.22
C LEU S 173 2.89 25.16 -16.33
N GLU S 174 3.05 23.91 -16.77
CA GLU S 174 4.02 23.59 -17.83
C GLU S 174 3.67 24.35 -19.11
N MET S 175 2.40 24.27 -19.50
CA MET S 175 1.91 24.88 -20.75
C MET S 175 2.00 26.42 -20.76
N GLY S 176 2.11 27.02 -19.58
CA GLY S 176 2.30 28.44 -19.48
C GLY S 176 3.47 28.77 -18.57
N LYS S 177 4.63 28.21 -18.89
CA LYS S 177 5.81 28.32 -18.03
C LYS S 177 6.56 29.64 -18.16
N GLU S 178 6.46 30.30 -19.31
CA GLU S 178 7.11 31.60 -19.50
C GLU S 178 6.61 32.63 -18.51
N THR S 179 5.32 32.55 -18.17
CA THR S 179 4.70 33.55 -17.32
C THR S 179 4.54 33.06 -15.90
N LEU S 180 3.96 31.87 -15.76
CA LEU S 180 3.59 31.36 -14.45
C LEU S 180 4.76 31.17 -13.47
N LEU S 181 5.92 30.77 -13.99
CA LEU S 181 7.05 30.38 -13.14
C LEU S 181 8.22 31.38 -13.10
N ARG S 182 8.07 32.47 -13.84
CA ARG S 182 9.01 33.58 -13.82
C ARG S 182 8.64 34.59 -12.73
N ALA S 183 9.40 34.66 -11.65
CA ALA S 183 9.14 35.66 -10.61
C ALA S 183 9.71 37.03 -10.95
N GLU S 184 8.92 37.82 -11.68
CA GLU S 184 9.27 39.20 -12.03
C GLU S 184 9.32 40.09 -10.78
N PRO S 185 10.52 40.55 -10.40
CA PRO S 185 10.77 41.31 -9.18
C PRO S 185 10.11 42.67 -9.28
N PRO S 186 9.90 43.35 -8.14
CA PRO S 186 9.26 44.66 -8.20
C PRO S 186 10.27 45.75 -8.52
N SER S 187 9.82 46.85 -9.13
CA SER S 187 10.65 48.04 -9.11
C SER S 187 10.34 48.74 -7.80
N THR S 188 11.27 49.53 -7.27
CA THR S 188 11.08 50.16 -5.96
C THR S 188 11.63 51.56 -5.89
N ARG S 189 10.99 52.40 -5.08
CA ARG S 189 11.53 53.72 -4.80
C ARG S 189 10.92 54.26 -3.54
N VAL S 190 11.40 55.44 -3.13
CA VAL S 190 10.93 56.07 -1.90
C VAL S 190 10.65 57.54 -2.17
N THR S 191 9.38 57.90 -2.16
CA THR S 191 9.00 59.27 -2.41
C THR S 191 8.76 59.94 -1.08
N ARG S 192 8.94 61.26 -1.05
CA ARG S 192 8.69 62.05 0.16
C ARG S 192 7.65 63.13 -0.13
N HIS S 193 6.68 63.28 0.78
CA HIS S 193 5.59 64.22 0.56
C HIS S 193 5.34 65.18 1.72
N PRO S 194 5.92 66.40 1.64
CA PRO S 194 5.70 67.45 2.63
C PRO S 194 4.23 67.59 3.06
N ILE S 195 4.00 67.89 4.32
CA ILE S 195 2.67 68.24 4.81
C ILE S 195 2.83 69.57 5.52
N SER S 196 3.16 69.51 6.80
CA SER S 196 3.62 70.66 7.54
C SER S 196 5.15 70.74 7.45
N ASP S 197 5.76 71.52 8.34
CA ASP S 197 7.22 71.60 8.42
C ASP S 197 7.68 70.90 9.68
N HIS S 198 6.70 70.38 10.42
CA HIS S 198 6.97 69.50 11.54
C HIS S 198 6.95 68.08 11.01
N GLU S 199 6.28 67.89 9.87
CA GLU S 199 6.02 66.54 9.34
C GLU S 199 6.20 66.42 7.83
N VAL S 200 6.52 65.20 7.40
CA VAL S 200 6.69 64.86 5.99
C VAL S 200 6.39 63.37 5.81
N THR S 201 5.65 63.02 4.76
CA THR S 201 5.31 61.63 4.46
C THR S 201 6.39 60.91 3.65
N LEU S 202 6.84 59.77 4.17
CA LEU S 202 7.68 58.85 3.40
C LEU S 202 6.88 57.63 2.91
N ARG S 203 6.86 57.45 1.60
CA ARG S 203 6.04 56.42 0.97
C ARG S 203 6.91 55.45 0.19
N CYS S 204 6.78 54.17 0.47
CA CYS S 204 7.63 53.22 -0.20
C CYS S 204 6.88 52.45 -1.30
N TRP S 205 7.37 52.60 -2.53
CA TRP S 205 6.72 52.01 -3.70
C TRP S 205 7.30 50.69 -4.16
N ALA S 206 6.42 49.88 -4.74
CA ALA S 206 6.74 48.59 -5.36
C ALA S 206 5.72 48.36 -6.48
N LEU S 207 6.20 48.41 -7.71
CA LEU S 207 5.33 48.28 -8.86
C LEU S 207 5.63 46.97 -9.58
N GLY S 208 4.77 46.61 -10.53
CA GLY S 208 4.96 45.50 -11.47
C GLY S 208 5.55 44.18 -10.97
N PHE S 209 5.15 43.78 -9.76
CA PHE S 209 5.67 42.56 -9.20
C PHE S 209 4.69 41.37 -9.40
N TYR S 210 5.26 40.16 -9.46
CA TYR S 210 4.49 38.92 -9.60
C TYR S 210 5.31 37.76 -9.03
N PRO S 211 4.73 36.95 -8.12
CA PRO S 211 3.33 36.89 -7.67
C PRO S 211 2.93 38.03 -6.74
N ALA S 212 1.70 37.96 -6.19
CA ALA S 212 1.14 39.04 -5.41
C ALA S 212 1.61 39.11 -3.95
N GLU S 213 2.15 38.00 -3.42
CA GLU S 213 2.64 37.99 -2.05
C GLU S 213 3.86 38.90 -1.95
N ILE S 214 3.92 39.67 -0.88
CA ILE S 214 5.00 40.61 -0.68
C ILE S 214 4.92 41.19 0.74
N THR S 215 5.94 41.91 1.14
CA THR S 215 6.01 42.49 2.47
C THR S 215 6.81 43.78 2.37
N LEU S 216 6.20 44.87 2.81
CA LEU S 216 6.87 46.16 2.86
C LEU S 216 7.01 46.54 4.34
N THR S 217 8.24 46.84 4.75
CA THR S 217 8.49 47.21 6.14
C THR S 217 9.33 48.47 6.23
N TRP S 218 8.80 49.50 6.88
CA TRP S 218 9.55 50.73 7.16
C TRP S 218 10.31 50.57 8.45
N GLN S 219 11.56 51.05 8.47
CA GLN S 219 12.34 50.98 9.68
C GLN S 219 12.74 52.34 10.24
N ARG S 220 13.03 52.34 11.53
CA ARG S 220 13.75 53.45 12.13
C ARG S 220 14.99 52.80 12.74
N ASP S 221 16.00 52.60 11.89
CA ASP S 221 17.19 51.82 12.19
C ASP S 221 17.17 50.43 12.82
N GLY S 222 16.79 49.42 12.05
CA GLY S 222 16.58 48.08 12.55
C GLY S 222 15.23 47.86 13.22
N GLU S 223 14.66 48.93 13.77
CA GLU S 223 13.38 48.85 14.46
C GLU S 223 12.21 48.91 13.46
N ASP S 224 11.53 47.78 13.30
CA ASP S 224 10.31 47.71 12.53
C ASP S 224 9.30 48.74 13.05
N GLN S 225 8.80 49.58 12.13
CA GLN S 225 7.78 50.57 12.42
C GLN S 225 6.46 50.15 11.78
N THR S 226 6.17 48.85 11.83
CA THR S 226 5.02 48.26 11.14
C THR S 226 3.72 48.33 11.96
N GLN S 227 3.64 49.31 12.84
CA GLN S 227 2.41 49.62 13.57
C GLN S 227 1.98 51.08 13.33
N ASP S 228 2.96 51.93 13.04
CA ASP S 228 2.73 53.30 12.61
C ASP S 228 3.06 53.48 11.11
N THR S 229 3.15 52.36 10.40
CA THR S 229 3.23 52.35 8.94
C THR S 229 1.82 52.18 8.42
N GLU S 230 1.49 52.89 7.35
CA GLU S 230 0.21 52.73 6.67
C GLU S 230 0.39 51.92 5.39
N VAL S 231 -0.23 50.75 5.31
CA VAL S 231 -0.05 49.84 4.17
C VAL S 231 -1.34 49.62 3.37
N VAL S 232 -1.33 49.93 2.09
CA VAL S 232 -2.52 49.73 1.26
C VAL S 232 -2.63 48.33 0.67
N ASP S 233 -3.86 47.82 0.58
CA ASP S 233 -4.12 46.53 -0.06
C ASP S 233 -3.31 46.44 -1.35
N THR S 234 -2.64 45.30 -1.53
CA THR S 234 -1.95 44.96 -2.76
C THR S 234 -3.03 44.97 -3.81
N ARG S 235 -2.70 45.44 -5.01
CA ARG S 235 -3.73 45.80 -5.99
C ARG S 235 -3.19 45.54 -7.37
N PRO S 236 -4.08 45.27 -8.34
CA PRO S 236 -3.66 44.92 -9.71
C PRO S 236 -3.22 46.10 -10.60
N ALA S 237 -2.02 45.99 -11.18
CA ALA S 237 -1.53 46.96 -12.16
C ALA S 237 -2.41 46.99 -13.42
N GLY S 238 -2.74 45.81 -13.95
CA GLY S 238 -3.65 45.71 -15.07
C GLY S 238 -3.11 44.86 -16.18
N ASP S 239 -1.82 44.56 -16.09
CA ASP S 239 -1.14 43.85 -17.15
C ASP S 239 -0.68 42.50 -16.63
N GLY S 240 -1.33 42.06 -15.55
CA GLY S 240 -0.99 40.80 -14.92
C GLY S 240 -0.08 40.99 -13.72
N THR S 241 0.72 42.04 -13.74
CA THR S 241 1.59 42.37 -12.61
C THR S 241 0.83 43.11 -11.50
N PHE S 242 1.38 43.16 -10.28
CA PHE S 242 0.76 43.88 -9.17
C PHE S 242 1.58 45.08 -8.73
N GLN S 243 0.97 45.90 -7.87
CA GLN S 243 1.65 47.06 -7.26
C GLN S 243 1.17 47.29 -5.83
N LYS S 244 1.92 48.09 -5.08
CA LYS S 244 1.65 48.27 -3.67
C LYS S 244 2.47 49.43 -3.12
N TRP S 245 2.05 49.99 -1.96
CA TRP S 245 2.87 50.95 -1.23
C TRP S 245 2.60 50.98 0.28
N ALA S 246 3.58 51.46 1.03
CA ALA S 246 3.41 51.65 2.47
C ALA S 246 4.08 52.93 2.93
N ALA S 247 3.32 53.76 3.64
CA ALA S 247 3.76 55.12 3.96
C ALA S 247 3.98 55.34 5.45
N VAL S 248 4.87 56.27 5.81
CA VAL S 248 5.01 56.74 7.20
C VAL S 248 5.17 58.26 7.26
N VAL S 249 4.54 58.89 8.25
CA VAL S 249 4.78 60.32 8.42
C VAL S 249 5.82 60.57 9.51
N VAL S 250 6.92 61.23 9.11
CA VAL S 250 8.08 61.42 9.98
C VAL S 250 8.33 62.91 10.29
N PRO S 251 8.96 63.21 11.43
CA PRO S 251 9.41 64.59 11.63
C PRO S 251 10.39 65.06 10.54
N SER S 252 10.31 66.33 10.20
CA SER S 252 11.14 66.92 9.17
C SER S 252 11.95 68.07 9.75
N GLY S 253 13.26 68.05 9.53
CA GLY S 253 13.88 66.99 8.77
C GLY S 253 14.33 65.85 9.66
N GLN S 254 15.56 65.41 9.46
CA GLN S 254 16.12 64.27 10.20
C GLN S 254 15.22 63.05 10.06
N GLU S 255 15.20 62.53 8.84
CA GLU S 255 14.37 61.41 8.44
C GLU S 255 15.23 60.36 7.80
N GLN S 256 16.51 60.67 7.64
CA GLN S 256 17.48 59.73 7.10
C GLN S 256 17.63 58.52 8.03
N ARG S 257 17.12 58.65 9.25
CA ARG S 257 16.99 57.54 10.19
C ARG S 257 16.03 56.46 9.65
N TYR S 258 15.34 56.75 8.55
CA TYR S 258 14.32 55.87 7.99
C TYR S 258 14.77 55.02 6.79
N THR S 259 14.53 53.72 6.88
CA THR S 259 14.82 52.79 5.78
C THR S 259 13.64 51.84 5.51
N CYS S 260 13.36 51.62 4.24
CA CYS S 260 12.28 50.74 3.81
C CYS S 260 12.86 49.42 3.34
N HIS S 261 12.19 48.32 3.65
CA HIS S 261 12.68 47.00 3.23
C HIS S 261 11.56 46.18 2.61
N VAL S 262 11.80 45.69 1.40
CA VAL S 262 10.80 44.95 0.62
C VAL S 262 11.17 43.49 0.69
N GLN S 263 10.19 42.59 0.70
CA GLN S 263 10.52 41.16 0.62
C GLN S 263 9.69 40.47 -0.43
N HIS S 264 10.30 40.14 -1.57
CA HIS S 264 9.57 39.44 -2.62
C HIS S 264 10.32 38.24 -3.17
N GLU S 265 9.54 37.29 -3.70
CA GLU S 265 10.01 36.03 -4.23
C GLU S 265 11.00 36.24 -5.36
N GLY S 266 10.86 37.37 -6.07
CA GLY S 266 11.74 37.71 -7.17
C GLY S 266 12.98 38.48 -6.73
N LEU S 267 13.11 38.63 -5.42
CA LEU S 267 14.37 39.08 -4.85
C LEU S 267 15.16 37.90 -4.27
N VAL S 268 16.15 37.47 -5.05
CA VAL S 268 17.20 36.54 -4.63
C VAL S 268 18.34 36.82 -5.61
N GLU S 269 19.61 36.79 -5.22
CA GLU S 269 20.19 36.22 -3.98
C GLU S 269 20.08 34.68 -3.82
N PRO S 270 20.71 33.91 -4.73
CA PRO S 270 20.87 32.47 -4.50
C PRO S 270 22.26 31.99 -4.02
N VAL S 271 23.35 32.38 -4.68
CA VAL S 271 24.68 31.89 -4.30
C VAL S 271 25.81 32.38 -5.22
N ILE T 1 -23.66 40.28 6.02
CA ILE T 1 -24.38 39.92 4.80
C ILE T 1 -24.32 41.05 3.75
N GLN T 2 -24.04 42.28 4.20
CA GLN T 2 -23.87 43.41 3.27
C GLN T 2 -22.64 44.29 3.56
N ARG T 3 -21.85 44.56 2.52
CA ARG T 3 -20.55 45.20 2.67
C ARG T 3 -20.29 46.41 1.75
N THR T 4 -19.73 47.46 2.33
CA THR T 4 -19.34 48.67 1.61
C THR T 4 -18.12 48.38 0.74
N PRO T 5 -18.04 48.96 -0.45
CA PRO T 5 -16.78 48.77 -1.21
C PRO T 5 -15.61 49.54 -0.61
N LYS T 6 -14.38 49.24 -1.03
CA LYS T 6 -13.25 50.09 -0.74
C LYS T 6 -12.73 50.52 -2.10
N ILE T 7 -12.18 51.73 -2.19
CA ILE T 7 -11.76 52.22 -3.50
C ILE T 7 -10.29 52.61 -3.52
N GLN T 8 -9.63 52.32 -4.63
CA GLN T 8 -8.30 52.83 -4.82
C GLN T 8 -8.15 53.29 -6.25
N VAL T 9 -7.76 54.54 -6.41
CA VAL T 9 -7.57 55.11 -7.74
C VAL T 9 -6.07 55.31 -7.96
N TYR T 10 -5.58 54.87 -9.11
CA TYR T 10 -4.17 54.95 -9.42
C TYR T 10 -3.97 54.74 -10.93
N SER T 11 -2.78 55.07 -11.44
CA SER T 11 -2.46 54.75 -12.84
C SER T 11 -1.65 53.46 -12.95
N ARG T 12 -1.52 52.95 -14.18
CA ARG T 12 -0.79 51.71 -14.42
C ARG T 12 0.70 51.85 -14.09
N HIS T 13 1.36 52.81 -14.74
CA HIS T 13 2.77 53.12 -14.51
C HIS T 13 2.90 54.39 -13.67
N PRO T 14 4.13 54.76 -13.26
CA PRO T 14 4.21 56.08 -12.60
C PRO T 14 3.88 57.17 -13.62
N ALA T 15 2.90 58.02 -13.31
CA ALA T 15 2.40 59.00 -14.26
C ALA T 15 3.46 60.05 -14.61
N GLU T 16 3.51 60.39 -15.89
CA GLU T 16 4.33 61.48 -16.39
C GLU T 16 3.56 62.24 -17.49
N ASN T 17 3.34 63.54 -17.27
CA ASN T 17 2.47 64.38 -18.10
C ASN T 17 2.61 64.15 -19.59
N GLY T 18 1.48 64.07 -20.29
CA GLY T 18 1.52 63.86 -21.74
C GLY T 18 2.01 62.51 -22.24
N LYS T 19 2.51 61.67 -21.33
CA LYS T 19 2.85 60.29 -21.68
C LYS T 19 1.70 59.36 -21.33
N SER T 20 1.25 58.57 -22.31
CA SER T 20 0.10 57.69 -22.13
C SER T 20 0.32 56.68 -21.00
N ASN T 21 -0.78 56.07 -20.54
CA ASN T 21 -0.78 55.31 -19.30
C ASN T 21 -2.15 54.64 -19.21
N PHE T 22 -2.49 54.08 -18.07
CA PHE T 22 -3.79 53.44 -17.88
C PHE T 22 -4.34 53.77 -16.51
N LEU T 23 -5.56 54.30 -16.47
CA LEU T 23 -6.15 54.72 -15.21
C LEU T 23 -6.97 53.58 -14.62
N ASN T 24 -6.63 53.17 -13.40
CA ASN T 24 -7.29 52.02 -12.80
C ASN T 24 -8.13 52.42 -11.61
N CYS T 25 -9.34 51.85 -11.49
CA CYS T 25 -10.08 51.95 -10.24
C CYS T 25 -10.36 50.55 -9.70
N TYR T 26 -9.61 50.18 -8.68
CA TYR T 26 -9.82 48.96 -7.96
C TYR T 26 -10.95 49.19 -6.94
N VAL T 27 -12.09 48.55 -7.15
CA VAL T 27 -13.17 48.57 -6.14
C VAL T 27 -13.35 47.18 -5.56
N SER T 28 -13.17 47.08 -4.24
CA SER T 28 -13.02 45.78 -3.58
C SER T 28 -13.73 45.68 -2.22
N GLY T 29 -14.12 44.46 -1.85
CA GLY T 29 -14.62 44.18 -0.51
C GLY T 29 -16.10 44.41 -0.29
N PHE T 30 -16.89 44.29 -1.35
CA PHE T 30 -18.28 44.70 -1.30
C PHE T 30 -19.25 43.54 -1.49
N HIS T 31 -20.42 43.67 -0.85
CA HIS T 31 -21.52 42.70 -0.98
C HIS T 31 -22.88 43.42 -0.88
N PRO T 32 -23.83 43.10 -1.80
CA PRO T 32 -23.71 42.10 -2.87
C PRO T 32 -23.03 42.63 -4.13
N SER T 33 -23.14 41.85 -5.20
CA SER T 33 -22.21 42.00 -6.33
C SER T 33 -22.60 43.06 -7.33
N ASP T 34 -23.87 43.44 -7.38
CA ASP T 34 -24.28 44.54 -8.27
C ASP T 34 -23.58 45.82 -7.83
N ILE T 35 -22.94 46.50 -8.76
CA ILE T 35 -22.21 47.71 -8.41
C ILE T 35 -22.15 48.62 -9.61
N GLU T 36 -21.99 49.92 -9.36
CA GLU T 36 -21.90 50.90 -10.43
C GLU T 36 -20.60 51.66 -10.27
N VAL T 37 -19.72 51.52 -11.25
CA VAL T 37 -18.41 52.14 -11.18
C VAL T 37 -18.21 53.03 -12.40
N ASP T 38 -17.98 54.32 -12.13
CA ASP T 38 -17.77 55.28 -13.20
C ASP T 38 -16.47 55.98 -12.93
N LEU T 39 -15.60 55.98 -13.95
CA LEU T 39 -14.39 56.78 -13.92
C LEU T 39 -14.63 58.14 -14.61
N LEU T 40 -14.29 59.22 -13.92
CA LEU T 40 -14.60 60.59 -14.35
C LEU T 40 -13.39 61.34 -14.92
N LYS T 41 -13.50 61.90 -16.12
CA LYS T 41 -12.50 62.88 -16.60
C LYS T 41 -13.02 64.29 -16.43
N ASN T 42 -12.43 65.03 -15.49
CA ASN T 42 -12.85 66.40 -15.23
C ASN T 42 -14.35 66.53 -14.89
N GLY T 43 -14.86 65.60 -14.07
CA GLY T 43 -16.26 65.63 -13.65
C GLY T 43 -17.16 64.82 -14.57
N GLU T 44 -16.69 64.56 -15.79
CA GLU T 44 -17.44 63.85 -16.84
C GLU T 44 -17.01 62.38 -17.00
N ARG T 45 -17.97 61.49 -17.26
CA ARG T 45 -17.69 60.06 -17.40
C ARG T 45 -16.91 59.71 -18.67
N ILE T 46 -15.79 59.02 -18.53
CA ILE T 46 -15.08 58.46 -19.68
C ILE T 46 -15.90 57.27 -20.20
N GLU T 47 -16.14 57.21 -21.51
CA GLU T 47 -17.00 56.18 -22.05
C GLU T 47 -16.43 54.78 -22.22
N LYS T 48 -15.44 54.66 -23.10
CA LYS T 48 -14.82 53.36 -23.39
C LYS T 48 -14.00 52.82 -22.20
N VAL T 49 -14.73 52.45 -21.14
CA VAL T 49 -14.15 51.93 -19.90
C VAL T 49 -14.49 50.45 -19.74
N GLU T 50 -13.50 49.64 -19.38
CA GLU T 50 -13.66 48.19 -19.19
C GLU T 50 -13.49 47.77 -17.74
N HIS T 51 -14.00 46.60 -17.39
CA HIS T 51 -13.87 46.07 -16.04
C HIS T 51 -13.58 44.57 -16.00
N SER T 52 -12.59 44.17 -15.21
CA SER T 52 -12.18 42.78 -15.06
C SER T 52 -13.27 41.83 -14.58
N ASP T 53 -13.02 40.52 -14.68
CA ASP T 53 -14.09 39.57 -14.36
C ASP T 53 -14.39 39.50 -12.88
N LEU T 54 -15.67 39.41 -12.56
CA LEU T 54 -16.08 39.33 -11.17
C LEU T 54 -15.50 38.09 -10.52
N SER T 55 -14.62 38.31 -9.56
CA SER T 55 -14.20 37.27 -8.65
C SER T 55 -14.54 37.78 -7.27
N PHE T 56 -14.18 37.01 -6.27
CA PHE T 56 -14.42 37.39 -4.88
C PHE T 56 -13.30 36.88 -3.99
N SER T 57 -13.33 37.30 -2.74
CA SER T 57 -12.20 37.16 -1.82
C SER T 57 -12.40 36.14 -0.73
N LYS T 58 -11.27 35.88 -0.08
CA LYS T 58 -11.15 34.99 1.06
C LYS T 58 -12.43 34.96 1.91
N ASP T 59 -13.00 36.13 2.19
CA ASP T 59 -14.20 36.20 3.01
C ASP T 59 -15.51 36.41 2.22
N TRP T 60 -15.55 35.87 0.99
CA TRP T 60 -16.75 35.92 0.16
C TRP T 60 -17.11 37.28 -0.42
N SER T 61 -16.27 38.30 -0.17
CA SER T 61 -16.54 39.63 -0.70
C SER T 61 -15.90 39.79 -2.09
N PHE T 62 -16.61 40.43 -3.02
CA PHE T 62 -16.17 40.55 -4.41
C PHE T 62 -15.14 41.66 -4.62
N TYR T 63 -14.45 41.63 -5.76
CA TYR T 63 -13.53 42.69 -6.18
C TYR T 63 -13.49 42.84 -7.70
N LEU T 64 -13.38 44.09 -8.19
CA LEU T 64 -13.28 44.38 -9.63
C LEU T 64 -12.30 45.50 -9.95
N LEU T 65 -11.65 45.40 -11.10
CA LEU T 65 -10.82 46.49 -11.59
C LEU T 65 -11.46 47.16 -12.80
N TYR T 66 -12.02 48.36 -12.63
CA TYR T 66 -12.42 49.18 -13.79
C TYR T 66 -11.22 50.06 -14.16
N TYR T 67 -11.05 50.28 -15.47
CA TYR T 67 -9.89 51.03 -16.00
C TYR T 67 -10.15 51.64 -17.41
N THR T 68 -9.21 52.46 -17.90
CA THR T 68 -9.24 52.97 -19.29
C THR T 68 -7.93 53.63 -19.74
N GLU T 69 -7.59 53.46 -21.01
CA GLU T 69 -6.37 54.02 -21.59
C GLU T 69 -6.42 55.53 -21.48
N PHE T 70 -5.31 56.15 -21.09
CA PHE T 70 -5.31 57.62 -20.97
C PHE T 70 -3.96 58.34 -21.13
N THR T 71 -4.02 59.65 -20.91
CA THR T 71 -2.85 60.52 -21.05
C THR T 71 -3.01 61.72 -20.12
N PRO T 72 -2.37 61.64 -18.93
CA PRO T 72 -2.44 62.71 -17.91
C PRO T 72 -1.86 64.02 -18.39
N THR T 73 -2.35 65.09 -17.77
CA THR T 73 -1.78 66.42 -17.90
C THR T 73 -1.86 67.14 -16.55
N GLU T 74 -1.07 68.19 -16.41
CA GLU T 74 -1.13 69.07 -15.25
C GLU T 74 -2.56 69.59 -15.07
N LYS T 75 -3.26 69.72 -16.20
CA LYS T 75 -4.56 70.35 -16.29
C LYS T 75 -5.71 69.53 -15.71
N ASP T 76 -5.89 68.33 -16.26
CA ASP T 76 -7.08 67.54 -15.97
C ASP T 76 -7.21 67.08 -14.50
N GLU T 77 -8.43 66.74 -14.13
CA GLU T 77 -8.69 66.06 -12.89
C GLU T 77 -9.30 64.75 -13.33
N TYR T 78 -8.99 63.67 -12.61
CA TYR T 78 -9.56 62.36 -12.92
C TYR T 78 -10.09 61.76 -11.63
N ALA T 79 -11.07 60.87 -11.72
CA ALA T 79 -11.67 60.31 -10.51
C ALA T 79 -12.48 59.04 -10.73
N CYS T 80 -12.83 58.38 -9.62
CA CYS T 80 -13.64 57.17 -9.63
C CYS T 80 -14.90 57.43 -8.84
N ARG T 81 -16.05 57.20 -9.46
CA ARG T 81 -17.32 57.32 -8.75
C ARG T 81 -18.01 55.95 -8.64
N VAL T 82 -18.48 55.65 -7.44
CA VAL T 82 -18.99 54.34 -7.15
C VAL T 82 -20.32 54.43 -6.43
N ASN T 83 -21.32 53.74 -6.96
CA ASN T 83 -22.55 53.52 -6.20
C ASN T 83 -22.71 52.02 -5.97
N HIS T 84 -23.25 51.69 -4.81
CA HIS T 84 -23.52 50.31 -4.45
C HIS T 84 -24.62 50.31 -3.42
N VAL T 85 -25.51 49.31 -3.44
CA VAL T 85 -26.69 49.27 -2.55
C VAL T 85 -26.45 49.75 -1.09
N THR T 86 -25.22 49.58 -0.61
CA THR T 86 -24.84 49.95 0.75
C THR T 86 -24.37 51.40 0.91
N LEU T 87 -24.40 52.17 -0.17
CA LEU T 87 -24.05 53.60 -0.12
C LEU T 87 -25.29 54.49 -0.22
N SER T 88 -25.37 55.49 0.67
CA SER T 88 -26.46 56.49 0.65
C SER T 88 -26.22 57.57 -0.43
N GLN T 89 -25.02 58.14 -0.45
CA GLN T 89 -24.59 58.93 -1.61
C GLN T 89 -23.58 58.11 -2.45
N PRO T 90 -23.56 58.33 -3.76
CA PRO T 90 -22.47 57.69 -4.50
C PRO T 90 -21.14 58.24 -3.98
N LYS T 91 -20.11 57.40 -3.92
CA LYS T 91 -18.82 57.78 -3.36
C LYS T 91 -17.85 58.20 -4.47
N ILE T 92 -17.24 59.36 -4.30
CA ILE T 92 -16.27 59.88 -5.27
C ILE T 92 -14.85 59.85 -4.68
N VAL T 93 -13.87 59.49 -5.52
CA VAL T 93 -12.47 59.54 -5.10
C VAL T 93 -11.58 60.09 -6.21
N LYS T 94 -10.89 61.19 -5.92
CA LYS T 94 -10.03 61.88 -6.88
C LYS T 94 -8.74 61.11 -7.07
N TRP T 95 -8.18 61.15 -8.27
CA TRP T 95 -6.87 60.51 -8.53
C TRP T 95 -5.66 61.36 -8.11
N ASP T 96 -4.91 60.89 -7.12
CA ASP T 96 -3.65 61.52 -6.74
C ASP T 96 -2.46 60.83 -7.41
N ARG T 97 -1.77 61.55 -8.29
CA ARG T 97 -0.50 61.11 -8.90
C ARG T 97 0.42 60.44 -7.87
N ASP T 98 0.31 60.87 -6.63
CA ASP T 98 1.25 60.45 -5.60
C ASP T 98 0.85 59.12 -4.93
N MET T 99 -0.34 58.62 -5.27
CA MET T 99 -0.91 57.47 -4.57
C MET T 99 -1.25 56.31 -5.51
N LYS U 1 -9.29 22.51 -15.51
CA LYS U 1 -10.47 21.69 -15.74
C LYS U 1 -11.44 21.82 -14.56
N LEU U 2 -12.69 22.15 -14.88
CA LEU U 2 -13.74 22.34 -13.88
C LEU U 2 -14.25 21.02 -13.34
N PHE U 3 -15.05 21.08 -12.29
CA PHE U 3 -15.69 19.87 -11.75
C PHE U 3 -17.09 19.67 -12.35
N SER U 4 -17.33 18.50 -12.93
CA SER U 4 -18.65 18.20 -13.47
C SER U 4 -19.52 17.37 -12.52
N GLY U 5 -20.81 17.28 -12.84
CA GLY U 5 -21.74 16.46 -12.09
C GLY U 5 -22.01 16.86 -10.66
N GLU U 6 -21.99 18.15 -10.36
CA GLU U 6 -22.27 18.59 -9.00
C GLU U 6 -23.67 18.17 -8.57
N LEU U 7 -23.78 17.56 -7.40
CA LEU U 7 -25.10 17.24 -6.85
C LEU U 7 -25.81 18.55 -6.49
N THR U 8 -27.12 18.49 -6.29
CA THR U 8 -27.88 19.72 -6.14
C THR U 8 -28.19 19.99 -4.64
N LYS U 9 -27.97 21.23 -4.22
CA LYS U 9 -28.16 21.67 -2.82
C LYS U 9 -29.60 21.41 -2.34
N GLY V 1 -23.63 32.25 37.26
CA GLY V 1 -22.28 31.72 37.12
C GLY V 1 -21.24 32.80 37.30
N SER V 2 -20.04 32.57 36.74
CA SER V 2 -18.94 33.54 36.73
C SER V 2 -19.49 34.98 36.49
N HIS V 3 -19.38 35.81 37.52
CA HIS V 3 -19.97 37.13 37.55
C HIS V 3 -19.26 38.15 36.65
N SER V 4 -20.00 39.16 36.17
CA SER V 4 -19.42 40.22 35.35
C SER V 4 -20.21 41.52 35.48
N LEU V 5 -19.59 42.64 35.13
CA LEU V 5 -20.25 43.95 35.06
C LEU V 5 -19.88 44.61 33.75
N ARG V 6 -20.81 44.71 32.81
CA ARG V 6 -20.47 45.31 31.53
C ARG V 6 -21.29 46.57 31.19
N TYR V 7 -20.71 47.48 30.44
CA TYR V 7 -21.49 48.61 29.92
C TYR V 7 -21.47 48.63 28.40
N PHE V 8 -22.58 48.99 27.76
CA PHE V 8 -22.62 49.08 26.30
C PHE V 8 -23.03 50.48 25.81
N TYR V 9 -22.22 51.08 24.97
CA TYR V 9 -22.55 52.38 24.41
C TYR V 9 -23.00 52.29 22.94
N THR V 10 -24.02 53.05 22.55
CA THR V 10 -24.36 53.17 21.14
C THR V 10 -24.61 54.63 20.70
N SER V 11 -23.84 55.03 19.69
CA SER V 11 -23.92 56.36 19.12
C SER V 11 -24.23 56.30 17.65
N VAL V 12 -25.39 56.78 17.23
CA VAL V 12 -25.70 56.87 15.81
C VAL V 12 -25.89 58.33 15.44
N SER V 13 -25.24 58.76 14.36
CA SER V 13 -25.24 60.16 14.01
C SER V 13 -26.30 60.44 12.95
N ARG V 14 -27.25 61.33 13.27
CA ARG V 14 -28.44 61.56 12.45
C ARG V 14 -28.40 62.88 11.68
N PRO V 15 -28.20 62.80 10.35
CA PRO V 15 -28.23 64.02 9.56
C PRO V 15 -29.43 64.16 8.60
N GLY V 16 -30.06 65.33 8.59
CA GLY V 16 -29.63 66.46 9.39
C GLY V 16 -30.60 66.69 10.54
N ARG V 17 -31.17 65.60 11.06
CA ARG V 17 -32.14 65.67 12.17
C ARG V 17 -31.48 66.02 13.50
N GLY V 18 -30.85 67.20 13.57
CA GLY V 18 -30.30 67.69 14.82
C GLY V 18 -29.04 67.00 15.35
N ASP V 19 -29.19 66.33 16.49
CA ASP V 19 -28.05 65.79 17.25
C ASP V 19 -27.93 64.26 17.21
N PRO V 20 -26.67 63.77 17.23
CA PRO V 20 -26.30 62.37 17.43
C PRO V 20 -27.10 61.75 18.54
N ARG V 21 -27.47 60.48 18.40
CA ARG V 21 -28.14 59.76 19.47
C ARG V 21 -27.12 58.98 20.28
N PHE V 22 -27.29 58.96 21.61
CA PHE V 22 -26.41 58.19 22.50
C PHE V 22 -27.22 57.32 23.48
N ILE V 23 -27.02 56.02 23.41
CA ILE V 23 -27.63 55.10 24.39
C ILE V 23 -26.57 54.34 25.21
N ALA V 24 -26.75 54.34 26.52
CA ALA V 24 -25.89 53.59 27.40
C ALA V 24 -26.75 52.59 28.18
N VAL V 25 -26.26 51.36 28.35
CA VAL V 25 -26.95 50.38 29.18
C VAL V 25 -25.95 49.57 29.99
N GLY V 26 -26.28 49.34 31.25
CA GLY V 26 -25.47 48.51 32.10
C GLY V 26 -26.08 47.16 32.43
N TYR V 27 -25.21 46.17 32.56
CA TYR V 27 -25.58 44.78 32.77
C TYR V 27 -24.71 44.19 33.86
N VAL V 28 -25.33 43.45 34.77
CA VAL V 28 -24.61 42.67 35.75
C VAL V 28 -25.08 41.25 35.56
N ASP V 29 -24.27 40.44 34.89
CA ASP V 29 -24.58 39.03 34.71
C ASP V 29 -25.95 38.83 34.06
N ASP V 30 -26.08 39.12 32.78
CA ASP V 30 -27.34 38.84 32.05
C ASP V 30 -28.56 39.62 32.52
N THR V 31 -28.39 40.55 33.46
CA THR V 31 -29.49 41.32 34.05
C THR V 31 -29.16 42.81 33.98
N GLN V 32 -29.92 43.52 33.15
CA GLN V 32 -29.74 44.96 32.94
C GLN V 32 -30.19 45.74 34.16
N PHE V 33 -29.46 46.79 34.52
CA PHE V 33 -29.76 47.49 35.76
C PHE V 33 -29.79 49.02 35.64
N VAL V 34 -29.23 49.55 34.54
CA VAL V 34 -29.31 50.98 34.25
C VAL V 34 -29.40 51.30 32.77
N ARG V 35 -29.75 52.55 32.47
CA ARG V 35 -29.69 53.03 31.11
C ARG V 35 -29.76 54.54 31.00
N PHE V 36 -29.08 55.08 29.99
CA PHE V 36 -29.25 56.48 29.62
C PHE V 36 -29.64 56.60 28.16
N ASP V 37 -30.63 57.47 27.87
CA ASP V 37 -31.14 57.65 26.52
C ASP V 37 -31.14 59.15 26.18
N SER V 38 -30.32 59.56 25.21
CA SER V 38 -30.19 60.99 24.89
C SER V 38 -31.47 61.58 24.31
N ASP V 39 -32.46 60.71 24.08
CA ASP V 39 -33.77 61.12 23.58
C ASP V 39 -34.82 60.97 24.66
N ALA V 40 -34.44 60.39 25.79
CA ALA V 40 -35.33 60.30 26.94
C ALA V 40 -35.58 61.71 27.45
N ALA V 41 -36.82 61.99 27.84
CA ALA V 41 -37.20 63.33 28.28
C ALA V 41 -36.47 63.67 29.56
N THR V 42 -36.37 62.68 30.45
CA THR V 42 -35.67 62.85 31.73
C THR V 42 -34.35 63.60 31.56
N GLY V 43 -33.48 63.09 30.69
CA GLY V 43 -32.16 63.66 30.51
C GLY V 43 -31.21 63.18 31.60
N ARG V 44 -31.67 62.17 32.35
CA ARG V 44 -30.92 61.66 33.49
C ARG V 44 -30.63 60.17 33.32
N THR V 45 -29.85 59.60 34.22
CA THR V 45 -29.64 58.17 34.19
C THR V 45 -30.70 57.50 35.06
N GLU V 46 -31.36 56.49 34.52
CA GLU V 46 -32.45 55.82 35.22
C GLU V 46 -32.08 54.36 35.53
N PRO V 47 -32.68 53.78 36.57
CA PRO V 47 -32.49 52.35 36.92
C PRO V 47 -33.31 51.46 36.01
N ARG V 48 -33.03 50.16 35.95
CA ARG V 48 -33.86 49.23 35.20
C ARG V 48 -34.13 47.95 36.00
N ALA V 49 -33.60 47.92 37.22
CA ALA V 49 -33.86 46.83 38.15
C ALA V 49 -34.11 47.40 39.54
N PRO V 50 -34.95 46.73 40.34
CA PRO V 50 -35.32 47.22 41.66
C PRO V 50 -34.14 47.60 42.55
N TRP V 51 -33.20 46.68 42.74
CA TRP V 51 -32.12 46.84 43.73
C TRP V 51 -31.17 48.04 43.56
N VAL V 52 -31.27 48.76 42.43
CA VAL V 52 -30.52 50.00 42.27
C VAL V 52 -31.38 51.22 42.53
N GLU V 53 -32.68 51.01 42.70
CA GLU V 53 -33.56 52.11 43.08
C GLU V 53 -33.16 52.61 44.47
N GLN V 54 -32.98 51.69 45.41
CA GLN V 54 -32.56 52.00 46.78
C GLN V 54 -31.25 52.78 46.87
N GLU V 55 -30.47 52.79 45.78
CA GLU V 55 -29.16 53.45 45.81
C GLU V 55 -29.27 54.96 45.91
N GLY V 56 -28.15 55.59 46.24
CA GLY V 56 -28.12 56.98 46.68
C GLY V 56 -28.77 57.98 45.75
N PRO V 57 -28.92 59.22 46.22
CA PRO V 57 -29.37 60.32 45.36
C PRO V 57 -28.16 60.92 44.67
N GLU V 58 -26.97 60.52 45.13
CA GLU V 58 -25.70 61.01 44.61
C GLU V 58 -25.19 60.12 43.49
N TYR V 59 -25.43 58.82 43.64
CA TYR V 59 -25.07 57.82 42.64
C TYR V 59 -25.65 58.26 41.29
N TRP V 60 -26.93 58.57 41.29
CA TRP V 60 -27.62 58.93 40.05
C TRP V 60 -27.20 60.28 39.51
N ASP V 61 -26.85 61.19 40.42
CA ASP V 61 -26.24 62.45 40.04
C ASP V 61 -24.91 62.17 39.32
N GLY V 62 -23.97 61.59 40.06
CA GLY V 62 -22.67 61.23 39.53
C GLY V 62 -22.70 60.42 38.24
N GLU V 63 -23.61 59.45 38.15
CA GLU V 63 -23.69 58.63 36.95
C GLU V 63 -24.10 59.44 35.72
N THR V 64 -25.23 60.15 35.80
CA THR V 64 -25.67 60.90 34.64
C THR V 64 -24.66 61.97 34.31
N ARG V 65 -23.98 62.46 35.35
CA ARG V 65 -22.93 63.44 35.21
C ARG V 65 -21.94 62.88 34.21
N LYS V 66 -21.32 61.76 34.59
CA LYS V 66 -20.28 61.13 33.79
C LYS V 66 -20.71 60.80 32.37
N VAL V 67 -21.95 60.36 32.23
CA VAL V 67 -22.39 59.78 30.97
C VAL V 67 -22.75 60.85 29.95
N LYS V 68 -22.98 62.06 30.43
CA LYS V 68 -23.20 63.24 29.57
C LYS V 68 -21.86 63.77 29.01
N GLU V 69 -20.83 63.78 29.84
CA GLU V 69 -19.47 64.04 29.40
C GLU V 69 -19.12 63.10 28.25
N THR V 70 -19.27 61.80 28.50
CA THR V 70 -18.95 60.79 27.50
C THR V 70 -19.77 61.02 26.24
N ALA V 71 -21.04 61.37 26.42
CA ALA V 71 -21.92 61.60 25.27
C ALA V 71 -21.40 62.68 24.33
N GLN V 72 -20.77 63.72 24.87
CA GLN V 72 -20.23 64.79 24.02
C GLN V 72 -18.91 64.42 23.37
N VAL V 73 -18.11 63.60 24.07
CA VAL V 73 -16.84 63.08 23.53
C VAL V 73 -17.09 62.19 22.31
N TYR V 74 -18.13 61.36 22.38
CA TYR V 74 -18.54 60.52 21.25
C TYR V 74 -19.09 61.35 20.07
N ARG V 75 -19.75 62.47 20.38
CA ARG V 75 -20.30 63.39 19.38
C ARG V 75 -19.21 63.92 18.48
N VAL V 76 -18.06 64.23 19.07
CA VAL V 76 -16.92 64.61 18.24
C VAL V 76 -16.30 63.38 17.54
N ASP V 77 -16.40 62.21 18.15
CA ASP V 77 -15.81 61.02 17.55
C ASP V 77 -16.51 60.65 16.25
N LEU V 78 -17.83 60.83 16.22
CA LEU V 78 -18.61 60.54 15.00
C LEU V 78 -18.31 61.51 13.90
N ASP V 79 -17.46 62.47 14.18
CA ASP V 79 -17.07 63.44 13.18
C ASP V 79 -15.62 63.22 12.85
N THR V 80 -14.84 62.95 13.89
CA THR V 80 -13.41 62.74 13.74
C THR V 80 -13.12 61.43 12.98
N LEU V 81 -13.90 60.39 13.26
CA LEU V 81 -13.87 59.13 12.50
C LEU V 81 -14.49 59.33 11.13
N ARG V 82 -15.43 60.26 11.05
CA ARG V 82 -16.10 60.58 9.79
C ARG V 82 -15.15 61.32 8.86
N GLY V 83 -14.03 61.77 9.41
CA GLY V 83 -12.98 62.44 8.66
C GLY V 83 -11.79 61.54 8.37
N TYR V 84 -11.54 60.58 9.27
CA TYR V 84 -10.45 59.61 9.11
C TYR V 84 -10.66 58.73 7.87
N TYR V 85 -11.91 58.31 7.66
CA TYR V 85 -12.27 57.50 6.50
C TYR V 85 -12.80 58.35 5.35
N ASN V 86 -12.78 59.67 5.52
CA ASN V 86 -13.28 60.61 4.50
C ASN V 86 -14.66 60.26 3.96
N GLN V 87 -15.68 60.57 4.75
CA GLN V 87 -17.04 60.27 4.38
C GLN V 87 -17.92 61.52 4.40
N SER V 88 -19.07 61.44 3.74
CA SER V 88 -19.99 62.56 3.63
C SER V 88 -20.70 62.88 4.95
N GLU V 89 -21.35 64.05 5.01
CA GLU V 89 -22.18 64.40 6.17
C GLU V 89 -23.60 63.86 6.04
N ALA V 90 -23.87 63.15 4.95
CA ALA V 90 -25.23 62.68 4.66
C ALA V 90 -25.44 61.24 5.12
N GLY V 91 -24.38 60.45 5.08
CA GLY V 91 -24.43 59.10 5.60
C GLY V 91 -24.42 59.10 7.12
N SER V 92 -25.38 58.39 7.71
CA SER V 92 -25.39 58.11 9.14
C SER V 92 -24.41 56.99 9.53
N HIS V 93 -23.62 57.22 10.58
CA HIS V 93 -22.69 56.19 11.09
C HIS V 93 -22.93 55.77 12.53
N THR V 94 -22.27 54.68 12.93
CA THR V 94 -22.41 54.16 14.28
C THR V 94 -21.05 53.87 14.96
N ILE V 95 -20.97 54.15 16.26
CA ILE V 95 -19.79 53.77 17.05
C ILE V 95 -20.32 52.94 18.19
N GLN V 96 -19.56 51.93 18.59
CA GLN V 96 -20.01 51.04 19.63
C GLN V 96 -18.85 50.73 20.58
N THR V 97 -19.08 50.92 21.87
CA THR V 97 -18.11 50.54 22.88
C THR V 97 -18.73 49.49 23.78
N MET V 98 -17.93 48.49 24.13
CA MET V 98 -18.27 47.56 25.18
C MET V 98 -17.09 47.48 26.10
N TYR V 99 -17.35 47.58 27.39
CA TYR V 99 -16.30 47.37 28.36
C TYR V 99 -16.91 46.73 29.57
N GLY V 100 -16.10 45.97 30.30
CA GLY V 100 -16.53 45.32 31.52
C GLY V 100 -15.41 44.60 32.24
N CYS V 101 -15.75 44.00 33.37
CA CYS V 101 -14.79 43.21 34.15
C CYS V 101 -15.40 41.91 34.65
N ASP V 102 -14.61 40.84 34.65
CA ASP V 102 -15.08 39.55 35.12
C ASP V 102 -14.50 39.22 36.50
N LEU V 103 -15.33 38.64 37.36
CA LEU V 103 -15.00 38.32 38.77
C LEU V 103 -13.75 37.46 39.00
N GLY V 104 -13.03 37.77 40.09
CA GLY V 104 -11.97 36.90 40.57
C GLY V 104 -12.54 35.99 41.65
N PRO V 105 -11.78 34.96 42.05
CA PRO V 105 -12.29 33.99 43.00
C PRO V 105 -12.44 34.57 44.41
N GLY V 106 -11.74 35.67 44.68
CA GLY V 106 -11.75 36.24 46.02
C GLY V 106 -12.05 37.72 46.14
N GLY V 107 -11.99 38.45 45.04
CA GLY V 107 -12.22 39.88 45.04
C GLY V 107 -11.28 40.54 44.04
N ARG V 108 -10.73 39.69 43.17
CA ARG V 108 -9.73 40.10 42.19
C ARG V 108 -10.35 40.19 40.80
N LEU V 109 -9.59 40.68 39.84
CA LEU V 109 -10.13 40.86 38.52
C LEU V 109 -9.58 39.76 37.65
N LEU V 110 -10.45 38.94 37.09
CA LEU V 110 -9.99 37.85 36.26
C LEU V 110 -9.53 38.36 34.89
N ARG V 111 -10.33 39.26 34.33
CA ARG V 111 -10.15 39.67 32.96
C ARG V 111 -10.84 41.01 32.80
N GLY V 112 -10.13 42.00 32.29
CA GLY V 112 -10.71 43.29 32.00
C GLY V 112 -10.87 43.40 30.50
N TYR V 113 -11.69 44.34 30.03
CA TYR V 113 -11.89 44.52 28.60
C TYR V 113 -12.59 45.83 28.23
N ARG V 114 -12.32 46.30 27.02
CA ARG V 114 -12.84 47.57 26.50
C ARG V 114 -12.62 47.64 24.97
N GLN V 115 -13.71 47.48 24.22
CA GLN V 115 -13.63 47.36 22.77
C GLN V 115 -14.46 48.42 22.11
N ASP V 116 -13.97 48.95 21.00
CA ASP V 116 -14.77 49.87 20.18
C ASP V 116 -15.04 49.28 18.80
N ALA V 117 -16.19 49.64 18.24
CA ALA V 117 -16.46 49.31 16.85
C ALA V 117 -17.04 50.51 16.12
N TYR V 118 -17.01 50.45 14.80
CA TYR V 118 -17.52 51.54 14.00
C TYR V 118 -18.09 50.98 12.71
N ASP V 119 -19.39 51.18 12.50
CA ASP V 119 -20.10 50.60 11.38
C ASP V 119 -19.98 49.06 11.37
N GLY V 120 -20.07 48.44 12.54
CA GLY V 120 -20.21 47.00 12.62
C GLY V 120 -18.90 46.23 12.71
N ALA V 121 -17.79 46.92 12.45
CA ALA V 121 -16.47 46.29 12.50
C ALA V 121 -15.65 46.79 13.70
N ASP V 122 -14.64 46.01 14.07
CA ASP V 122 -13.65 46.41 15.07
C ASP V 122 -12.93 47.69 14.71
N TYR V 123 -12.68 48.52 15.72
CA TYR V 123 -11.95 49.76 15.53
C TYR V 123 -10.69 49.76 16.40
N ILE V 124 -10.87 49.91 17.70
CA ILE V 124 -9.75 49.86 18.61
C ILE V 124 -10.15 48.97 19.78
N ALA V 125 -9.18 48.30 20.38
CA ALA V 125 -9.46 47.40 21.50
C ALA V 125 -8.32 47.27 22.51
N LEU V 126 -8.65 47.48 23.78
CA LEU V 126 -7.70 47.30 24.87
C LEU V 126 -7.29 45.85 24.92
N ASN V 127 -6.00 45.59 24.74
CA ASN V 127 -5.47 44.23 24.83
C ASN V 127 -5.60 43.68 26.23
N GLU V 128 -5.41 42.37 26.39
CA GLU V 128 -5.61 41.74 27.71
C GLU V 128 -4.69 42.29 28.81
N ASP V 129 -3.56 42.88 28.40
CA ASP V 129 -2.58 43.41 29.35
C ASP V 129 -2.97 44.76 29.92
N LEU V 130 -4.09 45.30 29.44
CA LEU V 130 -4.58 46.59 29.89
C LEU V 130 -3.50 47.66 29.79
N ARG V 131 -2.72 47.61 28.71
CA ARG V 131 -1.59 48.48 28.53
C ARG V 131 -1.26 48.58 27.03
N SER V 132 -1.99 47.79 26.25
CA SER V 132 -1.73 47.65 24.82
C SER V 132 -3.04 47.85 24.06
N TRP V 133 -2.97 48.26 22.81
CA TRP V 133 -4.16 48.58 22.03
C TRP V 133 -4.12 47.98 20.66
N THR V 134 -4.93 46.96 20.41
CA THR V 134 -5.01 46.38 19.05
C THR V 134 -5.88 47.24 18.11
N ALA V 135 -5.30 47.69 17.00
CA ALA V 135 -6.03 48.53 16.05
C ALA V 135 -6.36 47.83 14.73
N ALA V 136 -7.65 47.80 14.36
CA ALA V 136 -8.13 47.05 13.19
C ALA V 136 -7.93 47.68 11.80
N ASP V 137 -7.52 48.95 11.75
CA ASP V 137 -7.30 49.60 10.47
C ASP V 137 -6.45 50.84 10.65
N THR V 138 -6.06 51.46 9.53
CA THR V 138 -5.22 52.66 9.57
C THR V 138 -5.80 53.77 10.44
N ALA V 139 -7.09 54.04 10.29
CA ALA V 139 -7.74 55.09 11.06
C ALA V 139 -7.60 54.88 12.57
N ALA V 140 -7.70 53.63 13.00
CA ALA V 140 -7.58 53.29 14.42
C ALA V 140 -6.17 53.51 14.97
N GLN V 141 -5.19 53.56 14.07
CA GLN V 141 -3.84 53.76 14.53
C GLN V 141 -3.58 55.25 14.80
N ILE V 142 -4.32 56.12 14.12
CA ILE V 142 -4.29 57.54 14.44
C ILE V 142 -4.77 57.70 15.87
N THR V 143 -5.96 57.14 16.12
CA THR V 143 -6.56 57.04 17.43
C THR V 143 -5.59 56.49 18.44
N ARG V 144 -4.81 55.49 18.03
CA ARG V 144 -3.98 54.77 18.99
C ARG V 144 -2.56 55.31 19.19
N ARG V 145 -2.10 56.21 18.32
CA ARG V 145 -0.88 56.93 18.66
C ARG V 145 -1.26 58.07 19.62
N LYS V 146 -2.52 58.49 19.54
CA LYS V 146 -3.07 59.45 20.50
C LYS V 146 -3.20 58.96 21.93
N TRP V 147 -4.07 57.97 22.14
CA TRP V 147 -4.20 57.23 23.39
C TRP V 147 -2.91 56.62 24.04
N GLU V 148 -2.02 56.07 23.24
CA GLU V 148 -0.76 55.56 23.78
C GLU V 148 0.02 56.70 24.43
N ALA V 149 -0.05 57.88 23.83
CA ALA V 149 0.73 59.01 24.30
C ALA V 149 0.22 59.50 25.65
N ALA V 150 -1.09 59.65 25.75
CA ALA V 150 -1.70 60.04 27.01
C ALA V 150 -1.46 59.00 28.11
N GLY V 151 -1.15 57.77 27.71
CA GLY V 151 -1.03 56.69 28.66
C GLY V 151 -2.39 56.37 29.23
N VAL V 152 -3.40 56.45 28.38
CA VAL V 152 -4.79 56.20 28.75
C VAL V 152 -5.03 54.79 29.28
N ALA V 153 -4.50 53.80 28.56
CA ALA V 153 -4.62 52.38 28.92
C ALA V 153 -4.21 52.08 30.37
N GLU V 154 -3.03 52.52 30.74
CA GLU V 154 -2.51 52.28 32.09
C GLU V 154 -3.19 53.20 33.11
N LEU V 155 -2.77 54.46 33.13
CA LEU V 155 -3.27 55.50 34.03
C LEU V 155 -4.74 55.41 34.46
N GLN V 156 -5.67 55.46 33.49
CA GLN V 156 -7.11 55.42 33.81
C GLN V 156 -7.81 54.07 33.58
N TRP V 157 -7.75 53.57 32.34
CA TRP V 157 -8.45 52.32 32.03
C TRP V 157 -8.03 51.12 32.88
N ARG V 158 -6.74 50.80 32.89
CA ARG V 158 -6.20 49.75 33.75
C ARG V 158 -6.47 49.99 35.23
N ASN V 159 -6.39 51.25 35.65
CA ASN V 159 -6.80 51.63 36.99
C ASN V 159 -8.31 51.39 37.21
N TYR V 160 -9.14 51.79 36.24
CA TYR V 160 -10.60 51.66 36.33
C TYR V 160 -11.10 50.23 36.37
N LEU V 161 -10.41 49.38 35.63
CA LEU V 161 -10.80 47.99 35.52
C LEU V 161 -10.34 47.15 36.72
N GLU V 162 -9.30 47.61 37.42
CA GLU V 162 -8.75 46.81 38.53
C GLU V 162 -9.42 47.13 39.87
N THR V 163 -9.96 48.34 40.00
CA THR V 163 -10.56 48.79 41.26
C THR V 163 -12.04 49.19 41.15
N THR V 164 -12.33 50.23 40.38
CA THR V 164 -13.68 50.76 40.31
C THR V 164 -14.66 49.70 39.84
N CYS V 165 -14.28 48.99 38.78
CA CYS V 165 -15.11 47.97 38.17
C CYS V 165 -15.33 46.79 39.11
N VAL V 166 -14.26 46.29 39.73
CA VAL V 166 -14.35 45.12 40.60
C VAL V 166 -15.09 45.44 41.89
N GLU V 167 -14.79 46.60 42.49
CA GLU V 167 -15.44 46.96 43.74
C GLU V 167 -16.95 47.09 43.59
N TRP V 168 -17.41 47.77 42.54
CA TRP V 168 -18.83 47.97 42.34
C TRP V 168 -19.60 46.71 41.85
N LEU V 169 -18.93 45.81 41.14
CA LEU V 169 -19.57 44.56 40.76
C LEU V 169 -19.91 43.72 41.99
N GLN V 170 -18.97 43.65 42.91
CA GLN V 170 -19.19 42.95 44.17
C GLN V 170 -20.37 43.66 44.84
N ARG V 171 -20.38 44.98 44.73
CA ARG V 171 -21.35 45.83 45.39
C ARG V 171 -22.76 45.63 44.84
N TYR V 172 -22.88 45.48 43.51
CA TYR V 172 -24.18 45.19 42.91
C TYR V 172 -24.68 43.80 43.30
N LEU V 173 -23.76 42.82 43.34
CA LEU V 173 -24.11 41.44 43.63
C LEU V 173 -24.66 41.28 45.03
N GLU V 174 -24.13 42.07 45.97
CA GLU V 174 -24.64 42.13 47.33
C GLU V 174 -26.05 42.74 47.32
N MET V 175 -26.16 43.97 46.82
CA MET V 175 -27.45 44.68 46.81
C MET V 175 -28.53 43.98 45.99
N GLY V 176 -28.12 43.08 45.10
CA GLY V 176 -29.08 42.36 44.29
C GLY V 176 -29.10 40.89 44.61
N LYS V 177 -28.68 40.54 45.82
CA LYS V 177 -28.42 39.14 46.18
C LYS V 177 -29.66 38.27 46.16
N GLU V 178 -30.81 38.85 46.46
CA GLU V 178 -32.06 38.13 46.29
C GLU V 178 -32.19 37.68 44.85
N THR V 179 -32.03 38.62 43.93
CA THR V 179 -32.27 38.41 42.50
C THR V 179 -31.15 37.65 41.78
N LEU V 180 -29.92 38.13 41.97
CA LEU V 180 -28.80 37.71 41.15
C LEU V 180 -28.08 36.41 41.56
N LEU V 181 -27.87 36.22 42.86
CA LEU V 181 -26.95 35.19 43.37
C LEU V 181 -27.44 33.74 43.27
N ARG V 182 -28.76 33.56 43.33
CA ARG V 182 -29.36 32.24 43.20
C ARG V 182 -29.26 31.71 41.77
N ALA V 183 -29.86 30.54 41.55
CA ALA V 183 -30.07 30.09 40.18
C ALA V 183 -31.38 29.33 40.05
N GLU V 184 -32.16 29.74 39.05
CA GLU V 184 -33.44 29.14 38.80
C GLU V 184 -33.31 28.02 37.75
N PRO V 185 -33.54 26.79 38.18
CA PRO V 185 -33.52 25.68 37.22
C PRO V 185 -34.68 25.81 36.24
N PRO V 186 -34.48 25.41 34.99
CA PRO V 186 -35.51 25.56 33.95
C PRO V 186 -36.58 24.46 33.99
N SER V 187 -37.82 24.83 33.72
CA SER V 187 -38.86 23.83 33.51
C SER V 187 -38.47 23.17 32.22
N THR V 188 -38.56 21.86 32.15
CA THR V 188 -38.28 21.17 30.89
C THR V 188 -39.35 20.15 30.55
N ARG V 189 -39.51 19.89 29.25
CA ARG V 189 -40.47 18.92 28.74
C ARG V 189 -40.24 18.64 27.27
N VAL V 190 -40.80 17.54 26.81
CA VAL V 190 -40.70 17.18 25.41
C VAL V 190 -42.08 17.23 24.77
N THR V 191 -42.14 17.71 23.53
CA THR V 191 -43.40 17.67 22.80
C THR V 191 -43.11 16.88 21.53
N ARG V 192 -44.11 16.13 21.05
CA ARG V 192 -43.96 15.42 19.77
C ARG V 192 -44.93 15.94 18.73
N HIS V 193 -44.39 16.31 17.56
CA HIS V 193 -45.17 17.01 16.54
C HIS V 193 -45.13 16.29 15.21
N PRO V 194 -46.01 15.29 15.03
CA PRO V 194 -46.10 14.47 13.81
C PRO V 194 -46.10 15.31 12.54
N ILE V 195 -45.43 14.83 11.50
CA ILE V 195 -45.44 15.52 10.21
C ILE V 195 -46.06 14.58 9.19
N SER V 196 -45.65 13.31 9.25
CA SER V 196 -46.24 12.26 8.45
C SER V 196 -46.24 10.96 9.26
N ASP V 197 -45.93 9.87 8.60
CA ASP V 197 -45.70 8.62 9.29
C ASP V 197 -44.30 8.15 8.93
N HIS V 198 -43.56 9.03 8.27
CA HIS V 198 -42.17 8.80 7.94
C HIS V 198 -41.28 9.58 8.91
N GLU V 199 -41.71 10.78 9.28
CA GLU V 199 -40.94 11.67 10.14
C GLU V 199 -41.83 12.24 11.25
N VAL V 200 -41.26 12.45 12.43
CA VAL V 200 -41.93 13.16 13.54
C VAL V 200 -40.92 14.04 14.28
N THR V 201 -41.32 15.23 14.71
CA THR V 201 -40.37 16.14 15.37
C THR V 201 -40.44 16.05 16.89
N LEU V 202 -39.30 15.87 17.52
CA LEU V 202 -39.26 15.89 18.97
C LEU V 202 -38.64 17.18 19.45
N ARG V 203 -39.39 17.95 20.23
CA ARG V 203 -38.90 19.24 20.64
C ARG V 203 -38.70 19.29 22.15
N CYS V 204 -37.50 19.64 22.57
CA CYS V 204 -37.22 19.65 24.00
C CYS V 204 -37.29 21.07 24.50
N TRP V 205 -38.14 21.30 25.50
CA TRP V 205 -38.33 22.64 26.01
C TRP V 205 -37.49 22.90 27.26
N ALA V 206 -37.16 24.17 27.47
CA ALA V 206 -36.52 24.63 28.68
C ALA V 206 -37.01 26.06 28.87
N LEU V 207 -37.89 26.26 29.85
CA LEU V 207 -38.58 27.52 30.02
C LEU V 207 -38.29 28.17 31.38
N GLY V 208 -37.88 29.43 31.35
CA GLY V 208 -37.82 30.23 32.57
C GLY V 208 -36.63 29.93 33.46
N PHE V 209 -35.44 30.16 32.93
CA PHE V 209 -34.19 29.85 33.63
C PHE V 209 -33.20 31.00 33.69
N TYR V 210 -32.50 31.13 34.79
CA TYR V 210 -31.46 32.14 34.88
C TYR V 210 -30.20 31.51 35.49
N PRO V 211 -29.00 31.94 35.02
CA PRO V 211 -28.79 32.84 33.88
C PRO V 211 -28.94 32.07 32.56
N ALA V 212 -28.58 32.71 31.43
CA ALA V 212 -28.86 32.19 30.07
C ALA V 212 -28.10 30.93 29.65
N GLU V 213 -26.87 30.78 30.11
CA GLU V 213 -26.03 29.62 29.78
C GLU V 213 -26.70 28.28 30.10
N ILE V 214 -26.84 27.46 29.08
CA ILE V 214 -27.42 26.15 29.24
C ILE V 214 -27.02 25.36 28.02
N THR V 215 -27.18 24.05 28.10
CA THR V 215 -26.97 23.17 26.97
C THR V 215 -28.07 22.13 26.90
N LEU V 216 -28.86 22.22 25.83
CA LEU V 216 -29.86 21.23 25.45
C LEU V 216 -29.24 20.34 24.38
N THR V 217 -29.45 19.04 24.50
CA THR V 217 -28.80 18.12 23.58
C THR V 217 -29.62 16.86 23.41
N TRP V 218 -29.87 16.46 22.16
CA TRP V 218 -30.66 15.25 21.89
C TRP V 218 -29.77 14.01 21.76
N GLN V 219 -29.97 13.03 22.63
CA GLN V 219 -29.25 11.76 22.52
C GLN V 219 -30.08 10.65 21.86
N ARG V 220 -29.43 9.82 21.05
CA ARG V 220 -30.07 8.64 20.46
C ARG V 220 -29.31 7.37 20.82
N ASP V 221 -29.85 6.59 21.76
CA ASP V 221 -29.15 5.46 22.36
C ASP V 221 -27.87 5.97 23.03
N GLY V 222 -27.92 7.19 23.53
CA GLY V 222 -26.77 7.80 24.17
C GLY V 222 -25.83 8.54 23.22
N GLU V 223 -26.17 8.51 21.92
CA GLU V 223 -25.39 9.19 20.89
C GLU V 223 -25.90 10.62 20.60
N ASP V 224 -25.03 11.61 20.80
CA ASP V 224 -25.35 13.01 20.56
C ASP V 224 -25.73 13.27 19.11
N GLN V 225 -26.94 13.77 18.90
CA GLN V 225 -27.40 14.06 17.55
C GLN V 225 -27.23 15.53 17.32
N THR V 226 -26.31 16.13 18.06
CA THR V 226 -26.11 17.58 18.05
C THR V 226 -25.97 18.11 16.64
N GLN V 227 -25.25 17.37 15.80
CA GLN V 227 -25.08 17.77 14.41
C GLN V 227 -26.33 17.57 13.55
N ASP V 228 -27.42 17.17 14.19
CA ASP V 228 -28.67 16.95 13.47
C ASP V 228 -29.85 17.56 14.22
N THR V 229 -29.55 18.16 15.36
CA THR V 229 -30.53 18.91 16.13
C THR V 229 -30.78 20.27 15.47
N GLU V 230 -31.99 20.78 15.64
CA GLU V 230 -32.29 22.17 15.35
C GLU V 230 -32.35 22.88 16.68
N VAL V 231 -31.43 23.84 16.89
CA VAL V 231 -31.40 24.61 18.14
C VAL V 231 -31.61 26.10 17.88
N VAL V 232 -32.57 26.71 18.56
CA VAL V 232 -32.75 28.16 18.40
C VAL V 232 -31.93 28.94 19.42
N ASP V 233 -31.63 30.19 19.08
CA ASP V 233 -30.88 31.00 20.02
C ASP V 233 -31.73 31.15 21.26
N THR V 234 -31.06 31.04 22.41
CA THR V 234 -31.61 31.34 23.73
C THR V 234 -32.21 32.71 23.60
N ARG V 235 -33.44 32.87 24.13
CA ARG V 235 -34.20 34.11 23.97
C ARG V 235 -34.84 34.58 25.29
N PRO V 236 -35.04 35.90 25.44
CA PRO V 236 -35.55 36.43 26.71
C PRO V 236 -37.07 36.38 26.84
N ALA V 237 -37.56 35.60 27.80
CA ALA V 237 -38.99 35.43 28.02
C ALA V 237 -39.65 36.73 28.45
N GLY V 238 -38.85 37.67 28.96
CA GLY V 238 -39.31 39.02 29.13
C GLY V 238 -39.51 39.46 30.57
N ASP V 239 -39.55 38.49 31.48
CA ASP V 239 -39.62 38.76 32.91
C ASP V 239 -38.24 38.70 33.54
N GLY V 240 -37.24 38.34 32.75
CA GLY V 240 -35.87 38.17 33.25
C GLY V 240 -35.36 36.73 33.24
N THR V 241 -36.16 35.81 32.71
CA THR V 241 -35.70 34.44 32.58
C THR V 241 -35.74 34.10 31.11
N PHE V 242 -34.99 33.09 30.74
CA PHE V 242 -34.80 32.78 29.34
C PHE V 242 -35.50 31.49 28.95
N GLN V 243 -35.68 31.31 27.65
CA GLN V 243 -36.21 30.07 27.11
C GLN V 243 -35.45 29.65 25.86
N LYS V 244 -35.26 28.36 25.71
CA LYS V 244 -34.60 27.81 24.55
C LYS V 244 -35.28 26.49 24.20
N TRP V 245 -35.02 25.98 23.01
CA TRP V 245 -35.49 24.66 22.66
C TRP V 245 -34.67 24.07 21.55
N ALA V 246 -34.59 22.75 21.57
CA ALA V 246 -33.85 22.01 20.57
C ALA V 246 -34.81 21.02 19.95
N ALA V 247 -34.59 20.67 18.68
CA ALA V 247 -35.47 19.69 18.06
C ALA V 247 -34.74 18.74 17.12
N VAL V 248 -35.25 17.51 17.06
CA VAL V 248 -34.73 16.52 16.13
C VAL V 248 -35.87 15.91 15.35
N VAL V 249 -35.55 15.32 14.21
CA VAL V 249 -36.59 14.71 13.42
C VAL V 249 -36.40 13.19 13.32
N VAL V 250 -37.28 12.50 14.03
CA VAL V 250 -37.23 11.07 14.25
C VAL V 250 -38.07 10.28 13.24
N PRO V 251 -37.54 9.16 12.72
CA PRO V 251 -38.42 8.28 11.96
C PRO V 251 -39.46 7.62 12.89
N SER V 252 -40.72 8.02 12.76
CA SER V 252 -41.81 7.37 13.50
C SER V 252 -41.91 5.91 13.08
N GLY V 253 -41.86 5.02 14.07
CA GLY V 253 -41.85 5.44 15.45
C GLY V 253 -40.69 4.85 16.19
N GLN V 254 -39.54 5.51 16.09
CA GLN V 254 -38.41 5.13 16.90
C GLN V 254 -38.20 6.19 17.97
N GLU V 255 -39.28 6.85 18.35
CA GLU V 255 -39.28 7.87 19.38
C GLU V 255 -38.60 7.38 20.66
N GLN V 256 -38.74 6.09 20.95
CA GLN V 256 -38.13 5.48 22.12
C GLN V 256 -36.65 5.80 22.17
N ARG V 257 -36.00 5.68 21.02
CA ARG V 257 -34.55 5.82 20.92
C ARG V 257 -34.01 7.18 21.33
N TYR V 258 -34.89 8.19 21.43
CA TYR V 258 -34.44 9.59 21.58
C TYR V 258 -34.63 10.18 22.98
N THR V 259 -33.64 10.92 23.43
CA THR V 259 -33.61 11.43 24.78
C THR V 259 -32.98 12.81 24.78
N CYS V 260 -33.54 13.70 25.59
CA CYS V 260 -33.05 15.06 25.72
C CYS V 260 -32.45 15.26 27.10
N HIS V 261 -31.27 15.87 27.15
CA HIS V 261 -30.58 16.09 28.42
C HIS V 261 -30.21 17.56 28.63
N VAL V 262 -30.63 18.08 29.78
CA VAL V 262 -30.42 19.49 30.14
C VAL V 262 -29.12 19.72 30.91
N GLN V 263 -28.43 20.79 30.60
CA GLN V 263 -27.26 21.17 31.38
C GLN V 263 -27.41 22.61 31.86
N HIS V 264 -27.99 22.82 33.03
CA HIS V 264 -28.06 24.19 33.56
C HIS V 264 -27.53 24.31 34.98
N GLU V 265 -26.83 25.41 35.27
CA GLU V 265 -26.29 25.66 36.62
C GLU V 265 -27.34 25.38 37.71
N GLY V 266 -28.55 25.89 37.54
CA GLY V 266 -29.62 25.71 38.52
C GLY V 266 -30.09 24.26 38.71
N LEU V 267 -29.53 23.36 37.89
CA LEU V 267 -29.78 21.92 37.97
C LEU V 267 -28.57 21.15 38.47
N VAL V 268 -27.82 21.77 39.41
CA VAL V 268 -26.75 21.09 40.14
C VAL V 268 -27.34 20.44 41.40
N GLU V 269 -26.75 19.30 41.77
CA GLU V 269 -27.16 18.58 42.97
C GLU V 269 -25.91 18.22 43.79
N PRO V 270 -25.83 18.71 45.03
CA PRO V 270 -24.69 18.59 45.96
C PRO V 270 -24.45 17.17 46.54
N VAL V 271 -23.62 17.04 47.59
CA VAL V 271 -23.43 15.75 48.28
C VAL V 271 -22.84 14.65 47.41
N ILE W 1 -20.74 45.26 8.24
CA ILE W 1 -21.18 46.65 8.21
C ILE W 1 -22.70 46.73 8.10
N GLN W 2 -23.30 45.79 7.37
CA GLN W 2 -24.76 45.68 7.32
C GLN W 2 -25.21 44.23 7.45
N ARG W 3 -26.19 43.97 8.30
CA ARG W 3 -26.57 42.61 8.63
C ARG W 3 -28.07 42.47 8.87
N THR W 4 -28.66 41.43 8.29
CA THR W 4 -30.10 41.18 8.36
C THR W 4 -30.59 40.86 9.78
N PRO W 5 -31.82 41.26 10.12
CA PRO W 5 -32.34 40.84 11.43
C PRO W 5 -32.74 39.37 11.46
N LYS W 6 -32.81 38.80 12.65
CA LYS W 6 -33.40 37.49 12.85
C LYS W 6 -34.59 37.70 13.76
N ILE W 7 -35.58 36.82 13.69
CA ILE W 7 -36.83 37.06 14.38
C ILE W 7 -37.33 35.80 15.07
N GLN W 8 -37.76 35.94 16.32
CA GLN W 8 -38.48 34.86 16.97
C GLN W 8 -39.74 35.40 17.64
N VAL W 9 -40.90 34.83 17.27
CA VAL W 9 -42.20 35.27 17.79
C VAL W 9 -42.79 34.20 18.69
N TYR W 10 -42.99 34.51 19.96
CA TYR W 10 -43.38 33.50 20.95
C TYR W 10 -43.96 34.18 22.19
N SER W 11 -44.66 33.41 23.00
CA SER W 11 -45.18 33.92 24.25
C SER W 11 -44.18 33.80 25.43
N ARG W 12 -44.47 34.47 26.53
CA ARG W 12 -43.67 34.30 27.74
C ARG W 12 -43.93 32.95 28.42
N HIS W 13 -45.20 32.55 28.48
CA HIS W 13 -45.59 31.25 29.03
C HIS W 13 -46.18 30.35 27.95
N PRO W 14 -46.18 29.02 28.16
CA PRO W 14 -46.91 28.17 27.20
C PRO W 14 -48.39 28.57 27.17
N ALA W 15 -48.90 28.79 25.95
CA ALA W 15 -50.25 29.29 25.74
C ALA W 15 -51.35 28.34 26.22
N GLU W 16 -52.30 28.92 26.96
CA GLU W 16 -53.46 28.23 27.48
C GLU W 16 -54.65 29.09 27.05
N ASN W 17 -55.39 28.58 26.06
CA ASN W 17 -56.52 29.31 25.45
C ASN W 17 -57.20 30.00 26.63
N GLY W 18 -57.21 31.33 26.60
CA GLY W 18 -58.08 32.13 27.43
C GLY W 18 -57.42 32.58 28.72
N LYS W 19 -56.10 32.44 28.79
CA LYS W 19 -55.37 32.89 29.97
C LYS W 19 -54.45 34.04 29.58
N SER W 20 -54.19 34.94 30.53
CA SER W 20 -53.30 36.07 30.25
C SER W 20 -51.84 35.67 30.03
N ASN W 21 -51.24 36.27 29.01
CA ASN W 21 -49.89 35.97 28.57
C ASN W 21 -49.28 37.20 27.87
N PHE W 22 -47.96 37.20 27.68
CA PHE W 22 -47.31 38.22 26.86
C PHE W 22 -46.84 37.65 25.51
N LEU W 23 -46.82 38.51 24.50
CA LEU W 23 -46.36 38.13 23.17
C LEU W 23 -45.04 38.81 22.85
N ASN W 24 -44.07 37.99 22.48
CA ASN W 24 -42.72 38.49 22.36
C ASN W 24 -42.24 38.37 20.94
N CYS W 25 -41.71 39.47 20.44
CA CYS W 25 -41.00 39.43 19.18
C CYS W 25 -39.57 39.88 19.44
N TYR W 26 -38.69 38.89 19.52
CA TYR W 26 -37.26 39.09 19.72
C TYR W 26 -36.56 39.21 18.37
N VAL W 27 -36.03 40.40 18.10
CA VAL W 27 -35.27 40.62 16.88
C VAL W 27 -33.80 40.77 17.27
N SER W 28 -32.90 40.19 16.47
CA SER W 28 -31.47 40.18 16.78
C SER W 28 -30.61 39.99 15.52
N GLY W 29 -29.31 40.21 15.65
CA GLY W 29 -28.39 40.05 14.54
C GLY W 29 -28.34 41.20 13.54
N PHE W 30 -29.16 42.21 13.74
CA PHE W 30 -29.23 43.35 12.80
C PHE W 30 -28.23 44.48 13.07
N HIS W 31 -27.89 45.17 11.98
CA HIS W 31 -26.99 46.31 11.97
C HIS W 31 -27.10 46.94 10.60
N PRO W 32 -27.36 48.27 10.52
CA PRO W 32 -27.45 49.23 11.63
C PRO W 32 -28.75 49.17 12.44
N SER W 33 -28.84 50.05 13.44
CA SER W 33 -29.76 49.90 14.59
C SER W 33 -31.20 50.34 14.36
N ASP W 34 -31.41 51.34 13.50
CA ASP W 34 -32.77 51.73 13.17
C ASP W 34 -33.51 50.55 12.54
N ILE W 35 -34.63 50.19 13.16
CA ILE W 35 -35.46 49.04 12.77
C ILE W 35 -36.92 49.28 13.17
N GLU W 36 -37.85 49.03 12.27
CA GLU W 36 -39.26 49.16 12.63
C GLU W 36 -39.89 47.79 12.90
N VAL W 37 -40.56 47.65 14.04
CA VAL W 37 -41.11 46.37 14.51
C VAL W 37 -42.56 46.44 15.00
N ASP W 38 -43.50 45.79 14.30
CA ASP W 38 -44.91 45.81 14.76
C ASP W 38 -45.46 44.47 15.20
N LEU W 39 -46.45 44.51 16.09
CA LEU W 39 -47.14 43.30 16.53
C LEU W 39 -48.60 43.27 16.04
N LEU W 40 -49.05 42.09 15.60
CA LEU W 40 -50.30 41.96 14.86
C LEU W 40 -51.36 41.03 15.45
N LYS W 41 -52.62 41.47 15.37
CA LYS W 41 -53.76 40.58 15.61
C LYS W 41 -54.61 40.48 14.33
N ASN W 42 -54.50 39.36 13.62
CA ASN W 42 -55.29 39.11 12.42
C ASN W 42 -55.19 40.22 11.40
N GLY W 43 -53.95 40.60 11.08
CA GLY W 43 -53.69 41.65 10.12
C GLY W 43 -53.47 43.00 10.78
N GLU W 44 -54.11 43.25 11.91
CA GLU W 44 -54.12 44.60 12.49
C GLU W 44 -53.05 44.88 13.58
N ARG W 45 -52.49 46.08 13.53
CA ARG W 45 -51.43 46.54 14.44
C ARG W 45 -51.87 46.66 15.90
N ILE W 46 -51.09 46.06 16.79
CA ILE W 46 -51.36 46.11 18.22
C ILE W 46 -50.95 47.48 18.76
N GLU W 47 -51.77 48.02 19.65
CA GLU W 47 -51.65 49.41 20.02
C GLU W 47 -50.60 49.62 21.10
N LYS W 48 -50.76 48.93 22.21
CA LYS W 48 -49.86 49.08 23.35
C LYS W 48 -48.73 48.07 23.23
N VAL W 49 -47.57 48.55 22.79
CA VAL W 49 -46.40 47.71 22.60
C VAL W 49 -45.18 48.42 23.14
N GLU W 50 -44.64 47.90 24.24
CA GLU W 50 -43.38 48.40 24.77
C GLU W 50 -42.25 47.57 24.19
N HIS W 51 -41.02 48.01 24.42
CA HIS W 51 -39.83 47.24 24.07
C HIS W 51 -38.65 47.44 25.04
N SER W 52 -37.64 46.57 24.91
CA SER W 52 -36.44 46.63 25.74
C SER W 52 -35.49 47.72 25.26
N ASP W 53 -34.42 47.95 26.00
CA ASP W 53 -33.49 48.96 25.53
C ASP W 53 -32.47 48.37 24.57
N LEU W 54 -31.90 49.23 23.75
CA LEU W 54 -30.99 48.78 22.70
C LEU W 54 -29.80 48.10 23.34
N SER W 55 -29.27 47.08 22.67
CA SER W 55 -28.01 46.46 23.05
C SER W 55 -27.39 45.73 21.87
N PHE W 56 -26.26 45.09 22.12
CA PHE W 56 -25.57 44.31 21.10
C PHE W 56 -24.71 43.18 21.71
N SER W 57 -24.28 42.25 20.85
CA SER W 57 -23.45 41.13 21.26
C SER W 57 -22.09 41.34 20.65
N LYS W 58 -21.10 40.60 21.13
CA LYS W 58 -19.82 40.53 20.43
C LYS W 58 -20.14 40.18 18.99
N ASP W 59 -19.46 40.87 18.07
CA ASP W 59 -19.78 40.93 16.62
C ASP W 59 -20.60 42.19 16.34
N TRP W 60 -21.06 42.81 17.43
CA TRP W 60 -21.63 44.16 17.45
C TRP W 60 -23.03 44.24 16.86
N SER W 61 -23.71 43.11 16.73
CA SER W 61 -25.02 43.13 16.13
C SER W 61 -26.08 43.46 17.17
N PHE W 62 -27.14 44.18 16.77
CA PHE W 62 -28.12 44.65 17.72
C PHE W 62 -29.20 43.60 18.03
N TYR W 63 -29.94 43.81 19.12
CA TYR W 63 -31.05 42.93 19.51
C TYR W 63 -32.10 43.60 20.42
N LEU W 64 -33.36 43.28 20.20
CA LEU W 64 -34.45 43.95 20.91
C LEU W 64 -35.64 43.04 21.16
N LEU W 65 -36.22 43.16 22.35
CA LEU W 65 -37.45 42.43 22.64
C LEU W 65 -38.61 43.38 22.53
N TYR W 66 -39.57 43.03 21.68
CA TYR W 66 -40.80 43.77 21.54
C TYR W 66 -41.93 42.93 22.10
N TYR W 67 -42.71 43.53 22.99
CA TYR W 67 -43.73 42.76 23.70
C TYR W 67 -45.02 43.51 24.05
N THR W 68 -46.08 42.74 24.20
CA THR W 68 -47.38 43.26 24.53
C THR W 68 -48.08 42.14 25.27
N GLU W 69 -49.26 42.43 25.78
CA GLU W 69 -50.05 41.36 26.35
C GLU W 69 -50.96 40.80 25.29
N PHE W 70 -51.43 39.59 25.52
CA PHE W 70 -52.49 39.02 24.71
C PHE W 70 -53.20 37.91 25.46
N THR W 71 -54.39 37.58 25.01
CA THR W 71 -55.15 36.48 25.59
C THR W 71 -55.55 35.53 24.48
N PRO W 72 -54.73 34.50 24.27
CA PRO W 72 -54.81 33.49 23.20
C PRO W 72 -56.20 32.89 22.99
N THR W 73 -56.60 32.71 21.74
CA THR W 73 -57.84 32.00 21.42
C THR W 73 -57.56 31.03 20.26
N GLU W 74 -58.42 30.03 20.12
CA GLU W 74 -58.29 29.05 19.03
C GLU W 74 -58.40 29.68 17.64
N LYS W 75 -59.12 30.80 17.54
CA LYS W 75 -59.34 31.44 16.24
C LYS W 75 -58.28 32.48 15.90
N ASP W 76 -57.91 33.29 16.89
CA ASP W 76 -57.04 34.44 16.70
C ASP W 76 -55.64 34.11 16.22
N GLU W 77 -55.09 34.96 15.36
CA GLU W 77 -53.75 34.76 14.86
C GLU W 77 -52.84 35.96 15.09
N TYR W 78 -51.76 35.74 15.82
CA TYR W 78 -50.79 36.80 16.07
C TYR W 78 -49.53 36.70 15.20
N ALA W 79 -48.95 37.85 14.86
CA ALA W 79 -47.78 37.92 13.99
C ALA W 79 -46.90 39.13 14.34
N CYS W 80 -45.64 39.10 13.92
CA CYS W 80 -44.74 40.24 14.11
C CYS W 80 -44.26 40.67 12.72
N ARG W 81 -44.15 41.97 12.50
CA ARG W 81 -43.73 42.47 11.21
C ARG W 81 -42.50 43.32 11.41
N VAL W 82 -41.42 42.97 10.74
CA VAL W 82 -40.17 43.65 11.00
C VAL W 82 -39.63 44.25 9.71
N ASN W 83 -39.12 45.47 9.78
CA ASN W 83 -38.58 46.16 8.62
C ASN W 83 -37.20 46.71 9.00
N HIS W 84 -36.24 46.60 8.08
CA HIS W 84 -34.90 47.12 8.32
C HIS W 84 -34.37 47.65 7.00
N VAL W 85 -33.27 48.39 7.04
CA VAL W 85 -32.62 48.78 5.79
C VAL W 85 -32.25 47.53 4.98
N THR W 86 -31.72 46.51 5.66
CA THR W 86 -31.26 45.30 5.01
C THR W 86 -32.32 44.56 4.17
N LEU W 87 -33.58 45.00 4.26
CA LEU W 87 -34.71 44.28 3.70
C LEU W 87 -35.55 45.12 2.74
N SER W 88 -35.77 44.58 1.55
CA SER W 88 -36.45 45.30 0.48
C SER W 88 -37.95 45.37 0.75
N GLN W 89 -38.42 44.48 1.62
CA GLN W 89 -39.82 44.46 2.05
C GLN W 89 -39.95 43.84 3.45
N PRO W 90 -40.90 44.35 4.25
CA PRO W 90 -41.13 43.94 5.65
C PRO W 90 -41.26 42.43 5.90
N LYS W 91 -40.41 41.85 6.76
CA LYS W 91 -40.53 40.45 7.16
C LYS W 91 -41.75 40.28 8.08
N ILE W 92 -42.60 39.29 7.79
CA ILE W 92 -43.79 39.03 8.62
C ILE W 92 -43.72 37.60 9.23
N VAL W 93 -43.45 37.49 10.52
CA VAL W 93 -43.41 36.17 11.17
C VAL W 93 -44.59 35.89 12.08
N LYS W 94 -45.36 34.86 11.71
CA LYS W 94 -46.54 34.44 12.44
C LYS W 94 -46.19 33.67 13.70
N TRP W 95 -47.09 33.68 14.67
CA TRP W 95 -46.84 33.01 15.92
C TRP W 95 -47.38 31.58 15.89
N ASP W 96 -46.54 30.64 16.29
CA ASP W 96 -46.89 29.25 16.42
C ASP W 96 -46.76 28.98 17.91
N ARG W 97 -47.75 28.34 18.52
CA ARG W 97 -47.72 28.08 19.96
C ARG W 97 -46.78 26.94 20.29
N ASP W 98 -46.01 26.54 19.28
CA ASP W 98 -45.18 25.34 19.31
C ASP W 98 -43.76 25.66 18.87
N MET W 99 -43.42 26.94 18.81
CA MET W 99 -42.12 27.37 18.29
C MET W 99 -41.69 28.66 18.95
N LYS X 1 -21.22 51.22 37.83
CA LYS X 1 -20.64 52.54 37.90
C LYS X 1 -19.88 52.84 36.60
N LEU X 2 -20.36 53.84 35.85
CA LEU X 2 -19.75 54.19 34.56
C LEU X 2 -18.31 54.68 34.65
N PHE X 3 -17.57 54.56 33.54
CA PHE X 3 -16.23 55.13 33.41
C PHE X 3 -16.29 56.62 33.04
N SER X 4 -15.22 57.34 33.35
CA SER X 4 -15.16 58.76 33.05
C SER X 4 -13.73 59.22 32.77
N GLY X 5 -13.59 60.03 31.73
CA GLY X 5 -12.29 60.55 31.38
C GLY X 5 -11.92 60.16 29.98
N GLU X 6 -12.85 59.45 29.35
CA GLU X 6 -12.67 58.94 28.00
C GLU X 6 -12.14 60.14 27.23
N LEU X 7 -10.87 60.07 26.85
CA LEU X 7 -10.24 61.06 25.99
C LEU X 7 -10.69 60.85 24.55
N THR X 8 -11.08 61.93 23.90
CA THR X 8 -11.55 61.91 22.51
C THR X 8 -10.60 61.12 21.60
N LYS X 9 -11.16 60.51 20.55
CA LYS X 9 -10.39 59.66 19.61
C LYS X 9 -9.80 60.45 18.44
#